data_6DHD
#
_entry.id   6DHD
#
_cell.length_a   124.000
_cell.length_b   102.500
_cell.length_c   167.302
_cell.angle_alpha   90.00
_cell.angle_beta   101.64
_cell.angle_gamma   90.00
#
_symmetry.space_group_name_H-M   'P 1 21 1'
#
loop_
_entity.id
_entity.type
_entity.pdbx_description
1 polymer 'Glutamate dehydrogenase 1, mitochondrial'
2 non-polymer 'GLUTAMIC ACID'
3 non-polymer '1,4-DIHYDRONICOTINAMIDE ADENINE DINUCLEOTIDE'
4 non-polymer "GUANOSINE-5'-TRIPHOSPHATE"
5 water water
#
_entity_poly.entity_id   1
_entity_poly.type   'polypeptide(L)'
_entity_poly.pdbx_seq_one_letter_code
;ADREDDPNFFKMVEGFFDRGASIVEDKLVEDLKTRETEEQKRNRVRGILRIIKPCNHVLSLSFPIRRDDGSWEVIEGYRA
QHSQHRTPCKGGIRYSTDVSVDEVKALASLMTYKCAVVDVPFGGAKAGVKINPKNYTDNELEKITRRFTMELAKKGFIGP
GVDVPAPDMSTGEREMSWIADTYASTIGHYDINAHACVTGKPISQGGIHGRISATGRGVFHGIENFINEASYMSILGMTP
GFGDKTFAVQGFGNVGLHSMRYLHRFGAKCVAVGESDGSIWNPDGIDPKELEDFKLQHGTILGFPKAKIYEGSILEVDCD
ILIPAASEKQLTKSNAPRVKAKIIAEGANGPTTPEADKIFLERNIMVIPDLYLNAGGVTVSYFEWLKNLNHVSYGRLTFK
YERDSNYHLLMSVQESLERKFGKHGGTIPIVPTAEFQDRISGASEKDIVHSGLAYTMERSARQIMRTAMKYNLGLDLRTA
AYVNAIEKVFRVYNEAGVTFT
;
_entity_poly.pdbx_strand_id   A,B,C,D,E,F
#
loop_
_chem_comp.id
_chem_comp.type
_chem_comp.name
_chem_comp.formula
GTP non-polymer GUANOSINE-5'-TRIPHOSPHATE 'C10 H16 N5 O14 P3'
NAI non-polymer '1,4-DIHYDRONICOTINAMIDE ADENINE DINUCLEOTIDE' 'C21 H29 N7 O14 P2'
#
# COMPACT_ATOMS: atom_id res chain seq x y z
N ALA A 1 -24.91 21.36 -34.58
CA ALA A 1 -24.95 22.68 -35.20
C ALA A 1 -25.26 22.59 -36.69
N ASP A 2 -25.27 21.36 -37.23
CA ASP A 2 -25.53 21.15 -38.64
C ASP A 2 -25.97 19.71 -38.84
N ARG A 3 -27.21 19.52 -39.30
CA ARG A 3 -27.75 18.18 -39.47
C ARG A 3 -27.14 17.47 -40.67
N GLU A 4 -26.80 18.23 -41.72
CA GLU A 4 -26.26 17.65 -42.95
C GLU A 4 -25.01 16.84 -42.69
N ASP A 5 -24.08 17.44 -41.98
CA ASP A 5 -22.72 16.94 -41.82
C ASP A 5 -22.38 17.01 -40.34
N ASP A 6 -22.67 15.92 -39.62
CA ASP A 6 -22.48 15.90 -38.18
C ASP A 6 -21.93 14.54 -37.78
N PRO A 7 -20.71 14.24 -38.17
CA PRO A 7 -20.15 12.91 -37.93
C PRO A 7 -19.92 12.64 -36.45
N ASN A 8 -19.97 11.35 -36.11
CA ASN A 8 -19.55 10.90 -34.79
C ASN A 8 -18.13 11.38 -34.51
N PHE A 9 -17.96 12.07 -33.38
CA PHE A 9 -16.70 12.78 -33.12
C PHE A 9 -15.52 11.81 -33.02
N PHE A 10 -15.70 10.69 -32.31
CA PHE A 10 -14.62 9.71 -32.19
C PHE A 10 -14.21 9.18 -33.56
N LYS A 11 -15.19 8.82 -34.39
CA LYS A 11 -14.85 8.23 -35.68
C LYS A 11 -14.26 9.27 -36.63
N MET A 12 -14.69 10.52 -36.50
CA MET A 12 -14.07 11.60 -37.27
C MET A 12 -12.58 11.68 -37.01
N VAL A 13 -12.17 11.57 -35.74
CA VAL A 13 -10.75 11.59 -35.41
C VAL A 13 -10.06 10.34 -35.91
N GLU A 14 -10.72 9.18 -35.78
CA GLU A 14 -10.21 7.97 -36.41
C GLU A 14 -10.03 8.12 -37.91
N GLY A 15 -10.93 8.84 -38.58
CA GLY A 15 -10.75 9.09 -40.00
C GLY A 15 -9.46 9.84 -40.30
N PHE A 16 -9.22 10.94 -39.56
CA PHE A 16 -7.97 11.66 -39.69
C PHE A 16 -6.77 10.74 -39.50
N PHE A 17 -6.85 9.86 -38.51
CA PHE A 17 -5.75 8.92 -38.24
C PHE A 17 -5.57 7.94 -39.40
N ASP A 18 -6.68 7.37 -39.89
CA ASP A 18 -6.60 6.41 -41.01
C ASP A 18 -5.90 7.04 -42.20
N ARG A 19 -6.14 8.31 -42.39
CA ARG A 19 -5.63 9.00 -43.53
C ARG A 19 -4.12 9.15 -43.46
N GLY A 20 -3.62 9.60 -42.30
CA GLY A 20 -2.19 9.60 -42.10
C GLY A 20 -1.57 8.21 -42.09
N ALA A 21 -2.31 7.22 -41.58
CA ALA A 21 -1.80 5.85 -41.58
C ALA A 21 -1.58 5.35 -43.00
N SER A 22 -2.51 5.68 -43.89
CA SER A 22 -2.45 5.28 -45.29
C SER A 22 -1.16 5.78 -45.94
N ILE A 23 -0.73 7.00 -45.59
CA ILE A 23 0.41 7.62 -46.25
C ILE A 23 1.72 7.02 -45.76
N VAL A 24 1.83 6.69 -44.46
CA VAL A 24 3.10 6.21 -43.91
C VAL A 24 3.25 4.70 -43.93
N GLU A 25 2.18 3.96 -44.23
CA GLU A 25 2.21 2.51 -44.06
C GLU A 25 3.43 1.91 -44.75
N ASP A 26 3.78 2.42 -45.94
CA ASP A 26 4.96 1.92 -46.65
C ASP A 26 6.23 2.20 -45.85
N LYS A 27 6.38 3.43 -45.36
CA LYS A 27 7.59 3.78 -44.64
C LYS A 27 7.75 2.94 -43.38
N LEU A 28 6.65 2.62 -42.70
CA LEU A 28 6.71 1.76 -41.53
C LEU A 28 7.17 0.36 -41.90
N VAL A 29 6.66 -0.16 -43.01
CA VAL A 29 7.00 -1.53 -43.40
C VAL A 29 8.46 -1.64 -43.79
N GLU A 30 9.01 -0.65 -44.48
CA GLU A 30 10.39 -0.87 -44.90
C GLU A 30 11.39 -0.51 -43.82
N ASP A 31 11.06 0.43 -42.91
CA ASP A 31 11.86 0.57 -41.69
C ASP A 31 12.01 -0.72 -40.94
N LEU A 32 10.90 -1.42 -40.75
CA LEU A 32 10.81 -2.65 -39.99
C LEU A 32 11.87 -3.63 -40.45
N LYS A 33 12.90 -3.84 -39.63
CA LYS A 33 14.06 -4.64 -40.03
C LYS A 33 13.97 -6.04 -39.42
N THR A 34 12.90 -6.74 -39.77
CA THR A 34 12.65 -8.11 -39.32
C THR A 34 12.82 -9.05 -40.48
N ARG A 35 13.20 -10.28 -40.22
CA ARG A 35 13.39 -11.15 -41.38
C ARG A 35 12.35 -12.26 -41.43
N GLU A 36 11.14 -11.73 -41.59
CA GLU A 36 10.01 -12.39 -42.25
C GLU A 36 9.38 -11.37 -43.18
N THR A 37 10.23 -10.74 -44.02
CA THR A 37 9.93 -9.62 -44.93
C THR A 37 8.74 -9.90 -45.83
N GLU A 38 8.16 -11.09 -45.66
CA GLU A 38 6.82 -11.45 -46.10
C GLU A 38 5.85 -10.32 -45.84
N GLU A 39 4.63 -10.46 -46.33
CA GLU A 39 3.59 -9.57 -45.89
C GLU A 39 2.94 -10.05 -44.58
N GLN A 40 3.76 -10.69 -43.73
CA GLN A 40 3.58 -10.56 -42.29
C GLN A 40 3.88 -9.13 -41.86
N LYS A 41 4.86 -8.49 -42.52
CA LYS A 41 5.29 -7.14 -42.16
C LYS A 41 4.14 -6.16 -42.27
N ARG A 42 3.70 -5.90 -43.50
CA ARG A 42 2.31 -5.69 -43.91
C ARG A 42 1.25 -5.74 -42.81
N ASN A 43 1.22 -6.89 -42.19
CA ASN A 43 0.14 -7.31 -41.32
C ASN A 43 0.32 -6.88 -39.89
N ARG A 44 1.54 -6.97 -39.37
CA ARG A 44 1.79 -6.49 -38.02
C ARG A 44 1.69 -4.97 -37.95
N VAL A 45 2.13 -4.27 -39.01
CA VAL A 45 2.00 -2.82 -39.02
C VAL A 45 0.53 -2.43 -38.92
N ARG A 46 -0.34 -3.11 -39.69
CA ARG A 46 -1.77 -2.83 -39.64
C ARG A 46 -2.39 -3.27 -38.32
N GLY A 47 -1.86 -4.33 -37.70
CA GLY A 47 -2.37 -4.77 -36.40
C GLY A 47 -2.01 -3.81 -35.28
N ILE A 48 -0.79 -3.29 -35.30
CA ILE A 48 -0.39 -2.30 -34.30
C ILE A 48 -1.23 -1.03 -34.43
N LEU A 49 -1.43 -0.58 -35.68
CA LEU A 49 -2.22 0.64 -35.89
C LEU A 49 -3.65 0.48 -35.40
N ARG A 50 -4.24 -0.74 -35.50
CA ARG A 50 -5.55 -0.92 -34.88
C ARG A 50 -5.49 -0.97 -33.37
N ILE A 51 -4.35 -1.32 -32.77
CA ILE A 51 -4.27 -1.26 -31.30
C ILE A 51 -4.22 0.18 -30.82
N ILE A 52 -3.57 1.06 -31.59
CA ILE A 52 -3.35 2.43 -31.16
C ILE A 52 -4.68 3.22 -31.13
N LYS A 53 -5.63 2.94 -32.05
CA LYS A 53 -6.77 3.84 -32.16
C LYS A 53 -7.73 3.82 -30.99
N PRO A 54 -8.19 2.69 -30.48
CA PRO A 54 -9.20 2.76 -29.42
C PRO A 54 -8.63 3.13 -28.07
N CYS A 55 -9.50 3.71 -27.23
CA CYS A 55 -9.13 4.04 -25.85
C CYS A 55 -8.98 2.76 -25.02
N ASN A 56 -7.95 2.73 -24.17
CA ASN A 56 -7.72 1.56 -23.35
C ASN A 56 -8.70 1.47 -22.18
N HIS A 57 -8.91 2.59 -21.49
CA HIS A 57 -9.77 2.60 -20.30
C HIS A 57 -10.69 3.81 -20.36
N VAL A 58 -11.98 3.59 -20.11
CA VAL A 58 -12.95 4.67 -19.93
C VAL A 58 -13.75 4.39 -18.67
N LEU A 59 -13.83 5.38 -17.79
CA LEU A 59 -14.61 5.30 -16.57
C LEU A 59 -15.82 6.22 -16.68
N SER A 60 -17.00 5.70 -16.37
CA SER A 60 -18.24 6.47 -16.34
C SER A 60 -18.77 6.48 -14.92
N LEU A 61 -19.18 7.66 -14.46
CA LEU A 61 -19.57 7.87 -13.07
C LEU A 61 -20.97 8.45 -12.95
N SER A 62 -21.65 8.07 -11.88
CA SER A 62 -22.83 8.77 -11.37
C SER A 62 -22.65 8.92 -9.87
N PHE A 63 -22.78 10.15 -9.38
CA PHE A 63 -22.69 10.38 -7.96
C PHE A 63 -23.67 11.46 -7.54
N PRO A 64 -24.21 11.37 -6.33
CA PRO A 64 -25.16 12.38 -5.86
C PRO A 64 -24.49 13.54 -5.15
N ILE A 65 -25.04 14.73 -5.37
CA ILE A 65 -24.74 15.91 -4.58
C ILE A 65 -26.05 16.49 -4.08
N ARG A 66 -26.02 17.13 -2.92
CA ARG A 66 -27.16 17.84 -2.40
C ARG A 66 -27.00 19.32 -2.71
N ARG A 67 -27.95 19.87 -3.48
CA ARG A 67 -27.82 21.24 -3.93
C ARG A 67 -28.05 22.21 -2.78
N ASP A 68 -27.76 23.48 -3.05
CA ASP A 68 -27.91 24.51 -2.03
C ASP A 68 -29.34 24.60 -1.52
N ASP A 69 -30.33 24.33 -2.38
CA ASP A 69 -31.72 24.38 -1.94
C ASP A 69 -32.14 23.14 -1.16
N GLY A 70 -31.28 22.12 -1.07
CA GLY A 70 -31.57 20.92 -0.31
C GLY A 70 -31.99 19.72 -1.12
N SER A 71 -32.24 19.87 -2.43
CA SER A 71 -32.61 18.70 -3.22
C SER A 71 -31.39 17.87 -3.62
N TRP A 72 -31.63 16.58 -3.81
CA TRP A 72 -30.60 15.67 -4.28
C TRP A 72 -30.59 15.65 -5.80
N GLU A 73 -29.39 15.63 -6.38
CA GLU A 73 -29.20 15.59 -7.82
C GLU A 73 -28.10 14.60 -8.18
N VAL A 74 -28.29 13.90 -9.28
CA VAL A 74 -27.33 12.89 -9.74
C VAL A 74 -26.48 13.50 -10.85
N ILE A 75 -25.16 13.53 -10.63
CA ILE A 75 -24.20 14.12 -11.56
C ILE A 75 -23.55 13.00 -12.37
N GLU A 76 -23.35 13.23 -13.66
CA GLU A 76 -22.80 12.22 -14.55
C GLU A 76 -21.41 12.69 -15.00
N GLY A 77 -20.44 11.79 -15.01
CA GLY A 77 -19.06 12.12 -15.35
C GLY A 77 -18.39 10.98 -16.09
N TYR A 78 -17.24 11.33 -16.68
CA TYR A 78 -16.52 10.48 -17.64
C TYR A 78 -15.05 10.86 -17.58
N ARG A 79 -14.17 9.85 -17.60
CA ARG A 79 -12.77 10.10 -17.95
C ARG A 79 -12.26 8.94 -18.79
N ALA A 80 -11.68 9.29 -19.93
CA ALA A 80 -11.09 8.33 -20.84
C ALA A 80 -9.57 8.45 -20.79
N GLN A 81 -8.90 7.30 -20.72
CA GLN A 81 -7.46 7.23 -20.87
C GLN A 81 -7.18 6.50 -22.18
N HIS A 82 -6.68 7.24 -23.17
CA HIS A 82 -6.59 6.69 -24.52
C HIS A 82 -5.40 5.75 -24.67
N SER A 83 -4.20 6.22 -24.30
CA SER A 83 -2.98 5.45 -24.49
C SER A 83 -2.11 5.53 -23.26
N GLN A 84 -1.35 4.45 -23.01
CA GLN A 84 -0.35 4.45 -21.95
C GLN A 84 1.04 4.10 -22.46
N HIS A 85 1.30 4.35 -23.73
CA HIS A 85 2.66 4.19 -24.26
C HIS A 85 3.61 5.21 -23.65
N ARG A 86 3.08 6.33 -23.17
CA ARG A 86 3.77 7.19 -22.23
C ARG A 86 2.89 7.40 -21.00
N THR A 87 3.53 7.54 -19.85
CA THR A 87 2.81 7.81 -18.63
C THR A 87 3.42 9.00 -17.91
N PRO A 88 2.60 9.81 -17.21
CA PRO A 88 1.15 9.64 -17.03
C PRO A 88 0.32 10.03 -18.25
N CYS A 89 -0.99 9.79 -18.16
CA CYS A 89 -1.91 10.35 -19.13
C CYS A 89 -2.14 11.83 -18.81
N LYS A 90 -2.53 12.58 -19.84
CA LYS A 90 -2.67 14.03 -19.71
C LYS A 90 -3.88 14.49 -20.49
N GLY A 91 -4.70 15.34 -19.87
CA GLY A 91 -5.85 15.89 -20.54
C GLY A 91 -6.80 16.67 -19.65
N GLY A 92 -7.57 17.56 -20.25
CA GLY A 92 -8.38 18.51 -19.51
C GLY A 92 -9.70 17.95 -19.02
N ILE A 93 -10.40 18.79 -18.26
CA ILE A 93 -11.72 18.49 -17.71
C ILE A 93 -12.70 19.51 -18.26
N ARG A 94 -13.75 19.02 -18.92
CA ARG A 94 -14.75 19.86 -19.55
C ARG A 94 -16.06 19.77 -18.77
N TYR A 95 -16.59 20.92 -18.35
CA TYR A 95 -17.92 21.01 -17.75
C TYR A 95 -18.89 21.51 -18.80
N SER A 96 -19.79 20.65 -19.25
CA SER A 96 -20.71 21.04 -20.33
C SER A 96 -21.81 20.00 -20.47
N THR A 97 -22.99 20.45 -20.85
CA THR A 97 -24.10 19.52 -21.08
C THR A 97 -23.95 18.75 -22.39
N ASP A 98 -23.03 19.13 -23.26
CA ASP A 98 -22.73 18.33 -24.45
C ASP A 98 -21.76 17.19 -24.18
N VAL A 99 -21.34 17.01 -22.91
CA VAL A 99 -20.37 15.96 -22.61
C VAL A 99 -21.04 14.60 -22.79
N SER A 100 -20.23 13.64 -23.23
CA SER A 100 -20.66 12.33 -23.66
C SER A 100 -19.44 11.40 -23.76
N VAL A 101 -19.70 10.09 -23.66
CA VAL A 101 -18.61 9.12 -23.73
C VAL A 101 -17.85 9.30 -25.04
N ASP A 102 -18.59 9.55 -26.16
CA ASP A 102 -17.88 9.63 -27.42
C ASP A 102 -17.10 10.93 -27.54
N GLU A 103 -17.65 12.02 -27.06
CA GLU A 103 -16.91 13.28 -27.06
C GLU A 103 -15.62 13.15 -26.26
N VAL A 104 -15.69 12.52 -25.08
CA VAL A 104 -14.54 12.39 -24.21
C VAL A 104 -13.50 11.45 -24.82
N LYS A 105 -13.94 10.33 -25.40
CA LYS A 105 -13.02 9.42 -26.08
C LYS A 105 -12.33 10.11 -27.24
N ALA A 106 -13.08 10.94 -27.99
CA ALA A 106 -12.50 11.63 -29.14
C ALA A 106 -11.41 12.60 -28.71
N LEU A 107 -11.68 13.39 -27.67
CA LEU A 107 -10.68 14.35 -27.20
C LEU A 107 -9.50 13.66 -26.56
N ALA A 108 -9.73 12.51 -25.92
CA ALA A 108 -8.62 11.76 -25.32
C ALA A 108 -7.63 11.31 -26.38
N SER A 109 -8.13 10.84 -27.52
CA SER A 109 -7.24 10.40 -28.59
C SER A 109 -6.52 11.59 -29.22
N LEU A 110 -7.20 12.73 -29.35
CA LEU A 110 -6.53 13.93 -29.82
C LEU A 110 -5.37 14.31 -28.92
N MET A 111 -5.53 14.10 -27.60
CA MET A 111 -4.44 14.41 -26.68
C MET A 111 -3.22 13.55 -26.93
N THR A 112 -3.42 12.26 -27.21
CA THR A 112 -2.30 11.37 -27.50
C THR A 112 -1.50 11.88 -28.70
N TYR A 113 -2.19 12.12 -29.82
CA TYR A 113 -1.49 12.54 -31.04
C TYR A 113 -0.90 13.93 -30.90
N LYS A 114 -1.65 14.85 -30.27
CA LYS A 114 -1.12 16.19 -29.99
C LYS A 114 0.17 16.14 -29.20
N CYS A 115 0.20 15.34 -28.13
CA CYS A 115 1.41 15.23 -27.31
C CYS A 115 2.57 14.65 -28.10
N ALA A 116 2.30 13.70 -28.99
CA ALA A 116 3.36 13.15 -29.83
C ALA A 116 3.88 14.19 -30.80
N VAL A 117 3.02 15.09 -31.27
CA VAL A 117 3.44 16.08 -32.25
C VAL A 117 4.47 17.04 -31.66
N VAL A 118 4.26 17.48 -30.41
CA VAL A 118 5.16 18.43 -29.77
C VAL A 118 6.16 17.73 -28.84
N ASP A 119 6.30 16.41 -28.94
CA ASP A 119 7.31 15.64 -28.20
C ASP A 119 7.15 15.81 -26.69
N VAL A 120 5.91 15.80 -26.23
CA VAL A 120 5.60 15.87 -24.80
C VAL A 120 5.31 14.46 -24.32
N PRO A 121 6.02 13.95 -23.32
CA PRO A 121 5.98 12.51 -22.98
C PRO A 121 4.78 12.10 -22.15
N PHE A 122 3.58 12.35 -22.68
CA PHE A 122 2.34 11.97 -22.02
C PHE A 122 1.48 11.16 -22.99
N GLY A 123 0.76 10.17 -22.44
CA GLY A 123 -0.38 9.62 -23.15
C GLY A 123 -1.60 10.50 -23.01
N GLY A 124 -2.59 10.27 -23.86
CA GLY A 124 -3.75 11.13 -23.91
C GLY A 124 -4.89 10.70 -23.01
N ALA A 125 -5.59 11.70 -22.47
CA ALA A 125 -6.75 11.47 -21.63
C ALA A 125 -7.66 12.69 -21.68
N LYS A 126 -8.90 12.49 -21.22
CA LYS A 126 -9.85 13.60 -21.16
C LYS A 126 -11.00 13.24 -20.23
N ALA A 127 -11.58 14.28 -19.62
CA ALA A 127 -12.68 14.11 -18.68
C ALA A 127 -13.80 15.09 -19.02
N GLY A 128 -15.01 14.71 -18.64
CA GLY A 128 -16.17 15.57 -18.81
C GLY A 128 -17.20 15.36 -17.71
N VAL A 129 -17.79 16.44 -17.23
CA VAL A 129 -18.90 16.40 -16.28
C VAL A 129 -20.10 17.08 -16.95
N LYS A 130 -21.22 16.34 -17.09
CA LYS A 130 -22.39 16.81 -17.81
C LYS A 130 -23.24 17.75 -16.97
N ILE A 131 -22.77 18.98 -16.84
CA ILE A 131 -23.54 20.03 -16.21
C ILE A 131 -23.29 21.33 -16.97
N ASN A 132 -24.23 22.27 -16.83
CA ASN A 132 -23.98 23.64 -17.25
C ASN A 132 -23.56 24.44 -16.03
N PRO A 133 -22.31 24.90 -15.95
CA PRO A 133 -21.84 25.55 -14.71
C PRO A 133 -22.56 26.84 -14.32
N LYS A 134 -23.20 27.54 -15.24
CA LYS A 134 -23.82 28.78 -14.76
C LYS A 134 -25.10 28.51 -14.00
N ASN A 135 -25.67 27.31 -14.10
CA ASN A 135 -26.83 26.95 -13.29
C ASN A 135 -26.49 26.50 -11.87
N TYR A 136 -25.26 26.69 -11.41
CA TYR A 136 -24.84 26.23 -10.12
C TYR A 136 -24.15 27.36 -9.40
N THR A 137 -24.39 27.44 -8.12
CA THR A 137 -23.60 28.29 -7.23
C THR A 137 -22.14 27.82 -7.13
N ASP A 138 -21.27 28.74 -6.69
CA ASP A 138 -19.86 28.41 -6.47
C ASP A 138 -19.72 27.29 -5.47
N ASN A 139 -20.55 27.30 -4.42
CA ASN A 139 -20.51 26.23 -3.43
C ASN A 139 -20.84 24.87 -4.05
N GLU A 140 -21.83 24.85 -4.95
CA GLU A 140 -22.18 23.59 -5.62
C GLU A 140 -21.08 23.12 -6.55
N LEU A 141 -20.45 24.04 -7.28
CA LEU A 141 -19.39 23.66 -8.20
C LEU A 141 -18.19 23.10 -7.43
N GLU A 142 -17.92 23.64 -6.25
CA GLU A 142 -16.84 23.10 -5.43
C GLU A 142 -17.13 21.67 -4.98
N LYS A 143 -18.36 21.41 -4.53
CA LYS A 143 -18.66 20.05 -4.10
C LYS A 143 -18.61 19.08 -5.27
N ILE A 144 -19.15 19.49 -6.43
CA ILE A 144 -19.11 18.60 -7.59
C ILE A 144 -17.67 18.28 -7.97
N THR A 145 -16.80 19.30 -7.96
CA THR A 145 -15.41 19.09 -8.34
C THR A 145 -14.69 18.20 -7.34
N ARG A 146 -14.85 18.47 -6.04
CA ARG A 146 -14.16 17.68 -5.02
C ARG A 146 -14.64 16.24 -5.03
N ARG A 147 -15.94 16.02 -5.20
CA ARG A 147 -16.46 14.65 -5.21
C ARG A 147 -16.03 13.91 -6.46
N PHE A 148 -16.05 14.58 -7.61
CA PHE A 148 -15.56 13.99 -8.85
C PHE A 148 -14.10 13.55 -8.70
N THR A 149 -13.29 14.35 -8.02
CA THR A 149 -11.89 14.01 -7.81
C THR A 149 -11.76 12.71 -7.01
N MET A 150 -12.56 12.54 -5.96
CA MET A 150 -12.45 11.34 -5.14
C MET A 150 -12.93 10.11 -5.89
N GLU A 151 -13.98 10.25 -6.69
CA GLU A 151 -14.46 9.09 -7.45
C GLU A 151 -13.44 8.67 -8.50
N LEU A 152 -12.76 9.64 -9.13
CA LEU A 152 -11.69 9.27 -10.05
C LEU A 152 -10.51 8.65 -9.31
N ALA A 153 -10.14 9.22 -8.16
CA ALA A 153 -8.97 8.73 -7.43
C ALA A 153 -9.18 7.29 -6.95
N LYS A 154 -10.39 6.96 -6.50
CA LYS A 154 -10.66 5.63 -5.99
C LYS A 154 -10.40 4.54 -7.02
N LYS A 155 -10.55 4.87 -8.30
CA LYS A 155 -10.45 3.88 -9.37
C LYS A 155 -9.21 4.04 -10.22
N GLY A 156 -8.26 4.88 -9.80
CA GLY A 156 -7.02 5.04 -10.53
C GLY A 156 -7.10 5.89 -11.77
N PHE A 157 -7.95 6.92 -11.78
CA PHE A 157 -8.09 7.79 -12.94
C PHE A 157 -7.62 9.20 -12.65
N ILE A 158 -6.91 9.42 -11.55
CA ILE A 158 -6.15 10.64 -11.32
C ILE A 158 -5.00 10.32 -10.38
N GLY A 159 -3.85 10.93 -10.63
CA GLY A 159 -2.67 10.70 -9.83
C GLY A 159 -1.44 11.15 -10.58
N PRO A 160 -0.42 11.59 -9.84
CA PRO A 160 0.78 12.13 -10.51
C PRO A 160 1.46 11.13 -11.43
N GLY A 161 1.23 9.83 -11.24
CA GLY A 161 1.89 8.83 -12.04
C GLY A 161 1.02 8.07 -13.02
N VAL A 162 -0.27 8.35 -13.07
CA VAL A 162 -1.19 7.73 -14.02
C VAL A 162 -1.95 8.73 -14.87
N ASP A 163 -2.45 9.82 -14.29
CA ASP A 163 -3.39 10.67 -15.05
C ASP A 163 -3.43 12.04 -14.40
N VAL A 164 -3.07 13.07 -15.16
CA VAL A 164 -2.91 14.42 -14.64
C VAL A 164 -3.87 15.33 -15.39
N PRO A 165 -4.99 15.71 -14.78
CA PRO A 165 -5.95 16.58 -15.48
C PRO A 165 -5.48 18.01 -15.61
N ALA A 166 -6.38 18.87 -16.12
CA ALA A 166 -6.08 20.25 -16.49
C ALA A 166 -7.38 20.94 -16.89
N PRO A 167 -7.40 22.26 -17.06
CA PRO A 167 -8.64 22.94 -17.46
C PRO A 167 -9.00 22.73 -18.92
N ASP A 168 -10.29 22.93 -19.20
CA ASP A 168 -10.84 22.93 -20.55
C ASP A 168 -12.05 23.87 -20.56
N MET A 169 -13.09 23.54 -21.33
CA MET A 169 -14.26 24.42 -21.41
C MET A 169 -14.96 24.51 -20.06
N SER A 170 -15.08 25.75 -19.55
CA SER A 170 -15.83 26.08 -18.34
C SER A 170 -15.15 25.61 -17.05
N THR A 171 -13.85 25.29 -17.11
CA THR A 171 -13.06 25.09 -15.91
C THR A 171 -11.76 25.88 -16.05
N GLY A 172 -11.22 26.28 -14.90
CA GLY A 172 -9.95 26.98 -14.89
C GLY A 172 -9.22 26.79 -13.58
N GLU A 173 -8.30 27.71 -13.31
CA GLU A 173 -7.55 27.80 -12.05
C GLU A 173 -8.34 27.36 -10.82
N ARG A 174 -9.56 27.88 -10.69
CA ARG A 174 -10.42 27.60 -9.54
C ARG A 174 -10.64 26.11 -9.35
N GLU A 175 -11.17 25.43 -10.39
CA GLU A 175 -11.47 24.02 -10.27
C GLU A 175 -10.20 23.22 -10.03
N MET A 176 -9.11 23.57 -10.73
CA MET A 176 -7.85 22.86 -10.56
C MET A 176 -7.35 22.97 -9.13
N SER A 177 -7.53 24.14 -8.52
CA SER A 177 -7.17 24.30 -7.10
C SER A 177 -7.97 23.35 -6.22
N TRP A 178 -9.27 23.22 -6.50
CA TRP A 178 -10.08 22.29 -5.73
C TRP A 178 -9.60 20.86 -5.92
N ILE A 179 -9.34 20.46 -7.17
CA ILE A 179 -8.89 19.10 -7.44
C ILE A 179 -7.60 18.79 -6.68
N ALA A 180 -6.60 19.68 -6.80
CA ALA A 180 -5.31 19.44 -6.16
C ALA A 180 -5.45 19.38 -4.64
N ASP A 181 -6.35 20.18 -4.07
CA ASP A 181 -6.45 20.23 -2.62
C ASP A 181 -7.08 18.95 -2.06
N THR A 182 -8.14 18.43 -2.68
CA THR A 182 -8.71 17.21 -2.13
C THR A 182 -7.86 15.98 -2.45
N TYR A 183 -7.14 15.98 -3.57
CA TYR A 183 -6.22 14.87 -3.81
C TYR A 183 -5.12 14.84 -2.77
N ALA A 184 -4.47 15.99 -2.54
CA ALA A 184 -3.32 16.03 -1.65
C ALA A 184 -3.72 15.81 -0.19
N SER A 185 -4.95 16.14 0.17
CA SER A 185 -5.41 16.05 1.54
C SER A 185 -5.91 14.67 1.92
N THR A 186 -6.14 13.79 0.93
CA THR A 186 -6.67 12.48 1.19
C THR A 186 -5.70 11.45 0.65
N ILE A 187 -5.94 10.90 -0.53
CA ILE A 187 -5.16 9.78 -1.02
C ILE A 187 -3.69 10.13 -1.23
N GLY A 188 -3.38 11.39 -1.52
CA GLY A 188 -2.01 11.79 -1.74
C GLY A 188 -1.25 12.32 -0.53
N HIS A 189 -1.76 12.09 0.68
CA HIS A 189 -1.20 12.72 1.87
C HIS A 189 0.25 12.32 2.13
N TYR A 190 0.67 11.15 1.67
CA TYR A 190 2.02 10.67 1.88
C TYR A 190 2.89 10.74 0.62
N ASP A 191 2.33 11.23 -0.47
CA ASP A 191 3.00 11.20 -1.76
C ASP A 191 3.77 12.51 -1.93
N ILE A 192 5.09 12.42 -2.11
CA ILE A 192 5.95 13.58 -2.28
C ILE A 192 5.55 14.41 -3.49
N ASN A 193 4.87 13.81 -4.47
CA ASN A 193 4.48 14.50 -5.69
C ASN A 193 2.98 14.76 -5.77
N ALA A 194 2.30 14.83 -4.62
CA ALA A 194 0.85 14.92 -4.62
C ALA A 194 0.34 16.13 -5.40
N HIS A 195 1.06 17.24 -5.36
CA HIS A 195 0.58 18.45 -6.02
CA HIS A 195 0.65 18.48 -6.00
C HIS A 195 0.95 18.50 -7.49
N ALA A 196 1.49 17.42 -8.05
CA ALA A 196 1.62 17.25 -9.48
C ALA A 196 0.47 16.42 -10.05
N CYS A 197 -0.58 16.18 -9.28
CA CYS A 197 -1.72 15.39 -9.74
C CYS A 197 -2.57 16.13 -10.76
N VAL A 198 -2.38 17.44 -10.91
CA VAL A 198 -3.19 18.25 -11.80
C VAL A 198 -2.37 19.47 -12.18
N THR A 199 -2.61 20.01 -13.37
CA THR A 199 -1.94 21.22 -13.81
C THR A 199 -2.97 22.32 -14.08
N GLY A 200 -2.48 23.50 -14.42
CA GLY A 200 -3.34 24.67 -14.46
C GLY A 200 -3.70 25.21 -13.10
N LYS A 201 -2.90 24.89 -12.08
CA LYS A 201 -3.16 25.37 -10.73
C LYS A 201 -2.86 26.87 -10.65
N PRO A 202 -3.43 27.55 -9.66
CA PRO A 202 -2.97 28.91 -9.37
C PRO A 202 -1.51 28.90 -8.94
N ILE A 203 -0.85 30.05 -9.11
CA ILE A 203 0.58 30.14 -8.78
C ILE A 203 0.80 29.79 -7.31
N SER A 204 -0.07 30.27 -6.43
CA SER A 204 0.10 30.04 -5.00
C SER A 204 0.05 28.56 -4.62
N GLN A 205 -0.37 27.70 -5.53
CA GLN A 205 -0.59 26.29 -5.23
C GLN A 205 0.21 25.39 -6.14
N GLY A 206 1.29 25.90 -6.73
CA GLY A 206 2.14 25.12 -7.60
C GLY A 206 1.96 25.37 -9.07
N GLY A 207 1.11 26.33 -9.45
CA GLY A 207 0.96 26.69 -10.85
C GLY A 207 2.22 27.32 -11.39
N ILE A 208 2.23 27.50 -12.71
CA ILE A 208 3.41 28.03 -13.38
C ILE A 208 3.03 29.31 -14.09
N HIS A 209 4.00 30.22 -14.20
CA HIS A 209 3.79 31.49 -14.89
C HIS A 209 3.27 31.26 -16.30
N GLY A 210 2.15 31.90 -16.61
CA GLY A 210 1.65 31.94 -17.97
C GLY A 210 0.84 30.76 -18.43
N ARG A 211 0.41 29.87 -17.53
CA ARG A 211 -0.37 28.71 -17.96
C ARG A 211 -1.72 29.13 -18.54
N ILE A 212 -2.36 30.13 -17.94
CA ILE A 212 -3.69 30.53 -18.41
C ILE A 212 -3.62 31.01 -19.85
N SER A 213 -2.60 31.79 -20.19
CA SER A 213 -2.46 32.35 -21.53
C SER A 213 -1.61 31.48 -22.44
N ALA A 214 -1.14 30.32 -21.96
CA ALA A 214 -0.16 29.54 -22.69
C ALA A 214 -0.69 29.07 -24.04
N THR A 215 -1.92 28.58 -24.08
CA THR A 215 -2.42 28.04 -25.33
C THR A 215 -2.73 29.15 -26.34
N GLY A 216 -3.11 30.33 -25.87
CA GLY A 216 -3.16 31.48 -26.75
C GLY A 216 -1.79 31.88 -27.26
N ARG A 217 -0.79 31.89 -26.37
CA ARG A 217 0.57 32.22 -26.79
C ARG A 217 1.08 31.24 -27.84
N GLY A 218 0.72 29.95 -27.69
CA GLY A 218 1.13 28.97 -28.68
C GLY A 218 0.40 29.11 -30.00
N VAL A 219 -0.86 29.56 -29.97
CA VAL A 219 -1.58 29.83 -31.21
C VAL A 219 -0.87 30.92 -32.01
N PHE A 220 -0.38 31.96 -31.33
CA PHE A 220 0.38 32.98 -32.01
C PHE A 220 1.64 32.40 -32.65
N HIS A 221 2.42 31.63 -31.87
CA HIS A 221 3.67 31.07 -32.39
C HIS A 221 3.40 30.11 -33.56
N GLY A 222 2.31 29.36 -33.50
CA GLY A 222 2.00 28.44 -34.59
C GLY A 222 1.67 29.18 -35.88
N ILE A 223 0.81 30.20 -35.78
CA ILE A 223 0.50 31.03 -36.94
C ILE A 223 1.78 31.68 -37.46
N GLU A 224 2.58 32.27 -36.56
CA GLU A 224 3.75 33.01 -37.00
C GLU A 224 4.70 32.13 -37.80
N ASN A 225 4.90 30.88 -37.39
CA ASN A 225 5.83 30.02 -38.12
C ASN A 225 5.37 29.79 -39.56
N PHE A 226 4.06 29.77 -39.80
CA PHE A 226 3.56 29.54 -41.13
C PHE A 226 3.31 30.83 -41.90
N ILE A 227 2.86 31.88 -41.21
CA ILE A 227 2.62 33.15 -41.87
C ILE A 227 3.91 33.83 -42.32
N ASN A 228 5.07 33.32 -41.90
CA ASN A 228 6.36 33.86 -42.28
C ASN A 228 7.13 32.97 -43.25
N GLU A 229 6.47 31.94 -43.79
CA GLU A 229 7.07 31.00 -44.73
C GLU A 229 6.53 31.37 -46.10
N ALA A 230 7.39 32.01 -46.92
CA ALA A 230 6.93 32.58 -48.19
C ALA A 230 6.35 31.51 -49.12
N SER A 231 6.85 30.27 -49.02
CA SER A 231 6.35 29.22 -49.90
C SER A 231 4.87 28.95 -49.66
N TYR A 232 4.44 28.96 -48.39
CA TYR A 232 3.03 28.75 -48.10
C TYR A 232 2.19 30.00 -48.37
N MET A 233 2.78 31.18 -48.19
CA MET A 233 2.05 32.43 -48.42
C MET A 233 1.88 32.71 -49.92
N SER A 234 2.78 32.17 -50.75
CA SER A 234 2.59 32.24 -52.20
C SER A 234 1.33 31.51 -52.61
N ILE A 235 1.22 30.23 -52.23
CA ILE A 235 0.08 29.39 -52.60
C ILE A 235 -1.22 30.05 -52.15
N LEU A 236 -1.17 30.84 -51.08
CA LEU A 236 -2.32 31.58 -50.59
C LEU A 236 -2.53 32.91 -51.28
N GLY A 237 -1.55 33.39 -52.03
CA GLY A 237 -1.62 34.73 -52.56
C GLY A 237 -1.73 35.74 -51.44
N MET A 238 -0.69 35.84 -50.61
CA MET A 238 -0.67 36.92 -49.64
C MET A 238 0.72 37.06 -49.04
N THR A 239 0.90 38.20 -48.41
CA THR A 239 2.18 38.77 -48.03
C THR A 239 2.62 38.25 -46.66
N PRO A 240 3.88 37.81 -46.52
CA PRO A 240 4.37 37.36 -45.21
C PRO A 240 4.27 38.45 -44.16
N GLY A 241 4.14 38.02 -42.91
CA GLY A 241 4.11 38.92 -41.78
C GLY A 241 2.70 39.14 -41.23
N PHE A 242 2.66 39.80 -40.07
CA PHE A 242 1.41 40.10 -39.39
C PHE A 242 0.92 41.52 -39.63
N GLY A 243 1.84 42.46 -39.85
CA GLY A 243 1.55 43.88 -39.79
C GLY A 243 0.37 44.37 -40.59
N ASP A 244 -0.16 43.56 -41.50
CA ASP A 244 -1.19 44.03 -42.43
C ASP A 244 -2.45 43.17 -42.42
N LYS A 245 -2.64 42.33 -41.41
CA LYS A 245 -3.59 41.23 -41.55
C LYS A 245 -4.75 41.43 -40.59
N THR A 246 -5.89 40.83 -40.95
CA THR A 246 -7.10 40.82 -40.14
C THR A 246 -7.43 39.41 -39.68
N PHE A 247 -8.12 39.31 -38.55
CA PHE A 247 -8.56 38.00 -38.07
C PHE A 247 -9.84 38.15 -37.29
N ALA A 248 -10.59 37.04 -37.22
CA ALA A 248 -11.81 36.94 -36.44
C ALA A 248 -11.70 35.74 -35.51
N VAL A 249 -12.38 35.82 -34.36
CA VAL A 249 -12.13 34.84 -33.32
C VAL A 249 -13.50 34.36 -32.88
N GLN A 250 -13.75 33.07 -32.99
CA GLN A 250 -14.99 32.48 -32.50
C GLN A 250 -14.73 31.92 -31.11
N GLY A 251 -15.33 32.55 -30.10
CA GLY A 251 -15.09 32.14 -28.73
C GLY A 251 -14.13 33.08 -28.03
N PHE A 252 -14.61 33.71 -26.95
CA PHE A 252 -13.82 34.69 -26.20
C PHE A 252 -13.49 34.17 -24.80
N GLY A 253 -13.10 32.90 -24.73
CA GLY A 253 -12.67 32.30 -23.49
C GLY A 253 -11.17 32.36 -23.29
N ASN A 254 -10.63 31.35 -22.62
CA ASN A 254 -9.21 31.36 -22.31
C ASN A 254 -8.35 31.26 -23.56
N VAL A 255 -8.79 30.48 -24.55
CA VAL A 255 -8.04 30.36 -25.79
C VAL A 255 -8.27 31.57 -26.67
N GLY A 256 -9.52 31.98 -26.83
CA GLY A 256 -9.85 33.05 -27.76
C GLY A 256 -9.27 34.39 -27.34
N LEU A 257 -9.45 34.75 -26.07
CA LEU A 257 -9.00 36.06 -25.60
C LEU A 257 -7.49 36.23 -25.77
N HIS A 258 -6.72 35.21 -25.37
CA HIS A 258 -5.28 35.37 -25.35
C HIS A 258 -4.68 35.25 -26.74
N SER A 259 -5.28 34.45 -27.62
CA SER A 259 -4.90 34.51 -29.03
C SER A 259 -5.07 35.92 -29.57
N MET A 260 -6.17 36.59 -29.21
CA MET A 260 -6.40 37.95 -29.65
C MET A 260 -5.35 38.90 -29.09
N ARG A 261 -5.00 38.74 -27.81
CA ARG A 261 -4.03 39.64 -27.18
C ARG A 261 -2.69 39.60 -27.90
N TYR A 262 -2.19 38.40 -28.20
CA TYR A 262 -0.85 38.28 -28.77
C TYR A 262 -0.83 38.65 -30.25
N LEU A 263 -1.87 38.30 -31.01
CA LEU A 263 -1.94 38.73 -32.40
C LEU A 263 -2.05 40.25 -32.49
N HIS A 264 -2.90 40.84 -31.66
CA HIS A 264 -3.00 42.30 -31.63
C HIS A 264 -1.66 42.93 -31.30
N ARG A 265 -0.89 42.31 -30.41
CA ARG A 265 0.38 42.89 -29.97
C ARG A 265 1.39 42.98 -31.12
N PHE A 266 1.31 42.08 -32.10
CA PHE A 266 2.27 42.08 -33.19
C PHE A 266 1.68 42.60 -34.50
N GLY A 267 0.63 43.44 -34.41
CA GLY A 267 0.20 44.21 -35.55
C GLY A 267 -0.98 43.68 -36.33
N ALA A 268 -1.55 42.54 -35.94
CA ALA A 268 -2.77 42.09 -36.59
C ALA A 268 -3.98 42.85 -36.05
N LYS A 269 -5.08 42.80 -36.80
CA LYS A 269 -6.27 43.58 -36.53
C LYS A 269 -7.45 42.64 -36.32
N CYS A 270 -8.03 42.65 -35.12
CA CYS A 270 -9.20 41.83 -34.84
C CYS A 270 -10.45 42.57 -35.32
N VAL A 271 -11.10 42.03 -36.34
CA VAL A 271 -12.37 42.55 -36.88
C VAL A 271 -13.64 42.07 -36.22
N ALA A 272 -13.65 40.82 -35.78
CA ALA A 272 -14.88 40.21 -35.34
C ALA A 272 -14.58 39.28 -34.19
N VAL A 273 -15.50 39.27 -33.22
CA VAL A 273 -15.46 38.38 -32.07
C VAL A 273 -16.85 37.78 -31.89
N GLY A 274 -16.93 36.46 -32.00
CA GLY A 274 -18.19 35.76 -31.87
C GLY A 274 -18.27 34.99 -30.57
N GLU A 275 -19.50 34.82 -30.07
CA GLU A 275 -19.62 34.13 -28.82
C GLU A 275 -21.01 33.45 -28.76
N SER A 276 -21.30 32.79 -27.63
CA SER A 276 -22.48 31.93 -27.51
C SER A 276 -23.79 32.68 -27.71
N ASP A 277 -23.81 34.00 -27.48
CA ASP A 277 -25.05 34.76 -27.62
C ASP A 277 -25.11 35.61 -28.88
N GLY A 278 -23.97 35.88 -29.51
CA GLY A 278 -23.94 36.73 -30.69
C GLY A 278 -22.52 37.15 -30.99
N SER A 279 -22.38 37.92 -32.06
CA SER A 279 -21.10 38.42 -32.51
C SER A 279 -21.07 39.94 -32.52
N ILE A 280 -19.86 40.48 -32.60
CA ILE A 280 -19.63 41.91 -32.76
C ILE A 280 -18.58 42.11 -33.84
N TRP A 281 -18.62 43.26 -34.50
CA TRP A 281 -17.84 43.48 -35.70
C TRP A 281 -17.44 44.94 -35.82
N ASN A 282 -16.25 45.16 -36.37
CA ASN A 282 -15.66 46.48 -36.57
C ASN A 282 -14.45 46.34 -37.49
N PRO A 283 -14.56 46.78 -38.74
CA PRO A 283 -13.44 46.62 -39.68
C PRO A 283 -12.25 47.51 -39.35
N ASP A 284 -12.37 48.42 -38.39
CA ASP A 284 -11.26 49.24 -37.94
C ASP A 284 -10.46 48.58 -36.82
N GLY A 285 -10.96 47.53 -36.22
CA GLY A 285 -10.22 46.82 -35.20
C GLY A 285 -10.90 46.89 -33.84
N ILE A 286 -10.78 45.78 -33.09
CA ILE A 286 -11.27 45.68 -31.72
C ILE A 286 -10.07 45.58 -30.78
N ASP A 287 -10.14 46.30 -29.70
CA ASP A 287 -8.98 46.22 -28.81
C ASP A 287 -9.25 45.18 -27.72
N PRO A 288 -8.34 44.22 -27.52
CA PRO A 288 -8.63 43.14 -26.57
C PRO A 288 -8.74 43.58 -25.12
N LYS A 289 -7.99 44.60 -24.69
CA LYS A 289 -8.13 45.09 -23.31
C LYS A 289 -9.53 45.62 -23.06
N GLU A 290 -9.98 46.53 -23.92
CA GLU A 290 -11.30 47.12 -23.76
C GLU A 290 -12.41 46.07 -23.82
N LEU A 291 -12.29 45.12 -24.76
CA LEU A 291 -13.29 44.06 -24.83
C LEU A 291 -13.34 43.22 -23.57
N GLU A 292 -12.17 42.78 -23.10
CA GLU A 292 -12.15 41.97 -21.87
C GLU A 292 -12.71 42.76 -20.70
N ASP A 293 -12.33 44.03 -20.57
CA ASP A 293 -12.83 44.85 -19.48
C ASP A 293 -14.34 44.99 -19.56
N PHE A 294 -14.89 45.15 -20.78
CA PHE A 294 -16.33 45.20 -20.95
C PHE A 294 -16.95 43.85 -20.58
N LYS A 295 -16.34 42.76 -21.03
CA LYS A 295 -16.90 41.44 -20.75
C LYS A 295 -16.87 41.12 -19.26
N LEU A 296 -15.80 41.49 -18.58
CA LEU A 296 -15.73 41.28 -17.14
C LEU A 296 -16.83 42.05 -16.41
N GLN A 297 -17.19 43.22 -16.93
CA GLN A 297 -18.15 44.11 -16.28
C GLN A 297 -19.59 43.69 -16.51
N HIS A 298 -19.92 43.25 -17.73
CA HIS A 298 -21.30 42.99 -18.11
C HIS A 298 -21.60 41.52 -18.34
N GLY A 299 -20.60 40.64 -18.28
CA GLY A 299 -20.84 39.22 -18.51
C GLY A 299 -21.21 38.87 -19.93
N THR A 300 -21.01 39.78 -20.88
CA THR A 300 -21.34 39.50 -22.27
C THR A 300 -20.53 40.39 -23.17
N ILE A 301 -20.52 40.02 -24.44
CA ILE A 301 -19.83 40.76 -25.50
C ILE A 301 -20.76 41.77 -26.14
N LEU A 302 -22.06 41.47 -26.15
CA LEU A 302 -23.01 42.31 -26.87
C LEU A 302 -23.13 43.67 -26.20
N GLY A 303 -23.34 44.68 -27.03
CA GLY A 303 -23.42 46.02 -26.53
C GLY A 303 -22.09 46.68 -26.32
N PHE A 304 -21.00 46.07 -26.78
CA PHE A 304 -19.69 46.68 -26.68
C PHE A 304 -19.71 48.01 -27.41
N PRO A 305 -19.38 49.13 -26.74
CA PRO A 305 -19.57 50.45 -27.37
C PRO A 305 -18.84 50.65 -28.69
N LYS A 306 -17.62 50.13 -28.84
CA LYS A 306 -16.83 50.38 -30.04
C LYS A 306 -16.93 49.31 -31.12
N ALA A 307 -18.05 48.64 -31.24
CA ALA A 307 -18.29 47.78 -32.38
C ALA A 307 -19.79 47.63 -32.52
N LYS A 308 -20.22 46.99 -33.60
CA LYS A 308 -21.63 46.88 -33.90
C LYS A 308 -22.06 45.43 -33.90
N ILE A 309 -23.24 45.18 -33.33
CA ILE A 309 -23.79 43.85 -33.19
C ILE A 309 -23.97 43.23 -34.59
N TYR A 310 -23.12 42.28 -34.90
CA TYR A 310 -23.08 41.65 -36.21
C TYR A 310 -23.99 40.43 -36.23
N GLU A 311 -24.82 40.35 -37.26
CA GLU A 311 -25.71 39.21 -37.44
C GLU A 311 -25.21 38.39 -38.63
N GLY A 312 -25.47 37.09 -38.58
CA GLY A 312 -24.82 36.16 -39.50
C GLY A 312 -23.54 35.61 -38.92
N SER A 313 -23.11 34.47 -39.47
CA SER A 313 -22.13 33.63 -38.82
C SER A 313 -20.77 34.34 -38.69
N ILE A 314 -20.22 34.30 -37.47
CA ILE A 314 -18.84 34.73 -37.21
C ILE A 314 -17.88 34.01 -38.13
N LEU A 315 -18.15 32.74 -38.46
CA LEU A 315 -17.26 31.94 -39.27
C LEU A 315 -17.17 32.43 -40.70
N GLU A 316 -18.13 33.24 -41.14
CA GLU A 316 -18.16 33.72 -42.52
C GLU A 316 -17.76 35.19 -42.65
N VAL A 317 -17.46 35.87 -41.53
CA VAL A 317 -16.85 37.19 -41.56
C VAL A 317 -15.66 37.25 -42.50
N ASP A 318 -15.43 38.41 -43.10
CA ASP A 318 -14.42 38.49 -44.14
C ASP A 318 -13.18 38.95 -43.39
N CYS A 319 -12.07 38.23 -43.57
CA CYS A 319 -10.84 38.40 -42.82
C CYS A 319 -9.80 37.51 -43.48
N ASP A 320 -8.55 37.67 -43.05
CA ASP A 320 -7.44 36.81 -43.49
C ASP A 320 -7.39 35.51 -42.69
N ILE A 321 -7.56 35.59 -41.38
CA ILE A 321 -7.33 34.46 -40.48
C ILE A 321 -8.57 34.24 -39.63
N LEU A 322 -9.14 33.04 -39.70
CA LEU A 322 -10.27 32.66 -38.86
C LEU A 322 -9.76 31.76 -37.73
N ILE A 323 -10.05 32.14 -36.49
CA ILE A 323 -9.64 31.37 -35.33
C ILE A 323 -10.86 30.79 -34.62
N PRO A 324 -11.30 29.59 -34.98
CA PRO A 324 -12.34 28.94 -34.18
C PRO A 324 -11.77 28.49 -32.83
N ALA A 325 -12.30 29.08 -31.75
CA ALA A 325 -11.77 28.83 -30.40
C ALA A 325 -12.91 28.53 -29.44
N ALA A 326 -13.96 27.84 -29.92
CA ALA A 326 -15.10 27.48 -29.08
C ALA A 326 -15.18 25.97 -29.04
N SER A 327 -16.30 25.38 -29.44
CA SER A 327 -16.43 23.95 -29.37
C SER A 327 -16.08 23.33 -30.74
N GLU A 328 -16.47 22.07 -30.94
CA GLU A 328 -16.01 21.30 -32.08
C GLU A 328 -17.08 21.25 -33.17
N LYS A 329 -16.66 20.85 -34.37
CA LYS A 329 -17.54 20.64 -35.52
C LYS A 329 -18.35 21.91 -35.82
N GLN A 330 -17.63 23.02 -36.00
CA GLN A 330 -18.21 24.30 -36.37
C GLN A 330 -18.12 24.58 -37.86
N LEU A 331 -17.09 24.07 -38.53
CA LEU A 331 -16.97 24.19 -39.98
C LEU A 331 -17.35 22.83 -40.60
N THR A 332 -18.36 22.85 -41.45
CA THR A 332 -18.99 21.64 -41.98
C THR A 332 -19.08 21.76 -43.51
N LYS A 333 -19.66 20.74 -44.15
CA LYS A 333 -19.85 20.86 -45.60
C LYS A 333 -20.79 22.02 -45.95
N SER A 334 -21.70 22.38 -45.04
CA SER A 334 -22.61 23.49 -45.28
C SER A 334 -21.88 24.82 -45.45
N ASN A 335 -21.26 25.33 -44.39
CA ASN A 335 -20.73 26.69 -44.45
C ASN A 335 -19.27 26.77 -44.91
N ALA A 336 -18.61 25.64 -45.14
CA ALA A 336 -17.24 25.70 -45.65
C ALA A 336 -17.10 26.48 -46.95
N PRO A 337 -18.04 26.41 -47.91
CA PRO A 337 -17.87 27.21 -49.14
C PRO A 337 -17.97 28.72 -48.96
N ARG A 338 -18.36 29.22 -47.78
CA ARG A 338 -18.60 30.65 -47.58
C ARG A 338 -17.63 31.28 -46.57
N VAL A 339 -16.44 30.71 -46.42
CA VAL A 339 -15.61 31.01 -45.25
C VAL A 339 -14.88 32.35 -45.38
N LYS A 340 -14.42 32.71 -46.59
CA LYS A 340 -13.79 33.99 -46.92
C LYS A 340 -12.33 34.10 -46.48
N ALA A 341 -11.95 33.41 -45.42
CA ALA A 341 -10.60 33.54 -44.90
C ALA A 341 -9.65 32.60 -45.63
N LYS A 342 -8.38 32.99 -45.70
CA LYS A 342 -7.36 32.15 -46.34
C LYS A 342 -6.72 31.17 -45.37
N ILE A 343 -6.59 31.53 -44.09
CA ILE A 343 -5.97 30.69 -43.08
C ILE A 343 -6.97 30.41 -41.98
N ILE A 344 -7.16 29.13 -41.68
CA ILE A 344 -7.98 28.71 -40.54
C ILE A 344 -7.07 28.11 -39.49
N ALA A 345 -6.98 28.79 -38.36
CA ALA A 345 -6.11 28.39 -37.25
C ALA A 345 -6.98 27.80 -36.16
N GLU A 346 -7.00 26.47 -36.07
CA GLU A 346 -7.89 25.86 -35.08
C GLU A 346 -7.24 25.96 -33.70
N GLY A 347 -7.78 26.86 -32.89
CA GLY A 347 -7.45 26.93 -31.48
C GLY A 347 -8.22 25.89 -30.71
N ALA A 348 -9.45 25.65 -31.12
CA ALA A 348 -10.29 24.65 -30.46
C ALA A 348 -9.93 23.25 -30.93
N ASN A 349 -10.46 22.26 -30.21
CA ASN A 349 -10.24 20.87 -30.55
C ASN A 349 -11.32 20.40 -31.51
N GLY A 350 -10.90 19.92 -32.69
CA GLY A 350 -11.79 19.37 -33.69
C GLY A 350 -12.88 20.29 -34.22
N PRO A 351 -12.56 21.54 -34.59
CA PRO A 351 -13.61 22.44 -35.10
C PRO A 351 -13.99 22.20 -36.55
N THR A 352 -13.26 21.36 -37.29
CA THR A 352 -13.47 21.18 -38.72
C THR A 352 -13.77 19.72 -39.03
N THR A 353 -14.91 19.46 -39.66
CA THR A 353 -15.22 18.12 -40.16
C THR A 353 -14.32 17.72 -41.33
N PRO A 354 -14.20 16.42 -41.58
CA PRO A 354 -13.42 15.98 -42.76
C PRO A 354 -13.99 16.47 -44.08
N GLU A 355 -15.31 16.63 -44.20
CA GLU A 355 -15.87 17.17 -45.44
C GLU A 355 -15.46 18.61 -45.65
N ALA A 356 -15.49 19.40 -44.57
CA ALA A 356 -15.04 20.77 -44.67
C ALA A 356 -13.56 20.85 -45.01
N ASP A 357 -12.77 19.89 -44.54
CA ASP A 357 -11.34 19.84 -44.89
C ASP A 357 -11.17 19.65 -46.39
N LYS A 358 -12.00 18.79 -47.02
CA LYS A 358 -11.89 18.58 -48.46
C LYS A 358 -12.18 19.87 -49.22
N ILE A 359 -13.25 20.58 -48.83
CA ILE A 359 -13.58 21.83 -49.50
C ILE A 359 -12.45 22.84 -49.35
N PHE A 360 -11.91 22.97 -48.13
CA PHE A 360 -10.83 23.93 -47.90
C PHE A 360 -9.61 23.60 -48.75
N LEU A 361 -9.32 22.32 -48.92
CA LEU A 361 -8.21 21.92 -49.79
C LEU A 361 -8.43 22.39 -51.22
N GLU A 362 -9.63 22.16 -51.74
CA GLU A 362 -9.92 22.52 -53.13
C GLU A 362 -9.80 24.03 -53.36
N ARG A 363 -10.14 24.84 -52.34
CA ARG A 363 -10.12 26.28 -52.47
C ARG A 363 -8.82 26.90 -52.01
N ASN A 364 -7.77 26.10 -51.81
CA ASN A 364 -6.48 26.60 -51.38
C ASN A 364 -6.62 27.44 -50.10
N ILE A 365 -7.32 26.87 -49.12
CA ILE A 365 -7.44 27.43 -47.78
C ILE A 365 -6.56 26.59 -46.86
N MET A 366 -5.68 27.26 -46.12
CA MET A 366 -4.75 26.57 -45.24
C MET A 366 -5.39 26.41 -43.86
N VAL A 367 -5.56 25.15 -43.43
CA VAL A 367 -6.03 24.82 -42.08
C VAL A 367 -4.83 24.41 -41.27
N ILE A 368 -4.43 25.25 -40.31
CA ILE A 368 -3.39 24.89 -39.34
C ILE A 368 -4.07 24.05 -38.26
N PRO A 369 -3.71 22.77 -38.13
CA PRO A 369 -4.57 21.84 -37.39
C PRO A 369 -4.39 21.87 -35.88
N ASP A 370 -5.42 21.39 -35.18
CA ASP A 370 -5.47 21.48 -33.73
C ASP A 370 -4.32 20.71 -33.09
N LEU A 371 -4.08 19.48 -33.56
CA LEU A 371 -2.96 18.64 -33.16
C LEU A 371 -1.69 19.42 -32.87
N TYR A 372 -1.42 20.43 -33.69
CA TYR A 372 -0.22 21.24 -33.58
C TYR A 372 -0.48 22.57 -32.88
N LEU A 373 -1.54 23.27 -33.31
CA LEU A 373 -1.65 24.70 -33.03
C LEU A 373 -2.03 25.00 -31.58
N ASN A 374 -2.91 24.19 -30.98
CA ASN A 374 -3.31 24.47 -29.60
C ASN A 374 -2.50 23.69 -28.58
N ALA A 375 -1.38 23.08 -28.99
CA ALA A 375 -0.58 22.25 -28.10
C ALA A 375 0.29 23.06 -27.15
N GLY A 376 0.20 24.39 -27.17
CA GLY A 376 0.90 25.19 -26.18
C GLY A 376 0.35 25.03 -24.79
N GLY A 377 -0.94 24.72 -24.67
CA GLY A 377 -1.50 24.43 -23.36
C GLY A 377 -0.85 23.23 -22.70
N VAL A 378 -0.79 22.11 -23.42
CA VAL A 378 -0.22 20.91 -22.83
C VAL A 378 1.30 21.04 -22.68
N THR A 379 1.94 21.85 -23.52
CA THR A 379 3.38 22.04 -23.37
C THR A 379 3.72 22.77 -22.07
N VAL A 380 2.93 23.78 -21.72
CA VAL A 380 3.21 24.51 -20.49
C VAL A 380 2.67 23.78 -19.27
N SER A 381 1.61 22.97 -19.44
CA SER A 381 1.22 22.05 -18.39
C SER A 381 2.36 21.09 -18.06
N TYR A 382 3.05 20.61 -19.10
CA TYR A 382 4.22 19.77 -18.92
C TYR A 382 5.29 20.48 -18.10
N PHE A 383 5.53 21.77 -18.39
CA PHE A 383 6.48 22.53 -17.59
C PHE A 383 6.03 22.65 -16.14
N GLU A 384 4.73 22.86 -15.92
CA GLU A 384 4.21 22.95 -14.55
C GLU A 384 4.43 21.64 -13.80
N TRP A 385 4.13 20.52 -14.45
CA TRP A 385 4.34 19.20 -13.86
C TRP A 385 5.79 19.00 -13.46
N LEU A 386 6.72 19.37 -14.32
CA LEU A 386 8.15 19.24 -14.00
C LEU A 386 8.53 20.16 -12.85
N LYS A 387 7.98 21.37 -12.84
CA LYS A 387 8.24 22.27 -11.71
C LYS A 387 7.80 21.62 -10.40
N ASN A 388 6.64 20.96 -10.40
CA ASN A 388 6.17 20.29 -9.19
C ASN A 388 7.09 19.14 -8.79
N LEU A 389 7.53 18.33 -9.76
CA LEU A 389 8.41 17.21 -9.43
C LEU A 389 9.76 17.69 -8.88
N ASN A 390 10.22 18.88 -9.29
CA ASN A 390 11.56 19.32 -8.93
C ASN A 390 11.62 20.07 -7.59
N HIS A 391 10.51 20.64 -7.14
CA HIS A 391 10.37 21.21 -5.80
C HIS A 391 11.26 22.44 -5.58
N VAL A 392 11.72 23.09 -6.66
CA VAL A 392 12.34 24.40 -6.61
C VAL A 392 11.76 25.26 -7.73
N SER A 393 11.72 26.57 -7.48
CA SER A 393 11.48 27.52 -8.56
C SER A 393 12.75 27.62 -9.40
N TYR A 394 12.57 27.71 -10.71
CA TYR A 394 13.71 27.73 -11.62
C TYR A 394 14.66 28.88 -11.31
N GLY A 395 15.96 28.55 -11.24
CA GLY A 395 17.00 29.54 -11.05
C GLY A 395 17.32 29.90 -9.62
N ARG A 396 16.48 29.53 -8.66
CA ARG A 396 16.65 30.00 -7.28
C ARG A 396 17.98 29.55 -6.68
N LEU A 397 18.47 28.38 -7.06
CA LEU A 397 19.74 27.90 -6.54
C LEU A 397 20.94 28.57 -7.20
N THR A 398 20.76 29.18 -8.38
CA THR A 398 21.88 29.56 -9.23
C THR A 398 21.96 31.03 -9.59
N PHE A 399 20.95 31.84 -9.25
CA PHE A 399 20.94 33.24 -9.66
C PHE A 399 22.24 33.95 -9.28
N LYS A 400 22.60 33.87 -7.99
CA LYS A 400 23.78 34.59 -7.52
C LYS A 400 25.06 34.02 -8.13
N TYR A 401 25.20 32.69 -8.11
CA TYR A 401 26.40 32.07 -8.68
C TYR A 401 26.57 32.46 -10.14
N GLU A 402 25.49 32.36 -10.92
CA GLU A 402 25.55 32.64 -12.35
C GLU A 402 25.89 34.11 -12.61
N ARG A 403 25.27 35.00 -11.85
CA ARG A 403 25.59 36.42 -11.93
C ARG A 403 27.08 36.65 -11.74
N ASP A 404 27.59 36.23 -10.58
CA ASP A 404 29.01 36.39 -10.28
C ASP A 404 29.88 35.77 -11.36
N SER A 405 29.48 34.60 -11.87
CA SER A 405 30.28 33.93 -12.89
C SER A 405 30.37 34.77 -14.16
N ASN A 406 29.27 35.40 -14.57
CA ASN A 406 29.26 36.16 -15.81
C ASN A 406 30.15 37.40 -15.70
N TYR A 407 30.14 38.06 -14.54
CA TYR A 407 30.97 39.25 -14.38
C TYR A 407 32.45 38.89 -14.37
N HIS A 408 32.82 37.76 -13.74
CA HIS A 408 34.20 37.31 -13.79
C HIS A 408 34.61 36.87 -15.20
N LEU A 409 33.65 36.37 -15.99
CA LEU A 409 33.95 36.03 -17.37
C LEU A 409 34.28 37.28 -18.17
N LEU A 410 33.43 38.30 -18.10
CA LEU A 410 33.68 39.55 -18.81
C LEU A 410 34.97 40.21 -18.32
N MET A 411 35.26 40.09 -17.02
CA MET A 411 36.49 40.63 -16.48
C MET A 411 37.71 39.88 -17.00
N SER A 412 37.54 38.60 -17.37
CA SER A 412 38.65 37.86 -17.98
C SER A 412 39.02 38.42 -19.34
N VAL A 413 38.01 38.84 -20.13
CA VAL A 413 38.29 39.49 -21.41
C VAL A 413 38.95 40.84 -21.17
N GLN A 414 38.43 41.58 -20.20
CA GLN A 414 38.96 42.91 -19.91
C GLN A 414 40.43 42.86 -19.51
N GLU A 415 40.75 42.02 -18.54
CA GLU A 415 42.13 41.95 -18.06
C GLU A 415 43.08 41.38 -19.12
N SER A 416 42.60 40.45 -19.94
CA SER A 416 43.43 39.94 -21.03
C SER A 416 43.77 41.04 -22.03
N LEU A 417 42.81 41.93 -22.31
CA LEU A 417 43.05 43.00 -23.28
C LEU A 417 43.97 44.07 -22.71
N GLU A 418 43.76 44.45 -21.45
CA GLU A 418 44.63 45.44 -20.83
C GLU A 418 46.07 44.93 -20.73
N ARG A 419 46.25 43.71 -20.26
CA ARG A 419 47.57 43.11 -20.17
C ARG A 419 48.38 43.28 -21.47
N LYS A 420 47.68 43.21 -22.62
CA LYS A 420 48.22 43.18 -23.97
C LYS A 420 48.42 44.60 -24.51
N PHE A 421 47.40 45.43 -24.45
CA PHE A 421 47.44 46.84 -24.88
C PHE A 421 47.74 47.76 -23.70
N GLY A 422 48.68 47.35 -22.86
CA GLY A 422 49.07 47.97 -21.59
C GLY A 422 48.48 49.31 -21.19
N LYS A 423 49.35 50.31 -20.99
CA LYS A 423 48.89 51.66 -20.68
C LYS A 423 48.56 52.43 -21.95
N HIS A 424 49.30 52.17 -23.03
CA HIS A 424 49.07 52.85 -24.31
C HIS A 424 47.67 52.56 -24.86
N GLY A 425 46.81 51.94 -24.07
CA GLY A 425 45.43 51.68 -24.48
C GLY A 425 44.45 52.06 -23.40
N GLY A 426 44.95 52.21 -22.17
CA GLY A 426 44.12 52.67 -21.07
C GLY A 426 43.32 51.57 -20.41
N THR A 427 42.17 51.95 -19.87
CA THR A 427 41.24 51.00 -19.31
C THR A 427 40.23 50.62 -20.39
N ILE A 428 39.92 49.33 -20.47
CA ILE A 428 39.05 48.79 -21.52
C ILE A 428 37.84 48.15 -20.87
N PRO A 429 36.82 48.93 -20.51
CA PRO A 429 35.68 48.36 -19.77
C PRO A 429 34.84 47.46 -20.66
N ILE A 430 34.67 46.22 -20.22
CA ILE A 430 33.77 45.26 -20.85
C ILE A 430 32.54 45.12 -19.96
N VAL A 431 31.38 45.50 -20.48
CA VAL A 431 30.16 45.53 -19.67
C VAL A 431 29.03 44.89 -20.47
N PRO A 432 28.00 44.38 -19.79
CA PRO A 432 26.88 43.79 -20.52
C PRO A 432 26.11 44.83 -21.31
N THR A 433 25.58 44.40 -22.46
CA THR A 433 24.54 45.17 -23.11
C THR A 433 23.32 45.25 -22.20
N ALA A 434 22.37 46.11 -22.57
CA ALA A 434 21.10 46.15 -21.85
C ALA A 434 20.42 44.77 -21.90
N GLU A 435 20.45 44.12 -23.06
CA GLU A 435 19.81 42.82 -23.19
C GLU A 435 20.50 41.76 -22.34
N PHE A 436 21.83 41.71 -22.39
CA PHE A 436 22.53 40.72 -21.58
C PHE A 436 22.44 41.03 -20.08
N GLN A 437 22.36 42.30 -19.70
CA GLN A 437 22.21 42.65 -18.29
C GLN A 437 20.94 42.02 -17.71
N ASP A 438 19.89 41.92 -18.54
CA ASP A 438 18.66 41.24 -18.17
C ASP A 438 18.79 39.75 -17.96
N ARG A 439 19.81 39.13 -18.56
CA ARG A 439 19.99 37.69 -18.49
C ARG A 439 21.19 37.33 -17.63
N ILE A 440 21.76 38.32 -16.93
CA ILE A 440 23.04 38.12 -16.27
C ILE A 440 22.97 37.03 -15.21
N SER A 441 21.78 36.77 -14.67
CA SER A 441 21.61 35.77 -13.61
C SER A 441 21.11 34.42 -14.13
N GLY A 442 20.86 34.29 -15.43
CA GLY A 442 20.31 33.07 -15.97
C GLY A 442 18.78 33.08 -15.98
N ALA A 443 18.23 32.03 -16.56
CA ALA A 443 16.79 31.97 -16.80
C ALA A 443 16.01 31.89 -15.49
N SER A 444 14.84 32.51 -15.48
CA SER A 444 13.84 32.33 -14.45
C SER A 444 12.69 31.50 -15.02
N GLU A 445 11.71 31.21 -14.16
CA GLU A 445 10.54 30.44 -14.55
C GLU A 445 9.87 31.06 -15.78
N LYS A 446 9.69 32.38 -15.77
CA LYS A 446 9.05 33.06 -16.88
C LYS A 446 9.84 32.89 -18.17
N ASP A 447 11.18 33.01 -18.09
CA ASP A 447 12.00 32.87 -19.29
C ASP A 447 11.92 31.45 -19.86
N ILE A 448 11.91 30.44 -18.99
CA ILE A 448 11.86 29.06 -19.47
C ILE A 448 10.53 28.79 -20.16
N VAL A 449 9.43 29.28 -19.59
CA VAL A 449 8.12 29.07 -20.19
C VAL A 449 8.06 29.71 -21.57
N HIS A 450 8.51 30.97 -21.67
CA HIS A 450 8.43 31.68 -22.96
C HIS A 450 9.33 31.04 -24.01
N SER A 451 10.62 30.84 -23.69
CA SER A 451 11.54 30.31 -24.69
C SER A 451 11.35 28.82 -24.91
N GLY A 452 10.99 28.07 -23.86
CA GLY A 452 10.70 26.66 -24.05
C GLY A 452 9.50 26.43 -24.95
N LEU A 453 8.47 27.27 -24.81
CA LEU A 453 7.30 27.17 -25.68
C LEU A 453 7.65 27.53 -27.12
N ALA A 454 8.31 28.67 -27.31
CA ALA A 454 8.72 29.08 -28.65
C ALA A 454 9.59 28.02 -29.32
N TYR A 455 10.54 27.45 -28.56
CA TYR A 455 11.37 26.39 -29.11
C TYR A 455 10.53 25.21 -29.57
N THR A 456 9.53 24.82 -28.78
CA THR A 456 8.75 23.64 -29.12
C THR A 456 7.88 23.88 -30.35
N MET A 457 7.20 25.04 -30.41
CA MET A 457 6.32 25.32 -31.54
C MET A 457 7.11 25.43 -32.84
N GLU A 458 8.30 26.03 -32.81
CA GLU A 458 9.13 26.15 -34.00
C GLU A 458 9.64 24.79 -34.47
N ARG A 459 10.17 23.99 -33.55
CA ARG A 459 10.69 22.68 -33.90
C ARG A 459 9.59 21.78 -34.47
N SER A 460 8.37 21.90 -33.93
CA SER A 460 7.26 21.08 -34.40
C SER A 460 6.74 21.54 -35.75
N ALA A 461 6.73 22.85 -35.99
CA ALA A 461 6.29 23.36 -37.29
C ALA A 461 7.21 22.87 -38.41
N ARG A 462 8.53 22.91 -38.19
CA ARG A 462 9.45 22.46 -39.24
C ARG A 462 9.28 20.97 -39.51
N GLN A 463 9.03 20.15 -38.46
CA GLN A 463 8.79 18.74 -38.70
C GLN A 463 7.54 18.51 -39.52
N ILE A 464 6.50 19.32 -39.30
CA ILE A 464 5.29 19.18 -40.09
C ILE A 464 5.54 19.60 -41.54
N MET A 465 6.23 20.71 -41.74
CA MET A 465 6.53 21.18 -43.09
C MET A 465 7.40 20.16 -43.83
N ARG A 466 8.45 19.66 -43.19
CA ARG A 466 9.30 18.64 -43.82
C ARG A 466 8.46 17.46 -44.29
N THR A 467 7.57 16.98 -43.44
CA THR A 467 6.75 15.82 -43.78
C THR A 467 5.76 16.13 -44.90
N ALA A 468 5.22 17.35 -44.95
CA ALA A 468 4.27 17.70 -45.99
C ALA A 468 4.94 17.78 -47.37
N MET A 469 6.14 18.35 -47.42
CA MET A 469 6.89 18.34 -48.69
C MET A 469 7.25 16.93 -49.09
N LYS A 470 7.72 16.14 -48.13
CA LYS A 470 8.17 14.77 -48.38
C LYS A 470 7.10 13.98 -49.13
N TYR A 471 5.84 14.12 -48.73
CA TYR A 471 4.76 13.31 -49.25
C TYR A 471 3.85 14.09 -50.18
N ASN A 472 4.25 15.31 -50.56
CA ASN A 472 3.54 16.14 -51.55
C ASN A 472 2.11 16.39 -51.07
N LEU A 473 1.97 16.86 -49.82
CA LEU A 473 0.66 17.07 -49.23
C LEU A 473 0.16 18.50 -49.37
N GLY A 474 0.97 19.41 -49.89
CA GLY A 474 0.53 20.77 -50.13
C GLY A 474 0.09 21.49 -48.87
N LEU A 475 -1.19 21.84 -48.80
CA LEU A 475 -1.75 22.54 -47.64
C LEU A 475 -2.53 21.60 -46.74
N ASP A 476 -2.35 20.29 -46.90
CA ASP A 476 -2.98 19.32 -45.97
C ASP A 476 -2.04 19.08 -44.80
N LEU A 477 -1.95 20.12 -43.95
CA LEU A 477 -1.08 20.06 -42.79
C LEU A 477 -1.59 19.06 -41.77
N ARG A 478 -2.91 18.84 -41.72
CA ARG A 478 -3.45 17.89 -40.75
C ARG A 478 -2.91 16.48 -40.99
N THR A 479 -2.89 16.04 -42.25
CA THR A 479 -2.38 14.71 -42.54
C THR A 479 -0.89 14.60 -42.24
N ALA A 480 -0.13 15.68 -42.44
CA ALA A 480 1.29 15.66 -42.11
C ALA A 480 1.50 15.53 -40.61
N ALA A 481 0.69 16.22 -39.81
CA ALA A 481 0.80 16.12 -38.36
C ALA A 481 0.52 14.70 -37.89
N TYR A 482 -0.58 14.11 -38.36
CA TYR A 482 -0.90 12.74 -37.97
C TYR A 482 0.19 11.77 -38.40
N VAL A 483 0.81 12.03 -39.55
CA VAL A 483 1.91 11.18 -40.00
C VAL A 483 3.05 11.20 -38.99
N ASN A 484 3.40 12.39 -38.50
CA ASN A 484 4.45 12.48 -37.48
C ASN A 484 4.01 11.81 -36.19
N ALA A 485 2.79 12.07 -35.75
CA ALA A 485 2.27 11.46 -34.53
C ALA A 485 2.29 9.94 -34.63
N ILE A 486 1.82 9.40 -35.76
CA ILE A 486 1.72 7.95 -35.91
C ILE A 486 3.10 7.31 -35.90
N GLU A 487 4.04 7.91 -36.61
CA GLU A 487 5.39 7.36 -36.64
C GLU A 487 5.99 7.25 -35.25
N LYS A 488 5.80 8.29 -34.43
CA LYS A 488 6.36 8.28 -33.08
C LYS A 488 5.67 7.25 -32.20
N VAL A 489 4.34 7.20 -32.23
CA VAL A 489 3.63 6.25 -31.38
C VAL A 489 3.84 4.82 -31.86
N PHE A 490 3.93 4.62 -33.18
CA PHE A 490 4.17 3.27 -33.70
C PHE A 490 5.50 2.72 -33.20
N ARG A 491 6.54 3.56 -33.19
CA ARG A 491 7.87 3.12 -32.78
C ARG A 491 7.85 2.62 -31.35
N VAL A 492 7.04 3.22 -30.50
CA VAL A 492 7.00 2.81 -29.09
C VAL A 492 6.32 1.45 -28.96
N TYR A 493 5.16 1.28 -29.60
CA TYR A 493 4.47 -0.01 -29.54
C TYR A 493 5.32 -1.12 -30.15
N ASN A 494 6.03 -0.81 -31.23
CA ASN A 494 6.77 -1.85 -31.95
C ASN A 494 7.91 -2.39 -31.10
N GLU A 495 8.72 -1.50 -30.53
CA GLU A 495 9.90 -1.96 -29.80
C GLU A 495 9.59 -2.32 -28.35
N ALA A 496 8.33 -2.26 -27.94
CA ALA A 496 7.93 -2.68 -26.59
C ALA A 496 7.38 -4.10 -26.55
N GLY A 497 7.25 -4.76 -27.70
CA GLY A 497 6.55 -6.02 -27.75
C GLY A 497 5.05 -5.91 -27.69
N VAL A 498 4.52 -4.71 -27.91
CA VAL A 498 3.09 -4.37 -27.84
C VAL A 498 2.62 -4.43 -26.39
N THR A 499 2.20 -5.59 -25.93
CA THR A 499 1.66 -5.84 -24.59
C THR A 499 2.05 -7.20 -23.99
N PHE A 500 1.81 -7.32 -22.68
CA PHE A 500 2.34 -8.45 -21.91
C PHE A 500 1.47 -9.67 -22.12
N THR A 501 1.26 -10.00 -23.39
CA THR A 501 0.47 -11.14 -23.83
C THR A 501 1.40 -12.19 -24.44
N ALA B 1 13.24 30.59 33.92
CA ALA B 1 14.43 31.39 34.24
C ALA B 1 14.05 32.73 34.86
N ASP B 2 12.75 33.02 34.88
CA ASP B 2 12.26 34.28 35.44
C ASP B 2 10.77 34.13 35.74
N ARG B 3 10.40 34.25 37.00
CA ARG B 3 9.02 34.01 37.43
C ARG B 3 8.17 35.28 37.40
N GLU B 4 8.76 36.42 37.06
CA GLU B 4 7.99 37.64 36.79
C GLU B 4 7.31 37.56 35.43
N ASP B 5 8.08 37.20 34.42
CA ASP B 5 7.70 37.29 33.01
C ASP B 5 8.05 35.93 32.40
N ASP B 6 7.15 34.97 32.59
CA ASP B 6 7.22 33.62 31.97
C ASP B 6 6.00 33.22 31.17
N PRO B 7 5.80 33.83 30.02
CA PRO B 7 4.58 33.52 29.25
C PRO B 7 4.61 32.12 28.66
N ASN B 8 3.42 31.56 28.53
CA ASN B 8 3.23 30.34 27.78
C ASN B 8 3.83 30.48 26.39
N PHE B 9 4.72 29.55 26.03
CA PHE B 9 5.53 29.73 24.81
C PHE B 9 4.66 29.74 23.57
N PHE B 10 3.68 28.84 23.47
CA PHE B 10 2.80 28.83 22.30
C PHE B 10 2.06 30.15 22.17
N LYS B 11 1.51 30.65 23.27
CA LYS B 11 0.71 31.86 23.19
C LYS B 11 1.57 33.07 22.91
N MET B 12 2.81 33.06 23.41
CA MET B 12 3.75 34.13 23.10
C MET B 12 3.96 34.25 21.61
N VAL B 13 4.10 33.11 20.91
CA VAL B 13 4.26 33.14 19.46
C VAL B 13 2.97 33.59 18.79
N GLU B 14 1.81 33.14 19.30
CA GLU B 14 0.54 33.63 18.76
C GLU B 14 0.41 35.14 18.96
N GLY B 15 0.96 35.67 20.06
CA GLY B 15 0.96 37.11 20.26
C GLY B 15 1.72 37.83 19.15
N PHE B 16 2.93 37.36 18.85
CA PHE B 16 3.70 37.92 17.74
C PHE B 16 2.89 37.88 16.45
N PHE B 17 2.22 36.74 16.18
CA PHE B 17 1.38 36.60 15.01
C PHE B 17 0.24 37.62 15.01
N ASP B 18 -0.46 37.73 16.14
CA ASP B 18 -1.58 38.66 16.25
C ASP B 18 -1.15 40.09 15.91
N ARG B 19 0.03 40.50 16.39
CA ARG B 19 0.56 41.80 16.02
C ARG B 19 0.68 42.00 14.53
N GLY B 20 1.42 41.12 13.86
CA GLY B 20 1.54 41.24 12.43
C GLY B 20 0.20 41.18 11.73
N ALA B 21 -0.73 40.37 12.28
CA ALA B 21 -2.06 40.27 11.70
C ALA B 21 -2.81 41.59 11.76
N SER B 22 -2.80 42.27 12.93
CA SER B 22 -3.29 43.66 13.02
C SER B 22 -2.87 44.52 11.86
N ILE B 23 -1.58 44.52 11.55
CA ILE B 23 -1.02 45.54 10.67
C ILE B 23 -1.46 45.29 9.24
N VAL B 24 -1.57 44.02 8.84
CA VAL B 24 -1.86 43.68 7.44
C VAL B 24 -3.33 43.52 7.16
N GLU B 25 -4.16 43.42 8.19
CA GLU B 25 -5.55 43.02 7.99
C GLU B 25 -6.22 43.88 6.91
N ASP B 26 -5.91 45.16 6.87
CA ASP B 26 -6.46 46.05 5.85
C ASP B 26 -5.99 45.65 4.44
N LYS B 27 -4.68 45.46 4.26
CA LYS B 27 -4.12 45.11 2.97
C LYS B 27 -4.66 43.75 2.47
N LEU B 28 -4.94 42.82 3.39
CA LEU B 28 -5.57 41.56 2.98
C LEU B 28 -7.00 41.78 2.49
N VAL B 29 -7.76 42.61 3.20
CA VAL B 29 -9.17 42.84 2.83
C VAL B 29 -9.24 43.54 1.49
N GLU B 30 -8.36 44.48 1.24
CA GLU B 30 -8.49 45.25 0.04
C GLU B 30 -8.04 44.43 -1.18
N ASP B 31 -6.98 43.66 -1.01
CA ASP B 31 -6.54 42.75 -2.06
C ASP B 31 -7.65 41.84 -2.51
N LEU B 32 -8.33 41.27 -1.55
CA LEU B 32 -9.39 40.32 -1.75
C LEU B 32 -10.38 40.88 -2.76
N LYS B 33 -10.29 40.42 -4.00
CA LYS B 33 -11.21 40.87 -5.03
C LYS B 33 -12.35 39.85 -5.11
N THR B 34 -13.31 40.02 -4.22
CA THR B 34 -14.51 39.19 -4.23
C THR B 34 -15.74 40.09 -4.30
N ARG B 35 -16.78 39.53 -4.92
CA ARG B 35 -17.96 40.28 -5.33
C ARG B 35 -18.68 40.90 -4.15
N GLU B 36 -18.55 40.33 -2.96
CA GLU B 36 -19.30 40.75 -1.79
C GLU B 36 -18.35 41.45 -0.83
N THR B 37 -18.14 42.75 -1.08
CA THR B 37 -17.21 43.68 -0.46
C THR B 37 -17.67 44.21 0.89
N GLU B 38 -18.80 43.70 1.40
CA GLU B 38 -19.14 43.84 2.79
C GLU B 38 -17.89 43.66 3.63
N GLU B 39 -17.77 44.37 4.74
CA GLU B 39 -16.65 44.03 5.62
C GLU B 39 -16.97 42.78 6.42
N GLN B 40 -17.64 41.84 5.73
CA GLN B 40 -17.58 40.41 5.96
C GLN B 40 -16.49 39.75 5.10
N LYS B 41 -15.98 40.48 4.10
CA LYS B 41 -14.59 40.32 3.66
C LYS B 41 -13.67 40.27 4.86
N ARG B 42 -13.78 41.26 5.75
CA ARG B 42 -13.01 41.29 6.98
C ARG B 42 -13.27 40.05 7.82
N ASN B 43 -14.45 39.46 7.69
CA ASN B 43 -14.80 38.27 8.47
C ASN B 43 -14.10 37.02 7.96
N ARG B 44 -14.02 36.86 6.65
CA ARG B 44 -13.33 35.70 6.10
C ARG B 44 -11.82 35.81 6.30
N VAL B 45 -11.28 37.04 6.27
CA VAL B 45 -9.86 37.25 6.52
C VAL B 45 -9.52 36.83 7.95
N ARG B 46 -10.40 37.15 8.89
CA ARG B 46 -10.11 36.82 10.27
C ARG B 46 -10.56 35.42 10.68
N GLY B 47 -11.34 34.75 9.82
CA GLY B 47 -11.56 33.33 9.99
C GLY B 47 -10.38 32.53 9.49
N ILE B 48 -9.78 32.95 8.37
CA ILE B 48 -8.61 32.26 7.84
C ILE B 48 -7.44 32.39 8.80
N LEU B 49 -7.22 33.61 9.33
CA LEU B 49 -6.11 33.82 10.25
C LEU B 49 -6.26 32.98 11.51
N ARG B 50 -7.49 32.72 11.94
CA ARG B 50 -7.69 31.82 13.08
C ARG B 50 -7.41 30.37 12.72
N ILE B 51 -7.56 30.00 11.44
CA ILE B 51 -7.25 28.63 11.03
C ILE B 51 -5.73 28.42 11.01
N ILE B 52 -4.99 29.45 10.62
CA ILE B 52 -3.54 29.32 10.44
C ILE B 52 -2.84 29.10 11.77
N LYS B 53 -3.39 29.64 12.86
CA LYS B 53 -2.60 29.73 14.08
C LYS B 53 -2.40 28.40 14.79
N PRO B 54 -3.44 27.58 15.03
CA PRO B 54 -3.22 26.32 15.77
C PRO B 54 -2.57 25.22 14.93
N CYS B 55 -1.91 24.31 15.63
CA CYS B 55 -1.30 23.13 15.01
C CYS B 55 -2.39 22.17 14.56
N ASN B 56 -2.20 21.59 13.36
CA ASN B 56 -3.20 20.67 12.83
C ASN B 56 -3.12 19.31 13.50
N HIS B 57 -1.91 18.76 13.66
CA HIS B 57 -1.71 17.43 14.23
C HIS B 57 -0.59 17.47 15.25
N VAL B 58 -0.83 16.90 16.43
CA VAL B 58 0.21 16.66 17.42
C VAL B 58 0.13 15.22 17.88
N LEU B 59 1.26 14.52 17.86
CA LEU B 59 1.35 13.15 18.34
C LEU B 59 2.17 13.12 19.61
N SER B 60 1.65 12.45 20.64
CA SER B 60 2.35 12.26 21.91
C SER B 60 2.60 10.77 22.10
N LEU B 61 3.82 10.42 22.51
CA LEU B 61 4.27 9.04 22.58
C LEU B 61 4.79 8.69 23.97
N SER B 62 4.57 7.43 24.34
CA SER B 62 5.28 6.79 25.45
C SER B 62 5.72 5.42 24.96
N PHE B 63 7.01 5.13 25.08
CA PHE B 63 7.50 3.82 24.69
C PHE B 63 8.59 3.37 25.65
N PRO B 64 8.70 2.07 25.89
CA PRO B 64 9.72 1.56 26.80
C PRO B 64 11.03 1.23 26.10
N ILE B 65 12.13 1.52 26.80
CA ILE B 65 13.45 1.01 26.46
C ILE B 65 14.03 0.33 27.68
N ARG B 66 14.83 -0.71 27.45
CA ARG B 66 15.57 -1.37 28.52
C ARG B 66 16.97 -0.78 28.56
N ARG B 67 17.34 -0.19 29.69
CA ARG B 67 18.61 0.52 29.79
C ARG B 67 19.78 -0.45 29.83
N ASP B 68 20.99 0.11 29.75
CA ASP B 68 22.19 -0.74 29.75
C ASP B 68 22.29 -1.56 31.02
N ASP B 69 21.83 -1.03 32.16
CA ASP B 69 21.86 -1.76 33.41
C ASP B 69 20.77 -2.81 33.52
N GLY B 70 19.84 -2.86 32.57
CA GLY B 70 18.80 -3.87 32.57
C GLY B 70 17.44 -3.38 33.04
N SER B 71 17.34 -2.18 33.59
CA SER B 71 16.02 -1.71 34.03
C SER B 71 15.21 -1.17 32.86
N TRP B 72 13.88 -1.25 33.01
CA TRP B 72 12.95 -0.71 32.03
C TRP B 72 12.66 0.75 32.37
N GLU B 73 12.63 1.61 31.35
CA GLU B 73 12.30 3.02 31.45
C GLU B 73 11.27 3.39 30.40
N VAL B 74 10.41 4.33 30.74
CA VAL B 74 9.39 4.83 29.84
C VAL B 74 9.83 6.19 29.32
N ILE B 75 9.96 6.31 27.99
CA ILE B 75 10.42 7.52 27.33
C ILE B 75 9.21 8.27 26.77
N GLU B 76 9.21 9.59 26.95
CA GLU B 76 8.12 10.44 26.47
C GLU B 76 8.59 11.27 25.28
N GLY B 77 7.71 11.35 24.26
CA GLY B 77 8.05 12.04 23.04
C GLY B 77 6.84 12.72 22.43
N TYR B 78 7.15 13.65 21.51
CA TYR B 78 6.16 14.52 20.90
C TYR B 78 6.62 14.92 19.50
N ARG B 79 5.67 15.01 18.57
CA ARG B 79 5.91 15.69 17.31
C ARG B 79 4.66 16.44 16.91
N ALA B 80 4.82 17.73 16.61
CA ALA B 80 3.73 18.59 16.17
C ALA B 80 3.93 18.93 14.70
N GLN B 81 2.86 18.84 13.93
CA GLN B 81 2.84 19.30 12.55
C GLN B 81 1.90 20.50 12.50
N HIS B 82 2.47 21.69 12.32
CA HIS B 82 1.70 22.90 12.48
C HIS B 82 0.80 23.19 11.28
N SER B 83 1.39 23.20 10.08
CA SER B 83 0.66 23.55 8.87
C SER B 83 1.02 22.60 7.75
N GLN B 84 0.05 22.37 6.85
CA GLN B 84 0.29 21.57 5.66
C GLN B 84 -0.07 22.33 4.38
N HIS B 85 -0.07 23.67 4.44
CA HIS B 85 -0.23 24.46 3.23
C HIS B 85 0.93 24.28 2.27
N ARG B 86 2.09 23.86 2.77
CA ARG B 86 3.16 23.30 1.98
C ARG B 86 3.54 21.95 2.56
N THR B 87 3.93 21.02 1.70
CA THR B 87 4.38 19.71 2.15
C THR B 87 5.71 19.39 1.51
N PRO B 88 6.58 18.65 2.22
CA PRO B 88 6.38 18.10 3.56
C PRO B 88 6.49 19.13 4.68
N CYS B 89 6.21 18.70 5.91
CA CYS B 89 6.52 19.50 7.08
C CYS B 89 8.01 19.39 7.38
N LYS B 90 8.55 20.40 8.04
CA LYS B 90 9.98 20.48 8.29
C LYS B 90 10.23 21.01 9.69
N GLY B 91 11.13 20.35 10.42
CA GLY B 91 11.49 20.82 11.75
C GLY B 91 12.36 19.87 12.53
N GLY B 92 13.09 20.42 13.52
CA GLY B 92 14.11 19.66 14.20
C GLY B 92 13.59 18.78 15.33
N ILE B 93 14.52 18.03 15.91
CA ILE B 93 14.25 17.14 17.04
C ILE B 93 15.09 17.59 18.21
N ARG B 94 14.44 17.90 19.34
CA ARG B 94 15.09 18.40 20.53
C ARG B 94 15.08 17.33 21.61
N TYR B 95 16.26 16.99 22.14
CA TYR B 95 16.38 16.10 23.30
C TYR B 95 16.64 16.97 24.53
N SER B 96 15.66 17.04 25.43
CA SER B 96 15.79 17.93 26.58
C SER B 96 14.69 17.60 27.58
N THR B 97 14.99 17.75 28.87
CA THR B 97 13.97 17.56 29.90
C THR B 97 12.99 18.72 29.98
N ASP B 98 13.25 19.84 29.31
CA ASP B 98 12.27 20.92 29.24
C ASP B 98 11.25 20.70 28.12
N VAL B 99 11.31 19.56 27.41
CA VAL B 99 10.40 19.33 26.29
C VAL B 99 8.98 19.15 26.82
N SER B 100 8.02 19.69 26.10
CA SER B 100 6.61 19.60 26.47
C SER B 100 5.78 19.83 25.23
N VAL B 101 4.49 19.49 25.32
CA VAL B 101 3.59 19.68 24.19
C VAL B 101 3.56 21.15 23.76
N ASP B 102 3.53 22.06 24.72
CA ASP B 102 3.42 23.48 24.40
C ASP B 102 4.71 23.99 23.76
N GLU B 103 5.86 23.56 24.29
CA GLU B 103 7.13 23.97 23.69
C GLU B 103 7.22 23.50 22.25
N VAL B 104 6.82 22.24 22.00
CA VAL B 104 6.92 21.67 20.66
C VAL B 104 5.94 22.34 19.71
N LYS B 105 4.71 22.59 20.17
CA LYS B 105 3.74 23.31 19.33
C LYS B 105 4.24 24.71 19.00
N ALA B 106 4.87 25.38 19.97
CA ALA B 106 5.36 26.74 19.74
C ALA B 106 6.45 26.75 18.67
N LEU B 107 7.41 25.82 18.77
CA LEU B 107 8.49 25.78 17.79
C LEU B 107 7.99 25.32 16.43
N ALA B 108 6.97 24.47 16.40
CA ALA B 108 6.41 24.04 15.12
C ALA B 108 5.81 25.21 14.36
N SER B 109 5.11 26.11 15.06
CA SER B 109 4.54 27.27 14.40
C SER B 109 5.63 28.23 13.95
N LEU B 110 6.68 28.39 14.75
CA LEU B 110 7.82 29.21 14.33
C LEU B 110 8.42 28.68 13.03
N MET B 111 8.45 27.36 12.86
CA MET B 111 8.99 26.78 11.63
C MET B 111 8.15 27.18 10.42
N THR B 112 6.82 27.18 10.56
CA THR B 112 5.95 27.58 9.46
C THR B 112 6.27 29.00 9.00
N TYR B 113 6.27 29.95 9.94
CA TYR B 113 6.50 31.34 9.59
C TYR B 113 7.92 31.59 9.11
N LYS B 114 8.89 30.96 9.77
CA LYS B 114 10.28 31.04 9.34
C LYS B 114 10.45 30.59 7.89
N CYS B 115 9.87 29.44 7.55
CA CYS B 115 9.99 28.93 6.19
C CYS B 115 9.33 29.86 5.18
N ALA B 116 8.21 30.49 5.56
CA ALA B 116 7.57 31.46 4.67
C ALA B 116 8.45 32.69 4.48
N VAL B 117 9.18 33.10 5.51
CA VAL B 117 10.02 34.30 5.41
C VAL B 117 11.12 34.12 4.38
N VAL B 118 11.76 32.96 4.34
CA VAL B 118 12.86 32.71 3.40
C VAL B 118 12.40 31.95 2.16
N ASP B 119 11.09 31.86 1.92
CA ASP B 119 10.54 31.27 0.70
C ASP B 119 10.97 29.81 0.53
N VAL B 120 10.98 29.07 1.63
CA VAL B 120 11.30 27.65 1.61
C VAL B 120 9.98 26.87 1.66
N PRO B 121 9.70 26.00 0.68
CA PRO B 121 8.35 25.44 0.50
C PRO B 121 8.04 24.28 1.44
N PHE B 122 8.12 24.54 2.75
CA PHE B 122 7.80 23.55 3.77
C PHE B 122 6.78 24.13 4.75
N GLY B 123 5.88 23.28 5.22
CA GLY B 123 5.15 23.58 6.43
C GLY B 123 5.98 23.30 7.68
N GLY B 124 5.52 23.82 8.81
CA GLY B 124 6.30 23.76 10.03
C GLY B 124 5.99 22.55 10.88
N ALA B 125 7.03 22.03 11.53
CA ALA B 125 6.89 20.90 12.44
C ALA B 125 8.04 20.94 13.45
N LYS B 126 7.87 20.18 14.53
CA LYS B 126 8.92 20.08 15.56
C LYS B 126 8.69 18.84 16.40
N ALA B 127 9.79 18.30 16.93
CA ALA B 127 9.72 17.12 17.78
C ALA B 127 10.56 17.32 19.02
N GLY B 128 10.19 16.60 20.07
CA GLY B 128 10.94 16.63 21.32
C GLY B 128 10.88 15.30 22.05
N VAL B 129 12.01 14.88 22.62
CA VAL B 129 12.09 13.70 23.47
C VAL B 129 12.57 14.16 24.84
N LYS B 130 11.78 13.83 25.88
CA LYS B 130 11.99 14.42 27.19
C LYS B 130 13.00 13.57 27.97
N ILE B 131 14.27 13.76 27.62
CA ILE B 131 15.40 13.14 28.31
C ILE B 131 16.55 14.14 28.36
N ASN B 132 17.46 13.91 29.31
CA ASN B 132 18.74 14.61 29.31
C ASN B 132 19.78 13.68 28.70
N PRO B 133 20.30 13.97 27.51
CA PRO B 133 21.20 13.02 26.86
C PRO B 133 22.50 12.76 27.61
N LYS B 134 22.97 13.66 28.49
CA LYS B 134 24.18 13.34 29.23
C LYS B 134 23.92 12.48 30.47
N ASN B 135 22.78 11.79 30.54
CA ASN B 135 22.55 10.71 31.49
C ASN B 135 22.40 9.36 30.81
N TYR B 136 22.75 9.26 29.53
CA TYR B 136 22.53 8.03 28.78
C TYR B 136 23.79 7.63 28.02
N THR B 137 24.00 6.32 27.88
CA THR B 137 25.14 5.88 27.09
C THR B 137 24.83 6.11 25.61
N ASP B 138 25.87 6.04 24.79
CA ASP B 138 25.66 6.10 23.36
C ASP B 138 24.71 4.99 22.89
N ASN B 139 24.86 3.79 23.46
CA ASN B 139 24.02 2.68 23.05
C ASN B 139 22.57 2.94 23.40
N GLU B 140 22.31 3.58 24.54
CA GLU B 140 20.95 3.90 24.92
C GLU B 140 20.37 4.99 24.03
N LEU B 141 21.17 5.98 23.67
CA LEU B 141 20.67 7.06 22.81
C LEU B 141 20.33 6.53 21.42
N GLU B 142 21.10 5.57 20.92
CA GLU B 142 20.77 4.93 19.65
C GLU B 142 19.44 4.18 19.74
N LYS B 143 19.26 3.43 20.84
CA LYS B 143 18.02 2.70 21.05
C LYS B 143 16.81 3.63 21.09
N ILE B 144 16.95 4.75 21.80
CA ILE B 144 15.85 5.71 21.93
C ILE B 144 15.54 6.35 20.58
N THR B 145 16.58 6.75 19.84
CA THR B 145 16.36 7.39 18.55
C THR B 145 15.72 6.45 17.54
N ARG B 146 16.22 5.22 17.44
CA ARG B 146 15.67 4.28 16.46
C ARG B 146 14.23 3.93 16.77
N ARG B 147 13.90 3.77 18.05
CA ARG B 147 12.54 3.42 18.42
C ARG B 147 11.59 4.59 18.22
N PHE B 148 12.05 5.80 18.58
CA PHE B 148 11.26 7.00 18.32
C PHE B 148 10.93 7.13 16.84
N THR B 149 11.89 6.81 15.97
CA THR B 149 11.67 6.88 14.53
C THR B 149 10.54 5.94 14.10
N MET B 150 10.53 4.71 14.63
CA MET B 150 9.53 3.74 14.22
C MET B 150 8.15 4.13 14.73
N GLU B 151 8.08 4.68 15.94
CA GLU B 151 6.79 5.08 16.47
C GLU B 151 6.23 6.26 15.67
N LEU B 152 7.09 7.20 15.27
CA LEU B 152 6.63 8.28 14.40
C LEU B 152 6.20 7.76 13.03
N ALA B 153 7.00 6.84 12.46
CA ALA B 153 6.72 6.34 11.12
C ALA B 153 5.39 5.59 11.07
N LYS B 154 5.07 4.82 12.11
CA LYS B 154 3.86 4.03 12.13
C LYS B 154 2.61 4.91 12.01
N LYS B 155 2.67 6.15 12.48
CA LYS B 155 1.52 7.02 12.53
C LYS B 155 1.60 8.17 11.53
N GLY B 156 2.54 8.14 10.60
CA GLY B 156 2.62 9.16 9.57
C GLY B 156 3.22 10.47 10.02
N PHE B 157 4.18 10.44 10.95
CA PHE B 157 4.82 11.66 11.42
C PHE B 157 6.29 11.74 11.04
N ILE B 158 6.74 10.89 10.12
CA ILE B 158 8.02 11.06 9.44
C ILE B 158 7.94 10.38 8.09
N GLY B 159 8.55 10.99 7.09
CA GLY B 159 8.53 10.48 5.74
C GLY B 159 8.91 11.56 4.76
N PRO B 160 9.54 11.17 3.64
CA PRO B 160 10.00 12.20 2.69
C PRO B 160 8.89 13.08 2.15
N GLY B 161 7.63 12.62 2.20
CA GLY B 161 6.53 13.38 1.64
C GLY B 161 5.57 13.98 2.64
N VAL B 162 5.77 13.75 3.93
CA VAL B 162 4.94 14.33 4.99
C VAL B 162 5.72 15.14 6.00
N ASP B 163 6.88 14.65 6.45
CA ASP B 163 7.50 15.30 7.62
C ASP B 163 8.96 14.89 7.64
N VAL B 164 9.86 15.87 7.56
CA VAL B 164 11.29 15.64 7.42
C VAL B 164 11.99 16.28 8.60
N PRO B 165 12.40 15.49 9.60
CA PRO B 165 13.08 16.07 10.77
C PRO B 165 14.50 16.55 10.48
N ALA B 166 15.20 16.96 11.53
CA ALA B 166 16.50 17.62 11.47
C ALA B 166 17.03 17.81 12.88
N PRO B 167 18.29 18.20 13.06
CA PRO B 167 18.82 18.37 14.42
C PRO B 167 18.34 19.65 15.09
N ASP B 168 18.40 19.64 16.42
CA ASP B 168 18.12 20.80 17.27
C ASP B 168 18.98 20.68 18.52
N MET B 169 18.46 21.11 19.67
CA MET B 169 19.25 21.05 20.90
C MET B 169 19.55 19.61 21.29
N SER B 170 20.84 19.30 21.41
CA SER B 170 21.36 18.02 21.89
C SER B 170 21.18 16.88 20.90
N THR B 171 20.93 17.18 19.63
CA THR B 171 20.99 16.21 18.57
C THR B 171 21.80 16.77 17.42
N GLY B 172 22.44 15.88 16.67
CA GLY B 172 23.17 16.28 15.51
C GLY B 172 23.27 15.17 14.49
N GLU B 173 24.28 15.30 13.63
CA GLU B 173 24.65 14.33 12.61
C GLU B 173 24.41 12.88 13.04
N ARG B 174 24.83 12.56 14.26
CA ARG B 174 24.78 11.18 14.75
C ARG B 174 23.34 10.67 14.84
N GLU B 175 22.47 11.41 15.52
CA GLU B 175 21.07 11.01 15.63
C GLU B 175 20.39 10.95 14.27
N MET B 176 20.66 11.95 13.41
CA MET B 176 20.06 11.96 12.09
C MET B 176 20.46 10.73 11.28
N SER B 177 21.72 10.28 11.44
CA SER B 177 22.15 9.06 10.78
C SER B 177 21.34 7.86 11.27
N TRP B 178 21.10 7.79 12.57
CA TRP B 178 20.28 6.71 13.10
C TRP B 178 18.87 6.77 12.54
N ILE B 179 18.25 7.96 12.52
CA ILE B 179 16.90 8.10 12.01
C ILE B 179 16.81 7.63 10.57
N ALA B 180 17.70 8.13 9.72
CA ALA B 180 17.65 7.79 8.31
C ALA B 180 17.86 6.30 8.09
N ASP B 181 18.72 5.67 8.90
CA ASP B 181 19.03 4.26 8.68
C ASP B 181 17.84 3.36 9.03
N THR B 182 17.17 3.61 10.16
CA THR B 182 16.03 2.74 10.46
C THR B 182 14.81 3.06 9.61
N TYR B 183 14.64 4.31 9.17
CA TYR B 183 13.56 4.57 8.21
C TYR B 183 13.79 3.82 6.91
N ALA B 184 14.98 3.95 6.34
CA ALA B 184 15.25 3.37 5.03
C ALA B 184 15.29 1.85 5.07
N SER B 185 15.64 1.27 6.21
CA SER B 185 15.74 -0.18 6.33
C SER B 185 14.41 -0.85 6.61
N THR B 186 13.38 -0.10 6.98
CA THR B 186 12.09 -0.68 7.28
C THR B 186 11.03 -0.10 6.33
N ILE B 187 10.32 0.97 6.72
CA ILE B 187 9.09 1.19 5.97
C ILE B 187 9.46 1.96 4.67
N GLY B 188 10.68 2.47 4.59
CA GLY B 188 11.16 3.08 3.37
C GLY B 188 11.93 2.20 2.41
N HIS B 189 11.90 0.88 2.59
CA HIS B 189 12.77 -0.03 1.85
C HIS B 189 12.50 0.01 0.35
N TYR B 190 11.28 0.36 -0.06
CA TYR B 190 10.91 0.40 -1.47
C TYR B 190 10.79 1.82 -2.01
N ASP B 191 11.02 2.82 -1.17
CA ASP B 191 10.85 4.22 -1.53
C ASP B 191 12.14 4.77 -2.13
N ILE B 192 12.05 5.24 -3.37
CA ILE B 192 13.22 5.80 -4.05
C ILE B 192 13.79 7.01 -3.32
N ASN B 193 12.98 7.67 -2.48
CA ASN B 193 13.42 8.86 -1.76
C ASN B 193 13.58 8.63 -0.27
N ALA B 194 13.84 7.39 0.13
CA ALA B 194 13.84 7.03 1.55
C ALA B 194 14.81 7.87 2.36
N HIS B 195 15.97 8.21 1.81
CA HIS B 195 16.96 8.94 2.57
CA HIS B 195 16.97 8.93 2.57
C HIS B 195 16.70 10.43 2.63
N ALA B 196 15.68 10.91 1.94
CA ALA B 196 15.25 12.27 2.13
C ALA B 196 14.27 12.41 3.29
N CYS B 197 14.13 11.36 4.10
CA CYS B 197 13.22 11.40 5.24
C CYS B 197 13.70 12.30 6.37
N VAL B 198 14.97 12.69 6.35
CA VAL B 198 15.57 13.50 7.41
C VAL B 198 16.74 14.25 6.81
N THR B 199 17.03 15.42 7.37
CA THR B 199 18.18 16.22 6.94
C THR B 199 19.13 16.41 8.10
N GLY B 200 20.26 17.04 7.81
CA GLY B 200 21.35 17.08 8.77
C GLY B 200 22.12 15.78 8.86
N LYS B 201 22.04 14.94 7.83
CA LYS B 201 22.75 13.67 7.81
C LYS B 201 24.24 13.91 7.66
N PRO B 202 25.07 12.94 8.04
CA PRO B 202 26.48 13.00 7.66
C PRO B 202 26.62 12.95 6.14
N ILE B 203 27.76 13.45 5.66
CA ILE B 203 27.98 13.49 4.21
C ILE B 203 27.92 12.09 3.61
N SER B 204 28.51 11.12 4.30
CA SER B 204 28.56 9.75 3.80
C SER B 204 27.19 9.14 3.63
N GLN B 205 26.14 9.76 4.17
CA GLN B 205 24.81 9.17 4.16
C GLN B 205 23.78 10.09 3.51
N GLY B 206 24.24 11.00 2.65
CA GLY B 206 23.36 11.90 1.95
C GLY B 206 23.34 13.31 2.49
N GLY B 207 24.14 13.63 3.49
CA GLY B 207 24.23 14.98 3.97
C GLY B 207 24.82 15.91 2.94
N ILE B 208 24.75 17.21 3.23
CA ILE B 208 25.22 18.23 2.31
C ILE B 208 26.33 19.03 2.96
N HIS B 209 27.26 19.51 2.13
CA HIS B 209 28.35 20.34 2.60
C HIS B 209 27.84 21.53 3.41
N GLY B 210 28.34 21.66 4.62
CA GLY B 210 28.12 22.84 5.42
C GLY B 210 26.82 22.89 6.20
N ARG B 211 26.09 21.77 6.32
CA ARG B 211 24.84 21.81 7.06
C ARG B 211 25.07 22.11 8.54
N ILE B 212 26.12 21.53 9.14
CA ILE B 212 26.37 21.74 10.57
C ILE B 212 26.57 23.22 10.87
N SER B 213 27.33 23.91 10.04
CA SER B 213 27.64 25.32 10.25
C SER B 213 26.66 26.26 9.55
N ALA B 214 25.64 25.71 8.88
CA ALA B 214 24.79 26.52 8.01
C ALA B 214 24.06 27.61 8.79
N THR B 215 23.50 27.27 9.95
CA THR B 215 22.71 28.26 10.67
C THR B 215 23.59 29.33 11.30
N GLY B 216 24.82 28.98 11.69
CA GLY B 216 25.78 30.01 12.05
C GLY B 216 26.16 30.90 10.87
N ARG B 217 26.38 30.29 9.70
CA ARG B 217 26.69 31.07 8.50
C ARG B 217 25.56 32.02 8.16
N GLY B 218 24.32 31.59 8.34
CA GLY B 218 23.19 32.47 8.07
C GLY B 218 23.04 33.58 9.09
N VAL B 219 23.43 33.32 10.35
CA VAL B 219 23.42 34.37 11.35
C VAL B 219 24.37 35.49 10.95
N PHE B 220 25.55 35.13 10.43
CA PHE B 220 26.48 36.14 9.93
C PHE B 220 25.85 36.96 8.81
N HIS B 221 25.29 36.27 7.81
CA HIS B 221 24.70 36.98 6.67
C HIS B 221 23.54 37.86 7.08
N GLY B 222 22.75 37.42 8.07
CA GLY B 222 21.64 38.24 8.51
C GLY B 222 22.10 39.51 9.21
N ILE B 223 23.07 39.38 10.11
CA ILE B 223 23.66 40.55 10.74
C ILE B 223 24.27 41.48 9.69
N GLU B 224 25.05 40.91 8.77
CA GLU B 224 25.78 41.73 7.81
C GLU B 224 24.83 42.60 6.98
N ASN B 225 23.70 42.04 6.58
CA ASN B 225 22.72 42.76 5.78
C ASN B 225 22.18 43.99 6.50
N PHE B 226 22.07 43.92 7.82
CA PHE B 226 21.58 45.05 8.59
C PHE B 226 22.69 45.94 9.13
N ILE B 227 23.81 45.35 9.53
CA ILE B 227 24.95 46.13 10.03
C ILE B 227 25.59 46.99 8.96
N ASN B 228 25.22 46.77 7.68
CA ASN B 228 25.72 47.54 6.54
C ASN B 228 24.67 48.48 5.96
N GLU B 229 23.49 48.62 6.61
CA GLU B 229 22.54 49.64 6.19
C GLU B 229 22.68 50.85 7.08
N ALA B 230 23.15 51.94 6.48
CA ALA B 230 23.45 53.15 7.23
C ALA B 230 22.20 53.70 7.89
N SER B 231 21.02 53.50 7.27
CA SER B 231 19.80 54.04 7.85
C SER B 231 19.50 53.41 9.21
N TYR B 232 19.72 52.10 9.33
CA TYR B 232 19.49 51.45 10.61
C TYR B 232 20.63 51.72 11.60
N MET B 233 21.86 51.87 11.11
CA MET B 233 22.98 52.14 12.00
C MET B 233 22.97 53.58 12.52
N SER B 234 22.33 54.50 11.79
CA SER B 234 22.14 55.85 12.30
C SER B 234 21.28 55.83 13.55
N ILE B 235 20.09 55.24 13.44
CA ILE B 235 19.14 55.16 14.54
C ILE B 235 19.79 54.52 15.77
N LEU B 236 20.79 53.66 15.56
CA LEU B 236 21.49 53.04 16.65
C LEU B 236 22.69 53.85 17.13
N GLY B 237 23.08 54.88 16.39
CA GLY B 237 24.29 55.60 16.73
C GLY B 237 25.49 54.70 16.63
N MET B 238 25.81 54.32 15.39
CA MET B 238 26.77 53.25 15.17
C MET B 238 27.31 53.31 13.75
N THR B 239 28.54 52.88 13.61
CA THR B 239 29.31 52.84 12.37
C THR B 239 29.05 51.55 11.59
N PRO B 240 28.72 51.65 10.30
CA PRO B 240 28.54 50.44 9.48
C PRO B 240 29.80 49.60 9.43
N GLY B 241 29.61 48.30 9.24
CA GLY B 241 30.70 47.36 9.10
C GLY B 241 30.93 46.53 10.35
N PHE B 242 31.80 45.53 10.20
CA PHE B 242 32.16 44.63 11.29
C PHE B 242 33.49 44.97 11.95
N GLY B 243 34.43 45.58 11.21
CA GLY B 243 35.82 45.68 11.63
C GLY B 243 36.14 46.22 13.00
N ASP B 244 35.15 46.72 13.68
CA ASP B 244 35.27 47.60 14.85
C ASP B 244 34.36 47.16 16.01
N LYS B 245 33.64 46.01 15.86
CA LYS B 245 32.54 45.69 16.79
C LYS B 245 32.88 44.50 17.66
N THR B 246 32.20 44.46 18.79
CA THR B 246 32.28 43.41 19.79
C THR B 246 30.95 42.66 19.85
N PHE B 247 31.03 41.40 20.25
CA PHE B 247 29.81 40.64 20.45
C PHE B 247 30.02 39.59 21.53
N ALA B 248 28.90 39.18 22.11
CA ALA B 248 28.87 38.10 23.10
C ALA B 248 27.87 37.05 22.65
N VAL B 249 28.14 35.83 23.07
CA VAL B 249 27.47 34.62 22.58
C VAL B 249 26.97 33.82 23.78
N GLN B 250 25.65 33.69 23.90
CA GLN B 250 25.06 32.83 24.92
C GLN B 250 24.79 31.47 24.29
N GLY B 251 25.57 30.47 24.69
CA GLY B 251 25.44 29.15 24.11
C GLY B 251 26.54 28.86 23.11
N PHE B 252 27.33 27.82 23.38
CA PHE B 252 28.47 27.46 22.55
C PHE B 252 28.24 26.13 21.86
N GLY B 253 27.03 25.94 21.35
CA GLY B 253 26.66 24.73 20.59
C GLY B 253 26.86 24.92 19.11
N ASN B 254 26.01 24.26 18.33
CA ASN B 254 26.16 24.26 16.87
C ASN B 254 25.88 25.66 16.31
N VAL B 255 24.90 26.38 16.87
CA VAL B 255 24.61 27.74 16.40
C VAL B 255 25.62 28.73 16.96
N GLY B 256 25.92 28.64 18.27
CA GLY B 256 26.79 29.63 18.88
C GLY B 256 28.21 29.58 18.36
N LEU B 257 28.79 28.38 18.29
CA LEU B 257 30.18 28.25 17.87
C LEU B 257 30.39 28.82 16.47
N HIS B 258 29.51 28.46 15.53
CA HIS B 258 29.75 28.82 14.14
C HIS B 258 29.40 30.27 13.86
N SER B 259 28.42 30.83 14.56
CA SER B 259 28.24 32.27 14.53
C SER B 259 29.52 32.98 14.93
N MET B 260 30.19 32.45 15.96
CA MET B 260 31.43 33.08 16.43
C MET B 260 32.54 32.94 15.40
N ARG B 261 32.67 31.76 14.75
CA ARG B 261 33.70 31.59 13.73
C ARG B 261 33.56 32.60 12.59
N TYR B 262 32.36 32.78 12.08
CA TYR B 262 32.20 33.63 10.91
C TYR B 262 32.30 35.11 11.24
N LEU B 263 31.76 35.53 12.39
CA LEU B 263 31.93 36.91 12.82
C LEU B 263 33.39 37.23 13.09
N HIS B 264 34.08 36.32 13.79
CA HIS B 264 35.51 36.51 14.00
C HIS B 264 36.27 36.63 12.69
N ARG B 265 35.84 35.87 11.68
CA ARG B 265 36.58 35.85 10.40
C ARG B 265 36.52 37.19 9.70
N PHE B 266 35.46 37.96 9.91
CA PHE B 266 35.27 39.25 9.25
C PHE B 266 35.49 40.44 10.18
N GLY B 267 36.30 40.25 11.23
CA GLY B 267 36.84 41.36 11.98
C GLY B 267 36.10 41.73 13.25
N ALA B 268 35.03 41.03 13.59
CA ALA B 268 34.41 41.28 14.88
C ALA B 268 35.20 40.59 15.99
N LYS B 269 34.99 41.05 17.22
CA LYS B 269 35.73 40.58 18.38
C LYS B 269 34.75 39.94 19.36
N CYS B 270 34.99 38.68 19.71
CA CYS B 270 34.15 37.98 20.69
C CYS B 270 34.68 38.25 22.09
N VAL B 271 33.82 38.80 22.95
CA VAL B 271 34.27 39.35 24.22
C VAL B 271 33.89 38.37 25.31
N ALA B 272 32.75 37.70 25.14
CA ALA B 272 32.17 36.87 26.17
C ALA B 272 31.46 35.68 25.55
N VAL B 273 31.57 34.54 26.22
CA VAL B 273 30.91 33.30 25.82
C VAL B 273 30.29 32.69 27.05
N GLY B 274 28.97 32.53 27.04
CA GLY B 274 28.23 31.96 28.15
C GLY B 274 27.72 30.58 27.82
N GLU B 275 27.60 29.76 28.86
CA GLU B 275 27.29 28.33 28.80
C GLU B 275 26.36 27.96 29.94
N SER B 276 25.96 26.68 29.93
CA SER B 276 25.07 26.16 30.96
C SER B 276 25.69 26.17 32.35
N ASP B 277 27.02 26.16 32.46
CA ASP B 277 27.68 26.13 33.77
C ASP B 277 28.28 27.46 34.19
N GLY B 278 28.49 28.37 33.25
CA GLY B 278 29.11 29.65 33.57
C GLY B 278 29.53 30.35 32.30
N SER B 279 30.11 31.53 32.48
CA SER B 279 30.57 32.36 31.38
C SER B 279 32.06 32.63 31.50
N ILE B 280 32.65 33.09 30.39
CA ILE B 280 34.03 33.54 30.35
C ILE B 280 34.08 34.86 29.59
N TRP B 281 35.10 35.67 29.89
CA TRP B 281 35.12 37.05 29.43
C TRP B 281 36.56 37.50 29.22
N ASN B 282 36.73 38.35 28.21
CA ASN B 282 38.03 38.89 27.81
C ASN B 282 37.79 40.04 26.83
N PRO B 283 37.99 41.29 27.26
CA PRO B 283 37.71 42.43 26.37
C PRO B 283 38.70 42.54 25.22
N ASP B 284 39.76 41.74 25.21
CA ASP B 284 40.71 41.71 24.11
C ASP B 284 40.32 40.75 23.01
N GLY B 285 39.35 39.87 23.27
CA GLY B 285 38.91 38.94 22.26
C GLY B 285 39.18 37.49 22.60
N ILE B 286 38.24 36.63 22.22
CA ILE B 286 38.38 35.18 22.36
C ILE B 286 38.51 34.54 20.99
N ASP B 287 39.41 33.59 20.88
CA ASP B 287 39.55 33.03 19.55
C ASP B 287 38.74 31.73 19.46
N PRO B 288 37.87 31.61 18.45
CA PRO B 288 36.96 30.46 18.40
C PRO B 288 37.66 29.13 18.24
N LYS B 289 38.81 29.09 17.56
CA LYS B 289 39.46 27.79 17.35
C LYS B 289 40.12 27.28 18.62
N GLU B 290 40.67 28.19 19.45
CA GLU B 290 41.27 27.77 20.70
C GLU B 290 40.17 27.39 21.70
N LEU B 291 39.07 28.14 21.69
CA LEU B 291 37.97 27.85 22.60
C LEU B 291 37.32 26.51 22.29
N GLU B 292 37.08 26.23 21.01
CA GLU B 292 36.47 24.95 20.66
C GLU B 292 37.44 23.81 20.97
N ASP B 293 38.73 24.00 20.71
CA ASP B 293 39.72 22.96 21.02
C ASP B 293 39.77 22.69 22.53
N PHE B 294 39.68 23.75 23.35
CA PHE B 294 39.60 23.58 24.79
C PHE B 294 38.31 22.85 25.19
N LYS B 295 37.18 23.27 24.62
CA LYS B 295 35.88 22.65 24.89
C LYS B 295 35.88 21.17 24.54
N LEU B 296 36.45 20.81 23.38
CA LEU B 296 36.51 19.42 22.98
C LEU B 296 37.34 18.60 23.94
N GLN B 297 38.37 19.20 24.52
CA GLN B 297 39.32 18.50 25.38
C GLN B 297 38.77 18.31 26.79
N HIS B 298 38.10 19.32 27.32
CA HIS B 298 37.71 19.33 28.72
C HIS B 298 36.20 19.23 28.95
N GLY B 299 35.40 19.24 27.88
CA GLY B 299 33.96 19.16 28.04
C GLY B 299 33.31 20.36 28.69
N THR B 300 34.03 21.48 28.77
CA THR B 300 33.55 22.69 29.40
C THR B 300 34.30 23.91 28.90
N ILE B 301 33.67 25.07 29.12
CA ILE B 301 34.25 26.35 28.78
C ILE B 301 35.06 26.91 29.93
N LEU B 302 34.69 26.57 31.16
CA LEU B 302 35.34 27.16 32.33
C LEU B 302 36.78 26.71 32.42
N GLY B 303 37.61 27.62 32.91
CA GLY B 303 39.02 27.37 33.00
C GLY B 303 39.78 27.59 31.72
N PHE B 304 39.14 28.18 30.72
CA PHE B 304 39.84 28.50 29.48
C PHE B 304 41.01 29.43 29.80
N PRO B 305 42.24 29.06 29.41
CA PRO B 305 43.41 29.82 29.89
C PRO B 305 43.41 31.31 29.52
N LYS B 306 42.91 31.70 28.35
CA LYS B 306 43.06 33.08 27.89
C LYS B 306 41.78 33.89 28.08
N ALA B 307 41.01 33.59 29.10
CA ALA B 307 39.92 34.48 29.50
C ALA B 307 39.67 34.21 30.97
N LYS B 308 38.77 35.00 31.54
CA LYS B 308 38.52 34.97 32.96
C LYS B 308 37.12 34.46 33.19
N ILE B 309 36.95 33.76 34.31
CA ILE B 309 35.62 33.27 34.68
C ILE B 309 34.76 34.45 35.11
N TYR B 310 33.81 34.81 34.25
CA TYR B 310 32.96 35.97 34.45
C TYR B 310 31.71 35.55 35.24
N GLU B 311 31.41 36.28 36.30
CA GLU B 311 30.21 36.10 37.10
C GLU B 311 29.22 37.20 36.75
N GLY B 312 27.94 36.89 36.87
CA GLY B 312 26.89 37.77 36.37
C GLY B 312 26.51 37.44 34.93
N SER B 313 25.31 37.87 34.55
CA SER B 313 24.66 37.35 33.36
C SER B 313 25.43 37.66 32.09
N ILE B 314 25.64 36.63 31.27
CA ILE B 314 26.20 36.80 29.93
C ILE B 314 25.37 37.79 29.11
N LEU B 315 24.06 37.82 29.35
CA LEU B 315 23.17 38.67 28.56
C LEU B 315 23.39 40.15 28.85
N GLU B 316 24.05 40.46 29.95
CA GLU B 316 24.29 41.81 30.39
C GLU B 316 25.71 42.30 30.12
N VAL B 317 26.56 41.46 29.51
CA VAL B 317 27.93 41.83 29.25
C VAL B 317 27.89 43.03 28.33
N ASP B 318 28.94 43.84 28.35
CA ASP B 318 28.86 45.07 27.56
C ASP B 318 29.53 44.74 26.21
N CYS B 319 28.86 45.07 25.12
CA CYS B 319 29.23 44.66 23.79
C CYS B 319 28.30 45.39 22.83
N ASP B 320 28.59 45.27 21.53
CA ASP B 320 27.71 45.87 20.53
C ASP B 320 26.58 44.91 20.15
N ILE B 321 26.89 43.61 20.01
CA ILE B 321 25.96 42.62 19.46
C ILE B 321 25.83 41.48 20.46
N LEU B 322 24.60 41.21 20.91
CA LEU B 322 24.34 40.07 21.77
C LEU B 322 23.68 38.97 20.95
N ILE B 323 24.27 37.78 20.99
CA ILE B 323 23.75 36.64 20.24
C ILE B 323 23.25 35.57 21.20
N PRO B 324 21.98 35.60 21.60
CA PRO B 324 21.42 34.48 22.38
C PRO B 324 21.27 33.25 21.48
N ALA B 325 22.02 32.19 21.79
CA ALA B 325 22.06 30.99 20.97
C ALA B 325 21.86 29.74 21.83
N ALA B 326 21.04 29.83 22.87
CA ALA B 326 20.79 28.70 23.76
C ALA B 326 19.31 28.40 23.69
N SER B 327 18.60 28.42 24.82
CA SER B 327 17.19 28.07 24.75
C SER B 327 16.37 29.35 24.68
N GLU B 328 15.08 29.25 24.99
CA GLU B 328 14.13 30.32 24.74
C GLU B 328 13.82 31.09 26.02
N LYS B 329 13.23 32.27 25.83
CA LYS B 329 12.76 33.13 26.93
C LYS B 329 13.90 33.44 27.90
N GLN B 330 15.00 33.97 27.35
CA GLN B 330 16.16 34.39 28.11
C GLN B 330 16.17 35.88 28.39
N LEU B 331 15.60 36.68 27.50
CA LEU B 331 15.45 38.11 27.72
C LEU B 331 14.00 38.38 28.10
N THR B 332 13.80 38.96 29.28
CA THR B 332 12.49 39.12 29.89
C THR B 332 12.30 40.57 30.33
N LYS B 333 11.15 40.84 30.94
CA LYS B 333 10.91 42.14 31.55
C LYS B 333 12.06 42.49 32.50
N SER B 334 12.48 41.52 33.30
CA SER B 334 13.50 41.73 34.34
C SER B 334 14.80 42.28 33.79
N ASN B 335 15.53 41.51 32.99
CA ASN B 335 16.88 41.91 32.61
C ASN B 335 16.95 42.71 31.32
N ALA B 336 15.84 42.90 30.61
CA ALA B 336 15.87 43.74 29.42
C ALA B 336 16.40 45.15 29.65
N PRO B 337 16.11 45.83 30.77
CA PRO B 337 16.67 47.17 30.97
C PRO B 337 18.19 47.22 31.17
N ARG B 338 18.88 46.09 31.32
CA ARG B 338 20.31 46.08 31.64
C ARG B 338 21.16 45.46 30.54
N VAL B 339 20.68 45.52 29.29
CA VAL B 339 21.23 44.66 28.25
C VAL B 339 22.55 45.19 27.68
N LYS B 340 22.65 46.51 27.48
CA LYS B 340 23.89 47.21 27.13
C LYS B 340 24.32 47.04 25.68
N ALA B 341 23.76 46.07 24.97
CA ALA B 341 24.06 45.91 23.56
C ALA B 341 23.05 46.68 22.71
N LYS B 342 23.50 47.06 21.52
CA LYS B 342 22.66 47.83 20.59
C LYS B 342 21.96 46.96 19.55
N ILE B 343 22.46 45.75 19.31
CA ILE B 343 21.85 44.81 18.36
C ILE B 343 21.71 43.47 19.06
N ILE B 344 20.52 42.91 19.06
CA ILE B 344 20.26 41.58 19.58
C ILE B 344 19.92 40.69 18.40
N ALA B 345 20.79 39.73 18.10
CA ALA B 345 20.66 38.82 16.98
C ALA B 345 20.24 37.47 17.52
N GLU B 346 18.95 37.15 17.40
CA GLU B 346 18.42 35.90 17.92
C GLU B 346 18.86 34.74 17.04
N GLY B 347 19.88 34.01 17.47
CA GLY B 347 20.21 32.76 16.82
C GLY B 347 19.30 31.64 17.30
N ALA B 348 18.92 31.70 18.57
CA ALA B 348 18.02 30.71 19.14
C ALA B 348 16.57 31.01 18.76
N ASN B 349 15.71 30.03 19.01
CA ASN B 349 14.28 30.16 18.75
C ASN B 349 13.59 30.75 19.96
N GLY B 350 12.93 31.89 19.77
CA GLY B 350 12.16 32.56 20.81
C GLY B 350 12.90 32.95 22.08
N PRO B 351 14.08 33.58 21.96
CA PRO B 351 14.82 33.97 23.18
C PRO B 351 14.30 35.23 23.86
N THR B 352 13.37 35.97 23.26
CA THR B 352 12.93 37.26 23.76
C THR B 352 11.42 37.24 23.99
N THR B 353 10.98 37.56 25.21
CA THR B 353 9.56 37.70 25.48
C THR B 353 8.99 38.96 24.84
N PRO B 354 7.67 39.02 24.66
CA PRO B 354 7.06 40.27 24.15
C PRO B 354 7.24 41.50 25.05
N GLU B 355 7.18 41.38 26.39
CA GLU B 355 7.63 42.46 27.27
C GLU B 355 9.04 42.96 27.00
N ALA B 356 9.99 42.05 26.87
CA ALA B 356 11.35 42.47 26.59
C ALA B 356 11.40 43.17 25.23
N ASP B 357 10.54 42.78 24.29
CA ASP B 357 10.60 43.46 23.02
C ASP B 357 10.10 44.90 23.16
N LYS B 358 9.04 45.09 23.94
CA LYS B 358 8.59 46.42 24.33
C LYS B 358 9.74 47.32 24.77
N ILE B 359 10.48 46.86 25.79
CA ILE B 359 11.56 47.64 26.38
C ILE B 359 12.64 47.95 25.34
N PHE B 360 13.01 46.93 24.55
CA PHE B 360 14.06 47.14 23.55
C PHE B 360 13.66 48.19 22.52
N LEU B 361 12.37 48.21 22.15
CA LEU B 361 11.87 49.23 21.24
C LEU B 361 12.04 50.64 21.83
N GLU B 362 11.63 50.82 23.07
CA GLU B 362 11.70 52.14 23.71
C GLU B 362 13.12 52.65 23.76
N ARG B 363 14.07 51.75 23.80
CA ARG B 363 15.41 52.10 24.12
C ARG B 363 16.33 51.93 22.90
N ASN B 364 15.69 51.97 21.73
CA ASN B 364 16.30 51.93 20.41
C ASN B 364 17.34 50.82 20.32
N ILE B 365 16.92 49.62 20.72
CA ILE B 365 17.70 48.40 20.57
C ILE B 365 17.10 47.61 19.42
N MET B 366 17.94 47.22 18.46
CA MET B 366 17.48 46.47 17.30
C MET B 366 17.53 44.98 17.59
N VAL B 367 16.37 44.33 17.54
CA VAL B 367 16.26 42.88 17.65
C VAL B 367 16.08 42.32 16.26
N ILE B 368 17.09 41.64 15.74
CA ILE B 368 16.97 40.89 14.49
C ILE B 368 16.32 39.55 14.81
N PRO B 369 15.11 39.29 14.31
CA PRO B 369 14.28 38.24 14.89
C PRO B 369 14.62 36.84 14.38
N ASP B 370 14.21 35.85 15.18
CA ASP B 370 14.56 34.46 14.90
C ASP B 370 13.98 33.99 13.57
N LEU B 371 12.70 34.29 13.33
CA LEU B 371 12.01 34.04 12.06
C LEU B 371 12.90 34.20 10.85
N TYR B 372 13.75 35.22 10.87
CA TYR B 372 14.63 35.52 9.75
C TYR B 372 16.05 35.04 9.98
N LEU B 373 16.61 35.30 11.16
CA LEU B 373 18.05 35.24 11.34
C LEU B 373 18.59 33.81 11.41
N ASN B 374 17.87 32.89 12.04
CA ASN B 374 18.36 31.52 12.16
C ASN B 374 17.84 30.61 11.05
N ALA B 375 17.22 31.17 10.02
CA ALA B 375 16.61 30.38 8.95
C ALA B 375 17.63 29.81 7.98
N GLY B 376 18.93 30.02 8.21
CA GLY B 376 19.94 29.39 7.36
C GLY B 376 20.01 27.90 7.55
N GLY B 377 19.65 27.42 8.75
CA GLY B 377 19.58 25.99 8.99
C GLY B 377 18.56 25.31 8.09
N VAL B 378 17.32 25.83 8.08
CA VAL B 378 16.29 25.20 7.29
C VAL B 378 16.52 25.43 5.80
N THR B 379 17.19 26.53 5.44
CA THR B 379 17.49 26.78 4.03
C THR B 379 18.46 25.73 3.48
N VAL B 380 19.48 25.37 4.25
CA VAL B 380 20.44 24.39 3.78
C VAL B 380 19.92 22.97 3.96
N SER B 381 19.04 22.74 4.95
CA SER B 381 18.30 21.49 4.99
C SER B 381 17.49 21.29 3.71
N TYR B 382 16.85 22.36 3.25
CA TYR B 382 16.12 22.33 1.98
C TYR B 382 17.04 21.93 0.83
N PHE B 383 18.25 22.48 0.78
CA PHE B 383 19.21 22.07 -0.25
C PHE B 383 19.56 20.60 -0.13
N GLU B 384 19.73 20.10 1.10
CA GLU B 384 20.05 18.69 1.30
C GLU B 384 18.93 17.81 0.80
N TRP B 385 17.69 18.18 1.12
CA TRP B 385 16.51 17.43 0.68
C TRP B 385 16.46 17.36 -0.84
N LEU B 386 16.73 18.48 -1.52
CA LEU B 386 16.72 18.49 -2.98
C LEU B 386 17.86 17.63 -3.53
N LYS B 387 19.02 17.67 -2.88
CA LYS B 387 20.12 16.83 -3.30
C LYS B 387 19.72 15.36 -3.23
N ASN B 388 18.99 14.97 -2.18
CA ASN B 388 18.54 13.59 -2.07
C ASN B 388 17.55 13.23 -3.16
N LEU B 389 16.59 14.14 -3.44
CA LEU B 389 15.60 13.85 -4.48
C LEU B 389 16.23 13.74 -5.86
N ASN B 390 17.35 14.42 -6.10
CA ASN B 390 17.92 14.46 -7.43
C ASN B 390 18.90 13.33 -7.72
N HIS B 391 19.50 12.73 -6.70
CA HIS B 391 20.30 11.50 -6.81
C HIS B 391 21.59 11.72 -7.60
N VAL B 392 22.04 12.97 -7.75
CA VAL B 392 23.38 13.29 -8.22
C VAL B 392 23.98 14.37 -7.33
N SER B 393 25.31 14.34 -7.22
CA SER B 393 26.03 15.47 -6.67
C SER B 393 26.06 16.59 -7.70
N TYR B 394 25.89 17.81 -7.21
CA TYR B 394 25.79 18.96 -8.11
C TYR B 394 27.03 19.09 -9.00
N GLY B 395 26.79 19.26 -10.29
CA GLY B 395 27.85 19.51 -11.25
C GLY B 395 28.50 18.29 -11.85
N ARG B 396 28.27 17.10 -11.29
CA ARG B 396 28.99 15.90 -11.72
C ARG B 396 28.72 15.57 -13.19
N LEU B 397 27.52 15.87 -13.69
CA LEU B 397 27.22 15.59 -15.09
C LEU B 397 27.83 16.62 -16.03
N THR B 398 28.19 17.80 -15.54
CA THR B 398 28.47 18.94 -16.40
C THR B 398 29.85 19.55 -16.25
N PHE B 399 30.65 19.13 -15.27
CA PHE B 399 31.95 19.75 -15.04
C PHE B 399 32.79 19.81 -16.31
N LYS B 400 32.97 18.66 -16.96
CA LYS B 400 33.83 18.60 -18.15
C LYS B 400 33.22 19.39 -19.30
N TYR B 401 31.92 19.20 -19.58
CA TYR B 401 31.28 19.93 -20.67
C TYR B 401 31.40 21.43 -20.47
N GLU B 402 31.11 21.89 -19.24
CA GLU B 402 31.11 23.32 -18.94
C GLU B 402 32.50 23.92 -19.08
N ARG B 403 33.53 23.22 -18.60
CA ARG B 403 34.88 23.75 -18.74
C ARG B 403 35.28 23.84 -20.21
N ASP B 404 35.09 22.76 -20.98
CA ASP B 404 35.36 22.81 -22.41
C ASP B 404 34.59 23.95 -23.08
N SER B 405 33.33 24.14 -22.69
CA SER B 405 32.52 25.19 -23.29
C SER B 405 33.12 26.58 -23.02
N ASN B 406 33.60 26.80 -21.79
CA ASN B 406 34.13 28.11 -21.44
C ASN B 406 35.41 28.43 -22.20
N TYR B 407 36.28 27.43 -22.39
CA TYR B 407 37.51 27.67 -23.12
C TYR B 407 37.24 27.97 -24.58
N HIS B 408 36.26 27.26 -25.19
CA HIS B 408 35.88 27.56 -26.56
C HIS B 408 35.22 28.92 -26.68
N LEU B 409 34.54 29.37 -25.62
CA LEU B 409 33.96 30.71 -25.63
C LEU B 409 35.05 31.76 -25.65
N LEU B 410 36.02 31.64 -24.74
CA LEU B 410 37.13 32.61 -24.71
C LEU B 410 37.93 32.56 -26.01
N MET B 411 38.07 31.37 -26.60
CA MET B 411 38.78 31.24 -27.86
C MET B 411 38.00 31.91 -29.00
N SER B 412 36.68 32.01 -28.88
CA SER B 412 35.89 32.72 -29.88
C SER B 412 36.20 34.21 -29.86
N VAL B 413 36.42 34.79 -28.69
CA VAL B 413 36.84 36.18 -28.60
C VAL B 413 38.25 36.34 -29.16
N GLN B 414 39.16 35.46 -28.76
CA GLN B 414 40.53 35.47 -29.27
C GLN B 414 40.57 35.48 -30.79
N GLU B 415 39.98 34.46 -31.42
CA GLU B 415 40.07 34.31 -32.85
C GLU B 415 39.38 35.46 -33.58
N SER B 416 38.29 35.99 -33.00
CA SER B 416 37.62 37.14 -33.61
C SER B 416 38.53 38.37 -33.61
N LEU B 417 39.30 38.56 -32.53
CA LEU B 417 40.16 39.72 -32.45
C LEU B 417 41.37 39.59 -33.36
N GLU B 418 41.97 38.39 -33.39
CA GLU B 418 43.10 38.15 -34.26
C GLU B 418 42.72 38.34 -35.72
N ARG B 419 41.56 37.81 -36.14
CA ARG B 419 41.12 37.95 -37.52
C ARG B 419 41.05 39.41 -37.92
N LYS B 420 40.69 40.27 -36.97
CA LYS B 420 40.50 41.67 -37.26
C LYS B 420 41.81 42.46 -37.20
N PHE B 421 42.58 42.28 -36.14
CA PHE B 421 43.89 42.93 -35.97
C PHE B 421 45.03 42.03 -36.43
N GLY B 422 44.84 41.39 -37.59
CA GLY B 422 45.71 40.37 -38.18
C GLY B 422 47.08 40.07 -37.60
N LYS B 423 48.12 40.26 -38.42
CA LYS B 423 49.52 39.96 -38.06
C LYS B 423 50.10 41.03 -37.15
N HIS B 424 49.92 42.29 -37.52
CA HIS B 424 50.54 43.42 -36.83
C HIS B 424 50.09 43.54 -35.39
N GLY B 425 49.02 42.86 -35.02
CA GLY B 425 48.58 42.87 -33.64
C GLY B 425 49.12 41.67 -32.90
N GLY B 426 49.53 40.65 -33.66
CA GLY B 426 50.15 39.47 -33.08
C GLY B 426 49.14 38.46 -32.55
N THR B 427 49.55 37.74 -31.52
CA THR B 427 48.67 36.80 -30.83
C THR B 427 48.05 37.53 -29.65
N ILE B 428 46.75 37.32 -29.45
CA ILE B 428 45.99 38.03 -28.43
C ILE B 428 45.41 37.01 -27.44
N PRO B 429 46.19 36.55 -26.47
CA PRO B 429 45.71 35.48 -25.59
C PRO B 429 44.61 35.97 -24.66
N ILE B 430 43.47 35.30 -24.71
CA ILE B 430 42.36 35.53 -23.78
C ILE B 430 42.32 34.36 -22.81
N VAL B 431 42.55 34.63 -21.53
CA VAL B 431 42.64 33.58 -20.53
C VAL B 431 41.81 33.97 -19.32
N PRO B 432 41.38 33.00 -18.52
CA PRO B 432 40.61 33.30 -17.33
C PRO B 432 41.43 34.06 -16.30
N THR B 433 40.74 34.93 -15.55
CA THR B 433 41.37 35.45 -14.33
C THR B 433 41.56 34.30 -13.35
N ALA B 434 42.28 34.59 -12.27
CA ALA B 434 42.37 33.61 -11.22
C ALA B 434 41.00 33.22 -10.67
N GLU B 435 40.11 34.20 -10.49
CA GLU B 435 38.81 33.91 -9.91
C GLU B 435 37.90 33.19 -10.90
N PHE B 436 37.97 33.53 -12.18
CA PHE B 436 37.18 32.76 -13.16
C PHE B 436 37.74 31.37 -13.38
N GLN B 437 39.07 31.20 -13.31
CA GLN B 437 39.66 29.88 -13.47
C GLN B 437 39.08 28.93 -12.46
N ASP B 438 38.69 29.47 -11.34
CA ASP B 438 38.25 28.70 -10.20
C ASP B 438 36.78 28.30 -10.39
N ARG B 439 36.06 28.99 -11.30
CA ARG B 439 34.68 28.69 -11.66
C ARG B 439 34.54 28.13 -13.06
N ILE B 440 35.65 27.76 -13.70
CA ILE B 440 35.63 27.39 -15.11
C ILE B 440 34.75 26.17 -15.38
N SER B 441 34.52 25.33 -14.37
CA SER B 441 33.74 24.11 -14.55
C SER B 441 32.30 24.25 -14.07
N GLY B 442 31.91 25.42 -13.56
CA GLY B 442 30.59 25.59 -13.02
C GLY B 442 30.52 25.25 -11.53
N ALA B 443 29.35 25.49 -10.95
CA ALA B 443 29.18 25.37 -9.52
C ALA B 443 29.28 23.92 -9.07
N SER B 444 29.82 23.73 -7.86
CA SER B 444 29.79 22.46 -7.15
C SER B 444 28.80 22.59 -5.99
N GLU B 445 28.56 21.49 -5.28
CA GLU B 445 27.70 21.50 -4.10
C GLU B 445 28.08 22.62 -3.13
N LYS B 446 29.39 22.74 -2.82
CA LYS B 446 29.85 23.78 -1.90
C LYS B 446 29.44 25.15 -2.40
N ASP B 447 29.64 25.42 -3.69
CA ASP B 447 29.33 26.74 -4.24
C ASP B 447 27.83 27.03 -4.14
N ILE B 448 27.00 26.04 -4.44
CA ILE B 448 25.55 26.24 -4.40
C ILE B 448 25.09 26.54 -2.98
N VAL B 449 25.62 25.81 -2.01
CA VAL B 449 25.23 26.04 -0.61
C VAL B 449 25.61 27.45 -0.18
N HIS B 450 26.84 27.87 -0.48
CA HIS B 450 27.29 29.19 -0.04
C HIS B 450 26.52 30.31 -0.74
N SER B 451 26.46 30.27 -2.07
CA SER B 451 25.80 31.37 -2.79
C SER B 451 24.28 31.28 -2.70
N GLY B 452 23.72 30.08 -2.67
CA GLY B 452 22.28 29.94 -2.47
C GLY B 452 21.83 30.49 -1.13
N LEU B 453 22.64 30.25 -0.09
CA LEU B 453 22.31 30.78 1.23
C LEU B 453 22.42 32.30 1.27
N ALA B 454 23.54 32.83 0.77
CA ALA B 454 23.72 34.28 0.72
C ALA B 454 22.59 34.94 -0.07
N TYR B 455 22.23 34.36 -1.21
CA TYR B 455 21.13 34.90 -2.01
C TYR B 455 19.84 34.94 -1.20
N THR B 456 19.54 33.87 -0.45
CA THR B 456 18.28 33.82 0.29
C THR B 456 18.26 34.83 1.42
N MET B 457 19.34 34.92 2.19
CA MET B 457 19.35 35.83 3.34
C MET B 457 19.25 37.29 2.91
N GLU B 458 19.89 37.65 1.79
CA GLU B 458 19.81 39.02 1.31
C GLU B 458 18.42 39.35 0.77
N ARG B 459 17.88 38.47 -0.06
CA ARG B 459 16.55 38.71 -0.62
C ARG B 459 15.50 38.83 0.49
N SER B 460 15.67 38.05 1.56
CA SER B 460 14.72 38.09 2.67
C SER B 460 14.89 39.34 3.53
N ALA B 461 16.13 39.77 3.74
CA ALA B 461 16.37 41.00 4.49
C ALA B 461 15.74 42.21 3.78
N ARG B 462 15.89 42.27 2.45
CA ARG B 462 15.33 43.39 1.69
C ARG B 462 13.80 43.40 1.74
N GLN B 463 13.18 42.22 1.80
CA GLN B 463 11.72 42.16 1.94
C GLN B 463 11.27 42.62 3.32
N ILE B 464 12.05 42.31 4.35
CA ILE B 464 11.70 42.75 5.70
C ILE B 464 11.85 44.25 5.83
N MET B 465 12.95 44.80 5.29
CA MET B 465 13.16 46.24 5.35
C MET B 465 12.07 46.98 4.57
N ARG B 466 11.77 46.52 3.35
CA ARG B 466 10.69 47.12 2.57
C ARG B 466 9.40 47.19 3.35
N THR B 467 9.06 46.11 4.05
CA THR B 467 7.82 46.06 4.79
C THR B 467 7.85 46.94 6.03
N ALA B 468 9.00 47.05 6.69
CA ALA B 468 9.09 47.89 7.89
C ALA B 468 8.95 49.37 7.54
N MET B 469 9.54 49.80 6.43
CA MET B 469 9.35 51.17 5.98
C MET B 469 7.92 51.46 5.60
N LYS B 470 7.29 50.52 4.88
CA LYS B 470 5.98 50.76 4.33
C LYS B 470 4.91 50.82 5.40
N TYR B 471 5.19 50.32 6.61
CA TYR B 471 4.24 50.41 7.71
C TYR B 471 4.78 51.22 8.88
N ASN B 472 5.91 51.92 8.70
CA ASN B 472 6.49 52.76 9.75
C ASN B 472 6.74 51.98 11.03
N LEU B 473 7.44 50.86 10.92
CA LEU B 473 7.69 50.01 12.06
C LEU B 473 9.05 50.26 12.72
N GLY B 474 9.88 51.11 12.13
CA GLY B 474 11.15 51.46 12.74
C GLY B 474 12.07 50.27 12.95
N LEU B 475 12.39 49.98 14.21
CA LEU B 475 13.21 48.83 14.55
C LEU B 475 12.42 47.62 15.02
N ASP B 476 11.11 47.60 14.77
CA ASP B 476 10.30 46.40 15.07
C ASP B 476 10.36 45.46 13.86
N LEU B 477 11.54 44.86 13.68
CA LEU B 477 11.72 43.93 12.57
C LEU B 477 10.90 42.67 12.74
N ARG B 478 10.63 42.26 13.98
CA ARG B 478 9.84 41.05 14.20
C ARG B 478 8.45 41.18 13.58
N THR B 479 7.79 42.32 13.80
CA THR B 479 6.45 42.50 13.26
C THR B 479 6.48 42.55 11.73
N ALA B 480 7.54 43.11 11.15
CA ALA B 480 7.66 43.13 9.70
C ALA B 480 7.82 41.72 9.13
N ALA B 481 8.61 40.88 9.81
CA ALA B 481 8.78 39.50 9.36
C ALA B 481 7.46 38.74 9.39
N TYR B 482 6.74 38.83 10.51
CA TYR B 482 5.45 38.15 10.60
C TYR B 482 4.48 38.66 9.55
N VAL B 483 4.55 39.95 9.23
CA VAL B 483 3.69 40.51 8.19
C VAL B 483 3.95 39.81 6.86
N ASN B 484 5.23 39.63 6.52
CA ASN B 484 5.56 38.93 5.28
C ASN B 484 5.12 37.48 5.35
N ALA B 485 5.40 36.80 6.47
CA ALA B 485 4.98 35.41 6.63
C ALA B 485 3.48 35.27 6.48
N ILE B 486 2.71 36.14 7.14
CA ILE B 486 1.25 36.01 7.14
C ILE B 486 0.71 36.22 5.74
N GLU B 487 1.24 37.22 5.05
CA GLU B 487 0.79 37.54 3.71
C GLU B 487 0.92 36.32 2.79
N LYS B 488 2.05 35.65 2.89
CA LYS B 488 2.33 34.50 2.04
C LYS B 488 1.45 33.31 2.39
N VAL B 489 1.34 32.99 3.69
CA VAL B 489 0.53 31.86 4.10
C VAL B 489 -0.95 32.13 3.87
N PHE B 490 -1.38 33.38 4.06
CA PHE B 490 -2.79 33.70 3.82
C PHE B 490 -3.17 33.46 2.36
N ARG B 491 -2.30 33.86 1.44
CA ARG B 491 -2.57 33.71 0.01
C ARG B 491 -2.82 32.25 -0.35
N VAL B 492 -2.11 31.33 0.30
CA VAL B 492 -2.25 29.91 -0.02
C VAL B 492 -3.59 29.39 0.48
N TYR B 493 -3.94 29.69 1.74
CA TYR B 493 -5.22 29.25 2.27
C TYR B 493 -6.39 29.85 1.48
N ASN B 494 -6.26 31.11 1.09
CA ASN B 494 -7.36 31.80 0.41
C ASN B 494 -7.66 31.17 -0.94
N GLU B 495 -6.63 30.98 -1.77
CA GLU B 495 -6.86 30.48 -3.12
C GLU B 495 -7.00 28.96 -3.18
N ALA B 496 -6.94 28.26 -2.05
CA ALA B 496 -7.13 26.81 -2.01
C ALA B 496 -8.54 26.42 -1.62
N GLY B 497 -9.40 27.37 -1.29
CA GLY B 497 -10.69 27.04 -0.72
C GLY B 497 -10.64 26.64 0.73
N VAL B 498 -9.53 26.92 1.43
CA VAL B 498 -9.29 26.56 2.82
C VAL B 498 -9.15 25.06 2.96
N THR B 499 -10.25 24.34 3.21
CA THR B 499 -10.17 22.88 3.34
C THR B 499 -11.32 22.20 2.62
N PHE B 500 -11.14 20.89 2.43
CA PHE B 500 -12.16 20.01 1.88
C PHE B 500 -13.29 19.88 2.90
N THR B 501 -14.10 20.94 2.98
CA THR B 501 -15.31 20.97 3.78
C THR B 501 -16.41 21.60 2.93
N ALA C 1 37.18 -24.13 -17.35
CA ALA C 1 38.09 -24.01 -18.48
C ALA C 1 39.50 -24.47 -18.11
N ASP C 2 39.72 -24.74 -16.82
CA ASP C 2 41.03 -25.18 -16.35
C ASP C 2 40.86 -25.87 -15.01
N ARG C 3 41.19 -27.17 -14.96
CA ARG C 3 41.02 -27.94 -13.72
C ARG C 3 42.03 -27.53 -12.66
N GLU C 4 43.26 -27.23 -13.09
CA GLU C 4 44.36 -26.88 -12.18
C GLU C 4 43.97 -25.78 -11.22
N ASP C 5 43.45 -24.69 -11.77
CA ASP C 5 43.26 -23.43 -11.07
C ASP C 5 41.86 -22.96 -11.41
N ASP C 6 40.89 -23.35 -10.60
CA ASP C 6 39.48 -23.02 -10.87
C ASP C 6 38.80 -22.67 -9.55
N PRO C 7 39.18 -21.56 -8.95
CA PRO C 7 38.67 -21.22 -7.63
C PRO C 7 37.20 -20.89 -7.65
N ASN C 8 36.56 -21.09 -6.48
CA ASN C 8 35.18 -20.67 -6.35
C ASN C 8 35.07 -19.15 -6.52
N PHE C 9 34.19 -18.75 -7.44
CA PHE C 9 34.17 -17.37 -7.93
C PHE C 9 33.89 -16.38 -6.81
N PHE C 10 32.92 -16.68 -5.94
CA PHE C 10 32.64 -15.76 -4.84
C PHE C 10 33.86 -15.60 -3.93
N LYS C 11 34.52 -16.71 -3.58
CA LYS C 11 35.66 -16.60 -2.67
C LYS C 11 36.85 -15.93 -3.34
N MET C 12 37.00 -16.13 -4.65
CA MET C 12 38.04 -15.42 -5.38
C MET C 12 37.89 -13.91 -5.24
N VAL C 13 36.66 -13.40 -5.34
CA VAL C 13 36.43 -11.98 -5.18
C VAL C 13 36.66 -11.56 -3.72
N GLU C 14 36.26 -12.42 -2.78
CA GLU C 14 36.55 -12.14 -1.37
C GLU C 14 38.05 -12.08 -1.13
N GLY C 15 38.81 -12.90 -1.85
CA GLY C 15 40.26 -12.84 -1.74
C GLY C 15 40.81 -11.49 -2.16
N PHE C 16 40.38 -11.00 -3.32
CA PHE C 16 40.74 -9.65 -3.76
C PHE C 16 40.41 -8.62 -2.69
N PHE C 17 39.23 -8.75 -2.08
CA PHE C 17 38.80 -7.81 -1.05
C PHE C 17 39.71 -7.91 0.19
N ASP C 18 39.98 -9.14 0.65
CA ASP C 18 40.85 -9.34 1.82
C ASP C 18 42.19 -8.66 1.63
N ARG C 19 42.68 -8.72 0.40
CA ARG C 19 43.99 -8.23 0.07
C ARG C 19 44.04 -6.70 0.20
N GLY C 20 43.04 -6.01 -0.38
CA GLY C 20 42.92 -4.57 -0.16
C GLY C 20 42.61 -4.21 1.28
N ALA C 21 41.82 -5.04 1.98
CA ALA C 21 41.53 -4.79 3.38
C ALA C 21 42.80 -4.78 4.21
N SER C 22 43.68 -5.74 3.94
CA SER C 22 44.94 -5.87 4.65
C SER C 22 45.77 -4.59 4.56
N ILE C 23 45.74 -3.93 3.39
CA ILE C 23 46.59 -2.77 3.17
C ILE C 23 46.05 -1.55 3.89
N VAL C 24 44.72 -1.42 3.96
CA VAL C 24 44.12 -0.20 4.53
C VAL C 24 43.80 -0.30 6.01
N GLU C 25 43.76 -1.50 6.62
CA GLU C 25 43.36 -1.59 8.04
C GLU C 25 43.95 -0.49 8.88
N ASP C 26 45.24 -0.26 8.73
CA ASP C 26 45.90 0.73 9.57
C ASP C 26 45.27 2.10 9.35
N LYS C 27 45.07 2.48 8.10
CA LYS C 27 44.50 3.78 7.80
C LYS C 27 43.10 3.92 8.39
N LEU C 28 42.31 2.86 8.33
CA LEU C 28 40.96 2.89 8.89
C LEU C 28 41.01 3.07 10.39
N VAL C 29 41.91 2.35 11.07
CA VAL C 29 41.98 2.42 12.52
C VAL C 29 42.42 3.80 12.97
N GLU C 30 43.35 4.39 12.25
CA GLU C 30 43.89 5.65 12.71
C GLU C 30 42.90 6.80 12.44
N ASP C 31 42.23 6.77 11.27
CA ASP C 31 41.14 7.71 11.02
C ASP C 31 40.12 7.71 12.13
N LEU C 32 39.71 6.51 12.53
CA LEU C 32 38.65 6.28 13.48
C LEU C 32 38.85 7.13 14.71
N LYS C 33 38.00 8.15 14.83
CA LYS C 33 37.97 9.08 15.94
C LYS C 33 37.02 8.53 16.98
N THR C 34 37.55 7.71 17.88
CA THR C 34 36.77 7.24 18.98
C THR C 34 37.61 7.10 20.25
N ARG C 35 36.90 7.07 21.40
CA ARG C 35 37.58 7.08 22.69
C ARG C 35 38.24 5.75 22.99
N GLU C 36 37.72 4.66 22.44
CA GLU C 36 38.30 3.33 22.69
C GLU C 36 39.52 3.10 21.80
N THR C 37 40.58 3.92 21.99
CA THR C 37 41.74 3.78 21.10
C THR C 37 42.47 2.44 21.29
N GLU C 38 41.88 1.55 22.10
CA GLU C 38 42.23 0.14 22.17
C GLU C 38 42.26 -0.48 20.78
N GLU C 39 42.76 -1.69 20.66
CA GLU C 39 42.53 -2.46 19.44
C GLU C 39 41.15 -3.10 19.43
N GLN C 40 40.29 -2.65 20.35
CA GLN C 40 38.85 -2.59 20.12
C GLN C 40 38.53 -1.68 18.94
N LYS C 41 39.44 -0.76 18.59
CA LYS C 41 39.36 -0.06 17.32
C LYS C 41 39.57 -1.02 16.16
N ARG C 42 40.69 -1.75 16.17
CA ARG C 42 40.96 -2.68 15.08
C ARG C 42 39.94 -3.80 15.07
N ASN C 43 39.30 -4.07 16.20
CA ASN C 43 38.27 -5.10 16.26
C ASN C 43 36.99 -4.68 15.56
N ARG C 44 36.61 -3.42 15.68
CA ARG C 44 35.39 -3.00 15.03
C ARG C 44 35.62 -2.74 13.55
N VAL C 45 36.84 -2.35 13.19
CA VAL C 45 37.19 -2.26 11.78
C VAL C 45 37.10 -3.65 11.14
N ARG C 46 37.63 -4.66 11.83
CA ARG C 46 37.57 -6.03 11.32
C ARG C 46 36.15 -6.58 11.30
N GLY C 47 35.30 -6.15 12.23
CA GLY C 47 33.93 -6.63 12.25
C GLY C 47 33.08 -6.00 11.16
N ILE C 48 33.30 -4.72 10.88
CA ILE C 48 32.60 -4.06 9.80
C ILE C 48 32.99 -4.67 8.46
N LEU C 49 34.28 -4.92 8.26
CA LEU C 49 34.74 -5.50 7.00
C LEU C 49 34.14 -6.88 6.77
N ARG C 50 33.90 -7.64 7.83
CA ARG C 50 33.21 -8.91 7.72
C ARG C 50 31.74 -8.74 7.36
N ILE C 51 31.13 -7.63 7.75
CA ILE C 51 29.73 -7.41 7.40
C ILE C 51 29.61 -7.06 5.92
N ILE C 52 30.60 -6.35 5.38
CA ILE C 52 30.51 -5.85 4.01
C ILE C 52 30.59 -7.01 3.01
N LYS C 53 31.31 -8.08 3.33
CA LYS C 53 31.66 -9.05 2.29
C LYS C 53 30.48 -9.89 1.83
N PRO C 54 29.67 -10.50 2.70
CA PRO C 54 28.59 -11.37 2.21
C PRO C 54 27.40 -10.61 1.65
N CYS C 55 26.67 -11.28 0.75
CA CYS C 55 25.44 -10.74 0.20
C CYS C 55 24.34 -10.73 1.26
N ASN C 56 23.56 -9.64 1.28
CA ASN C 56 22.50 -9.51 2.27
C ASN C 56 21.29 -10.38 1.91
N HIS C 57 20.87 -10.33 0.64
CA HIS C 57 19.69 -11.05 0.19
C HIS C 57 19.98 -11.76 -1.12
N VAL C 58 19.62 -13.04 -1.20
CA VAL C 58 19.65 -13.79 -2.46
C VAL C 58 18.30 -14.50 -2.62
N LEU C 59 17.68 -14.32 -3.79
CA LEU C 59 16.45 -14.99 -4.14
C LEU C 59 16.71 -16.02 -5.22
N SER C 60 16.21 -17.24 -5.00
CA SER C 60 16.30 -18.32 -5.98
C SER C 60 14.89 -18.70 -6.42
N LEU C 61 14.71 -18.87 -7.73
CA LEU C 61 13.39 -19.06 -8.32
C LEU C 61 13.34 -20.32 -9.16
N SER C 62 12.16 -20.95 -9.15
CA SER C 62 11.78 -21.93 -10.15
C SER C 62 10.37 -21.60 -10.62
N PHE C 63 10.18 -21.46 -11.92
CA PHE C 63 8.85 -21.19 -12.45
C PHE C 63 8.67 -21.94 -13.77
N PRO C 64 7.44 -22.37 -14.05
CA PRO C 64 7.17 -23.07 -15.31
C PRO C 64 6.80 -22.15 -16.45
N ILE C 65 7.27 -22.50 -17.64
CA ILE C 65 6.79 -21.94 -18.89
C ILE C 65 6.39 -23.11 -19.78
N ARG C 66 5.39 -22.90 -20.63
CA ARG C 66 5.05 -23.89 -21.64
C ARG C 66 5.68 -23.45 -22.95
N ARG C 67 6.49 -24.35 -23.53
CA ARG C 67 7.27 -24.01 -24.70
C ARG C 67 6.37 -23.93 -25.94
N ASP C 68 6.97 -23.48 -27.04
CA ASP C 68 6.22 -23.34 -28.28
C ASP C 68 5.65 -24.68 -28.74
N ASP C 69 6.38 -25.78 -28.48
CA ASP C 69 5.89 -27.09 -28.88
C ASP C 69 4.80 -27.63 -27.95
N GLY C 70 4.53 -26.96 -26.84
CA GLY C 70 3.48 -27.37 -25.93
C GLY C 70 3.96 -28.06 -24.67
N SER C 71 5.24 -28.41 -24.56
CA SER C 71 5.71 -29.05 -23.34
C SER C 71 5.97 -28.03 -22.24
N TRP C 72 5.83 -28.50 -21.00
CA TRP C 72 6.13 -27.69 -19.82
C TRP C 72 7.60 -27.82 -19.46
N GLU C 73 8.21 -26.70 -19.09
CA GLU C 73 9.60 -26.74 -18.66
C GLU C 73 9.79 -25.82 -17.48
N VAL C 74 10.68 -26.22 -16.57
CA VAL C 74 10.95 -25.51 -15.32
C VAL C 74 12.21 -24.66 -15.50
N ILE C 75 12.06 -23.35 -15.33
CA ILE C 75 13.16 -22.40 -15.49
C ILE C 75 13.72 -22.04 -14.12
N GLU C 76 15.04 -21.98 -14.01
CA GLU C 76 15.72 -21.64 -12.78
C GLU C 76 16.33 -20.24 -12.87
N GLY C 77 16.17 -19.45 -11.79
CA GLY C 77 16.63 -18.08 -11.78
C GLY C 77 17.13 -17.67 -10.40
N TYR C 78 17.87 -16.56 -10.40
CA TYR C 78 18.56 -16.08 -9.22
C TYR C 78 18.71 -14.57 -9.30
N ARG C 79 18.54 -13.89 -8.16
CA ARG C 79 19.03 -12.53 -8.05
C ARG C 79 19.59 -12.28 -6.67
N ALA C 80 20.81 -11.76 -6.63
CA ALA C 80 21.50 -11.42 -5.40
C ALA C 80 21.57 -9.92 -5.24
N GLN C 81 21.27 -9.44 -4.04
CA GLN C 81 21.46 -8.06 -3.66
C GLN C 81 22.58 -8.03 -2.62
N HIS C 82 23.74 -7.52 -3.02
CA HIS C 82 24.92 -7.65 -2.17
C HIS C 82 24.91 -6.65 -1.02
N SER C 83 24.72 -5.37 -1.32
CA SER C 83 24.81 -4.34 -0.30
C SER C 83 23.69 -3.33 -0.51
N GLN C 84 23.24 -2.73 0.59
CA GLN C 84 22.24 -1.67 0.56
C GLN C 84 22.72 -0.42 1.29
N HIS C 85 24.04 -0.24 1.40
CA HIS C 85 24.58 1.01 1.90
C HIS C 85 24.29 2.17 0.97
N ARG C 86 24.05 1.90 -0.30
CA ARG C 86 23.41 2.82 -1.23
C ARG C 86 22.21 2.12 -1.86
N THR C 87 21.17 2.88 -2.13
CA THR C 87 20.00 2.32 -2.81
C THR C 87 19.63 3.20 -3.99
N PRO C 88 19.09 2.59 -5.07
CA PRO C 88 18.81 1.17 -5.23
C PRO C 88 20.04 0.30 -5.48
N CYS C 89 19.83 -1.01 -5.52
CA CYS C 89 20.85 -1.92 -6.00
C CYS C 89 20.88 -1.87 -7.52
N LYS C 90 22.03 -2.21 -8.10
CA LYS C 90 22.24 -2.09 -9.53
C LYS C 90 23.04 -3.29 -10.02
N GLY C 91 22.59 -3.89 -11.13
CA GLY C 91 23.32 -4.99 -11.72
C GLY C 91 22.59 -5.69 -12.84
N GLY C 92 23.35 -6.37 -13.71
CA GLY C 92 22.80 -6.91 -14.93
C GLY C 92 22.12 -8.27 -14.76
N ILE C 93 21.55 -8.73 -15.86
CA ILE C 93 20.87 -10.02 -15.94
C ILE C 93 21.58 -10.87 -16.99
N ARG C 94 22.06 -12.04 -16.56
CA ARG C 94 22.82 -12.95 -17.41
C ARG C 94 21.97 -14.17 -17.74
N TYR C 95 21.82 -14.46 -19.03
CA TYR C 95 21.16 -15.67 -19.51
C TYR C 95 22.26 -16.64 -19.95
N SER C 96 22.43 -17.74 -19.21
CA SER C 96 23.54 -18.66 -19.44
C SER C 96 23.33 -19.93 -18.64
N THR C 97 23.71 -21.06 -19.23
CA THR C 97 23.69 -22.31 -18.49
C THR C 97 24.79 -22.41 -17.45
N ASP C 98 25.74 -21.46 -17.43
CA ASP C 98 26.73 -21.51 -16.36
C ASP C 98 26.27 -20.71 -15.15
N VAL C 99 25.03 -20.20 -15.15
CA VAL C 99 24.53 -19.40 -14.04
C VAL C 99 24.36 -20.28 -12.80
N SER C 100 24.71 -19.73 -11.65
CA SER C 100 24.62 -20.43 -10.38
C SER C 100 24.56 -19.40 -9.26
N VAL C 101 24.15 -19.86 -8.07
CA VAL C 101 24.07 -18.95 -6.93
C VAL C 101 25.43 -18.31 -6.66
N ASP C 102 26.51 -19.08 -6.78
CA ASP C 102 27.82 -18.54 -6.44
C ASP C 102 28.29 -17.54 -7.49
N GLU C 103 28.05 -17.84 -8.76
CA GLU C 103 28.39 -16.91 -9.82
C GLU C 103 27.65 -15.59 -9.65
N VAL C 104 26.37 -15.66 -9.31
CA VAL C 104 25.55 -14.45 -9.18
C VAL C 104 25.98 -13.66 -7.95
N LYS C 105 26.24 -14.34 -6.82
CA LYS C 105 26.74 -13.66 -5.64
C LYS C 105 28.07 -12.98 -5.91
N ALA C 106 28.94 -13.64 -6.66
CA ALA C 106 30.27 -13.07 -6.95
C ALA C 106 30.13 -11.80 -7.78
N LEU C 107 29.30 -11.83 -8.82
CA LEU C 107 29.14 -10.64 -9.65
C LEU C 107 28.41 -9.54 -8.89
N ALA C 108 27.49 -9.89 -8.00
CA ALA C 108 26.80 -8.87 -7.22
C ALA C 108 27.78 -8.08 -6.35
N SER C 109 28.74 -8.77 -5.74
CA SER C 109 29.73 -8.07 -4.91
C SER C 109 30.65 -7.21 -5.78
N LEU C 110 31.01 -7.71 -6.96
CA LEU C 110 31.80 -6.90 -7.89
C LEU C 110 31.08 -5.60 -8.24
N MET C 111 29.75 -5.66 -8.35
CA MET C 111 28.99 -4.45 -8.66
C MET C 111 29.10 -3.43 -7.55
N THR C 112 29.04 -3.87 -6.28
CA THR C 112 29.18 -2.95 -5.16
C THR C 112 30.51 -2.21 -5.22
N TYR C 113 31.62 -2.94 -5.34
CA TYR C 113 32.93 -2.31 -5.32
C TYR C 113 33.16 -1.48 -6.59
N LYS C 114 32.71 -1.99 -7.73
CA LYS C 114 32.81 -1.23 -8.98
C LYS C 114 32.10 0.12 -8.86
N CYS C 115 30.88 0.11 -8.34
CA CYS C 115 30.13 1.36 -8.20
C CYS C 115 30.82 2.32 -7.26
N ALA C 116 31.43 1.81 -6.19
CA ALA C 116 32.18 2.67 -5.28
C ALA C 116 33.40 3.27 -5.96
N VAL C 117 34.03 2.52 -6.87
CA VAL C 117 35.24 3.01 -7.52
C VAL C 117 34.94 4.24 -8.38
N VAL C 118 33.83 4.22 -9.12
CA VAL C 118 33.48 5.34 -10.00
C VAL C 118 32.47 6.28 -9.36
N ASP C 119 32.27 6.19 -8.03
CA ASP C 119 31.42 7.14 -7.29
C ASP C 119 29.98 7.15 -7.83
N VAL C 120 29.46 5.98 -8.15
CA VAL C 120 28.08 5.82 -8.59
C VAL C 120 27.26 5.34 -7.41
N PRO C 121 26.21 6.07 -7.01
CA PRO C 121 25.53 5.81 -5.72
C PRO C 121 24.55 4.64 -5.75
N PHE C 122 25.07 3.46 -6.09
CA PHE C 122 24.27 2.24 -6.09
C PHE C 122 24.96 1.16 -5.27
N GLY C 123 24.16 0.35 -4.59
CA GLY C 123 24.65 -0.93 -4.11
C GLY C 123 24.65 -1.97 -5.21
N GLY C 124 25.37 -3.07 -4.98
CA GLY C 124 25.56 -4.06 -6.02
C GLY C 124 24.51 -5.16 -6.02
N ALA C 125 24.20 -5.63 -7.24
CA ALA C 125 23.25 -6.72 -7.42
C ALA C 125 23.55 -7.41 -8.75
N LYS C 126 23.00 -8.61 -8.90
CA LYS C 126 23.17 -9.36 -10.15
C LYS C 126 22.10 -10.43 -10.23
N ALA C 127 21.72 -10.77 -11.47
CA ALA C 127 20.72 -11.80 -11.72
C ALA C 127 21.21 -12.76 -12.79
N GLY C 128 20.68 -13.98 -12.74
CA GLY C 128 20.98 -14.99 -13.73
C GLY C 128 19.82 -15.93 -13.98
N VAL C 129 19.58 -16.27 -15.25
CA VAL C 129 18.59 -17.27 -15.63
C VAL C 129 19.32 -18.40 -16.34
N LYS C 130 19.15 -19.62 -15.85
CA LYS C 130 19.98 -20.73 -16.29
C LYS C 130 19.36 -21.38 -17.52
N ILE C 131 19.55 -20.71 -18.66
CA ILE C 131 19.14 -21.20 -19.97
C ILE C 131 20.21 -20.82 -21.00
N ASN C 132 20.22 -21.55 -22.10
CA ASN C 132 20.97 -21.12 -23.28
C ASN C 132 20.01 -20.47 -24.25
N PRO C 133 20.08 -19.15 -24.44
CA PRO C 133 19.08 -18.47 -25.28
C PRO C 133 19.06 -18.94 -26.73
N LYS C 134 20.14 -19.57 -27.21
CA LYS C 134 20.17 -20.07 -28.58
C LYS C 134 19.19 -21.20 -28.80
N ASN C 135 18.71 -21.86 -27.75
CA ASN C 135 17.78 -22.98 -27.85
C ASN C 135 16.32 -22.57 -27.68
N TYR C 136 16.01 -21.29 -27.75
CA TYR C 136 14.64 -20.83 -27.50
C TYR C 136 14.20 -19.89 -28.61
N THR C 137 12.91 -19.94 -28.94
CA THR C 137 12.37 -18.97 -29.89
C THR C 137 12.28 -17.60 -29.22
N ASP C 138 12.12 -16.57 -30.05
CA ASP C 138 11.91 -15.23 -29.51
C ASP C 138 10.68 -15.19 -28.62
N ASN C 139 9.61 -15.88 -29.03
CA ASN C 139 8.40 -15.92 -28.23
C ASN C 139 8.66 -16.54 -26.86
N GLU C 140 9.47 -17.59 -26.81
CA GLU C 140 9.79 -18.23 -25.53
C GLU C 140 10.64 -17.33 -24.66
N LEU C 141 11.62 -16.63 -25.25
CA LEU C 141 12.46 -15.74 -24.47
C LEU C 141 11.66 -14.58 -23.89
N GLU C 142 10.65 -14.09 -24.63
CA GLU C 142 9.79 -13.05 -24.08
C GLU C 142 8.98 -13.57 -22.89
N LYS C 143 8.45 -14.78 -23.00
CA LYS C 143 7.66 -15.34 -21.91
C LYS C 143 8.53 -15.57 -20.67
N ILE C 144 9.76 -16.04 -20.86
CA ILE C 144 10.67 -16.26 -19.74
C ILE C 144 11.04 -14.94 -19.07
N THR C 145 11.32 -13.91 -19.87
CA THR C 145 11.73 -12.62 -19.33
C THR C 145 10.59 -11.96 -18.56
N ARG C 146 9.38 -11.96 -19.15
CA ARG C 146 8.25 -11.30 -18.50
C ARG C 146 7.88 -12.02 -17.20
N ARG C 147 7.92 -13.35 -17.20
CA ARG C 147 7.57 -14.09 -15.99
C ARG C 147 8.63 -13.91 -14.91
N PHE C 148 9.91 -13.94 -15.30
CA PHE C 148 11.00 -13.68 -14.37
C PHE C 148 10.82 -12.32 -13.71
N THR C 149 10.40 -11.31 -14.48
CA THR C 149 10.19 -9.98 -13.93
C THR C 149 9.12 -9.99 -12.84
N MET C 150 8.01 -10.70 -13.07
CA MET C 150 6.93 -10.71 -12.10
C MET C 150 7.32 -11.47 -10.83
N GLU C 151 8.08 -12.56 -10.98
CA GLU C 151 8.52 -13.30 -9.79
C GLU C 151 9.49 -12.47 -8.96
N LEU C 152 10.37 -11.70 -9.62
CA LEU C 152 11.25 -10.80 -8.87
C LEU C 152 10.45 -9.68 -8.21
N ALA C 153 9.48 -9.10 -8.94
CA ALA C 153 8.72 -7.97 -8.42
C ALA C 153 7.89 -8.37 -7.20
N LYS C 154 7.31 -9.57 -7.21
CA LYS C 154 6.48 -10.01 -6.10
C LYS C 154 7.24 -10.04 -4.78
N LYS C 155 8.55 -10.26 -4.83
CA LYS C 155 9.35 -10.43 -3.62
C LYS C 155 10.30 -9.26 -3.36
N GLY C 156 10.13 -8.15 -4.08
CA GLY C 156 10.95 -6.98 -3.82
C GLY C 156 12.35 -7.04 -4.37
N PHE C 157 12.55 -7.71 -5.51
CA PHE C 157 13.88 -7.80 -6.11
C PHE C 157 13.97 -7.08 -7.45
N ILE C 158 12.99 -6.24 -7.77
CA ILE C 158 13.11 -5.26 -8.84
C ILE C 158 12.18 -4.10 -8.53
N GLY C 159 12.63 -2.89 -8.83
CA GLY C 159 11.87 -1.69 -8.57
C GLY C 159 12.76 -0.48 -8.61
N PRO C 160 12.22 0.67 -9.00
CA PRO C 160 13.06 1.87 -9.15
C PRO C 160 13.76 2.27 -7.86
N GLY C 161 13.23 1.84 -6.72
CA GLY C 161 13.82 2.21 -5.44
C GLY C 161 14.53 1.11 -4.68
N VAL C 162 14.59 -0.13 -5.19
CA VAL C 162 15.31 -1.21 -4.52
C VAL C 162 16.39 -1.79 -5.42
N ASP C 163 16.06 -2.02 -6.69
CA ASP C 163 16.91 -2.89 -7.51
C ASP C 163 16.58 -2.66 -8.97
N VAL C 164 17.57 -2.20 -9.71
CA VAL C 164 17.40 -1.77 -11.09
C VAL C 164 18.31 -2.63 -11.98
N PRO C 165 17.75 -3.63 -12.67
CA PRO C 165 18.58 -4.47 -13.54
C PRO C 165 19.07 -3.78 -14.80
N ALA C 166 19.71 -4.56 -15.67
CA ALA C 166 20.42 -4.08 -16.84
C ALA C 166 20.90 -5.27 -17.66
N PRO C 167 21.39 -5.08 -18.88
CA PRO C 167 21.85 -6.23 -19.67
C PRO C 167 23.21 -6.75 -19.22
N ASP C 168 23.46 -8.01 -19.58
CA ASP C 168 24.73 -8.70 -19.38
C ASP C 168 24.90 -9.71 -20.50
N MET C 169 25.51 -10.87 -20.22
CA MET C 169 25.74 -11.87 -21.26
C MET C 169 24.42 -12.41 -21.78
N SER C 170 24.21 -12.27 -23.09
CA SER C 170 23.07 -12.83 -23.83
C SER C 170 21.76 -12.11 -23.54
N THR C 171 21.80 -10.91 -22.99
CA THR C 171 20.63 -10.04 -22.92
C THR C 171 21.02 -8.65 -23.40
N GLY C 172 20.05 -7.93 -23.93
CA GLY C 172 20.27 -6.58 -24.36
C GLY C 172 19.00 -5.77 -24.34
N GLU C 173 19.01 -4.69 -25.11
CA GLU C 173 17.86 -3.81 -25.34
C GLU C 173 16.52 -4.53 -25.34
N ARG C 174 16.45 -5.64 -26.09
CA ARG C 174 15.21 -6.38 -26.25
C ARG C 174 14.65 -6.84 -24.91
N GLU C 175 15.46 -7.59 -24.15
CA GLU C 175 15.00 -8.11 -22.87
C GLU C 175 14.65 -6.97 -21.91
N MET C 176 15.48 -5.91 -21.89
CA MET C 176 15.20 -4.79 -21.00
C MET C 176 13.88 -4.14 -21.35
N SER C 177 13.54 -4.05 -22.64
CA SER C 177 12.24 -3.53 -23.04
C SER C 177 11.12 -4.40 -22.49
N TRP C 178 11.27 -5.72 -22.55
CA TRP C 178 10.26 -6.61 -21.98
C TRP C 178 10.14 -6.39 -20.48
N ILE C 179 11.26 -6.32 -19.76
CA ILE C 179 11.23 -6.12 -18.31
C ILE C 179 10.48 -4.84 -17.95
N ALA C 180 10.87 -3.73 -18.59
CA ALA C 180 10.26 -2.44 -18.26
C ALA C 180 8.76 -2.44 -18.56
N ASP C 181 8.36 -3.13 -19.63
CA ASP C 181 6.96 -3.08 -20.03
C ASP C 181 6.07 -3.85 -19.06
N THR C 182 6.49 -5.05 -18.61
CA THR C 182 5.62 -5.76 -17.67
C THR C 182 5.69 -5.17 -16.27
N TYR C 183 6.82 -4.57 -15.87
CA TYR C 183 6.84 -3.88 -14.59
C TYR C 183 5.86 -2.70 -14.60
N ALA C 184 5.97 -1.85 -15.62
CA ALA C 184 5.17 -0.63 -15.64
C ALA C 184 3.69 -0.91 -15.86
N SER C 185 3.35 -2.03 -16.49
CA SER C 185 1.96 -2.35 -16.77
C SER C 185 1.26 -3.06 -15.63
N THR C 186 1.99 -3.52 -14.62
CA THR C 186 1.39 -4.24 -13.51
C THR C 186 1.72 -3.51 -12.23
N ILE C 187 2.72 -3.96 -11.49
CA ILE C 187 2.98 -3.43 -10.15
C ILE C 187 3.33 -1.94 -10.17
N GLY C 188 3.92 -1.45 -11.26
CA GLY C 188 4.33 -0.06 -11.32
C GLY C 188 3.33 0.89 -11.97
N HIS C 189 2.07 0.47 -12.11
CA HIS C 189 1.10 1.24 -12.88
C HIS C 189 0.83 2.62 -12.29
N TYR C 190 1.02 2.79 -10.97
CA TYR C 190 0.78 4.07 -10.31
C TYR C 190 2.06 4.78 -9.93
N ASP C 191 3.21 4.20 -10.24
CA ASP C 191 4.50 4.74 -9.84
C ASP C 191 5.01 5.71 -10.90
N ILE C 192 5.25 6.95 -10.51
CA ILE C 192 5.72 7.98 -11.41
C ILE C 192 7.06 7.62 -12.02
N ASN C 193 7.82 6.74 -11.36
CA ASN C 193 9.16 6.37 -11.80
C ASN C 193 9.23 4.94 -12.32
N ALA C 194 8.09 4.40 -12.80
CA ALA C 194 8.02 2.99 -13.14
C ALA C 194 9.04 2.60 -14.20
N HIS C 195 9.29 3.47 -15.18
CA HIS C 195 10.20 3.08 -16.25
CA HIS C 195 10.20 3.13 -16.26
C HIS C 195 11.67 3.26 -15.89
N ALA C 196 11.98 3.69 -14.66
CA ALA C 196 13.33 3.65 -14.13
C ALA C 196 13.63 2.34 -13.41
N CYS C 197 12.75 1.34 -13.56
CA CYS C 197 12.95 0.05 -12.92
C CYS C 197 14.07 -0.76 -13.53
N VAL C 198 14.54 -0.38 -14.73
CA VAL C 198 15.56 -1.12 -15.46
C VAL C 198 16.26 -0.14 -16.39
N THR C 199 17.53 -0.40 -16.67
CA THR C 199 18.29 0.42 -17.61
C THR C 199 18.76 -0.44 -18.78
N GLY C 200 19.39 0.22 -19.74
CA GLY C 200 19.67 -0.43 -21.01
C GLY C 200 18.46 -0.57 -21.90
N LYS C 201 17.44 0.26 -21.68
CA LYS C 201 16.24 0.22 -22.49
C LYS C 201 16.53 0.77 -23.89
N PRO C 202 15.70 0.43 -24.87
CA PRO C 202 15.77 1.14 -26.15
C PRO C 202 15.44 2.61 -25.96
N ILE C 203 15.92 3.44 -26.90
CA ILE C 203 15.70 4.88 -26.79
C ILE C 203 14.21 5.19 -26.74
N SER C 204 13.42 4.52 -27.58
CA SER C 204 11.98 4.78 -27.64
C SER C 204 11.28 4.52 -26.32
N GLN C 205 11.93 3.84 -25.38
CA GLN C 205 11.26 3.50 -24.14
C GLN C 205 12.03 3.97 -22.91
N GLY C 206 12.75 5.06 -23.05
CA GLY C 206 13.44 5.68 -21.95
C GLY C 206 14.92 5.40 -21.91
N GLY C 207 15.46 4.69 -22.89
CA GLY C 207 16.89 4.47 -22.95
C GLY C 207 17.64 5.76 -23.20
N ILE C 208 18.96 5.68 -23.06
CA ILE C 208 19.80 6.85 -23.20
C ILE C 208 20.78 6.62 -24.35
N HIS C 209 21.15 7.73 -25.01
CA HIS C 209 22.11 7.67 -26.10
C HIS C 209 23.40 6.98 -25.65
N GLY C 210 23.80 5.96 -26.40
CA GLY C 210 25.10 5.34 -26.24
C GLY C 210 25.21 4.29 -25.16
N ARG C 211 24.10 3.81 -24.60
CA ARG C 211 24.20 2.82 -23.54
C ARG C 211 24.78 1.51 -24.05
N ILE C 212 24.40 1.09 -25.26
CA ILE C 212 24.89 -0.18 -25.79
C ILE C 212 26.40 -0.17 -25.90
N SER C 213 26.96 0.93 -26.39
CA SER C 213 28.40 1.04 -26.59
C SER C 213 29.13 1.63 -25.40
N ALA C 214 28.41 1.93 -24.32
CA ALA C 214 29.00 2.70 -23.21
C ALA C 214 30.16 1.97 -22.55
N THR C 215 30.00 0.67 -22.32
CA THR C 215 31.07 -0.03 -21.61
C THR C 215 32.29 -0.25 -22.50
N GLY C 216 32.09 -0.37 -23.81
CA GLY C 216 33.22 -0.32 -24.72
C GLY C 216 33.89 1.04 -24.72
N ARG C 217 33.08 2.11 -24.75
CA ARG C 217 33.64 3.47 -24.71
C ARG C 217 34.45 3.69 -23.44
N GLY C 218 34.00 3.13 -22.32
CA GLY C 218 34.73 3.27 -21.08
C GLY C 218 36.01 2.45 -21.05
N VAL C 219 36.02 1.30 -21.73
CA VAL C 219 37.24 0.52 -21.84
C VAL C 219 38.31 1.31 -22.56
N PHE C 220 37.92 2.05 -23.60
CA PHE C 220 38.88 2.89 -24.30
C PHE C 220 39.43 3.97 -23.37
N HIS C 221 38.54 4.67 -22.67
CA HIS C 221 38.98 5.75 -21.77
C HIS C 221 39.85 5.22 -20.64
N GLY C 222 39.56 4.03 -20.14
CA GLY C 222 40.39 3.47 -19.08
C GLY C 222 41.79 3.12 -19.55
N ILE C 223 41.89 2.47 -20.71
CA ILE C 223 43.20 2.20 -21.30
C ILE C 223 43.93 3.51 -21.58
N GLU C 224 43.26 4.48 -22.23
CA GLU C 224 43.85 5.77 -22.55
C GLU C 224 44.56 6.38 -21.36
N ASN C 225 43.87 6.43 -20.22
CA ASN C 225 44.40 7.13 -19.07
C ASN C 225 45.70 6.51 -18.61
N PHE C 226 45.86 5.20 -18.78
CA PHE C 226 47.07 4.53 -18.34
C PHE C 226 48.11 4.43 -19.45
N ILE C 227 47.67 4.22 -20.70
CA ILE C 227 48.60 4.14 -21.82
C ILE C 227 49.27 5.47 -22.11
N ASN C 228 48.80 6.56 -21.51
CA ASN C 228 49.39 7.89 -21.69
C ASN C 228 50.14 8.38 -20.46
N GLU C 229 50.33 7.54 -19.44
CA GLU C 229 51.12 7.86 -18.26
C GLU C 229 52.51 7.28 -18.46
N ALA C 230 53.50 8.13 -18.72
CA ALA C 230 54.84 7.66 -19.05
C ALA C 230 55.45 6.82 -17.92
N SER C 231 55.10 7.11 -16.66
CA SER C 231 55.64 6.36 -15.55
C SER C 231 55.26 4.89 -15.62
N TYR C 232 54.01 4.59 -15.99
CA TYR C 232 53.61 3.19 -16.13
C TYR C 232 54.13 2.57 -17.41
N MET C 233 54.27 3.36 -18.48
CA MET C 233 54.76 2.80 -19.73
C MET C 233 56.25 2.56 -19.70
N SER C 234 56.98 3.27 -18.84
CA SER C 234 58.39 2.95 -18.61
C SER C 234 58.55 1.55 -18.06
N ILE C 235 57.90 1.28 -16.92
CA ILE C 235 57.97 -0.04 -16.28
C ILE C 235 57.60 -1.16 -17.25
N LEU C 236 56.76 -0.86 -18.24
CA LEU C 236 56.39 -1.82 -19.28
C LEU C 236 57.37 -1.87 -20.43
N GLY C 237 58.27 -0.89 -20.54
CA GLY C 237 59.07 -0.78 -21.73
C GLY C 237 58.21 -0.64 -22.97
N MET C 238 57.36 0.39 -23.01
CA MET C 238 56.68 0.72 -24.25
C MET C 238 56.42 2.22 -24.28
N THR C 239 56.03 2.68 -25.45
CA THR C 239 55.88 4.06 -25.88
C THR C 239 54.47 4.55 -25.61
N PRO C 240 54.29 5.71 -24.99
CA PRO C 240 52.95 6.25 -24.76
C PRO C 240 52.18 6.45 -26.06
N GLY C 241 50.86 6.36 -25.96
CA GLY C 241 49.98 6.60 -27.07
C GLY C 241 49.41 5.31 -27.66
N PHE C 242 48.45 5.49 -28.57
CA PHE C 242 47.80 4.38 -29.25
C PHE C 242 48.34 4.12 -30.64
N GLY C 243 48.84 5.16 -31.31
CA GLY C 243 49.10 5.12 -32.74
C GLY C 243 49.93 3.96 -33.26
N ASP C 244 50.61 3.23 -32.37
CA ASP C 244 51.54 2.21 -32.81
C ASP C 244 51.24 0.85 -32.20
N LYS C 245 50.07 0.64 -31.61
CA LYS C 245 49.89 -0.56 -30.80
C LYS C 245 48.91 -1.56 -31.36
N THR C 246 48.98 -2.78 -30.82
CA THR C 246 48.25 -3.91 -31.35
C THR C 246 47.42 -4.41 -30.19
N PHE C 247 46.27 -5.00 -30.49
CA PHE C 247 45.48 -5.60 -29.43
C PHE C 247 44.68 -6.78 -29.97
N ALA C 248 44.31 -7.66 -29.05
CA ALA C 248 43.43 -8.79 -29.34
C ALA C 248 42.26 -8.79 -28.38
N VAL C 249 41.16 -9.34 -28.85
CA VAL C 249 39.85 -9.23 -28.22
C VAL C 249 39.25 -10.61 -28.08
N GLN C 250 39.07 -11.07 -26.85
CA GLN C 250 38.39 -12.33 -26.59
C GLN C 250 36.91 -12.03 -26.33
N GLY C 251 36.06 -12.40 -27.27
CA GLY C 251 34.65 -12.10 -27.14
C GLY C 251 34.24 -10.94 -28.01
N PHE C 252 33.32 -11.18 -28.94
CA PHE C 252 32.87 -10.17 -29.90
C PHE C 252 31.41 -9.81 -29.66
N GLY C 253 31.06 -9.63 -28.40
CA GLY C 253 29.72 -9.20 -28.01
C GLY C 253 29.64 -7.69 -27.84
N ASN C 254 28.77 -7.26 -26.93
CA ASN C 254 28.55 -5.83 -26.74
C ASN C 254 29.79 -5.13 -26.19
N VAL C 255 30.53 -5.79 -25.30
CA VAL C 255 31.75 -5.19 -24.77
C VAL C 255 32.89 -5.30 -25.79
N GLY C 256 33.07 -6.48 -26.37
CA GLY C 256 34.22 -6.70 -27.24
C GLY C 256 34.16 -5.87 -28.52
N LEU C 257 33.00 -5.87 -29.19
CA LEU C 257 32.87 -5.16 -30.45
C LEU C 257 33.17 -3.67 -30.29
N HIS C 258 32.59 -3.05 -29.26
CA HIS C 258 32.69 -1.60 -29.15
C HIS C 258 34.04 -1.17 -28.60
N SER C 259 34.66 -1.98 -27.75
CA SER C 259 36.07 -1.74 -27.43
C SER C 259 36.91 -1.71 -28.69
N MET C 260 36.66 -2.65 -29.60
CA MET C 260 37.41 -2.68 -30.86
C MET C 260 37.16 -1.44 -31.70
N ARG C 261 35.90 -1.00 -31.77
CA ARG C 261 35.56 0.17 -32.57
C ARG C 261 36.33 1.40 -32.12
N TYR C 262 36.35 1.66 -30.81
CA TYR C 262 36.94 2.90 -30.32
C TYR C 262 38.47 2.85 -30.35
N LEU C 263 39.05 1.69 -30.04
CA LEU C 263 40.51 1.55 -30.15
C LEU C 263 40.96 1.69 -31.59
N HIS C 264 40.24 1.02 -32.50
CA HIS C 264 40.55 1.19 -33.92
C HIS C 264 40.48 2.65 -34.34
N ARG C 265 39.50 3.38 -33.81
CA ARG C 265 39.29 4.75 -34.23
C ARG C 265 40.47 5.66 -33.87
N PHE C 266 41.19 5.34 -32.80
CA PHE C 266 42.31 6.16 -32.38
C PHE C 266 43.67 5.54 -32.69
N GLY C 267 43.73 4.68 -33.70
CA GLY C 267 44.99 4.26 -34.27
C GLY C 267 45.56 2.95 -33.80
N ALA C 268 44.89 2.24 -32.89
CA ALA C 268 45.34 0.89 -32.58
C ALA C 268 44.88 -0.08 -33.66
N LYS C 269 45.52 -1.23 -33.74
CA LYS C 269 45.22 -2.19 -34.78
C LYS C 269 44.88 -3.53 -34.17
N CYS C 270 43.67 -4.02 -34.46
CA CYS C 270 43.20 -5.29 -33.94
C CYS C 270 43.77 -6.43 -34.77
N VAL C 271 44.59 -7.27 -34.14
CA VAL C 271 45.17 -8.49 -34.74
C VAL C 271 44.34 -9.76 -34.65
N ALA C 272 43.60 -9.91 -33.56
CA ALA C 272 42.99 -11.20 -33.32
C ALA C 272 41.66 -10.97 -32.62
N VAL C 273 40.68 -11.76 -33.01
CA VAL C 273 39.35 -11.73 -32.41
C VAL C 273 38.95 -13.17 -32.14
N GLY C 274 38.73 -13.49 -30.88
CA GLY C 274 38.35 -14.83 -30.46
C GLY C 274 36.89 -14.87 -30.06
N GLU C 275 36.25 -15.98 -30.41
CA GLU C 275 34.94 -16.30 -29.90
C GLU C 275 34.68 -17.70 -29.40
N SER C 276 33.40 -18.00 -29.19
CA SER C 276 32.99 -19.26 -28.61
C SER C 276 33.28 -20.45 -29.52
N ASP C 277 33.38 -20.23 -30.83
CA ASP C 277 33.63 -21.32 -31.76
C ASP C 277 35.06 -21.35 -32.31
N GLY C 278 35.79 -20.26 -32.21
CA GLY C 278 37.13 -20.19 -32.74
C GLY C 278 37.60 -18.76 -32.78
N SER C 279 38.84 -18.59 -33.23
CA SER C 279 39.41 -17.27 -33.44
C SER C 279 39.90 -17.04 -34.85
N ILE C 280 40.15 -15.76 -35.14
CA ILE C 280 40.65 -15.30 -36.42
C ILE C 280 41.80 -14.34 -36.17
N TRP C 281 42.70 -14.23 -37.13
CA TRP C 281 43.97 -13.56 -36.92
C TRP C 281 44.45 -12.94 -38.22
N ASN C 282 45.10 -11.79 -38.08
CA ASN C 282 45.64 -11.01 -39.18
C ASN C 282 46.57 -9.94 -38.63
N PRO C 283 47.89 -10.09 -38.78
CA PRO C 283 48.82 -9.10 -38.21
C PRO C 283 48.77 -7.76 -38.89
N ASP C 284 48.04 -7.63 -40.01
CA ASP C 284 47.87 -6.35 -40.69
C ASP C 284 46.69 -5.56 -40.16
N GLY C 285 45.82 -6.19 -39.38
CA GLY C 285 44.70 -5.49 -38.80
C GLY C 285 43.36 -5.99 -39.29
N ILE C 286 42.38 -5.99 -38.39
CA ILE C 286 41.00 -6.35 -38.69
C ILE C 286 40.13 -5.11 -38.58
N ASP C 287 39.25 -4.92 -39.56
CA ASP C 287 38.39 -3.75 -39.46
C ASP C 287 37.11 -4.10 -38.73
N PRO C 288 36.72 -3.32 -37.73
CA PRO C 288 35.54 -3.67 -36.94
C PRO C 288 34.22 -3.61 -37.69
N LYS C 289 34.01 -2.68 -38.64
CA LYS C 289 32.71 -2.66 -39.30
C LYS C 289 32.58 -3.81 -40.31
N GLU C 290 33.68 -4.17 -41.00
CA GLU C 290 33.61 -5.35 -41.87
C GLU C 290 33.34 -6.60 -41.07
N LEU C 291 33.93 -6.70 -39.89
CA LEU C 291 33.82 -7.93 -39.13
C LEU C 291 32.46 -8.02 -38.46
N GLU C 292 31.91 -6.89 -37.99
CA GLU C 292 30.52 -6.87 -37.54
C GLU C 292 29.55 -7.15 -38.69
N ASP C 293 29.79 -6.58 -39.87
CA ASP C 293 28.83 -6.85 -40.92
C ASP C 293 28.90 -8.32 -41.35
N PHE C 294 30.09 -8.91 -41.34
CA PHE C 294 30.16 -10.36 -41.61
C PHE C 294 29.45 -11.16 -40.52
N LYS C 295 29.65 -10.78 -39.26
CA LYS C 295 29.04 -11.51 -38.16
C LYS C 295 27.53 -11.39 -38.17
N LEU C 296 27.00 -10.22 -38.50
CA LEU C 296 25.55 -10.05 -38.62
C LEU C 296 24.98 -10.93 -39.72
N GLN C 297 25.75 -11.12 -40.79
CA GLN C 297 25.28 -11.85 -41.97
C GLN C 297 25.31 -13.36 -41.77
N HIS C 298 26.37 -13.87 -41.15
CA HIS C 298 26.60 -15.31 -41.07
C HIS C 298 26.46 -15.88 -39.67
N GLY C 299 26.23 -15.04 -38.66
CA GLY C 299 26.11 -15.54 -37.29
C GLY C 299 27.38 -16.10 -36.71
N THR C 300 28.53 -15.85 -37.32
CA THR C 300 29.79 -16.36 -36.81
C THR C 300 30.92 -15.49 -37.31
N ILE C 301 32.08 -15.68 -36.66
CA ILE C 301 33.31 -14.98 -37.00
C ILE C 301 34.12 -15.78 -38.00
N LEU C 302 34.00 -17.11 -37.95
CA LEU C 302 34.83 -17.96 -38.76
C LEU C 302 34.51 -17.78 -40.23
N GLY C 303 35.54 -17.90 -41.06
CA GLY C 303 35.39 -17.70 -42.47
C GLY C 303 35.41 -16.26 -42.89
N PHE C 304 35.76 -15.34 -42.00
CA PHE C 304 35.88 -13.93 -42.37
C PHE C 304 36.91 -13.81 -43.48
N PRO C 305 36.55 -13.23 -44.63
CA PRO C 305 37.47 -13.27 -45.79
C PRO C 305 38.85 -12.68 -45.54
N LYS C 306 38.95 -11.63 -44.72
CA LYS C 306 40.19 -10.87 -44.60
C LYS C 306 40.99 -11.22 -43.37
N ALA C 307 40.88 -12.44 -42.91
CA ALA C 307 41.75 -12.95 -41.86
C ALA C 307 41.78 -14.47 -41.96
N LYS C 308 42.63 -15.11 -41.17
CA LYS C 308 42.93 -16.51 -41.30
C LYS C 308 42.52 -17.21 -39.98
N ILE C 309 41.69 -18.28 -40.08
CA ILE C 309 41.22 -19.08 -38.96
C ILE C 309 42.45 -19.48 -38.07
N TYR C 310 42.59 -18.84 -36.92
CA TYR C 310 43.71 -19.04 -36.06
C TYR C 310 43.40 -20.15 -35.06
N GLU C 311 44.37 -21.07 -34.89
CA GLU C 311 44.27 -22.16 -33.93
C GLU C 311 45.18 -21.86 -32.74
N GLY C 312 44.82 -22.40 -31.59
CA GLY C 312 45.49 -22.03 -30.37
C GLY C 312 44.88 -20.80 -29.73
N SER C 313 45.17 -20.63 -28.44
CA SER C 313 44.39 -19.73 -27.60
C SER C 313 44.50 -18.28 -28.05
N ILE C 314 43.33 -17.63 -28.20
CA ILE C 314 43.28 -16.17 -28.41
C ILE C 314 44.06 -15.44 -27.33
N LEU C 315 44.05 -15.97 -26.09
CA LEU C 315 44.68 -15.29 -24.97
C LEU C 315 46.19 -15.26 -25.10
N GLU C 316 46.78 -16.10 -25.96
CA GLU C 316 48.21 -16.21 -26.10
C GLU C 316 48.71 -15.54 -27.37
N VAL C 317 47.79 -14.93 -28.13
CA VAL C 317 48.17 -14.29 -29.37
C VAL C 317 49.17 -13.22 -29.02
N ASP C 318 50.05 -12.91 -29.97
CA ASP C 318 51.08 -11.91 -29.74
C ASP C 318 50.55 -10.50 -30.09
N CYS C 319 50.62 -9.60 -29.10
CA CYS C 319 50.02 -8.28 -29.18
C CYS C 319 50.50 -7.45 -27.99
N ASP C 320 50.15 -6.16 -28.00
CA ASP C 320 50.48 -5.31 -26.86
C ASP C 320 49.40 -5.38 -25.78
N ILE C 321 48.14 -5.38 -26.17
CA ILE C 321 47.01 -5.25 -25.25
C ILE C 321 46.07 -6.42 -25.47
N LEU C 322 45.82 -7.19 -24.41
CA LEU C 322 44.84 -8.27 -24.43
C LEU C 322 43.57 -7.82 -23.74
N ILE C 323 42.44 -7.92 -24.44
CA ILE C 323 41.15 -7.53 -23.88
C ILE C 323 40.26 -8.76 -23.73
N PRO C 324 40.28 -9.42 -22.57
CA PRO C 324 39.30 -10.49 -22.33
C PRO C 324 37.92 -9.87 -22.10
N ALA C 325 36.99 -10.17 -23.01
CA ALA C 325 35.65 -9.59 -22.99
C ALA C 325 34.58 -10.65 -23.12
N ALA C 326 34.83 -11.83 -22.54
CA ALA C 326 33.86 -12.92 -22.61
C ALA C 326 33.46 -13.27 -21.19
N SER C 327 33.63 -14.50 -20.76
CA SER C 327 33.21 -14.87 -19.41
C SER C 327 34.40 -14.77 -18.45
N GLU C 328 34.26 -15.36 -17.28
CA GLU C 328 35.23 -15.21 -16.20
C GLU C 328 36.21 -16.37 -16.11
N LYS C 329 37.30 -16.12 -15.38
CA LYS C 329 38.32 -17.12 -15.07
C LYS C 329 38.88 -17.72 -16.36
N GLN C 330 39.35 -16.85 -17.25
CA GLN C 330 39.98 -17.28 -18.48
C GLN C 330 41.50 -17.25 -18.40
N LEU C 331 42.08 -16.38 -17.58
CA LEU C 331 43.52 -16.38 -17.35
C LEU C 331 43.77 -17.05 -15.99
N THR C 332 44.56 -18.13 -16.01
CA THR C 332 44.74 -18.99 -14.86
C THR C 332 46.23 -19.22 -14.62
N LYS C 333 46.52 -20.01 -13.58
CA LYS C 333 47.86 -20.56 -13.35
C LYS C 333 48.47 -21.06 -14.65
N SER C 334 47.71 -21.87 -15.38
CA SER C 334 48.19 -22.58 -16.57
C SER C 334 48.72 -21.64 -17.65
N ASN C 335 47.84 -20.83 -18.25
CA ASN C 335 48.25 -20.09 -19.44
C ASN C 335 48.80 -18.70 -19.14
N ALA C 336 48.79 -18.25 -17.88
CA ALA C 336 49.37 -16.96 -17.56
C ALA C 336 50.84 -16.83 -17.99
N PRO C 337 51.70 -17.85 -17.88
CA PRO C 337 53.09 -17.67 -18.33
C PRO C 337 53.26 -17.49 -19.84
N ARG C 338 52.22 -17.67 -20.66
CA ARG C 338 52.36 -17.65 -22.11
C ARG C 338 51.59 -16.50 -22.76
N VAL C 339 51.39 -15.41 -22.02
CA VAL C 339 50.37 -14.42 -22.42
C VAL C 339 50.88 -13.49 -23.52
N LYS C 340 52.15 -13.06 -23.45
CA LYS C 340 52.84 -12.29 -24.48
C LYS C 340 52.45 -10.81 -24.54
N ALA C 341 51.29 -10.45 -23.99
CA ALA C 341 50.89 -9.05 -23.98
C ALA C 341 51.44 -8.35 -22.73
N LYS C 342 51.64 -7.03 -22.85
CA LYS C 342 52.15 -6.23 -21.74
C LYS C 342 51.04 -5.58 -20.91
N ILE C 343 49.85 -5.39 -21.50
CA ILE C 343 48.71 -4.80 -20.80
C ILE C 343 47.51 -5.73 -20.96
N ILE C 344 46.89 -6.10 -19.85
CA ILE C 344 45.66 -6.88 -19.86
C ILE C 344 44.55 -5.98 -19.36
N ALA C 345 43.61 -5.66 -20.25
CA ALA C 345 42.50 -4.76 -19.96
C ALA C 345 41.24 -5.62 -19.80
N GLU C 346 40.84 -5.86 -18.55
CA GLU C 346 39.68 -6.69 -18.28
C GLU C 346 38.40 -5.93 -18.63
N GLY C 347 37.82 -6.24 -19.79
CA GLY C 347 36.50 -5.76 -20.10
C GLY C 347 35.45 -6.61 -19.43
N ALA C 348 35.71 -7.91 -19.35
CA ALA C 348 34.79 -8.83 -18.70
C ALA C 348 34.94 -8.76 -17.17
N ASN C 349 33.97 -9.38 -16.49
CA ASN C 349 33.96 -9.43 -15.03
C ASN C 349 34.73 -10.66 -14.58
N GLY C 350 35.77 -10.44 -13.79
CA GLY C 350 36.57 -11.50 -13.20
C GLY C 350 37.24 -12.48 -14.15
N PRO C 351 37.91 -11.99 -15.21
CA PRO C 351 38.56 -12.90 -16.14
C PRO C 351 39.90 -13.47 -15.66
N THR C 352 40.45 -12.98 -14.55
CA THR C 352 41.79 -13.35 -14.11
C THR C 352 41.72 -13.92 -12.70
N THR C 353 42.25 -15.14 -12.52
CA THR C 353 42.34 -15.72 -11.18
C THR C 353 43.42 -15.02 -10.36
N PRO C 354 43.37 -15.14 -9.03
CA PRO C 354 44.44 -14.57 -8.21
C PRO C 354 45.81 -15.17 -8.47
N GLU C 355 45.89 -16.46 -8.86
CA GLU C 355 47.19 -17.04 -9.20
C GLU C 355 47.76 -16.41 -10.45
N ALA C 356 46.91 -16.20 -11.44
CA ALA C 356 47.35 -15.53 -12.66
C ALA C 356 47.78 -14.10 -12.38
N ASP C 357 47.13 -13.44 -11.41
CA ASP C 357 47.58 -12.10 -11.03
C ASP C 357 48.99 -12.14 -10.45
N LYS C 358 49.26 -13.13 -9.61
CA LYS C 358 50.60 -13.38 -9.09
C LYS C 358 51.64 -13.39 -10.21
N ILE C 359 51.42 -14.24 -11.22
CA ILE C 359 52.37 -14.41 -12.31
C ILE C 359 52.54 -13.10 -13.09
N PHE C 360 51.42 -12.43 -13.40
CA PHE C 360 51.49 -11.19 -14.16
C PHE C 360 52.31 -10.14 -13.43
N LEU C 361 52.18 -10.07 -12.10
CA LEU C 361 52.99 -9.14 -11.32
C LEU C 361 54.47 -9.43 -11.48
N GLU C 362 54.86 -10.70 -11.37
CA GLU C 362 56.28 -11.05 -11.48
C GLU C 362 56.85 -10.70 -12.84
N ARG C 363 56.04 -10.80 -13.89
CA ARG C 363 56.52 -10.55 -15.25
C ARG C 363 56.30 -9.13 -15.70
N ASN C 364 55.99 -8.21 -14.78
CA ASN C 364 55.72 -6.81 -15.13
C ASN C 364 54.68 -6.69 -16.24
N ILE C 365 53.56 -7.39 -16.05
CA ILE C 365 52.39 -7.27 -16.90
C ILE C 365 51.35 -6.45 -16.15
N MET C 366 50.84 -5.40 -16.79
CA MET C 366 49.87 -4.53 -16.15
C MET C 366 48.46 -5.04 -16.42
N VAL C 367 47.75 -5.38 -15.35
CA VAL C 367 46.33 -5.77 -15.42
C VAL C 367 45.50 -4.56 -14.99
N ILE C 368 44.80 -3.95 -15.93
CA ILE C 368 43.84 -2.91 -15.61
C ILE C 368 42.54 -3.59 -15.18
N PRO C 369 42.13 -3.45 -13.93
CA PRO C 369 41.15 -4.37 -13.36
C PRO C 369 39.70 -4.04 -13.71
N ASP C 370 38.86 -5.07 -13.59
CA ASP C 370 37.46 -4.96 -14.02
C ASP C 370 36.72 -3.90 -13.21
N LEU C 371 36.89 -3.92 -11.88
CA LEU C 371 36.36 -2.92 -10.96
C LEU C 371 36.34 -1.52 -11.54
N TYR C 372 37.39 -1.16 -12.26
CA TYR C 372 37.55 0.16 -12.83
C TYR C 372 37.19 0.20 -14.31
N LEU C 373 37.71 -0.76 -15.08
CA LEU C 373 37.77 -0.59 -16.53
C LEU C 373 36.41 -0.78 -17.21
N ASN C 374 35.59 -1.72 -16.75
CA ASN C 374 34.30 -1.93 -17.39
C ASN C 374 33.16 -1.16 -16.73
N ALA C 375 33.48 -0.22 -15.85
CA ALA C 375 32.46 0.53 -15.10
C ALA C 375 31.78 1.60 -15.94
N GLY C 376 32.11 1.73 -17.22
CA GLY C 376 31.40 2.66 -18.07
C GLY C 376 29.97 2.24 -18.34
N GLY C 377 29.72 0.92 -18.31
CA GLY C 377 28.35 0.46 -18.44
C GLY C 377 27.45 0.95 -17.32
N VAL C 378 27.88 0.74 -16.06
CA VAL C 378 27.06 1.16 -14.94
C VAL C 378 27.02 2.68 -14.82
N THR C 379 28.07 3.37 -15.27
CA THR C 379 28.05 4.82 -15.23
C THR C 379 26.99 5.41 -16.16
N VAL C 380 26.84 4.85 -17.34
CA VAL C 380 25.85 5.37 -18.28
C VAL C 380 24.46 4.83 -17.95
N SER C 381 24.36 3.64 -17.34
CA SER C 381 23.10 3.21 -16.76
C SER C 381 22.62 4.19 -15.71
N TYR C 382 23.55 4.69 -14.89
CA TYR C 382 23.23 5.71 -13.90
C TYR C 382 22.67 6.96 -14.56
N PHE C 383 23.27 7.39 -15.68
CA PHE C 383 22.74 8.53 -16.42
C PHE C 383 21.34 8.24 -16.94
N GLU C 384 21.10 7.03 -17.44
CA GLU C 384 19.77 6.67 -17.93
C GLU C 384 18.73 6.73 -16.82
N TRP C 385 19.09 6.18 -15.64
CA TRP C 385 18.21 6.21 -14.48
C TRP C 385 17.84 7.65 -14.10
N LEU C 386 18.84 8.55 -14.09
CA LEU C 386 18.56 9.95 -13.77
C LEU C 386 17.68 10.59 -14.84
N LYS C 387 17.92 10.26 -16.11
CA LYS C 387 17.07 10.77 -17.17
C LYS C 387 15.62 10.37 -16.94
N ASN C 388 15.41 9.12 -16.50
CA ASN C 388 14.05 8.67 -16.23
C ASN C 388 13.43 9.42 -15.06
N LEU C 389 14.21 9.62 -13.98
CA LEU C 389 13.67 10.32 -12.82
C LEU C 389 13.33 11.77 -13.14
N ASN C 390 14.02 12.38 -14.10
CA ASN C 390 13.85 13.81 -14.36
C ASN C 390 12.75 14.13 -15.36
N HIS C 391 12.38 13.17 -16.22
CA HIS C 391 11.22 13.28 -17.10
C HIS C 391 11.34 14.37 -18.15
N VAL C 392 12.57 14.83 -18.44
CA VAL C 392 12.88 15.66 -19.60
C VAL C 392 14.13 15.12 -20.26
N SER C 393 14.21 15.33 -21.58
CA SER C 393 15.47 15.16 -22.28
C SER C 393 16.37 16.34 -21.97
N TYR C 394 17.65 16.05 -21.80
CA TYR C 394 18.60 17.08 -21.39
C TYR C 394 18.63 18.23 -22.37
N GLY C 395 18.53 19.45 -21.83
CA GLY C 395 18.67 20.66 -22.62
C GLY C 395 17.39 21.19 -23.24
N ARG C 396 16.31 20.38 -23.26
CA ARG C 396 15.10 20.78 -23.98
C ARG C 396 14.49 22.06 -23.44
N LEU C 397 14.61 22.30 -22.14
CA LEU C 397 14.06 23.51 -21.56
C LEU C 397 14.92 24.74 -21.83
N THR C 398 16.20 24.55 -22.18
CA THR C 398 17.16 25.64 -22.14
C THR C 398 17.88 25.93 -23.45
N PHE C 399 17.68 25.11 -24.49
CA PHE C 399 18.43 25.30 -25.74
C PHE C 399 18.29 26.73 -26.26
N LYS C 400 17.05 27.20 -26.40
CA LYS C 400 16.83 28.52 -26.98
C LYS C 400 17.35 29.62 -26.06
N TYR C 401 16.97 29.58 -24.76
CA TYR C 401 17.51 30.55 -23.81
C TYR C 401 19.02 30.65 -23.84
N GLU C 402 19.70 29.52 -23.80
CA GLU C 402 21.14 29.50 -23.72
C GLU C 402 21.78 30.02 -24.99
N ARG C 403 21.20 29.69 -26.14
CA ARG C 403 21.70 30.16 -27.42
C ARG C 403 21.56 31.67 -27.53
N ASP C 404 20.41 32.21 -27.12
CA ASP C 404 20.23 33.66 -27.09
C ASP C 404 21.18 34.31 -26.10
N SER C 405 21.38 33.68 -24.94
CA SER C 405 22.24 34.25 -23.91
C SER C 405 23.68 34.36 -24.41
N ASN C 406 24.16 33.34 -25.12
CA ASN C 406 25.55 33.35 -25.58
C ASN C 406 25.79 34.44 -26.62
N TYR C 407 24.82 34.65 -27.52
CA TYR C 407 25.00 35.68 -28.53
C TYR C 407 24.99 37.07 -27.92
N HIS C 408 24.12 37.31 -26.92
CA HIS C 408 24.14 38.57 -26.21
C HIS C 408 25.42 38.76 -25.41
N LEU C 409 26.02 37.66 -24.93
CA LEU C 409 27.29 37.77 -24.23
C LEU C 409 28.39 38.22 -25.17
N LEU C 410 28.51 37.57 -26.33
CA LEU C 410 29.51 37.96 -27.31
C LEU C 410 29.27 39.37 -27.81
N MET C 411 28.00 39.77 -27.94
CA MET C 411 27.68 41.13 -28.35
C MET C 411 28.07 42.15 -27.28
N SER C 412 28.13 41.72 -26.01
CA SER C 412 28.57 42.63 -24.95
C SER C 412 30.06 42.94 -25.10
N VAL C 413 30.86 41.96 -25.51
CA VAL C 413 32.26 42.21 -25.80
C VAL C 413 32.40 43.11 -27.02
N GLN C 414 31.62 42.84 -28.07
CA GLN C 414 31.73 43.60 -29.31
C GLN C 414 31.39 45.07 -29.06
N GLU C 415 30.24 45.34 -28.42
CA GLU C 415 29.84 46.72 -28.19
C GLU C 415 30.78 47.45 -27.25
N SER C 416 31.34 46.74 -26.25
CA SER C 416 32.31 47.36 -25.35
C SER C 416 33.56 47.78 -26.12
N LEU C 417 34.00 46.97 -27.07
CA LEU C 417 35.20 47.29 -27.83
C LEU C 417 34.95 48.43 -28.83
N GLU C 418 33.82 48.41 -29.53
CA GLU C 418 33.50 49.51 -30.43
C GLU C 418 33.36 50.81 -29.66
N ARG C 419 32.70 50.77 -28.49
CA ARG C 419 32.53 51.95 -27.62
C ARG C 419 33.78 52.36 -26.93
N LYS C 420 34.90 51.80 -27.36
CA LYS C 420 36.15 52.40 -26.94
C LYS C 420 37.07 52.70 -28.11
N PHE C 421 37.20 51.79 -29.09
CA PHE C 421 37.93 52.07 -30.32
C PHE C 421 36.99 52.63 -31.40
N GLY C 422 36.16 53.60 -31.03
CA GLY C 422 35.08 54.18 -31.81
C GLY C 422 34.92 53.87 -33.29
N LYS C 423 34.80 54.92 -34.09
CA LYS C 423 34.82 54.78 -35.54
C LYS C 423 36.24 54.89 -36.09
N HIS C 424 37.23 54.92 -35.21
CA HIS C 424 38.64 54.84 -35.54
C HIS C 424 39.10 53.40 -35.77
N GLY C 425 38.26 52.42 -35.44
CA GLY C 425 38.60 51.01 -35.48
C GLY C 425 37.57 50.19 -36.22
N GLY C 426 36.44 50.83 -36.55
CA GLY C 426 35.44 50.21 -37.38
C GLY C 426 34.48 49.30 -36.64
N THR C 427 34.01 48.26 -37.33
CA THR C 427 33.15 47.26 -36.72
C THR C 427 34.06 46.11 -36.30
N ILE C 428 33.81 45.58 -35.10
CA ILE C 428 34.65 44.52 -34.53
C ILE C 428 33.80 43.28 -34.28
N PRO C 429 33.58 42.45 -35.31
CA PRO C 429 32.67 41.31 -35.15
C PRO C 429 33.27 40.25 -34.24
N ILE C 430 32.54 39.91 -33.19
CA ILE C 430 32.87 38.80 -32.29
C ILE C 430 31.89 37.68 -32.59
N VAL C 431 32.42 36.55 -33.07
CA VAL C 431 31.59 35.42 -33.49
C VAL C 431 32.15 34.13 -32.91
N PRO C 432 31.31 33.11 -32.78
CA PRO C 432 31.80 31.83 -32.26
C PRO C 432 32.79 31.18 -33.21
N THR C 433 33.76 30.46 -32.64
CA THR C 433 34.52 29.52 -33.43
C THR C 433 33.59 28.43 -33.94
N ALA C 434 34.11 27.60 -34.84
CA ALA C 434 33.34 26.43 -35.27
C ALA C 434 33.02 25.53 -34.09
N GLU C 435 33.98 25.35 -33.18
CA GLU C 435 33.77 24.48 -32.02
C GLU C 435 32.73 25.07 -31.06
N PHE C 436 32.83 26.37 -30.79
CA PHE C 436 31.85 26.97 -29.89
C PHE C 436 30.47 27.06 -30.54
N GLN C 437 30.41 27.24 -31.86
CA GLN C 437 29.11 27.30 -32.54
C GLN C 437 28.33 26.02 -32.30
N ASP C 438 29.07 24.92 -32.13
CA ASP C 438 28.48 23.61 -31.92
C ASP C 438 27.94 23.46 -30.51
N ARG C 439 28.40 24.30 -29.59
CA ARG C 439 28.02 24.24 -28.20
C ARG C 439 27.18 25.45 -27.81
N ILE C 440 26.74 26.24 -28.79
CA ILE C 440 26.12 27.53 -28.51
C ILE C 440 24.83 27.38 -27.72
N SER C 441 24.17 26.22 -27.82
CA SER C 441 22.91 25.98 -27.14
C SER C 441 23.05 25.21 -25.84
N GLY C 442 24.26 24.82 -25.45
CA GLY C 442 24.47 24.02 -24.27
C GLY C 442 24.40 22.53 -24.56
N ALA C 443 24.67 21.75 -23.53
CA ALA C 443 24.80 20.31 -23.69
C ALA C 443 23.47 19.66 -24.05
N SER C 444 23.55 18.61 -24.86
CA SER C 444 22.46 17.70 -25.12
C SER C 444 22.74 16.37 -24.41
N GLU C 445 21.78 15.46 -24.51
CA GLU C 445 21.92 14.14 -23.90
C GLU C 445 23.22 13.46 -24.34
N LYS C 446 23.51 13.51 -25.65
CA LYS C 446 24.72 12.90 -26.18
C LYS C 446 25.97 13.52 -25.56
N ASP C 447 26.00 14.85 -25.44
CA ASP C 447 27.16 15.53 -24.88
C ASP C 447 27.38 15.13 -23.41
N ILE C 448 26.29 15.04 -22.64
CA ILE C 448 26.42 14.71 -21.22
C ILE C 448 26.95 13.29 -21.06
N VAL C 449 26.46 12.37 -21.87
CA VAL C 449 26.92 10.98 -21.78
C VAL C 449 28.41 10.89 -22.09
N HIS C 450 28.85 11.53 -23.18
CA HIS C 450 30.25 11.45 -23.58
C HIS C 450 31.16 12.13 -22.57
N SER C 451 30.87 13.38 -22.22
CA SER C 451 31.76 14.10 -21.31
C SER C 451 31.61 13.64 -19.87
N GLY C 452 30.40 13.26 -19.45
CA GLY C 452 30.22 12.72 -18.11
C GLY C 452 30.97 11.42 -17.93
N LEU C 453 31.00 10.57 -18.94
CA LEU C 453 31.75 9.32 -18.87
C LEU C 453 33.24 9.57 -18.84
N ALA C 454 33.74 10.41 -19.75
CA ALA C 454 35.16 10.74 -19.76
C ALA C 454 35.59 11.34 -18.44
N TYR C 455 34.78 12.25 -17.89
CA TYR C 455 35.10 12.84 -16.60
C TYR C 455 35.22 11.76 -15.52
N THR C 456 34.30 10.80 -15.52
CA THR C 456 34.30 9.80 -14.46
C THR C 456 35.49 8.87 -14.57
N MET C 457 35.78 8.38 -15.79
CA MET C 457 36.88 7.42 -15.96
C MET C 457 38.22 8.06 -15.60
N GLU C 458 38.39 9.34 -15.90
CA GLU C 458 39.69 9.92 -15.65
C GLU C 458 39.84 10.35 -14.19
N ARG C 459 38.77 10.80 -13.54
CA ARG C 459 38.85 11.08 -12.11
C ARG C 459 39.08 9.79 -11.31
N SER C 460 38.53 8.67 -11.77
CA SER C 460 38.73 7.41 -11.09
C SER C 460 40.12 6.84 -11.32
N ALA C 461 40.66 7.00 -12.53
CA ALA C 461 42.02 6.54 -12.80
C ALA C 461 43.03 7.27 -11.92
N ARG C 462 42.87 8.59 -11.81
CA ARG C 462 43.70 9.38 -10.90
C ARG C 462 43.70 8.79 -9.49
N GLN C 463 42.50 8.56 -8.95
CA GLN C 463 42.40 8.07 -7.58
C GLN C 463 43.08 6.72 -7.41
N ILE C 464 43.02 5.87 -8.44
CA ILE C 464 43.67 4.58 -8.36
C ILE C 464 45.19 4.74 -8.39
N MET C 465 45.69 5.60 -9.29
CA MET C 465 47.13 5.84 -9.37
C MET C 465 47.65 6.45 -8.08
N ARG C 466 46.98 7.50 -7.58
CA ARG C 466 47.35 8.09 -6.30
C ARG C 466 47.51 7.01 -5.24
N THR C 467 46.61 6.04 -5.21
CA THR C 467 46.52 5.16 -4.06
C THR C 467 47.59 4.09 -4.23
N ALA C 468 47.92 3.74 -5.48
CA ALA C 468 48.96 2.76 -5.76
C ALA C 468 50.34 3.30 -5.42
N MET C 469 50.63 4.55 -5.76
CA MET C 469 51.89 5.16 -5.33
C MET C 469 52.01 5.20 -3.83
N LYS C 470 50.92 5.59 -3.17
CA LYS C 470 50.96 5.86 -1.75
C LYS C 470 51.26 4.60 -0.95
N TYR C 471 50.87 3.44 -1.47
CA TYR C 471 51.12 2.17 -0.80
C TYR C 471 52.17 1.33 -1.52
N ASN C 472 52.89 1.89 -2.48
CA ASN C 472 53.95 1.17 -3.19
C ASN C 472 53.45 -0.14 -3.80
N LEU C 473 52.37 -0.05 -4.57
CA LEU C 473 51.76 -1.23 -5.16
C LEU C 473 52.21 -1.48 -6.59
N GLY C 474 52.97 -0.58 -7.18
CA GLY C 474 53.53 -0.83 -8.50
C GLY C 474 52.44 -0.98 -9.55
N LEU C 475 52.40 -2.18 -10.15
CA LEU C 475 51.42 -2.50 -11.18
C LEU C 475 50.26 -3.34 -10.63
N ASP C 476 50.11 -3.41 -9.31
CA ASP C 476 48.95 -4.09 -8.72
C ASP C 476 47.80 -3.10 -8.59
N LEU C 477 47.24 -2.75 -9.76
CA LEU C 477 46.15 -1.79 -9.79
C LEU C 477 44.89 -2.36 -9.14
N ARG C 478 44.70 -3.67 -9.21
CA ARG C 478 43.52 -4.29 -8.61
C ARG C 478 43.44 -4.00 -7.12
N THR C 479 44.56 -4.18 -6.40
CA THR C 479 44.55 -3.94 -4.97
C THR C 479 44.32 -2.47 -4.66
N ALA C 480 44.82 -1.57 -5.50
CA ALA C 480 44.57 -0.14 -5.30
C ALA C 480 43.10 0.19 -5.47
N ALA C 481 42.44 -0.41 -6.46
CA ALA C 481 41.01 -0.17 -6.67
C ALA C 481 40.20 -0.63 -5.47
N TYR C 482 40.45 -1.87 -5.01
CA TYR C 482 39.73 -2.38 -3.85
C TYR C 482 39.97 -1.51 -2.62
N VAL C 483 41.18 -0.97 -2.49
CA VAL C 483 41.48 -0.08 -1.37
C VAL C 483 40.57 1.13 -1.41
N ASN C 484 40.40 1.74 -2.58
CA ASN C 484 39.50 2.88 -2.71
C ASN C 484 38.06 2.46 -2.44
N ALA C 485 37.63 1.34 -3.02
CA ALA C 485 36.26 0.86 -2.80
C ALA C 485 36.01 0.62 -1.33
N ILE C 486 36.95 -0.04 -0.64
CA ILE C 486 36.74 -0.40 0.76
C ILE C 486 36.65 0.83 1.63
N GLU C 487 37.53 1.81 1.38
CA GLU C 487 37.50 3.04 2.16
C GLU C 487 36.16 3.73 2.07
N LYS C 488 35.59 3.79 0.86
CA LYS C 488 34.32 4.47 0.68
C LYS C 488 33.18 3.71 1.33
N VAL C 489 33.13 2.40 1.15
CA VAL C 489 32.04 1.62 1.71
C VAL C 489 32.17 1.53 3.24
N PHE C 490 33.40 1.45 3.74
CA PHE C 490 33.60 1.41 5.19
C PHE C 490 33.07 2.67 5.86
N ARG C 491 33.35 3.83 5.26
CA ARG C 491 32.89 5.10 5.82
C ARG C 491 31.38 5.11 6.00
N VAL C 492 30.64 4.54 5.06
CA VAL C 492 29.19 4.56 5.13
C VAL C 492 28.70 3.68 6.27
N TYR C 493 29.20 2.46 6.36
CA TYR C 493 28.80 1.56 7.44
C TYR C 493 29.17 2.14 8.80
N ASN C 494 30.35 2.76 8.89
CA ASN C 494 30.82 3.27 10.18
C ASN C 494 29.93 4.38 10.70
N GLU C 495 29.62 5.35 9.87
CA GLU C 495 28.89 6.52 10.35
C GLU C 495 27.38 6.31 10.35
N ALA C 496 26.91 5.12 9.96
CA ALA C 496 25.49 4.80 9.98
C ALA C 496 25.08 4.02 11.23
N GLY C 497 26.03 3.67 12.09
CA GLY C 497 25.74 2.76 13.18
C GLY C 497 25.63 1.31 12.77
N VAL C 498 26.10 0.96 11.57
CA VAL C 498 26.02 -0.38 10.99
C VAL C 498 24.57 -0.74 10.67
N THR C 499 23.84 -1.35 11.62
CA THR C 499 22.45 -1.72 11.35
C THR C 499 21.56 -1.41 12.54
N PHE C 500 20.25 -1.43 12.27
CA PHE C 500 19.24 -1.39 13.33
C PHE C 500 19.33 -2.67 14.14
N THR C 501 20.26 -2.66 15.08
CA THR C 501 20.39 -3.70 16.08
C THR C 501 20.77 -3.01 17.38
N ALA D 1 -34.65 -9.45 -31.28
CA ALA D 1 -35.48 -10.59 -31.62
C ALA D 1 -36.89 -10.15 -32.03
N ASP D 2 -37.19 -8.87 -31.86
CA ASP D 2 -38.51 -8.33 -32.20
C ASP D 2 -38.40 -6.83 -32.35
N ARG D 3 -38.68 -6.32 -33.55
CA ARG D 3 -38.53 -4.89 -33.83
C ARG D 3 -39.68 -4.06 -33.26
N GLU D 4 -40.85 -4.68 -33.10
CA GLU D 4 -42.02 -4.00 -32.57
C GLU D 4 -41.75 -3.47 -31.18
N ASP D 5 -41.25 -4.35 -30.32
CA ASP D 5 -41.20 -4.14 -28.88
C ASP D 5 -39.81 -4.56 -28.44
N ASP D 6 -38.88 -3.60 -28.45
CA ASP D 6 -37.49 -3.89 -28.14
C ASP D 6 -36.90 -2.76 -27.33
N PRO D 7 -37.35 -2.61 -26.10
CA PRO D 7 -36.95 -1.46 -25.28
C PRO D 7 -35.49 -1.54 -24.86
N ASN D 8 -34.93 -0.37 -24.64
CA ASN D 8 -33.61 -0.25 -24.04
C ASN D 8 -33.58 -1.03 -22.72
N PHE D 9 -32.63 -1.95 -22.59
CA PHE D 9 -32.66 -2.90 -21.48
C PHE D 9 -32.51 -2.19 -20.15
N PHE D 10 -31.61 -1.19 -20.07
CA PHE D 10 -31.41 -0.55 -18.79
C PHE D 10 -32.71 0.16 -18.39
N LYS D 11 -33.31 0.89 -19.31
CA LYS D 11 -34.51 1.64 -18.99
C LYS D 11 -35.71 0.74 -18.69
N MET D 12 -35.77 -0.41 -19.34
CA MET D 12 -36.79 -1.40 -19.02
C MET D 12 -36.73 -1.80 -17.55
N VAL D 13 -35.51 -2.00 -17.03
CA VAL D 13 -35.37 -2.35 -15.62
C VAL D 13 -35.72 -1.15 -14.74
N GLU D 14 -35.33 0.05 -15.17
CA GLU D 14 -35.74 1.26 -14.46
C GLU D 14 -37.26 1.39 -14.42
N GLY D 15 -37.94 0.97 -15.49
CA GLY D 15 -39.39 0.99 -15.49
C GLY D 15 -39.97 0.09 -14.42
N PHE D 16 -39.48 -1.15 -14.33
CA PHE D 16 -39.88 -2.05 -13.25
C PHE D 16 -39.68 -1.41 -11.89
N PHE D 17 -38.54 -0.74 -11.71
CA PHE D 17 -38.24 -0.07 -10.45
C PHE D 17 -39.21 1.06 -10.18
N ASP D 18 -39.48 1.89 -11.19
CA ASP D 18 -40.43 2.99 -11.04
C ASP D 18 -41.80 2.49 -10.59
N ARG D 19 -42.28 1.38 -11.15
CA ARG D 19 -43.53 0.79 -10.68
C ARG D 19 -43.53 0.49 -9.20
N GLY D 20 -42.58 -0.32 -8.75
CA GLY D 20 -42.50 -0.61 -7.33
C GLY D 20 -42.35 0.65 -6.50
N ALA D 21 -41.60 1.62 -7.01
CA ALA D 21 -41.42 2.86 -6.27
C ALA D 21 -42.74 3.57 -6.08
N SER D 22 -43.61 3.53 -7.08
CA SER D 22 -44.83 4.31 -6.99
C SER D 22 -45.77 3.70 -5.96
N ILE D 23 -45.71 2.39 -5.78
CA ILE D 23 -46.56 1.65 -4.84
C ILE D 23 -46.14 1.94 -3.39
N VAL D 24 -44.81 1.95 -3.10
CA VAL D 24 -44.34 2.11 -1.73
C VAL D 24 -44.09 3.55 -1.30
N GLU D 25 -44.12 4.51 -2.22
CA GLU D 25 -43.70 5.88 -1.89
C GLU D 25 -44.41 6.37 -0.64
N ASP D 26 -45.71 6.06 -0.49
CA ASP D 26 -46.44 6.48 0.70
C ASP D 26 -45.87 5.82 1.95
N LYS D 27 -45.62 4.52 1.89
CA LYS D 27 -45.12 3.82 3.06
C LYS D 27 -43.76 4.36 3.50
N LEU D 28 -42.92 4.73 2.53
CA LEU D 28 -41.62 5.31 2.86
C LEU D 28 -41.77 6.66 3.55
N VAL D 29 -42.69 7.51 3.06
CA VAL D 29 -42.88 8.84 3.62
C VAL D 29 -43.41 8.77 5.04
N GLU D 30 -44.43 7.99 5.25
CA GLU D 30 -45.00 7.80 6.57
C GLU D 30 -43.99 7.29 7.58
N ASP D 31 -43.13 6.39 7.09
CA ASP D 31 -42.30 5.59 7.94
C ASP D 31 -41.26 6.54 8.50
N LEU D 32 -40.76 7.42 7.62
CA LEU D 32 -39.81 8.50 7.88
C LEU D 32 -40.27 9.39 9.04
N LYS D 33 -39.63 9.26 10.22
CA LYS D 33 -40.08 10.00 11.41
C LYS D 33 -39.21 11.25 11.65
N THR D 34 -39.20 12.15 10.68
CA THR D 34 -38.38 13.35 10.75
C THR D 34 -39.24 14.57 11.03
N ARG D 35 -38.53 15.66 11.40
CA ARG D 35 -39.15 16.88 11.91
C ARG D 35 -39.90 17.66 10.82
N GLU D 36 -39.44 17.58 9.57
CA GLU D 36 -40.08 18.30 8.48
C GLU D 36 -41.08 17.37 7.79
N THR D 37 -42.26 17.25 8.41
CA THR D 37 -43.31 16.38 7.89
C THR D 37 -44.04 16.95 6.64
N GLU D 38 -43.56 17.97 5.96
CA GLU D 38 -44.31 18.45 4.80
C GLU D 38 -44.23 17.45 3.65
N GLU D 39 -44.40 17.90 2.42
CA GLU D 39 -43.98 17.03 1.33
C GLU D 39 -42.51 17.18 1.00
N GLN D 40 -41.78 17.95 1.82
CA GLN D 40 -40.32 17.88 1.82
C GLN D 40 -39.83 16.50 2.26
N LYS D 41 -40.67 15.75 2.99
CA LYS D 41 -40.48 14.32 3.17
C LYS D 41 -40.59 13.59 1.84
N ARG D 42 -41.69 13.83 1.11
CA ARG D 42 -41.90 13.23 -0.19
C ARG D 42 -40.80 13.61 -1.17
N ASN D 43 -40.14 14.74 -0.94
CA ASN D 43 -39.05 15.16 -1.82
C ASN D 43 -37.76 14.43 -1.53
N ARG D 44 -37.47 14.22 -0.24
CA ARG D 44 -36.31 13.45 0.17
C ARG D 44 -36.41 12.01 -0.31
N VAL D 45 -37.61 11.44 -0.24
CA VAL D 45 -37.81 10.05 -0.66
C VAL D 45 -37.59 9.90 -2.15
N ARG D 46 -38.12 10.83 -2.95
CA ARG D 46 -37.93 10.74 -4.38
C ARG D 46 -36.50 11.07 -4.81
N GLY D 47 -35.79 11.90 -4.04
CA GLY D 47 -34.40 12.17 -4.34
C GLY D 47 -33.50 10.97 -4.08
N ILE D 48 -33.76 10.25 -2.99
CA ILE D 48 -33.01 9.03 -2.70
C ILE D 48 -33.27 7.98 -3.78
N LEU D 49 -34.53 7.81 -4.16
CA LEU D 49 -34.87 6.82 -5.19
C LEU D 49 -34.18 7.14 -6.52
N ARG D 50 -33.96 8.41 -6.80
CA ARG D 50 -33.24 8.77 -8.02
C ARG D 50 -31.75 8.46 -7.88
N ILE D 51 -31.22 8.46 -6.67
CA ILE D 51 -29.81 8.12 -6.47
C ILE D 51 -29.60 6.62 -6.65
N ILE D 52 -30.58 5.82 -6.24
CA ILE D 52 -30.43 4.36 -6.27
C ILE D 52 -30.38 3.82 -7.69
N LYS D 53 -31.07 4.47 -8.63
CA LYS D 53 -31.29 3.83 -9.92
C LYS D 53 -30.04 3.76 -10.80
N PRO D 54 -29.26 4.83 -11.00
CA PRO D 54 -28.12 4.73 -11.92
C PRO D 54 -26.92 4.00 -11.31
N CYS D 55 -26.12 3.42 -12.20
CA CYS D 55 -24.87 2.79 -11.79
C CYS D 55 -23.84 3.83 -11.34
N ASN D 56 -23.13 3.52 -10.25
CA ASN D 56 -22.14 4.43 -9.71
C ASN D 56 -20.87 4.45 -10.56
N HIS D 57 -20.36 3.28 -10.94
CA HIS D 57 -19.11 3.17 -11.69
C HIS D 57 -19.27 2.18 -12.83
N VAL D 58 -18.85 2.57 -14.03
CA VAL D 58 -18.75 1.67 -15.17
C VAL D 58 -17.37 1.82 -15.78
N LEU D 59 -16.68 0.71 -15.99
CA LEU D 59 -15.38 0.69 -16.64
C LEU D 59 -15.52 0.03 -18.00
N SER D 60 -14.99 0.68 -19.04
CA SER D 60 -14.94 0.14 -20.39
C SER D 60 -13.49 -0.06 -20.80
N LEU D 61 -13.20 -1.21 -21.41
CA LEU D 61 -11.84 -1.63 -21.69
C LEU D 61 -11.67 -1.97 -23.16
N SER D 62 -10.47 -1.69 -23.67
CA SER D 62 -9.97 -2.25 -24.92
C SER D 62 -8.56 -2.72 -24.66
N PHE D 63 -8.27 -3.99 -24.98
CA PHE D 63 -6.93 -4.51 -24.82
C PHE D 63 -6.61 -5.47 -25.96
N PRO D 64 -5.36 -5.52 -26.37
CA PRO D 64 -4.96 -6.43 -27.45
C PRO D 64 -4.54 -7.80 -26.96
N ILE D 65 -4.92 -8.81 -27.74
CA ILE D 65 -4.39 -10.16 -27.62
C ILE D 65 -3.87 -10.55 -29.00
N ARG D 66 -2.83 -11.38 -29.02
CA ARG D 66 -2.33 -11.93 -30.26
C ARG D 66 -2.86 -13.36 -30.39
N ARG D 67 -3.61 -13.61 -31.46
CA ARG D 67 -4.33 -14.87 -31.61
C ARG D 67 -3.36 -16.01 -31.91
N ASP D 68 -3.89 -17.23 -31.91
CA ASP D 68 -3.07 -18.40 -32.17
C ASP D 68 -2.41 -18.33 -33.55
N ASP D 69 -3.09 -17.74 -34.54
CA ASP D 69 -2.51 -17.62 -35.87
C ASP D 69 -1.47 -16.51 -35.97
N GLY D 70 -1.31 -15.69 -34.94
CA GLY D 70 -0.33 -14.64 -34.93
C GLY D 70 -0.87 -13.23 -35.15
N SER D 71 -2.15 -13.09 -35.50
CA SER D 71 -2.71 -11.76 -35.73
C SER D 71 -2.94 -11.07 -34.41
N TRP D 72 -2.92 -9.75 -34.43
CA TRP D 72 -3.35 -8.95 -33.28
C TRP D 72 -4.85 -8.64 -33.38
N GLU D 73 -5.54 -8.72 -32.24
CA GLU D 73 -6.97 -8.44 -32.20
C GLU D 73 -7.27 -7.60 -30.96
N VAL D 74 -8.20 -6.66 -31.09
CA VAL D 74 -8.59 -5.77 -29.99
C VAL D 74 -9.87 -6.29 -29.37
N ILE D 75 -9.82 -6.59 -28.06
CA ILE D 75 -10.94 -7.13 -27.32
C ILE D 75 -11.61 -6.01 -26.53
N GLU D 76 -12.94 -6.00 -26.53
CA GLU D 76 -13.72 -5.00 -25.82
C GLU D 76 -14.39 -5.61 -24.60
N GLY D 77 -14.36 -4.88 -23.48
CA GLY D 77 -14.89 -5.36 -22.22
C GLY D 77 -15.47 -4.25 -21.38
N TYR D 78 -16.23 -4.65 -20.36
CA TYR D 78 -17.10 -3.75 -19.60
C TYR D 78 -17.30 -4.38 -18.23
N ARG D 79 -17.25 -3.57 -17.19
CA ARG D 79 -17.78 -3.99 -15.89
C ARG D 79 -18.48 -2.80 -15.23
N ALA D 80 -19.71 -3.03 -14.81
CA ALA D 80 -20.51 -2.01 -14.13
C ALA D 80 -20.66 -2.39 -12.67
N GLN D 81 -20.47 -1.42 -11.78
CA GLN D 81 -20.76 -1.57 -10.36
C GLN D 81 -21.94 -0.67 -10.05
N HIS D 82 -23.10 -1.27 -9.80
CA HIS D 82 -24.33 -0.49 -9.71
C HIS D 82 -24.46 0.23 -8.37
N SER D 83 -24.31 -0.50 -7.26
CA SER D 83 -24.52 0.08 -5.94
C SER D 83 -23.44 -0.40 -4.99
N GLN D 84 -23.12 0.43 -4.01
CA GLN D 84 -22.14 0.08 -2.98
C GLN D 84 -22.73 0.26 -1.59
N HIS D 85 -24.06 0.25 -1.48
CA HIS D 85 -24.71 0.26 -0.17
C HIS D 85 -24.40 -1.01 0.61
N ARG D 86 -24.06 -2.09 -0.08
CA ARG D 86 -23.40 -3.25 0.51
C ARG D 86 -22.13 -3.52 -0.28
N THR D 87 -21.11 -4.00 0.40
CA THR D 87 -19.87 -4.37 -0.26
C THR D 87 -19.46 -5.78 0.15
N PRO D 88 -18.83 -6.55 -0.73
CA PRO D 88 -18.45 -6.17 -2.11
C PRO D 88 -19.61 -6.16 -3.10
N CYS D 89 -19.33 -5.71 -4.31
CA CYS D 89 -20.27 -5.91 -5.41
C CYS D 89 -20.20 -7.34 -5.89
N LYS D 90 -21.29 -7.82 -6.49
CA LYS D 90 -21.41 -9.20 -6.91
C LYS D 90 -22.11 -9.29 -8.25
N GLY D 91 -21.55 -10.08 -9.15
CA GLY D 91 -22.18 -10.28 -10.44
C GLY D 91 -21.34 -11.04 -11.45
N GLY D 92 -22.00 -11.65 -12.44
CA GLY D 92 -21.34 -12.57 -13.33
C GLY D 92 -20.62 -11.90 -14.48
N ILE D 93 -19.94 -12.74 -15.27
CA ILE D 93 -19.19 -12.32 -16.46
C ILE D 93 -19.79 -13.02 -17.67
N ARG D 94 -20.23 -12.24 -18.64
CA ARG D 94 -20.89 -12.75 -19.84
C ARG D 94 -19.95 -12.58 -21.04
N TYR D 95 -19.70 -13.68 -21.74
CA TYR D 95 -18.96 -13.66 -23.01
C TYR D 95 -19.96 -13.78 -24.14
N SER D 96 -20.15 -12.69 -24.89
CA SER D 96 -21.17 -12.70 -25.94
C SER D 96 -20.98 -11.47 -26.83
N THR D 97 -21.29 -11.62 -28.12
CA THR D 97 -21.23 -10.49 -29.03
C THR D 97 -22.38 -9.51 -28.84
N ASP D 98 -23.41 -9.87 -28.08
CA ASP D 98 -24.47 -8.91 -27.75
C ASP D 98 -24.11 -8.04 -26.54
N VAL D 99 -22.90 -8.17 -26.00
CA VAL D 99 -22.53 -7.41 -24.81
C VAL D 99 -22.40 -5.94 -25.19
N SER D 100 -22.85 -5.07 -24.29
CA SER D 100 -22.82 -3.63 -24.50
C SER D 100 -22.89 -2.95 -23.14
N VAL D 101 -22.56 -1.66 -23.12
CA VAL D 101 -22.60 -0.90 -21.87
C VAL D 101 -23.99 -0.94 -21.24
N ASP D 102 -25.03 -0.81 -22.05
CA ASP D 102 -26.41 -0.78 -21.58
C ASP D 102 -26.84 -2.15 -21.04
N GLU D 103 -26.51 -3.23 -21.76
CA GLU D 103 -26.80 -4.58 -21.25
C GLU D 103 -26.14 -4.79 -19.89
N VAL D 104 -24.88 -4.40 -19.79
CA VAL D 104 -24.12 -4.66 -18.56
C VAL D 104 -24.67 -3.81 -17.41
N LYS D 105 -24.97 -2.53 -17.68
CA LYS D 105 -25.59 -1.70 -16.65
C LYS D 105 -26.94 -2.26 -16.21
N ALA D 106 -27.72 -2.77 -17.15
CA ALA D 106 -29.04 -3.30 -16.82
C ALA D 106 -28.93 -4.51 -15.90
N LEU D 107 -28.02 -5.44 -16.23
CA LEU D 107 -27.85 -6.64 -15.43
C LEU D 107 -27.23 -6.30 -14.07
N ALA D 108 -26.37 -5.29 -14.02
CA ALA D 108 -25.78 -4.87 -12.75
C ALA D 108 -26.85 -4.39 -11.78
N SER D 109 -27.83 -3.62 -12.28
CA SER D 109 -28.90 -3.15 -11.40
C SER D 109 -29.80 -4.30 -10.98
N LEU D 110 -30.06 -5.25 -11.87
CA LEU D 110 -30.82 -6.44 -11.50
C LEU D 110 -30.13 -7.19 -10.35
N MET D 111 -28.80 -7.21 -10.36
CA MET D 111 -28.07 -7.89 -9.28
C MET D 111 -28.32 -7.22 -7.94
N THR D 112 -28.33 -5.88 -7.91
CA THR D 112 -28.59 -5.16 -6.67
C THR D 112 -29.94 -5.55 -6.08
N TYR D 113 -31.00 -5.46 -6.89
CA TYR D 113 -32.34 -5.72 -6.40
C TYR D 113 -32.53 -7.21 -6.08
N LYS D 114 -31.98 -8.08 -6.92
CA LYS D 114 -32.02 -9.51 -6.66
C LYS D 114 -31.38 -9.86 -5.31
N CYS D 115 -30.19 -9.31 -5.04
CA CYS D 115 -29.52 -9.58 -3.77
C CYS D 115 -30.32 -9.06 -2.59
N ALA D 116 -30.98 -7.91 -2.75
CA ALA D 116 -31.84 -7.41 -1.68
C ALA D 116 -33.04 -8.32 -1.43
N VAL D 117 -33.55 -8.95 -2.50
CA VAL D 117 -34.75 -9.78 -2.34
C VAL D 117 -34.45 -11.00 -1.49
N VAL D 118 -33.28 -11.61 -1.67
CA VAL D 118 -32.93 -12.82 -0.93
C VAL D 118 -32.02 -12.51 0.26
N ASP D 119 -31.90 -11.23 0.65
CA ASP D 119 -31.15 -10.83 1.85
C ASP D 119 -29.70 -11.26 1.78
N VAL D 120 -29.09 -11.13 0.61
CA VAL D 120 -27.67 -11.42 0.40
C VAL D 120 -26.92 -10.10 0.43
N PRO D 121 -25.93 -9.93 1.32
CA PRO D 121 -25.35 -8.61 1.58
C PRO D 121 -24.31 -8.17 0.55
N PHE D 122 -24.74 -8.08 -0.71
CA PHE D 122 -23.89 -7.63 -1.80
C PHE D 122 -24.58 -6.52 -2.56
N GLY D 123 -23.78 -5.55 -3.02
CA GLY D 123 -24.24 -4.67 -4.09
C GLY D 123 -24.11 -5.34 -5.45
N GLY D 124 -24.79 -4.76 -6.44
CA GLY D 124 -24.88 -5.38 -7.75
C GLY D 124 -23.78 -4.96 -8.71
N ALA D 125 -23.35 -5.91 -9.54
CA ALA D 125 -22.34 -5.64 -10.56
C ALA D 125 -22.51 -6.65 -11.68
N LYS D 126 -21.88 -6.35 -12.83
CA LYS D 126 -21.93 -7.26 -13.97
C LYS D 126 -20.80 -6.90 -14.93
N ALA D 127 -20.32 -7.91 -15.65
CA ALA D 127 -19.25 -7.73 -16.63
C ALA D 127 -19.62 -8.42 -17.93
N GLY D 128 -19.03 -7.92 -19.02
CA GLY D 128 -19.22 -8.50 -20.33
C GLY D 128 -18.00 -8.34 -21.21
N VAL D 129 -17.66 -9.38 -21.96
CA VAL D 129 -16.59 -9.35 -22.95
C VAL D 129 -17.22 -9.65 -24.30
N LYS D 130 -17.02 -8.75 -25.26
CA LYS D 130 -17.77 -8.79 -26.52
C LYS D 130 -17.03 -9.70 -27.50
N ILE D 131 -17.17 -11.01 -27.29
CA ILE D 131 -16.64 -12.03 -28.19
C ILE D 131 -17.64 -13.18 -28.26
N ASN D 132 -17.54 -13.96 -29.34
CA ASN D 132 -18.23 -15.24 -29.40
C ASN D 132 -17.23 -16.32 -29.05
N PRO D 133 -17.37 -16.99 -27.90
CA PRO D 133 -16.33 -17.96 -27.48
C PRO D 133 -16.17 -19.13 -28.43
N LYS D 134 -17.17 -19.43 -29.28
CA LYS D 134 -17.03 -20.55 -30.20
C LYS D 134 -15.99 -20.30 -31.27
N ASN D 135 -15.62 -19.04 -31.50
CA ASN D 135 -14.63 -18.70 -32.52
C ASN D 135 -13.21 -18.61 -31.98
N TYR D 136 -12.95 -19.12 -30.77
CA TYR D 136 -11.63 -18.98 -30.16
C TYR D 136 -11.16 -20.32 -29.63
N THR D 137 -9.85 -20.57 -29.70
CA THR D 137 -9.30 -21.76 -29.09
C THR D 137 -9.32 -21.62 -27.57
N ASP D 138 -9.17 -22.74 -26.89
CA ASP D 138 -9.05 -22.70 -25.43
C ASP D 138 -7.88 -21.83 -24.98
N ASN D 139 -6.77 -21.90 -25.72
CA ASN D 139 -5.60 -21.09 -25.40
C ASN D 139 -5.94 -19.60 -25.51
N GLU D 140 -6.68 -19.19 -26.56
CA GLU D 140 -7.05 -17.78 -26.68
C GLU D 140 -8.04 -17.35 -25.59
N LEU D 141 -8.99 -18.23 -25.23
CA LEU D 141 -9.93 -17.86 -24.18
C LEU D 141 -9.23 -17.67 -22.84
N GLU D 142 -8.19 -18.48 -22.57
CA GLU D 142 -7.42 -18.29 -21.35
C GLU D 142 -6.68 -16.96 -21.36
N LYS D 143 -6.09 -16.59 -22.50
CA LYS D 143 -5.36 -15.33 -22.57
C LYS D 143 -6.29 -14.14 -22.46
N ILE D 144 -7.49 -14.24 -23.01
CA ILE D 144 -8.47 -13.15 -22.89
C ILE D 144 -8.94 -13.01 -21.45
N THR D 145 -9.21 -14.14 -20.79
CA THR D 145 -9.71 -14.11 -19.42
C THR D 145 -8.67 -13.57 -18.45
N ARG D 146 -7.42 -14.06 -18.56
CA ARG D 146 -6.37 -13.63 -17.66
C ARG D 146 -6.06 -12.15 -17.84
N ARG D 147 -6.03 -11.67 -19.09
CA ARG D 147 -5.74 -10.27 -19.32
C ARG D 147 -6.89 -9.38 -18.86
N PHE D 148 -8.13 -9.79 -19.11
CA PHE D 148 -9.28 -9.06 -18.62
C PHE D 148 -9.23 -8.92 -17.10
N THR D 149 -8.81 -9.98 -16.41
CA THR D 149 -8.69 -9.92 -14.95
C THR D 149 -7.71 -8.85 -14.49
N MET D 150 -6.56 -8.77 -15.17
CA MET D 150 -5.55 -7.79 -14.78
C MET D 150 -5.99 -6.36 -15.06
N GLU D 151 -6.68 -6.15 -16.19
CA GLU D 151 -7.17 -4.80 -16.48
C GLU D 151 -8.24 -4.37 -15.48
N LEU D 152 -9.10 -5.29 -15.07
CA LEU D 152 -10.07 -4.96 -14.02
C LEU D 152 -9.38 -4.70 -12.69
N ALA D 153 -8.39 -5.54 -12.34
CA ALA D 153 -7.72 -5.41 -11.04
C ALA D 153 -6.98 -4.09 -10.93
N LYS D 154 -6.34 -3.65 -12.03
CA LYS D 154 -5.56 -2.41 -11.98
C LYS D 154 -6.41 -1.21 -11.60
N LYS D 155 -7.70 -1.25 -11.92
CA LYS D 155 -8.58 -0.09 -11.71
C LYS D 155 -9.59 -0.31 -10.60
N GLY D 156 -9.44 -1.37 -9.80
CA GLY D 156 -10.32 -1.57 -8.67
C GLY D 156 -11.68 -2.14 -9.02
N PHE D 157 -11.78 -2.98 -10.05
CA PHE D 157 -13.04 -3.58 -10.45
C PHE D 157 -13.06 -5.08 -10.25
N ILE D 158 -12.12 -5.63 -9.50
CA ILE D 158 -12.21 -6.99 -8.98
C ILE D 158 -11.36 -7.06 -7.72
N GLY D 159 -11.83 -7.80 -6.73
CA GLY D 159 -11.16 -7.95 -5.46
C GLY D 159 -12.12 -8.44 -4.40
N PRO D 160 -11.59 -9.19 -3.43
CA PRO D 160 -12.48 -9.79 -2.41
C PRO D 160 -13.29 -8.77 -1.64
N GLY D 161 -12.82 -7.53 -1.61
CA GLY D 161 -13.53 -6.49 -0.86
C GLY D 161 -14.22 -5.43 -1.66
N VAL D 162 -14.20 -5.47 -3.00
CA VAL D 162 -14.92 -4.49 -3.81
C VAL D 162 -15.89 -5.16 -4.77
N ASP D 163 -15.44 -6.20 -5.45
CA ASP D 163 -16.16 -6.77 -6.59
C ASP D 163 -15.78 -8.20 -6.79
N VAL D 164 -16.74 -9.10 -6.72
CA VAL D 164 -16.50 -10.53 -6.81
C VAL D 164 -17.29 -11.10 -7.98
N PRO D 165 -16.62 -11.38 -9.11
CA PRO D 165 -17.35 -11.92 -10.27
C PRO D 165 -17.79 -13.36 -10.10
N ALA D 166 -18.32 -13.94 -11.18
CA ALA D 166 -18.97 -15.24 -11.18
C ALA D 166 -19.35 -15.60 -12.62
N PRO D 167 -19.74 -16.85 -12.91
CA PRO D 167 -20.10 -17.20 -14.28
C PRO D 167 -21.45 -16.65 -14.72
N ASP D 168 -21.60 -16.56 -16.04
CA ASP D 168 -22.86 -16.20 -16.70
C ASP D 168 -22.90 -16.88 -18.06
N MET D 169 -23.47 -16.24 -19.07
CA MET D 169 -23.57 -16.87 -20.39
C MET D 169 -22.20 -17.10 -20.99
N SER D 170 -21.90 -18.36 -21.30
CA SER D 170 -20.69 -18.80 -22.00
C SER D 170 -19.43 -18.73 -21.14
N THR D 171 -19.58 -18.63 -19.82
CA THR D 171 -18.46 -18.81 -18.90
C THR D 171 -18.89 -19.77 -17.80
N GLY D 172 -17.91 -20.47 -17.25
CA GLY D 172 -18.16 -21.37 -16.14
C GLY D 172 -16.94 -21.58 -15.29
N GLU D 173 -16.95 -22.68 -14.54
CA GLU D 173 -15.83 -23.16 -13.73
C GLU D 173 -14.47 -22.82 -14.31
N ARG D 174 -14.31 -23.06 -15.61
CA ARG D 174 -12.99 -22.99 -16.20
C ARG D 174 -12.49 -21.54 -16.22
N GLU D 175 -13.33 -20.60 -16.68
CA GLU D 175 -12.94 -19.19 -16.68
C GLU D 175 -12.72 -18.68 -15.26
N MET D 176 -13.61 -19.06 -14.33
CA MET D 176 -13.45 -18.62 -12.94
C MET D 176 -12.12 -19.10 -12.35
N SER D 177 -11.71 -20.33 -12.70
CA SER D 177 -10.40 -20.82 -12.26
C SER D 177 -9.28 -19.94 -12.80
N TRP D 178 -9.37 -19.54 -14.07
CA TRP D 178 -8.36 -18.64 -14.62
C TRP D 178 -8.36 -17.30 -13.89
N ILE D 179 -9.53 -16.72 -13.65
CA ILE D 179 -9.60 -15.43 -12.96
C ILE D 179 -8.95 -15.52 -11.59
N ALA D 180 -9.34 -16.53 -10.80
CA ALA D 180 -8.83 -16.64 -9.44
C ALA D 180 -7.32 -16.85 -9.43
N ASP D 181 -6.80 -17.59 -10.43
CA ASP D 181 -5.38 -17.90 -10.41
C ASP D 181 -4.53 -16.68 -10.73
N THR D 182 -4.92 -15.86 -11.72
CA THR D 182 -4.09 -14.70 -11.99
C THR D 182 -4.29 -13.58 -10.97
N TYR D 183 -5.47 -13.49 -10.35
CA TYR D 183 -5.61 -12.53 -9.25
C TYR D 183 -4.70 -12.91 -8.09
N ALA D 184 -4.77 -14.17 -7.65
CA ALA D 184 -4.03 -14.58 -6.46
C ALA D 184 -2.52 -14.61 -6.70
N SER D 185 -2.10 -14.80 -7.94
CA SER D 185 -0.67 -14.88 -8.25
C SER D 185 -0.03 -13.52 -8.45
N THR D 186 -0.82 -12.46 -8.59
CA THR D 186 -0.25 -11.14 -8.80
C THR D 186 -0.68 -10.19 -7.70
N ILE D 187 -1.71 -9.40 -7.95
CA ILE D 187 -2.10 -8.36 -7.02
C ILE D 187 -2.53 -8.93 -5.65
N GLY D 188 -3.07 -10.14 -5.62
CA GLY D 188 -3.52 -10.71 -4.36
C GLY D 188 -2.53 -11.60 -3.63
N HIS D 189 -1.24 -11.51 -3.97
CA HIS D 189 -0.26 -12.46 -3.47
C HIS D 189 -0.11 -12.38 -1.95
N TYR D 190 -0.39 -11.23 -1.35
CA TYR D 190 -0.26 -11.04 0.09
C TYR D 190 -1.60 -11.00 0.80
N ASP D 191 -2.70 -11.14 0.08
CA ASP D 191 -4.05 -11.02 0.64
C ASP D 191 -4.51 -12.40 1.13
N ILE D 192 -4.83 -12.47 2.43
CA ILE D 192 -5.30 -13.71 3.02
C ILE D 192 -6.59 -14.21 2.37
N ASN D 193 -7.35 -13.32 1.73
CA ASN D 193 -8.63 -13.68 1.13
C ASN D 193 -8.58 -13.66 -0.39
N ALA D 194 -7.40 -13.86 -0.98
CA ALA D 194 -7.24 -13.67 -2.41
C ALA D 194 -8.17 -14.57 -3.21
N HIS D 195 -8.41 -15.81 -2.76
CA HIS D 195 -9.23 -16.71 -3.56
CA HIS D 195 -9.23 -16.75 -3.52
C HIS D 195 -10.73 -16.49 -3.37
N ALA D 196 -11.12 -15.51 -2.56
CA ALA D 196 -12.50 -15.07 -2.50
C ALA D 196 -12.77 -13.96 -3.51
N CYS D 197 -11.85 -13.70 -4.43
CA CYS D 197 -12.01 -12.66 -5.43
C CYS D 197 -13.05 -13.01 -6.48
N VAL D 198 -13.44 -14.29 -6.57
CA VAL D 198 -14.37 -14.75 -7.60
C VAL D 198 -15.05 -16.00 -7.05
N THR D 199 -16.29 -16.23 -7.48
CA THR D 199 -17.02 -17.44 -7.11
C THR D 199 -17.36 -18.25 -8.35
N GLY D 200 -17.96 -19.42 -8.12
CA GLY D 200 -18.11 -20.38 -9.19
C GLY D 200 -16.83 -21.11 -9.54
N LYS D 201 -15.87 -21.15 -8.62
CA LYS D 201 -14.62 -21.84 -8.86
C LYS D 201 -14.83 -23.34 -8.85
N PRO D 202 -13.91 -24.10 -9.44
CA PRO D 202 -13.94 -25.56 -9.24
C PRO D 202 -13.69 -25.88 -7.78
N ILE D 203 -14.13 -27.07 -7.37
CA ILE D 203 -13.99 -27.47 -5.96
C ILE D 203 -12.53 -27.46 -5.56
N SER D 204 -11.65 -27.96 -6.43
CA SER D 204 -10.23 -28.05 -6.10
C SER D 204 -9.60 -26.69 -5.84
N GLN D 205 -10.28 -25.59 -6.16
CA GLN D 205 -9.69 -24.26 -6.07
C GLN D 205 -10.52 -23.34 -5.18
N GLY D 206 -11.31 -23.91 -4.28
CA GLY D 206 -12.12 -23.14 -3.38
C GLY D 206 -13.59 -23.06 -3.72
N GLY D 207 -14.03 -23.75 -4.77
CA GLY D 207 -15.44 -23.79 -5.09
C GLY D 207 -16.23 -24.53 -4.02
N ILE D 208 -17.55 -24.43 -4.15
CA ILE D 208 -18.44 -25.01 -3.16
C ILE D 208 -19.32 -26.05 -3.84
N HIS D 209 -19.70 -27.07 -3.07
CA HIS D 209 -20.58 -28.12 -3.57
C HIS D 209 -21.85 -27.53 -4.15
N GLY D 210 -22.14 -27.88 -5.40
CA GLY D 210 -23.42 -27.58 -6.02
C GLY D 210 -23.56 -26.20 -6.61
N ARG D 211 -22.47 -25.45 -6.78
CA ARG D 211 -22.60 -24.11 -7.36
C ARG D 211 -23.08 -24.16 -8.80
N ILE D 212 -22.59 -25.13 -9.59
CA ILE D 212 -22.96 -25.20 -11.00
C ILE D 212 -24.48 -25.38 -11.13
N SER D 213 -25.06 -26.26 -10.32
CA SER D 213 -26.49 -26.55 -10.40
C SER D 213 -27.32 -25.68 -9.47
N ALA D 214 -26.69 -24.74 -8.75
CA ALA D 214 -27.39 -24.02 -7.70
C ALA D 214 -28.56 -23.21 -8.23
N THR D 215 -28.36 -22.50 -9.34
CA THR D 215 -29.44 -21.65 -9.83
C THR D 215 -30.59 -22.46 -10.43
N GLY D 216 -30.28 -23.63 -11.00
CA GLY D 216 -31.35 -24.56 -11.34
C GLY D 216 -32.09 -25.08 -10.12
N ARG D 217 -31.33 -25.43 -9.07
CA ARG D 217 -31.96 -25.91 -7.83
C ARG D 217 -32.86 -24.85 -7.23
N GLY D 218 -32.46 -23.58 -7.33
CA GLY D 218 -33.29 -22.51 -6.82
C GLY D 218 -34.52 -22.25 -7.66
N VAL D 219 -34.42 -22.48 -8.98
CA VAL D 219 -35.59 -22.37 -9.84
C VAL D 219 -36.65 -23.37 -9.42
N PHE D 220 -36.23 -24.60 -9.09
CA PHE D 220 -37.18 -25.60 -8.60
C PHE D 220 -37.84 -25.12 -7.30
N HIS D 221 -37.03 -24.67 -6.34
CA HIS D 221 -37.58 -24.23 -5.05
C HIS D 221 -38.52 -23.04 -5.21
N GLY D 222 -38.21 -22.13 -6.13
CA GLY D 222 -39.07 -20.98 -6.34
C GLY D 222 -40.42 -21.37 -6.92
N ILE D 223 -40.41 -22.24 -7.94
CA ILE D 223 -41.66 -22.75 -8.50
C ILE D 223 -42.44 -23.49 -7.43
N GLU D 224 -41.79 -24.41 -6.72
CA GLU D 224 -42.47 -25.23 -5.72
C GLU D 224 -43.21 -24.40 -4.69
N ASN D 225 -42.62 -23.30 -4.26
CA ASN D 225 -43.22 -22.49 -3.22
C ASN D 225 -44.53 -21.86 -3.68
N PHE D 226 -44.63 -21.58 -4.97
CA PHE D 226 -45.84 -21.01 -5.55
C PHE D 226 -46.79 -22.06 -6.12
N ILE D 227 -46.25 -23.13 -6.72
CA ILE D 227 -47.09 -24.20 -7.25
C ILE D 227 -47.81 -24.98 -6.15
N ASN D 228 -47.44 -24.77 -4.90
CA ASN D 228 -48.06 -25.46 -3.76
C ASN D 228 -48.93 -24.53 -2.92
N GLU D 229 -49.18 -23.33 -3.41
CA GLU D 229 -49.99 -22.34 -2.72
C GLU D 229 -51.35 -22.29 -3.41
N ALA D 230 -52.37 -22.91 -2.77
CA ALA D 230 -53.66 -23.13 -3.42
C ALA D 230 -54.30 -21.82 -3.86
N SER D 231 -54.01 -20.72 -3.14
CA SER D 231 -54.67 -19.47 -3.52
C SER D 231 -54.23 -19.02 -4.89
N TYR D 232 -52.96 -19.17 -5.18
CA TYR D 232 -52.45 -18.79 -6.48
C TYR D 232 -52.84 -19.79 -7.57
N MET D 233 -52.91 -21.08 -7.23
CA MET D 233 -53.30 -22.09 -8.20
C MET D 233 -54.79 -22.04 -8.53
N SER D 234 -55.61 -21.51 -7.62
CA SER D 234 -57.02 -21.26 -7.93
C SER D 234 -57.14 -20.26 -9.06
N ILE D 235 -56.54 -19.09 -8.89
CA ILE D 235 -56.61 -18.01 -9.88
C ILE D 235 -56.13 -18.49 -11.24
N LEU D 236 -55.25 -19.48 -11.26
CA LEU D 236 -54.74 -20.09 -12.48
C LEU D 236 -55.64 -21.20 -13.00
N GLY D 237 -56.58 -21.69 -12.20
CA GLY D 237 -57.30 -22.89 -12.56
C GLY D 237 -56.33 -24.05 -12.77
N MET D 238 -55.59 -24.38 -11.71
CA MET D 238 -54.65 -25.49 -11.72
C MET D 238 -54.71 -26.23 -10.40
N THR D 239 -54.16 -27.43 -10.41
CA THR D 239 -54.06 -28.32 -9.26
C THR D 239 -52.69 -28.18 -8.61
N PRO D 240 -52.62 -27.99 -7.30
CA PRO D 240 -51.32 -27.89 -6.62
C PRO D 240 -50.47 -29.14 -6.84
N GLY D 241 -49.16 -28.95 -6.79
CA GLY D 241 -48.21 -30.04 -6.89
C GLY D 241 -47.55 -30.11 -8.27
N PHE D 242 -46.53 -30.97 -8.35
CA PHE D 242 -45.78 -31.18 -9.57
C PHE D 242 -46.20 -32.41 -10.34
N GLY D 243 -46.70 -33.44 -9.64
CA GLY D 243 -46.86 -34.78 -10.19
C GLY D 243 -47.59 -34.87 -11.52
N ASP D 244 -48.28 -33.81 -11.94
CA ASP D 244 -49.14 -33.92 -13.10
C ASP D 244 -48.83 -32.87 -14.16
N LYS D 245 -47.69 -32.18 -14.08
CA LYS D 245 -47.50 -30.99 -14.89
C LYS D 245 -46.43 -31.15 -15.95
N THR D 246 -46.55 -30.31 -16.97
CA THR D 246 -45.63 -30.24 -18.09
C THR D 246 -44.90 -28.92 -18.10
N PHE D 247 -43.70 -28.92 -18.66
CA PHE D 247 -42.96 -27.68 -18.80
C PHE D 247 -42.06 -27.74 -20.02
N ALA D 248 -41.72 -26.56 -20.51
CA ALA D 248 -40.78 -26.38 -21.61
C ALA D 248 -39.68 -25.43 -21.18
N VAL D 249 -38.52 -25.62 -21.78
CA VAL D 249 -37.27 -25.01 -21.35
C VAL D 249 -36.62 -24.35 -22.57
N GLN D 250 -36.51 -23.03 -22.55
CA GLN D 250 -35.76 -22.32 -23.58
C GLN D 250 -34.33 -22.10 -23.10
N GLY D 251 -33.40 -22.80 -23.72
CA GLY D 251 -32.01 -22.72 -23.29
C GLY D 251 -31.60 -23.94 -22.49
N PHE D 252 -30.61 -24.68 -22.97
CA PHE D 252 -30.14 -25.90 -22.35
C PHE D 252 -28.73 -25.74 -21.79
N GLY D 253 -28.47 -24.60 -21.16
CA GLY D 253 -27.20 -24.33 -20.54
C GLY D 253 -27.19 -24.69 -19.06
N ASN D 254 -26.42 -23.95 -18.29
CA ASN D 254 -26.28 -24.26 -16.87
C ASN D 254 -27.59 -24.06 -16.11
N VAL D 255 -28.36 -23.04 -16.46
CA VAL D 255 -29.64 -22.82 -15.81
C VAL D 255 -30.69 -23.77 -16.34
N GLY D 256 -30.78 -23.91 -17.66
CA GLY D 256 -31.85 -24.71 -18.25
C GLY D 256 -31.74 -26.18 -17.92
N LEU D 257 -30.53 -26.75 -18.05
CA LEU D 257 -30.36 -28.18 -17.85
C LEU D 257 -30.73 -28.58 -16.42
N HIS D 258 -30.26 -27.82 -15.44
CA HIS D 258 -30.44 -28.22 -14.05
C HIS D 258 -31.84 -27.93 -13.55
N SER D 259 -32.48 -26.89 -14.05
CA SER D 259 -33.91 -26.72 -13.82
C SER D 259 -34.68 -27.95 -14.30
N MET D 260 -34.31 -28.47 -15.46
CA MET D 260 -34.95 -29.66 -15.99
C MET D 260 -34.71 -30.88 -15.10
N ARG D 261 -33.47 -31.04 -14.63
CA ARG D 261 -33.14 -32.20 -13.80
C ARG D 261 -33.98 -32.25 -12.54
N TYR D 262 -34.11 -31.11 -11.85
CA TYR D 262 -34.81 -31.12 -10.56
C TYR D 262 -36.33 -31.21 -10.73
N LEU D 263 -36.88 -30.53 -11.74
CA LEU D 263 -38.30 -30.65 -12.00
C LEU D 263 -38.67 -32.08 -12.41
N HIS D 264 -37.85 -32.68 -13.30
CA HIS D 264 -38.07 -34.06 -13.67
C HIS D 264 -38.02 -34.97 -12.45
N ARG D 265 -37.13 -34.69 -11.51
CA ARG D 265 -36.96 -35.54 -10.35
C ARG D 265 -38.21 -35.60 -9.48
N PHE D 266 -39.00 -34.52 -9.48
CA PHE D 266 -40.17 -34.46 -8.61
C PHE D 266 -41.47 -34.60 -9.39
N GLY D 267 -41.42 -35.24 -10.56
CA GLY D 267 -42.62 -35.70 -11.23
C GLY D 267 -43.14 -34.81 -12.35
N ALA D 268 -42.49 -33.70 -12.64
CA ALA D 268 -42.91 -32.93 -13.80
C ALA D 268 -42.37 -33.56 -15.07
N LYS D 269 -42.97 -33.19 -16.19
CA LYS D 269 -42.63 -33.74 -17.49
C LYS D 269 -42.10 -32.64 -18.38
N CYS D 270 -40.92 -32.86 -18.96
CA CYS D 270 -40.36 -31.91 -19.90
C CYS D 270 -40.80 -32.27 -21.31
N VAL D 271 -41.45 -31.32 -21.99
CA VAL D 271 -42.16 -31.63 -23.22
C VAL D 271 -41.32 -31.09 -24.37
N ALA D 272 -40.64 -29.98 -24.13
CA ALA D 272 -39.95 -29.26 -25.19
C ALA D 272 -38.68 -28.63 -24.64
N VAL D 273 -37.64 -28.64 -25.45
CA VAL D 273 -36.36 -28.01 -25.13
C VAL D 273 -35.91 -27.23 -26.35
N GLY D 274 -35.74 -25.92 -26.19
CA GLY D 274 -35.34 -25.04 -27.26
C GLY D 274 -33.95 -24.52 -27.05
N GLU D 275 -33.30 -24.11 -28.12
CA GLU D 275 -31.87 -23.96 -28.09
C GLU D 275 -31.51 -23.05 -29.28
N SER D 276 -30.26 -22.59 -29.37
CA SER D 276 -29.91 -21.53 -30.34
C SER D 276 -30.08 -21.94 -31.80
N ASP D 277 -30.10 -23.24 -32.10
CA ASP D 277 -30.23 -23.72 -33.46
C ASP D 277 -31.61 -24.29 -33.77
N GLY D 278 -32.40 -24.63 -32.76
CA GLY D 278 -33.70 -25.22 -33.00
C GLY D 278 -34.24 -25.80 -31.71
N SER D 279 -35.44 -26.38 -31.81
CA SER D 279 -36.12 -26.99 -30.69
C SER D 279 -36.41 -28.46 -30.95
N ILE D 280 -36.72 -29.18 -29.88
CA ILE D 280 -37.17 -30.56 -29.95
C ILE D 280 -38.38 -30.71 -29.05
N TRP D 281 -39.22 -31.70 -29.36
CA TRP D 281 -40.53 -31.81 -28.75
C TRP D 281 -40.95 -33.26 -28.65
N ASN D 282 -41.67 -33.57 -27.58
CA ASN D 282 -42.17 -34.91 -27.26
C ASN D 282 -43.19 -34.81 -26.14
N PRO D 283 -44.49 -34.97 -26.42
CA PRO D 283 -45.50 -34.83 -25.36
C PRO D 283 -45.46 -35.94 -24.34
N ASP D 284 -44.66 -36.99 -24.56
CA ASP D 284 -44.51 -38.07 -23.60
C ASP D 284 -43.41 -37.79 -22.61
N GLY D 285 -42.57 -36.80 -22.86
CA GLY D 285 -41.53 -36.47 -21.90
C GLY D 285 -40.13 -36.68 -22.41
N ILE D 286 -39.20 -35.81 -21.96
CA ILE D 286 -37.85 -35.81 -22.48
C ILE D 286 -37.03 -36.17 -21.25
N ASP D 287 -36.06 -37.09 -21.37
CA ASP D 287 -35.33 -37.33 -20.10
C ASP D 287 -34.04 -36.53 -20.06
N PRO D 288 -33.77 -35.83 -18.95
CA PRO D 288 -32.62 -34.90 -18.93
C PRO D 288 -31.28 -35.57 -19.01
N LYS D 289 -31.12 -36.78 -18.46
CA LYS D 289 -29.83 -37.45 -18.55
C LYS D 289 -29.51 -37.83 -19.99
N GLU D 290 -30.48 -38.43 -20.68
CA GLU D 290 -30.27 -38.82 -22.08
C GLU D 290 -30.00 -37.60 -22.95
N LEU D 291 -30.73 -36.51 -22.72
CA LEU D 291 -30.56 -35.31 -23.52
C LEU D 291 -29.18 -34.71 -23.30
N GLU D 292 -28.74 -34.67 -22.04
CA GLU D 292 -27.43 -34.08 -21.77
C GLU D 292 -26.35 -34.94 -22.36
N ASP D 293 -26.54 -36.26 -22.29
CA ASP D 293 -25.52 -37.17 -22.77
C ASP D 293 -25.44 -37.08 -24.30
N PHE D 294 -26.60 -36.95 -24.95
CA PHE D 294 -26.62 -36.64 -26.37
C PHE D 294 -25.90 -35.34 -26.67
N LYS D 295 -26.22 -34.29 -25.91
CA LYS D 295 -25.68 -32.98 -26.21
C LYS D 295 -24.16 -32.94 -26.00
N LEU D 296 -23.67 -33.63 -24.97
CA LEU D 296 -22.24 -33.73 -24.76
C LEU D 296 -21.56 -34.45 -25.92
N GLN D 297 -22.22 -35.46 -26.50
CA GLN D 297 -21.65 -36.25 -27.58
C GLN D 297 -21.56 -35.43 -28.87
N HIS D 298 -22.66 -34.78 -29.27
CA HIS D 298 -22.83 -34.21 -30.59
C HIS D 298 -22.76 -32.68 -30.62
N GLY D 299 -22.64 -32.03 -29.47
CA GLY D 299 -22.65 -30.59 -29.46
C GLY D 299 -23.93 -29.91 -29.89
N THR D 300 -25.04 -30.64 -29.99
CA THR D 300 -26.28 -29.96 -30.32
C THR D 300 -27.41 -30.80 -29.73
N ILE D 301 -28.61 -30.22 -29.73
CA ILE D 301 -29.83 -30.87 -29.30
C ILE D 301 -30.54 -31.55 -30.44
N LEU D 302 -30.37 -31.05 -31.64
CA LEU D 302 -31.14 -31.62 -32.72
C LEU D 302 -30.61 -32.91 -33.25
N GLY D 303 -31.57 -33.70 -33.75
CA GLY D 303 -31.37 -35.11 -33.98
C GLY D 303 -31.45 -36.02 -32.76
N PHE D 304 -31.91 -35.51 -31.62
CA PHE D 304 -32.08 -36.35 -30.44
C PHE D 304 -33.02 -37.49 -30.78
N PRO D 305 -32.62 -38.75 -30.61
CA PRO D 305 -33.42 -39.87 -31.14
C PRO D 305 -34.85 -39.89 -30.63
N LYS D 306 -35.12 -39.37 -29.47
CA LYS D 306 -36.31 -39.77 -28.77
C LYS D 306 -37.21 -38.56 -28.55
N ALA D 307 -37.10 -37.65 -29.51
CA ALA D 307 -38.01 -36.54 -29.71
C ALA D 307 -37.93 -36.13 -31.18
N LYS D 308 -38.83 -35.26 -31.59
CA LYS D 308 -38.88 -34.84 -32.98
C LYS D 308 -38.60 -33.36 -33.09
N ILE D 309 -37.88 -32.99 -34.16
CA ILE D 309 -37.47 -31.62 -34.43
C ILE D 309 -38.67 -30.71 -34.60
N TYR D 310 -38.91 -29.89 -33.59
CA TYR D 310 -40.09 -29.03 -33.53
C TYR D 310 -39.79 -27.69 -34.18
N GLU D 311 -40.74 -27.24 -34.99
CA GLU D 311 -40.64 -25.99 -35.71
C GLU D 311 -41.66 -25.02 -35.13
N GLY D 312 -41.32 -23.74 -35.19
CA GLY D 312 -42.10 -22.75 -34.47
C GLY D 312 -41.60 -22.57 -33.05
N SER D 313 -41.98 -21.44 -32.47
CA SER D 313 -41.32 -20.93 -31.28
C SER D 313 -41.47 -21.87 -30.08
N ILE D 314 -40.34 -22.16 -29.43
CA ILE D 314 -40.33 -22.88 -28.16
C ILE D 314 -41.20 -22.17 -27.14
N LEU D 315 -41.27 -20.84 -27.21
CA LEU D 315 -42.02 -20.07 -26.22
C LEU D 315 -43.52 -20.27 -26.35
N GLU D 316 -44.00 -20.78 -27.48
CA GLU D 316 -45.44 -20.96 -27.67
C GLU D 316 -45.83 -22.43 -27.60
N VAL D 317 -44.88 -23.33 -27.31
CA VAL D 317 -45.23 -24.71 -27.03
C VAL D 317 -46.31 -24.79 -25.96
N ASP D 318 -47.16 -25.79 -26.08
CA ASP D 318 -48.26 -26.05 -25.18
C ASP D 318 -47.73 -26.78 -23.95
N CYS D 319 -47.92 -26.20 -22.77
CA CYS D 319 -47.38 -26.72 -21.52
C CYS D 319 -47.98 -25.94 -20.36
N ASP D 320 -47.69 -26.40 -19.14
CA ASP D 320 -48.14 -25.65 -17.97
C ASP D 320 -47.14 -24.57 -17.58
N ILE D 321 -45.86 -24.87 -17.63
CA ILE D 321 -44.80 -24.01 -17.11
C ILE D 321 -43.80 -23.73 -18.22
N LEU D 322 -43.58 -22.46 -18.54
CA LEU D 322 -42.55 -22.06 -19.49
C LEU D 322 -41.35 -21.50 -18.74
N ILE D 323 -40.18 -22.07 -19.00
CA ILE D 323 -38.96 -21.63 -18.34
C ILE D 323 -38.02 -21.00 -19.37
N PRO D 324 -38.09 -19.69 -19.59
CA PRO D 324 -37.07 -19.03 -20.44
C PRO D 324 -35.75 -18.97 -19.68
N ALA D 325 -34.74 -19.66 -20.20
CA ALA D 325 -33.44 -19.79 -19.54
C ALA D 325 -32.32 -19.49 -20.50
N ALA D 326 -32.54 -18.56 -21.43
CA ALA D 326 -31.51 -18.18 -22.38
C ALA D 326 -31.20 -16.72 -22.15
N SER D 327 -31.39 -15.90 -23.14
CA SER D 327 -31.13 -14.49 -23.26
C SER D 327 -32.30 -13.67 -22.77
N GLU D 328 -32.21 -12.34 -22.88
CA GLU D 328 -33.24 -11.45 -22.38
C GLU D 328 -34.16 -10.99 -23.51
N LYS D 329 -35.30 -10.45 -23.10
CA LYS D 329 -36.30 -9.87 -24.02
C LYS D 329 -36.73 -10.88 -25.08
N GLN D 330 -37.18 -12.04 -24.60
CA GLN D 330 -37.71 -13.11 -25.45
C GLN D 330 -39.23 -13.10 -25.54
N LEU D 331 -39.91 -12.63 -24.51
CA LEU D 331 -41.36 -12.50 -24.50
C LEU D 331 -41.68 -11.02 -24.67
N THR D 332 -42.40 -10.68 -25.74
CA THR D 332 -42.64 -9.31 -26.16
C THR D 332 -44.13 -9.07 -26.40
N LYS D 333 -44.46 -7.84 -26.83
CA LYS D 333 -45.83 -7.55 -27.29
C LYS D 333 -46.29 -8.58 -28.30
N SER D 334 -45.40 -8.94 -29.23
CA SER D 334 -45.75 -9.82 -30.34
C SER D 334 -46.24 -11.18 -29.88
N ASN D 335 -45.37 -11.99 -29.28
CA ASN D 335 -45.73 -13.38 -29.03
C ASN D 335 -46.36 -13.62 -27.66
N ALA D 336 -46.46 -12.60 -26.81
CA ALA D 336 -47.14 -12.79 -25.52
C ALA D 336 -48.57 -13.31 -25.65
N PRO D 337 -49.39 -12.89 -26.63
CA PRO D 337 -50.74 -13.44 -26.73
C PRO D 337 -50.82 -14.92 -27.10
N ARG D 338 -49.72 -15.57 -27.48
CA ARG D 338 -49.75 -16.95 -27.97
C ARG D 338 -48.99 -17.92 -27.07
N VAL D 339 -48.89 -17.60 -25.78
CA VAL D 339 -47.92 -18.28 -24.92
C VAL D 339 -48.41 -19.65 -24.47
N LYS D 340 -49.69 -19.76 -24.11
CA LYS D 340 -50.37 -21.02 -23.76
C LYS D 340 -49.60 -21.82 -22.71
N ALA D 341 -48.93 -21.13 -21.80
CA ALA D 341 -48.58 -21.66 -20.49
C ALA D 341 -49.22 -20.77 -19.44
N LYS D 342 -49.47 -21.33 -18.26
CA LYS D 342 -50.09 -20.55 -17.20
C LYS D 342 -49.10 -20.01 -16.19
N ILE D 343 -47.89 -20.58 -16.13
CA ILE D 343 -46.83 -20.09 -15.25
C ILE D 343 -45.59 -19.86 -16.09
N ILE D 344 -45.03 -18.64 -16.00
CA ILE D 344 -43.76 -18.31 -16.64
C ILE D 344 -42.73 -18.11 -15.54
N ALA D 345 -41.77 -19.01 -15.50
CA ALA D 345 -40.71 -19.00 -14.48
C ALA D 345 -39.43 -18.48 -15.12
N GLU D 346 -39.12 -17.22 -14.89
CA GLU D 346 -37.92 -16.64 -15.50
C GLU D 346 -36.67 -17.14 -14.80
N GLY D 347 -36.00 -18.07 -15.47
CA GLY D 347 -34.67 -18.48 -15.03
C GLY D 347 -33.63 -17.51 -15.53
N ALA D 348 -33.84 -16.97 -16.71
CA ALA D 348 -32.92 -16.00 -17.29
C ALA D 348 -33.18 -14.61 -16.71
N ASN D 349 -32.23 -13.71 -16.97
CA ASN D 349 -32.33 -12.33 -16.52
C ASN D 349 -33.06 -11.50 -17.55
N GLY D 350 -34.18 -10.88 -17.14
CA GLY D 350 -34.97 -10.01 -17.98
C GLY D 350 -35.51 -10.59 -19.28
N PRO D 351 -36.12 -11.78 -19.24
CA PRO D 351 -36.66 -12.37 -20.48
C PRO D 351 -37.99 -11.78 -20.92
N THR D 352 -38.64 -10.96 -20.10
CA THR D 352 -39.99 -10.48 -20.38
C THR D 352 -40.04 -8.95 -20.43
N THR D 353 -40.65 -8.39 -21.50
CA THR D 353 -40.69 -6.95 -21.67
C THR D 353 -41.80 -6.46 -20.75
N PRO D 354 -41.83 -5.18 -20.41
CA PRO D 354 -42.98 -4.66 -19.67
C PRO D 354 -44.32 -4.77 -20.42
N GLU D 355 -44.31 -4.67 -21.76
CA GLU D 355 -45.55 -4.84 -22.51
C GLU D 355 -46.07 -6.26 -22.40
N ALA D 356 -45.16 -7.23 -22.50
CA ALA D 356 -45.55 -8.62 -22.34
C ALA D 356 -46.07 -8.88 -20.93
N ASP D 357 -45.54 -8.17 -19.92
CA ASP D 357 -46.06 -8.32 -18.57
C ASP D 357 -47.51 -7.87 -18.47
N LYS D 358 -47.85 -6.75 -19.12
CA LYS D 358 -49.26 -6.32 -19.16
C LYS D 358 -50.15 -7.42 -19.70
N ILE D 359 -49.81 -7.93 -20.88
CA ILE D 359 -50.63 -8.95 -21.51
C ILE D 359 -50.81 -10.15 -20.59
N PHE D 360 -49.71 -10.61 -19.99
CA PHE D 360 -49.78 -11.77 -19.10
C PHE D 360 -50.69 -11.50 -17.92
N LEU D 361 -50.66 -10.27 -17.39
CA LEU D 361 -51.56 -9.90 -16.30
C LEU D 361 -53.01 -10.03 -16.73
N GLU D 362 -53.35 -9.50 -17.91
CA GLU D 362 -54.73 -9.53 -18.39
C GLU D 362 -55.22 -10.96 -18.56
N ARG D 363 -54.34 -11.87 -18.97
CA ARG D 363 -54.72 -13.25 -19.21
C ARG D 363 -54.50 -14.17 -18.04
N ASN D 364 -54.31 -13.63 -16.84
CA ASN D 364 -54.14 -14.42 -15.64
C ASN D 364 -53.03 -15.45 -15.82
N ILE D 365 -51.90 -14.96 -16.33
CA ILE D 365 -50.67 -15.75 -16.46
C ILE D 365 -49.73 -15.29 -15.35
N MET D 366 -49.23 -16.23 -14.57
CA MET D 366 -48.33 -15.91 -13.46
C MET D 366 -46.89 -15.90 -13.93
N VAL D 367 -46.24 -14.75 -13.81
CA VAL D 367 -44.81 -14.60 -14.10
C VAL D 367 -44.07 -14.57 -12.77
N ILE D 368 -43.32 -15.64 -12.49
CA ILE D 368 -42.44 -15.66 -11.33
C ILE D 368 -41.16 -14.95 -11.72
N PRO D 369 -40.84 -13.82 -11.12
CA PRO D 369 -39.86 -12.91 -11.70
C PRO D 369 -38.41 -13.28 -11.42
N ASP D 370 -37.53 -12.77 -12.29
CA ASP D 370 -36.11 -13.14 -12.23
C ASP D 370 -35.47 -12.72 -10.91
N LEU D 371 -35.74 -11.48 -10.47
CA LEU D 371 -35.34 -10.94 -9.17
C LEU D 371 -35.34 -11.98 -8.07
N TYR D 372 -36.36 -12.83 -8.06
CA TYR D 372 -36.53 -13.85 -7.04
C TYR D 372 -36.07 -15.22 -7.50
N LEU D 373 -36.46 -15.62 -8.71
CA LEU D 373 -36.44 -17.03 -9.05
C LEU D 373 -35.05 -17.55 -9.40
N ASN D 374 -34.20 -16.74 -10.03
CA ASN D 374 -32.86 -17.21 -10.36
C ASN D 374 -31.81 -16.80 -9.33
N ALA D 375 -32.24 -16.32 -8.16
CA ALA D 375 -31.32 -15.84 -7.14
C ALA D 375 -30.63 -16.97 -6.37
N GLY D 376 -30.88 -18.23 -6.72
CA GLY D 376 -30.15 -19.31 -6.10
C GLY D 376 -28.69 -19.34 -6.49
N GLY D 377 -28.37 -18.83 -7.68
CA GLY D 377 -26.97 -18.73 -8.08
C GLY D 377 -26.19 -17.81 -7.15
N VAL D 378 -26.70 -16.59 -6.94
CA VAL D 378 -25.97 -15.64 -6.10
C VAL D 378 -26.02 -16.07 -4.63
N THR D 379 -27.06 -16.80 -4.22
CA THR D 379 -27.13 -17.26 -2.85
C THR D 379 -26.03 -18.28 -2.56
N VAL D 380 -25.76 -19.18 -3.49
CA VAL D 380 -24.74 -20.19 -3.25
C VAL D 380 -23.34 -19.62 -3.54
N SER D 381 -23.25 -18.64 -4.43
CA SER D 381 -22.01 -17.88 -4.54
C SER D 381 -21.65 -17.22 -3.22
N TYR D 382 -22.66 -16.68 -2.54
CA TYR D 382 -22.46 -16.09 -1.22
C TYR D 382 -21.91 -17.13 -0.24
N PHE D 383 -22.45 -18.35 -0.29
CA PHE D 383 -21.94 -19.42 0.57
C PHE D 383 -20.48 -19.74 0.22
N GLU D 384 -20.14 -19.75 -1.07
CA GLU D 384 -18.77 -20.03 -1.49
C GLU D 384 -17.82 -18.95 -0.96
N TRP D 385 -18.23 -17.69 -1.09
CA TRP D 385 -17.44 -16.58 -0.59
C TRP D 385 -17.17 -16.71 0.91
N LEU D 386 -18.20 -17.05 1.68
CA LEU D 386 -18.02 -17.24 3.12
C LEU D 386 -17.11 -18.42 3.41
N LYS D 387 -17.24 -19.51 2.65
CA LYS D 387 -16.34 -20.63 2.81
C LYS D 387 -14.90 -20.19 2.62
N ASN D 388 -14.64 -19.34 1.62
CA ASN D 388 -13.28 -18.86 1.38
C ASN D 388 -12.80 -17.99 2.53
N LEU D 389 -13.65 -17.10 3.05
CA LEU D 389 -13.23 -16.25 4.15
C LEU D 389 -12.94 -17.04 5.42
N ASN D 390 -13.59 -18.18 5.61
CA ASN D 390 -13.47 -18.92 6.86
C ASN D 390 -12.31 -19.92 6.88
N HIS D 391 -11.85 -20.37 5.72
CA HIS D 391 -10.63 -21.16 5.58
C HIS D 391 -10.74 -22.54 6.23
N VAL D 392 -11.97 -23.02 6.47
CA VAL D 392 -12.22 -24.42 6.82
C VAL D 392 -13.40 -24.92 5.99
N SER D 393 -13.39 -26.22 5.72
CA SER D 393 -14.58 -26.88 5.23
C SER D 393 -15.57 -27.04 6.37
N TYR D 394 -16.85 -26.85 6.07
CA TYR D 394 -17.87 -26.87 7.10
C TYR D 394 -17.88 -28.21 7.85
N GLY D 395 -17.90 -28.13 9.18
CA GLY D 395 -18.02 -29.30 10.02
C GLY D 395 -16.73 -30.00 10.39
N ARG D 396 -15.62 -29.68 9.71
CA ARG D 396 -14.38 -30.44 9.90
C ARG D 396 -13.86 -30.35 11.33
N LEU D 397 -14.09 -29.23 12.01
CA LEU D 397 -13.64 -29.10 13.39
C LEU D 397 -14.55 -29.82 14.37
N THR D 398 -15.79 -30.14 14.00
CA THR D 398 -16.81 -30.54 14.95
C THR D 398 -17.43 -31.90 14.70
N PHE D 399 -17.13 -32.57 13.58
CA PHE D 399 -17.79 -33.85 13.27
C PHE D 399 -17.69 -34.82 14.44
N LYS D 400 -16.46 -35.07 14.92
CA LYS D 400 -16.26 -36.06 15.97
C LYS D 400 -16.91 -35.61 17.27
N TYR D 401 -16.67 -34.36 17.68
CA TYR D 401 -17.26 -33.86 18.92
C TYR D 401 -18.78 -33.99 18.89
N GLU D 402 -19.39 -33.58 17.79
CA GLU D 402 -20.85 -33.57 17.68
C GLU D 402 -21.42 -34.99 17.70
N ARG D 403 -20.78 -35.93 17.00
CA ARG D 403 -21.25 -37.32 17.01
C ARG D 403 -21.15 -37.92 18.42
N ASP D 404 -20.03 -37.70 19.09
CA ASP D 404 -19.91 -38.16 20.48
C ASP D 404 -20.95 -37.50 21.37
N SER D 405 -21.19 -36.21 21.18
CA SER D 405 -22.16 -35.50 22.01
C SER D 405 -23.56 -36.07 21.84
N ASN D 406 -23.94 -36.39 20.60
CA ASN D 406 -25.28 -36.90 20.35
C ASN D 406 -25.50 -38.27 20.98
N TYR D 407 -24.49 -39.14 20.93
CA TYR D 407 -24.64 -40.46 21.53
C TYR D 407 -24.74 -40.37 23.05
N HIS D 408 -23.97 -39.48 23.67
CA HIS D 408 -24.10 -39.27 25.11
C HIS D 408 -25.44 -38.64 25.47
N LEU D 409 -26.02 -37.83 24.58
CA LEU D 409 -27.34 -37.28 24.83
C LEU D 409 -28.38 -38.38 24.84
N LEU D 410 -28.38 -39.24 23.82
CA LEU D 410 -29.33 -40.34 23.77
C LEU D 410 -29.13 -41.31 24.94
N MET D 411 -27.88 -41.54 25.36
CA MET D 411 -27.62 -42.33 26.55
C MET D 411 -28.18 -41.70 27.80
N SER D 412 -28.24 -40.38 27.84
CA SER D 412 -28.81 -39.72 29.02
C SER D 412 -30.28 -40.06 29.16
N VAL D 413 -31.00 -40.15 28.04
CA VAL D 413 -32.40 -40.57 28.07
C VAL D 413 -32.49 -42.04 28.48
N GLN D 414 -31.64 -42.87 27.90
CA GLN D 414 -31.65 -44.31 28.18
C GLN D 414 -31.42 -44.57 29.67
N GLU D 415 -30.34 -44.02 30.23
CA GLU D 415 -30.02 -44.29 31.63
C GLU D 415 -31.07 -43.70 32.57
N SER D 416 -31.66 -42.55 32.21
CA SER D 416 -32.71 -41.98 33.04
C SER D 416 -33.94 -42.89 33.08
N LEU D 417 -34.26 -43.54 31.95
CA LEU D 417 -35.42 -44.41 31.90
C LEU D 417 -35.17 -45.73 32.63
N GLU D 418 -33.99 -46.32 32.45
CA GLU D 418 -33.66 -47.53 33.20
C GLU D 418 -33.63 -47.25 34.69
N ARG D 419 -33.07 -46.09 35.09
CA ARG D 419 -33.00 -45.65 36.48
C ARG D 419 -34.35 -45.54 37.14
N LYS D 420 -35.40 -45.50 36.36
CA LYS D 420 -36.76 -45.37 36.84
C LYS D 420 -37.56 -46.65 36.73
N PHE D 421 -37.50 -47.32 35.59
CA PHE D 421 -38.20 -48.58 35.31
C PHE D 421 -37.27 -49.76 35.52
N GLY D 422 -36.45 -49.69 36.59
CA GLY D 422 -35.37 -50.60 36.97
C GLY D 422 -35.06 -51.82 36.11
N LYS D 423 -34.90 -52.99 36.71
CA LYS D 423 -34.91 -54.18 35.89
C LYS D 423 -36.32 -54.75 35.81
N HIS D 424 -37.28 -54.04 36.38
CA HIS D 424 -38.70 -54.12 36.11
C HIS D 424 -39.02 -53.38 34.82
N GLY D 425 -38.20 -53.57 33.78
CA GLY D 425 -38.42 -52.98 32.48
C GLY D 425 -37.32 -53.37 31.51
N GLY D 426 -36.21 -53.86 32.06
CA GLY D 426 -35.12 -54.37 31.26
C GLY D 426 -34.18 -53.30 30.75
N THR D 427 -33.59 -53.58 29.58
CA THR D 427 -32.75 -52.60 28.89
C THR D 427 -33.63 -51.85 27.91
N ILE D 428 -33.44 -50.53 27.84
CA ILE D 428 -34.26 -49.66 27.01
C ILE D 428 -33.38 -48.95 26.00
N PRO D 429 -33.04 -49.60 24.89
CA PRO D 429 -32.09 -49.01 23.94
C PRO D 429 -32.70 -47.81 23.22
N ILE D 430 -32.03 -46.66 23.32
CA ILE D 430 -32.37 -45.46 22.58
C ILE D 430 -31.33 -45.29 21.49
N VAL D 431 -31.76 -45.37 20.23
CA VAL D 431 -30.84 -45.32 19.09
C VAL D 431 -31.38 -44.35 18.05
N PRO D 432 -30.50 -43.82 17.19
CA PRO D 432 -30.97 -42.90 16.16
C PRO D 432 -31.85 -43.61 15.14
N THR D 433 -32.81 -42.86 14.59
CA THR D 433 -33.48 -43.33 13.39
C THR D 433 -32.46 -43.37 12.26
N ALA D 434 -32.86 -43.97 11.13
CA ALA D 434 -32.02 -43.90 9.95
C ALA D 434 -31.78 -42.45 9.54
N GLU D 435 -32.81 -41.61 9.64
CA GLU D 435 -32.72 -40.21 9.27
C GLU D 435 -31.75 -39.45 10.19
N PHE D 436 -31.85 -39.67 11.50
CA PHE D 436 -30.96 -38.99 12.42
C PHE D 436 -29.55 -39.55 12.38
N GLN D 437 -29.39 -40.85 12.09
CA GLN D 437 -28.05 -41.42 11.98
C GLN D 437 -27.22 -40.72 10.91
N ASP D 438 -27.88 -40.27 9.83
CA ASP D 438 -27.27 -39.45 8.78
C ASP D 438 -26.81 -38.09 9.25
N ARG D 439 -27.41 -37.55 10.30
CA ARG D 439 -27.11 -36.21 10.77
C ARG D 439 -26.37 -36.25 12.09
N ILE D 440 -25.90 -37.43 12.50
CA ILE D 440 -25.36 -37.61 13.85
C ILE D 440 -24.13 -36.75 14.07
N SER D 441 -23.41 -36.41 13.00
CA SER D 441 -22.19 -35.62 13.11
C SER D 441 -22.39 -34.14 12.84
N GLY D 442 -23.60 -33.70 12.52
CA GLY D 442 -23.85 -32.32 12.17
C GLY D 442 -23.68 -32.07 10.69
N ALA D 443 -24.00 -30.83 10.29
CA ALA D 443 -24.04 -30.48 8.88
C ALA D 443 -22.65 -30.52 8.25
N SER D 444 -22.63 -30.91 6.98
CA SER D 444 -21.48 -30.77 6.12
C SER D 444 -21.75 -29.66 5.09
N GLU D 445 -20.74 -29.40 4.27
CA GLU D 445 -20.86 -28.37 3.25
C GLU D 445 -22.08 -28.59 2.36
N LYS D 446 -22.28 -29.83 1.91
CA LYS D 446 -23.45 -30.14 1.09
C LYS D 446 -24.74 -29.84 1.82
N ASP D 447 -24.84 -30.24 3.09
CA ASP D 447 -26.08 -30.02 3.84
C ASP D 447 -26.38 -28.52 3.96
N ILE D 448 -25.35 -27.72 4.23
CA ILE D 448 -25.55 -26.29 4.40
C ILE D 448 -26.03 -25.66 3.10
N VAL D 449 -25.43 -26.05 1.98
CA VAL D 449 -25.83 -25.50 0.69
C VAL D 449 -27.29 -25.84 0.39
N HIS D 450 -27.67 -27.10 0.58
CA HIS D 450 -29.03 -27.52 0.26
C HIS D 450 -30.06 -26.85 1.18
N SER D 451 -29.85 -26.95 2.50
CA SER D 451 -30.84 -26.41 3.42
C SER D 451 -30.77 -24.88 3.51
N GLY D 452 -29.57 -24.31 3.40
CA GLY D 452 -29.46 -22.86 3.36
C GLY D 452 -30.17 -22.25 2.17
N LEU D 453 -30.06 -22.91 1.01
CA LEU D 453 -30.76 -22.44 -0.19
C LEU D 453 -32.27 -22.57 -0.04
N ALA D 454 -32.73 -23.74 0.38
CA ALA D 454 -34.17 -23.94 0.59
C ALA D 454 -34.71 -22.94 1.59
N TYR D 455 -33.99 -22.71 2.69
CA TYR D 455 -34.44 -21.72 3.66
C TYR D 455 -34.59 -20.34 3.04
N THR D 456 -33.62 -19.95 2.20
CA THR D 456 -33.65 -18.61 1.62
C THR D 456 -34.79 -18.45 0.63
N MET D 457 -34.97 -19.42 -0.26
CA MET D 457 -36.02 -19.32 -1.27
C MET D 457 -37.41 -19.29 -0.65
N GLU D 458 -37.62 -20.08 0.41
CA GLU D 458 -38.92 -20.08 1.09
C GLU D 458 -39.16 -18.75 1.78
N ARG D 459 -38.22 -18.31 2.60
CA ARG D 459 -38.40 -17.07 3.33
C ARG D 459 -38.63 -15.89 2.39
N SER D 460 -38.01 -15.91 1.22
CA SER D 460 -38.17 -14.83 0.26
C SER D 460 -39.52 -14.91 -0.46
N ALA D 461 -39.99 -16.12 -0.78
CA ALA D 461 -41.29 -16.28 -1.40
C ALA D 461 -42.39 -15.76 -0.48
N ARG D 462 -42.27 -16.04 0.82
CA ARG D 462 -43.27 -15.61 1.78
C ARG D 462 -43.31 -14.09 1.90
N GLN D 463 -42.15 -13.44 1.81
CA GLN D 463 -42.12 -11.98 1.84
C GLN D 463 -42.74 -11.39 0.59
N ILE D 464 -42.58 -12.03 -0.55
CA ILE D 464 -43.17 -11.53 -1.79
C ILE D 464 -44.68 -11.69 -1.75
N MET D 465 -45.15 -12.85 -1.29
CA MET D 465 -46.59 -13.07 -1.18
C MET D 465 -47.23 -12.11 -0.19
N ARG D 466 -46.60 -11.91 0.97
CA ARG D 466 -47.13 -11.00 1.98
C ARG D 466 -47.27 -9.59 1.41
N THR D 467 -46.31 -9.17 0.59
CA THR D 467 -46.35 -7.84 0.00
C THR D 467 -47.37 -7.73 -1.13
N ALA D 468 -47.55 -8.77 -1.93
CA ALA D 468 -48.54 -8.73 -3.01
C ALA D 468 -49.97 -8.67 -2.46
N MET D 469 -50.25 -9.46 -1.43
CA MET D 469 -51.51 -9.37 -0.70
C MET D 469 -51.75 -7.97 -0.16
N LYS D 470 -50.73 -7.41 0.51
CA LYS D 470 -50.91 -6.17 1.24
C LYS D 470 -51.24 -5.01 0.32
N TYR D 471 -50.78 -5.07 -0.94
CA TYR D 471 -51.01 -3.99 -1.89
C TYR D 471 -51.96 -4.40 -3.01
N ASN D 472 -52.63 -5.55 -2.89
CA ASN D 472 -53.60 -6.01 -3.88
C ASN D 472 -53.00 -6.08 -5.28
N LEU D 473 -51.88 -6.78 -5.39
CA LEU D 473 -51.17 -6.88 -6.66
C LEU D 473 -51.51 -8.15 -7.43
N GLY D 474 -52.26 -9.07 -6.85
CA GLY D 474 -52.71 -10.24 -7.58
C GLY D 474 -51.55 -11.11 -8.02
N LEU D 475 -51.40 -11.26 -9.34
CA LEU D 475 -50.33 -12.05 -9.93
C LEU D 475 -49.18 -11.18 -10.44
N ASP D 476 -49.12 -9.92 -10.04
CA ASP D 476 -47.98 -9.06 -10.37
C ASP D 476 -46.88 -9.24 -9.32
N LEU D 477 -46.26 -10.41 -9.37
CA LEU D 477 -45.21 -10.74 -8.40
C LEU D 477 -43.98 -9.87 -8.62
N ARG D 478 -43.73 -9.46 -9.87
CA ARG D 478 -42.56 -8.62 -10.15
C ARG D 478 -42.61 -7.33 -9.34
N THR D 479 -43.76 -6.65 -9.34
CA THR D 479 -43.87 -5.40 -8.61
C THR D 479 -43.73 -5.62 -7.11
N ALA D 480 -44.21 -6.75 -6.60
CA ALA D 480 -44.05 -7.05 -5.18
C ALA D 480 -42.58 -7.25 -4.82
N ALA D 481 -41.83 -7.94 -5.68
CA ALA D 481 -40.41 -8.14 -5.43
C ALA D 481 -39.65 -6.82 -5.40
N TYR D 482 -39.89 -5.96 -6.40
CA TYR D 482 -39.22 -4.66 -6.42
C TYR D 482 -39.59 -3.83 -5.20
N VAL D 483 -40.83 -3.96 -4.72
CA VAL D 483 -41.25 -3.25 -3.52
C VAL D 483 -40.39 -3.65 -2.33
N ASN D 484 -40.18 -4.95 -2.16
CA ASN D 484 -39.32 -5.46 -1.10
C ASN D 484 -37.89 -4.99 -1.28
N ALA D 485 -37.36 -5.11 -2.51
CA ALA D 485 -36.00 -4.66 -2.78
C ALA D 485 -35.84 -3.18 -2.47
N ILE D 486 -36.79 -2.35 -2.92
CA ILE D 486 -36.66 -0.91 -2.76
C ILE D 486 -36.69 -0.53 -1.28
N GLU D 487 -37.61 -1.13 -0.54
CA GLU D 487 -37.70 -0.82 0.88
C GLU D 487 -36.39 -1.10 1.60
N LYS D 488 -35.76 -2.23 1.28
CA LYS D 488 -34.50 -2.59 1.93
C LYS D 488 -33.38 -1.64 1.54
N VAL D 489 -33.24 -1.36 0.25
CA VAL D 489 -32.15 -0.50 -0.19
C VAL D 489 -32.39 0.94 0.24
N PHE D 490 -33.66 1.38 0.29
CA PHE D 490 -33.95 2.74 0.72
C PHE D 490 -33.52 2.97 2.16
N ARG D 491 -33.80 2.01 3.04
CA ARG D 491 -33.46 2.18 4.44
C ARG D 491 -31.96 2.37 4.63
N VAL D 492 -31.15 1.68 3.82
CA VAL D 492 -29.70 1.80 3.96
C VAL D 492 -29.24 3.19 3.57
N TYR D 493 -29.70 3.69 2.42
CA TYR D 493 -29.33 5.04 1.99
C TYR D 493 -29.82 6.08 2.98
N ASN D 494 -31.03 5.89 3.51
CA ASN D 494 -31.63 6.88 4.39
C ASN D 494 -30.83 7.03 5.68
N GLU D 495 -30.54 5.92 6.35
CA GLU D 495 -29.87 5.98 7.64
C GLU D 495 -28.36 6.14 7.54
N ALA D 496 -27.80 6.21 6.33
CA ALA D 496 -26.38 6.43 6.14
C ALA D 496 -26.02 7.88 5.88
N GLY D 497 -27.01 8.77 5.77
CA GLY D 497 -26.75 10.12 5.33
C GLY D 497 -26.53 10.26 3.84
N VAL D 498 -26.91 9.24 3.06
CA VAL D 498 -26.72 9.17 1.62
C VAL D 498 -25.25 9.08 1.27
N THR D 499 -24.56 10.21 1.08
CA THR D 499 -23.14 10.15 0.75
C THR D 499 -22.36 11.19 1.51
N PHE D 500 -21.05 10.96 1.57
CA PHE D 500 -20.09 11.97 1.94
C PHE D 500 -20.26 13.19 1.02
N THR D 501 -21.18 14.09 1.40
CA THR D 501 -21.27 15.31 0.64
C THR D 501 -21.75 16.31 1.71
N ALA E 1 -16.97 20.07 39.70
CA ALA E 1 -18.21 20.01 40.48
C ALA E 1 -17.94 20.13 41.97
N ASP E 2 -16.66 20.08 42.35
CA ASP E 2 -16.27 20.18 43.76
C ASP E 2 -14.83 20.62 43.83
N ARG E 3 -14.59 21.78 44.44
CA ARG E 3 -13.29 22.41 44.48
C ARG E 3 -12.46 21.94 45.66
N GLU E 4 -13.03 21.08 46.51
CA GLU E 4 -12.24 20.47 47.57
C GLU E 4 -11.49 19.25 47.10
N ASP E 5 -12.18 18.38 46.39
CA ASP E 5 -11.68 17.06 46.02
C ASP E 5 -11.93 16.92 44.53
N ASP E 6 -10.95 17.31 43.71
CA ASP E 6 -11.11 17.31 42.26
C ASP E 6 -9.80 16.84 41.63
N PRO E 7 -9.46 15.57 41.83
CA PRO E 7 -8.17 15.08 41.35
C PRO E 7 -8.08 15.03 39.84
N ASN E 8 -6.85 15.15 39.35
CA ASN E 8 -6.56 14.90 37.95
C ASN E 8 -7.07 13.52 37.55
N PHE E 9 -7.90 13.48 36.51
CA PHE E 9 -8.63 12.25 36.18
C PHE E 9 -7.67 11.11 35.80
N PHE E 10 -6.66 11.40 34.99
CA PHE E 10 -5.70 10.35 34.62
C PHE E 10 -5.01 9.78 35.86
N LYS E 11 -4.52 10.65 36.73
CA LYS E 11 -3.81 10.21 37.92
C LYS E 11 -4.72 9.48 38.90
N MET E 12 -5.99 9.88 38.97
CA MET E 12 -6.95 9.15 39.80
C MET E 12 -7.06 7.69 39.36
N VAL E 13 -7.13 7.45 38.04
CA VAL E 13 -7.19 6.08 37.55
C VAL E 13 -5.86 5.37 37.81
N GLU E 14 -4.74 6.09 37.66
CA GLU E 14 -3.44 5.50 37.99
C GLU E 14 -3.38 5.11 39.46
N GLY E 15 -4.03 5.90 40.33
CA GLY E 15 -4.09 5.54 41.75
C GLY E 15 -4.81 4.23 41.97
N PHE E 16 -5.99 4.06 41.35
CA PHE E 16 -6.70 2.79 41.41
C PHE E 16 -5.80 1.64 40.97
N PHE E 17 -5.05 1.84 39.90
CA PHE E 17 -4.14 0.81 39.39
C PHE E 17 -3.04 0.50 40.38
N ASP E 18 -2.40 1.53 40.90
CA ASP E 18 -1.34 1.40 41.91
C ASP E 18 -1.79 0.54 43.07
N ARG E 19 -3.03 0.71 43.46
CA ARG E 19 -3.54 0.04 44.63
C ARG E 19 -3.71 -1.46 44.36
N GLY E 20 -4.29 -1.81 43.22
CA GLY E 20 -4.34 -3.21 42.81
C GLY E 20 -2.96 -3.79 42.56
N ALA E 21 -2.04 -2.98 42.03
CA ALA E 21 -0.67 -3.46 41.80
C ALA E 21 0.00 -3.84 43.11
N SER E 22 -0.19 -3.01 44.13
CA SER E 22 0.32 -3.27 45.48
C SER E 22 -0.08 -4.66 45.99
N ILE E 23 -1.32 -5.05 45.74
CA ILE E 23 -1.86 -6.27 46.33
C ILE E 23 -1.31 -7.51 45.61
N VAL E 24 -1.14 -7.44 44.29
CA VAL E 24 -0.73 -8.61 43.51
C VAL E 24 0.76 -8.75 43.35
N GLU E 25 1.53 -7.72 43.67
CA GLU E 25 2.93 -7.70 43.32
C GLU E 25 3.63 -8.99 43.78
N ASP E 26 3.27 -9.48 44.96
CA ASP E 26 3.84 -10.74 45.45
C ASP E 26 3.48 -11.91 44.55
N LYS E 27 2.20 -12.03 44.21
CA LYS E 27 1.76 -13.12 43.35
C LYS E 27 2.46 -13.12 42.01
N LEU E 28 2.69 -11.93 41.44
CA LEU E 28 3.38 -11.84 40.18
C LEU E 28 4.83 -12.30 40.30
N VAL E 29 5.50 -11.92 41.39
CA VAL E 29 6.91 -12.27 41.55
C VAL E 29 7.06 -13.77 41.73
N GLU E 30 6.12 -14.36 42.42
CA GLU E 30 6.24 -15.76 42.79
C GLU E 30 5.87 -16.68 41.62
N ASP E 31 4.87 -16.28 40.84
CA ASP E 31 4.60 -16.93 39.56
C ASP E 31 5.80 -16.99 38.64
N LEU E 32 6.45 -15.85 38.48
CA LEU E 32 7.58 -15.67 37.60
C LEU E 32 8.63 -16.74 37.89
N LYS E 33 8.79 -17.78 37.05
CA LYS E 33 9.71 -18.84 37.45
C LYS E 33 11.04 -18.82 36.69
N THR E 34 11.66 -17.64 36.67
CA THR E 34 12.92 -17.33 36.05
C THR E 34 14.08 -17.62 37.01
N ARG E 35 15.30 -17.86 36.47
CA ARG E 35 16.43 -18.26 37.31
C ARG E 35 17.05 -17.09 38.08
N GLU E 36 16.54 -15.87 37.92
CA GLU E 36 17.03 -14.64 38.52
C GLU E 36 16.46 -14.40 39.90
N THR E 37 16.07 -15.42 40.67
CA THR E 37 15.10 -15.30 41.74
C THR E 37 15.53 -14.24 42.77
N GLU E 38 16.77 -13.79 42.64
CA GLU E 38 17.25 -12.46 43.04
C GLU E 38 16.12 -11.45 42.88
N GLU E 39 16.12 -10.38 43.67
CA GLU E 39 14.99 -9.46 43.58
C GLU E 39 15.21 -8.38 42.54
N GLN E 40 15.80 -8.78 41.40
CA GLN E 40 15.45 -8.19 40.13
C GLN E 40 14.19 -8.83 39.55
N LYS E 41 13.70 -9.92 40.15
CA LYS E 41 12.34 -10.36 39.88
C LYS E 41 11.36 -9.26 40.23
N ARG E 42 11.40 -8.81 41.49
CA ARG E 42 10.61 -7.66 41.94
C ARG E 42 10.80 -6.46 41.02
N ASN E 43 12.02 -6.28 40.53
CA ASN E 43 12.34 -5.10 39.74
C ASN E 43 11.74 -5.14 38.35
N ARG E 44 11.73 -6.32 37.74
CA ARG E 44 11.18 -6.40 36.41
C ARG E 44 9.65 -6.39 36.45
N VAL E 45 9.09 -6.88 37.54
CA VAL E 45 7.62 -6.79 37.72
C VAL E 45 7.18 -5.33 37.81
N ARG E 46 7.90 -4.50 38.54
CA ARG E 46 7.45 -3.11 38.63
C ARG E 46 7.99 -2.26 37.50
N GLY E 47 8.91 -2.77 36.70
CA GLY E 47 9.23 -2.08 35.45
C GLY E 47 8.13 -2.31 34.42
N ILE E 48 7.61 -3.53 34.36
CA ILE E 48 6.50 -3.83 33.45
C ILE E 48 5.26 -3.04 33.84
N LEU E 49 4.95 -2.99 35.14
CA LEU E 49 3.78 -2.26 35.60
C LEU E 49 3.87 -0.77 35.28
N ARG E 50 5.09 -0.21 35.27
CA ARG E 50 5.23 1.18 34.86
C ARG E 50 5.05 1.34 33.35
N ILE E 51 5.32 0.30 32.56
CA ILE E 51 5.09 0.39 31.12
C ILE E 51 3.60 0.36 30.81
N ILE E 52 2.83 -0.40 31.58
CA ILE E 52 1.41 -0.58 31.30
C ILE E 52 0.61 0.71 31.51
N LYS E 53 1.03 1.55 32.48
CA LYS E 53 0.17 2.65 32.93
C LYS E 53 0.01 3.76 31.90
N PRO E 54 1.07 4.31 31.29
CA PRO E 54 0.86 5.44 30.38
C PRO E 54 0.32 5.03 29.01
N CYS E 55 -0.34 5.99 28.36
CA CYS E 55 -0.84 5.79 27.01
C CYS E 55 0.32 5.77 26.02
N ASN E 56 0.24 4.85 25.04
CA ASN E 56 1.31 4.74 24.06
C ASN E 56 1.24 5.85 23.02
N HIS E 57 0.06 6.13 22.49
CA HIS E 57 -0.12 7.13 21.44
C HIS E 57 -1.31 8.02 21.77
N VAL E 58 -1.11 9.33 21.66
CA VAL E 58 -2.21 10.30 21.73
C VAL E 58 -2.09 11.25 20.55
N LEU E 59 -3.19 11.42 19.82
CA LEU E 59 -3.26 12.36 18.70
C LEU E 59 -4.16 13.52 19.08
N SER E 60 -3.68 14.74 18.86
CA SER E 60 -4.46 15.96 19.08
C SER E 60 -4.64 16.67 17.74
N LEU E 61 -5.86 17.11 17.49
CA LEU E 61 -6.25 17.66 16.19
C LEU E 61 -6.84 19.06 16.33
N SER E 62 -6.59 19.87 15.30
CA SER E 62 -7.35 21.08 15.05
C SER E 62 -7.69 21.11 13.57
N PHE E 63 -8.97 21.26 13.25
CA PHE E 63 -9.38 21.34 11.85
C PHE E 63 -10.50 22.36 11.71
N PRO E 64 -10.56 23.06 10.57
CA PRO E 64 -11.63 24.02 10.35
C PRO E 64 -12.87 23.42 9.70
N ILE E 65 -14.02 23.91 10.16
CA ILE E 65 -15.29 23.71 9.48
C ILE E 65 -15.91 25.07 9.24
N ARG E 66 -16.69 25.16 8.18
CA ARG E 66 -17.45 26.38 7.90
C ARG E 66 -18.88 26.14 8.34
N ARG E 67 -19.36 26.98 9.27
CA ARG E 67 -20.66 26.76 9.87
C ARG E 67 -21.77 27.10 8.88
N ASP E 68 -23.00 26.77 9.28
CA ASP E 68 -24.15 27.02 8.41
C ASP E 68 -24.29 28.51 8.10
N ASP E 69 -23.91 29.39 9.02
CA ASP E 69 -24.02 30.82 8.77
C ASP E 69 -22.88 31.36 7.89
N GLY E 70 -21.88 30.54 7.56
CA GLY E 70 -20.79 30.94 6.68
C GLY E 70 -19.48 31.25 7.38
N SER E 71 -19.49 31.27 8.69
CA SER E 71 -18.37 31.57 9.57
C SER E 71 -17.40 30.39 9.57
N TRP E 72 -16.09 30.66 9.66
CA TRP E 72 -15.12 29.60 9.88
C TRP E 72 -14.90 29.38 11.37
N GLU E 73 -14.80 28.11 11.78
CA GLU E 73 -14.58 27.74 13.17
C GLU E 73 -13.56 26.62 13.26
N VAL E 74 -12.72 26.69 14.29
CA VAL E 74 -11.66 25.70 14.51
C VAL E 74 -12.13 24.70 15.56
N ILE E 75 -12.18 23.43 15.18
CA ILE E 75 -12.64 22.34 16.05
C ILE E 75 -11.43 21.61 16.63
N GLU E 76 -11.50 21.29 17.92
CA GLU E 76 -10.43 20.60 18.62
C GLU E 76 -10.83 19.17 18.93
N GLY E 77 -9.91 18.24 18.71
CA GLY E 77 -10.19 16.83 18.89
C GLY E 77 -8.98 16.06 19.39
N TYR E 78 -9.26 14.87 19.89
CA TYR E 78 -8.27 14.04 20.58
C TYR E 78 -8.65 12.57 20.42
N ARG E 79 -7.65 11.71 20.22
CA ARG E 79 -7.85 10.28 20.41
C ARG E 79 -6.60 9.69 21.04
N ALA E 80 -6.81 8.96 22.13
CA ALA E 80 -5.73 8.29 22.83
C ALA E 80 -5.84 6.79 22.62
N GLN E 81 -4.72 6.14 22.33
CA GLN E 81 -4.62 4.69 22.27
C GLN E 81 -3.74 4.26 23.44
N HIS E 82 -4.36 3.63 24.45
CA HIS E 82 -3.64 3.39 25.70
C HIS E 82 -2.70 2.20 25.58
N SER E 83 -3.21 1.05 25.14
CA SER E 83 -2.41 -0.17 25.07
C SER E 83 -2.67 -0.89 23.77
N GLN E 84 -1.64 -1.59 23.31
CA GLN E 84 -1.73 -2.45 22.13
C GLN E 84 -1.28 -3.88 22.40
N HIS E 85 -1.39 -4.31 23.66
CA HIS E 85 -1.19 -5.71 23.98
C HIS E 85 -2.28 -6.60 23.38
N ARG E 86 -3.48 -6.05 23.13
CA ARG E 86 -4.47 -6.62 22.20
C ARG E 86 -4.80 -5.58 21.14
N THR E 87 -5.06 -6.08 19.94
CA THR E 87 -5.47 -5.22 18.85
C THR E 87 -6.75 -5.76 18.23
N PRO E 88 -7.63 -4.88 17.73
CA PRO E 88 -7.49 -3.42 17.71
C PRO E 88 -7.73 -2.76 19.07
N CYS E 89 -7.50 -1.44 19.12
CA CYS E 89 -7.94 -0.65 20.26
C CYS E 89 -9.44 -0.40 20.16
N LYS E 90 -10.07 -0.16 21.31
CA LYS E 90 -11.52 -0.03 21.37
C LYS E 90 -11.89 1.07 22.35
N GLY E 91 -12.81 1.96 21.95
CA GLY E 91 -13.27 3.00 22.86
C GLY E 91 -14.14 4.02 22.15
N GLY E 92 -14.95 4.70 22.96
CA GLY E 92 -15.98 5.57 22.44
C GLY E 92 -15.50 6.96 22.06
N ILE E 93 -16.43 7.74 21.51
CA ILE E 93 -16.20 9.11 21.09
C ILE E 93 -17.14 10.02 21.87
N ARG E 94 -16.59 10.98 22.59
CA ARG E 94 -17.34 11.88 23.45
C ARG E 94 -17.34 13.27 22.84
N TYR E 95 -18.54 13.83 22.63
CA TYR E 95 -18.70 15.22 22.21
C TYR E 95 -19.08 16.04 23.43
N SER E 96 -18.17 16.91 23.89
CA SER E 96 -18.43 17.66 25.11
C SER E 96 -17.37 18.75 25.25
N THR E 97 -17.77 19.88 25.83
CA THR E 97 -16.83 20.96 26.08
C THR E 97 -15.90 20.67 27.26
N ASP E 98 -16.17 19.63 28.04
CA ASP E 98 -15.22 19.22 29.09
C ASP E 98 -14.13 18.30 28.54
N VAL E 99 -14.09 18.03 27.24
CA VAL E 99 -13.10 17.13 26.68
C VAL E 99 -11.72 17.76 26.80
N SER E 100 -10.72 16.93 27.11
CA SER E 100 -9.35 17.38 27.26
C SER E 100 -8.44 16.17 27.09
N VAL E 101 -7.13 16.45 26.91
CA VAL E 101 -6.17 15.37 26.74
C VAL E 101 -6.17 14.42 27.96
N ASP E 102 -6.18 14.98 29.17
CA ASP E 102 -6.19 14.15 30.37
C ASP E 102 -7.50 13.34 30.52
N GLU E 103 -8.64 13.97 30.23
CA GLU E 103 -9.89 13.20 30.30
C GLU E 103 -9.86 12.01 29.33
N VAL E 104 -9.37 12.25 28.11
CA VAL E 104 -9.35 11.21 27.09
C VAL E 104 -8.34 10.12 27.45
N LYS E 105 -7.15 10.52 27.93
CA LYS E 105 -6.17 9.53 28.37
C LYS E 105 -6.71 8.68 29.52
N ALA E 106 -7.44 9.32 30.46
CA ALA E 106 -7.97 8.60 31.59
C ALA E 106 -8.99 7.55 31.16
N LEU E 107 -9.91 7.93 30.27
CA LEU E 107 -10.92 6.99 29.79
C LEU E 107 -10.31 5.90 28.93
N ALA E 108 -9.25 6.22 28.18
CA ALA E 108 -8.57 5.22 27.37
C ALA E 108 -7.99 4.11 28.22
N SER E 109 -7.39 4.48 29.36
CA SER E 109 -6.82 3.46 30.25
C SER E 109 -7.92 2.65 30.92
N LEU E 110 -9.04 3.30 31.28
CA LEU E 110 -10.17 2.55 31.80
C LEU E 110 -10.66 1.51 30.81
N MET E 111 -10.60 1.82 29.51
CA MET E 111 -11.04 0.86 28.50
C MET E 111 -10.14 -0.38 28.50
N THR E 112 -8.82 -0.18 28.63
CA THR E 112 -7.91 -1.32 28.68
C THR E 112 -8.26 -2.26 29.82
N TYR E 113 -8.38 -1.73 31.03
CA TYR E 113 -8.63 -2.57 32.19
C TYR E 113 -10.03 -3.17 32.16
N LYS E 114 -11.01 -2.38 31.73
CA LYS E 114 -12.37 -2.87 31.57
C LYS E 114 -12.42 -4.06 30.62
N CYS E 115 -11.76 -3.94 29.47
CA CYS E 115 -11.76 -5.04 28.50
C CYS E 115 -11.10 -6.28 29.06
N ALA E 116 -10.03 -6.09 29.85
CA ALA E 116 -9.38 -7.25 30.48
C ALA E 116 -10.29 -7.91 31.50
N VAL E 117 -11.13 -7.12 32.19
CA VAL E 117 -11.99 -7.69 33.22
C VAL E 117 -13.01 -8.64 32.62
N VAL E 118 -13.60 -8.28 31.47
CA VAL E 118 -14.61 -9.12 30.84
C VAL E 118 -14.05 -9.98 29.72
N ASP E 119 -12.72 -10.11 29.64
CA ASP E 119 -12.06 -11.02 28.69
C ASP E 119 -12.41 -10.67 27.24
N VAL E 120 -12.45 -9.39 26.94
CA VAL E 120 -12.70 -8.89 25.59
C VAL E 120 -11.36 -8.52 24.96
N PRO E 121 -10.97 -9.11 23.82
CA PRO E 121 -9.58 -9.00 23.32
C PRO E 121 -9.30 -7.69 22.60
N PHE E 122 -9.47 -6.57 23.32
CA PHE E 122 -9.17 -5.26 22.78
C PHE E 122 -8.26 -4.51 23.73
N GLY E 123 -7.34 -3.71 23.17
CA GLY E 123 -6.71 -2.66 23.93
C GLY E 123 -7.60 -1.44 24.05
N GLY E 124 -7.26 -0.56 24.98
CA GLY E 124 -8.12 0.58 25.30
C GLY E 124 -7.81 1.82 24.50
N ALA E 125 -8.86 2.57 24.17
CA ALA E 125 -8.74 3.82 23.45
C ALA E 125 -9.94 4.70 23.78
N LYS E 126 -9.83 5.98 23.46
CA LYS E 126 -10.93 6.91 23.66
C LYS E 126 -10.69 8.17 22.83
N ALA E 127 -11.80 8.81 22.43
CA ALA E 127 -11.74 10.03 21.63
C ALA E 127 -12.67 11.07 22.22
N GLY E 128 -12.34 12.33 21.94
CA GLY E 128 -13.17 13.44 22.36
C GLY E 128 -13.10 14.60 21.39
N VAL E 129 -14.24 15.24 21.14
CA VAL E 129 -14.32 16.45 20.33
C VAL E 129 -14.91 17.54 21.20
N LYS E 130 -14.19 18.65 21.35
CA LYS E 130 -14.56 19.67 22.33
C LYS E 130 -15.54 20.65 21.72
N ILE E 131 -16.80 20.20 21.69
CA ILE E 131 -17.94 21.01 21.30
C ILE E 131 -19.13 20.65 22.16
N ASN E 132 -20.08 21.57 22.24
CA ASN E 132 -21.39 21.26 22.79
C ASN E 132 -22.33 20.97 21.63
N PRO E 133 -22.78 19.73 21.45
CA PRO E 133 -23.59 19.42 20.25
C PRO E 133 -24.91 20.16 20.19
N LYS E 134 -25.41 20.67 21.31
CA LYS E 134 -26.68 21.38 21.27
C LYS E 134 -26.58 22.74 20.58
N ASN E 135 -25.36 23.24 20.36
CA ASN E 135 -25.15 24.52 19.68
C ASN E 135 -24.89 24.36 18.18
N TYR E 136 -25.15 23.19 17.60
CA TYR E 136 -24.83 22.94 16.21
C TYR E 136 -26.03 22.33 15.50
N THR E 137 -26.19 22.67 14.23
CA THR E 137 -27.22 22.02 13.43
C THR E 137 -26.81 20.59 13.12
N ASP E 138 -27.78 19.79 12.70
CA ASP E 138 -27.47 18.43 12.27
C ASP E 138 -26.46 18.44 11.13
N ASN E 139 -26.62 19.37 10.19
CA ASN E 139 -25.68 19.47 9.07
C ASN E 139 -24.27 19.74 9.57
N GLU E 140 -24.14 20.57 10.60
CA GLU E 140 -22.81 20.92 11.10
C GLU E 140 -22.20 19.72 11.83
N LEU E 141 -23.02 18.98 12.59
CA LEU E 141 -22.53 17.82 13.31
C LEU E 141 -22.07 16.73 12.34
N GLU E 142 -22.76 16.58 11.21
CA GLU E 142 -22.30 15.63 10.20
C GLU E 142 -20.95 16.06 9.62
N LYS E 143 -20.80 17.35 9.34
CA LYS E 143 -19.55 17.86 8.79
C LYS E 143 -18.40 17.65 9.76
N ILE E 144 -18.63 17.89 11.05
CA ILE E 144 -17.60 17.71 12.06
C ILE E 144 -17.22 16.23 12.20
N THR E 145 -18.22 15.36 12.22
CA THR E 145 -17.97 13.93 12.40
C THR E 145 -17.20 13.36 11.21
N ARG E 146 -17.64 13.67 9.99
CA ARG E 146 -16.98 13.14 8.80
C ARG E 146 -15.55 13.62 8.69
N ARG E 147 -15.31 14.90 8.99
CA ARG E 147 -13.95 15.44 8.90
C ARG E 147 -13.05 14.86 9.99
N PHE E 148 -13.59 14.73 11.21
CA PHE E 148 -12.84 14.10 12.29
C PHE E 148 -12.42 12.69 11.91
N THR E 149 -13.31 11.95 11.25
CA THR E 149 -13.00 10.60 10.81
C THR E 149 -11.83 10.61 9.85
N MET E 150 -11.80 11.56 8.89
CA MET E 150 -10.64 11.47 8.01
C MET E 150 -9.35 11.92 8.64
N GLU E 151 -9.38 12.90 9.54
CA GLU E 151 -8.14 13.29 10.19
C GLU E 151 -7.60 12.14 11.04
N LEU E 152 -8.48 11.37 11.68
CA LEU E 152 -8.02 10.20 12.41
C LEU E 152 -7.48 9.12 11.46
N ALA E 153 -8.18 8.89 10.35
CA ALA E 153 -7.78 7.83 9.42
C ALA E 153 -6.43 8.12 8.80
N LYS E 154 -6.15 9.39 8.48
CA LYS E 154 -4.90 9.74 7.83
C LYS E 154 -3.70 9.37 8.68
N LYS E 155 -3.85 9.36 10.01
CA LYS E 155 -2.74 9.14 10.92
C LYS E 155 -2.80 7.80 11.63
N GLY E 156 -3.68 6.90 11.20
CA GLY E 156 -3.74 5.58 11.78
C GLY E 156 -4.43 5.49 13.12
N PHE E 157 -5.44 6.32 13.36
CA PHE E 157 -6.18 6.29 14.62
C PHE E 157 -7.61 5.84 14.45
N ILE E 158 -7.97 5.26 13.30
CA ILE E 158 -9.20 4.52 13.15
C ILE E 158 -8.99 3.51 12.03
N GLY E 159 -9.56 2.31 12.20
CA GLY E 159 -9.43 1.25 11.24
C GLY E 159 -9.79 -0.07 11.87
N PRO E 160 -10.32 -1.00 11.08
CA PRO E 160 -10.77 -2.28 11.65
C PRO E 160 -9.66 -3.05 12.35
N GLY E 161 -8.40 -2.78 12.03
CA GLY E 161 -7.30 -3.48 12.62
C GLY E 161 -6.44 -2.70 13.60
N VAL E 162 -6.72 -1.42 13.85
CA VAL E 162 -5.96 -0.64 14.83
C VAL E 162 -6.86 -0.10 15.93
N ASP E 163 -8.03 0.45 15.56
CA ASP E 163 -8.77 1.29 16.49
C ASP E 163 -10.20 1.42 16.01
N VAL E 164 -11.13 0.93 16.82
CA VAL E 164 -12.54 0.83 16.46
C VAL E 164 -13.34 1.67 17.44
N PRO E 165 -13.77 2.88 17.03
CA PRO E 165 -14.57 3.71 17.94
C PRO E 165 -15.99 3.20 18.18
N ALA E 166 -16.77 4.00 18.89
CA ALA E 166 -18.09 3.65 19.41
C ALA E 166 -18.73 4.87 20.05
N PRO E 167 -20.01 4.85 20.38
CA PRO E 167 -20.64 6.03 21.00
C PRO E 167 -20.26 6.20 22.47
N ASP E 168 -20.42 7.44 22.92
CA ASP E 168 -20.26 7.84 24.31
C ASP E 168 -21.19 9.01 24.59
N MET E 169 -20.78 9.95 25.45
CA MET E 169 -21.67 11.07 25.79
C MET E 169 -21.92 11.91 24.56
N SER E 170 -23.20 12.11 24.21
CA SER E 170 -23.66 13.00 23.15
C SER E 170 -23.35 12.49 21.74
N THR E 171 -23.03 11.20 21.60
CA THR E 171 -22.98 10.56 20.29
C THR E 171 -23.74 9.25 20.36
N GLY E 172 -24.28 8.84 19.22
CA GLY E 172 -24.96 7.57 19.14
C GLY E 172 -24.94 7.02 17.74
N GLU E 173 -25.89 6.11 17.46
CA GLU E 173 -26.14 5.53 16.14
C GLU E 173 -25.84 6.47 14.98
N ARG E 174 -26.34 7.70 15.10
CA ARG E 174 -26.26 8.65 14.00
C ARG E 174 -24.81 8.97 13.65
N GLU E 175 -24.02 9.38 14.65
CA GLU E 175 -22.62 9.69 14.41
C GLU E 175 -21.85 8.48 13.93
N MET E 176 -22.10 7.30 14.53
CA MET E 176 -21.42 6.09 14.11
C MET E 176 -21.71 5.77 12.65
N SER E 177 -22.94 6.00 12.20
CA SER E 177 -23.28 5.82 10.79
C SER E 177 -22.44 6.74 9.91
N TRP E 178 -22.29 8.00 10.32
CA TRP E 178 -21.46 8.92 9.56
C TRP E 178 -20.01 8.43 9.51
N ILE E 179 -19.47 8.02 10.65
CA ILE E 179 -18.08 7.56 10.70
C ILE E 179 -17.87 6.39 9.75
N ALA E 180 -18.73 5.38 9.85
CA ALA E 180 -18.57 4.19 9.03
C ALA E 180 -18.69 4.51 7.55
N ASP E 181 -19.57 5.45 7.19
CA ASP E 181 -19.79 5.73 5.78
C ASP E 181 -18.60 6.44 5.15
N THR E 182 -18.01 7.44 5.83
CA THR E 182 -16.87 8.09 5.21
C THR E 182 -15.59 7.23 5.28
N TYR E 183 -15.46 6.37 6.28
CA TYR E 183 -14.32 5.45 6.27
C TYR E 183 -14.42 4.48 5.09
N ALA E 184 -15.59 3.85 4.93
CA ALA E 184 -15.74 2.82 3.91
C ALA E 184 -15.72 3.40 2.51
N SER E 185 -16.10 4.66 2.35
CA SER E 185 -16.16 5.29 1.03
C SER E 185 -14.83 5.85 0.58
N THR E 186 -13.84 5.97 1.47
CA THR E 186 -12.57 6.56 1.11
C THR E 186 -11.48 5.54 1.39
N ILE E 187 -10.79 5.64 2.51
CA ILE E 187 -9.62 4.82 2.78
C ILE E 187 -9.94 3.33 2.83
N GLY E 188 -11.16 2.98 3.22
CA GLY E 188 -11.52 1.56 3.33
C GLY E 188 -12.19 0.96 2.11
N HIS E 189 -12.10 1.62 0.95
CA HIS E 189 -12.89 1.20 -0.22
C HIS E 189 -12.53 -0.20 -0.70
N TYR E 190 -11.31 -0.65 -0.44
CA TYR E 190 -10.85 -1.96 -0.88
C TYR E 190 -10.75 -2.97 0.26
N ASP E 191 -11.09 -2.55 1.47
CA ASP E 191 -10.95 -3.38 2.66
C ASP E 191 -12.22 -4.20 2.87
N ILE E 192 -12.08 -5.53 2.89
CA ILE E 192 -13.22 -6.41 3.08
C ILE E 192 -13.89 -6.18 4.42
N ASN E 193 -13.18 -5.61 5.40
CA ASN E 193 -13.71 -5.39 6.74
C ASN E 193 -13.95 -3.93 7.03
N ALA E 194 -14.19 -3.11 6.00
CA ALA E 194 -14.26 -1.67 6.18
C ALA E 194 -15.35 -1.26 7.17
N HIS E 195 -16.49 -1.93 7.17
CA HIS E 195 -17.58 -1.53 8.03
CA HIS E 195 -17.58 -1.52 8.04
C HIS E 195 -17.41 -2.02 9.47
N ALA E 196 -16.35 -2.75 9.77
CA ALA E 196 -15.98 -3.07 11.16
C ALA E 196 -15.09 -1.99 11.76
N CYS E 197 -14.95 -0.84 11.10
CA CYS E 197 -14.10 0.24 11.60
C CYS E 197 -14.71 0.95 12.81
N VAL E 198 -15.99 0.72 13.09
CA VAL E 198 -16.69 1.40 14.18
C VAL E 198 -17.85 0.51 14.59
N THR E 199 -18.24 0.59 15.86
CA THR E 199 -19.39 -0.15 16.36
C THR E 199 -20.43 0.82 16.89
N GLY E 200 -21.57 0.27 17.31
CA GLY E 200 -22.72 1.10 17.60
C GLY E 200 -23.42 1.62 16.37
N LYS E 201 -23.24 0.97 15.23
CA LYS E 201 -23.88 1.37 14.01
C LYS E 201 -25.38 1.07 14.06
N PRO E 202 -26.18 1.73 13.23
CA PRO E 202 -27.57 1.30 13.06
C PRO E 202 -27.60 -0.09 12.47
N ILE E 203 -28.72 -0.80 12.69
CA ILE E 203 -28.85 -2.17 12.19
C ILE E 203 -28.69 -2.21 10.67
N SER E 204 -29.29 -1.24 9.96
CA SER E 204 -29.25 -1.24 8.51
C SER E 204 -27.84 -1.13 7.97
N GLN E 205 -26.89 -0.85 8.85
CA GLN E 205 -25.53 -0.47 8.51
C GLN E 205 -24.48 -1.36 9.15
N GLY E 206 -24.89 -2.55 9.58
CA GLY E 206 -24.01 -3.49 10.22
C GLY E 206 -24.09 -3.50 11.73
N GLY E 207 -24.98 -2.71 12.32
CA GLY E 207 -25.17 -2.74 13.76
C GLY E 207 -25.73 -4.07 14.21
N ILE E 208 -25.73 -4.26 15.53
CA ILE E 208 -26.18 -5.52 16.11
C ILE E 208 -27.38 -5.25 17.02
N HIS E 209 -28.26 -6.24 17.10
CA HIS E 209 -29.42 -6.14 17.98
C HIS E 209 -29.02 -5.79 19.41
N GLY E 210 -29.62 -4.73 19.93
CA GLY E 210 -29.50 -4.41 21.33
C GLY E 210 -28.27 -3.64 21.74
N ARG E 211 -27.50 -3.08 20.79
CA ARG E 211 -26.30 -2.35 21.18
C ARG E 211 -26.64 -1.09 21.96
N ILE E 212 -27.70 -0.38 21.56
CA ILE E 212 -28.06 0.86 22.25
C ILE E 212 -28.35 0.60 23.72
N SER E 213 -29.09 -0.46 24.02
CA SER E 213 -29.47 -0.78 25.39
C SER E 213 -28.49 -1.72 26.08
N ALA E 214 -27.40 -2.10 25.41
CA ALA E 214 -26.54 -3.16 25.90
C ALA E 214 -25.90 -2.79 27.24
N THR E 215 -25.41 -1.56 27.37
CA THR E 215 -24.72 -1.21 28.61
C THR E 215 -25.69 -1.05 29.77
N GLY E 216 -26.93 -0.63 29.50
CA GLY E 216 -27.95 -0.70 30.53
C GLY E 216 -28.29 -2.13 30.90
N ARG E 217 -28.41 -3.01 29.92
CA ARG E 217 -28.67 -4.42 30.18
C ARG E 217 -27.56 -5.04 31.03
N GLY E 218 -26.32 -4.66 30.77
CA GLY E 218 -25.22 -5.16 31.58
C GLY E 218 -25.19 -4.61 32.98
N VAL E 219 -25.65 -3.36 33.16
CA VAL E 219 -25.77 -2.80 34.50
C VAL E 219 -26.73 -3.63 35.33
N PHE E 220 -27.86 -4.03 34.73
CA PHE E 220 -28.79 -4.90 35.44
C PHE E 220 -28.14 -6.23 35.84
N HIS E 221 -27.47 -6.88 34.88
CA HIS E 221 -26.84 -8.16 35.17
C HIS E 221 -25.75 -8.04 36.22
N GLY E 222 -25.01 -6.93 36.22
CA GLY E 222 -23.97 -6.76 37.22
C GLY E 222 -24.53 -6.60 38.61
N ILE E 223 -25.56 -5.75 38.75
CA ILE E 223 -26.24 -5.60 40.03
C ILE E 223 -26.82 -6.94 40.47
N GLU E 224 -27.51 -7.63 39.55
CA GLU E 224 -28.19 -8.86 39.93
C GLU E 224 -27.23 -9.90 40.50
N ASN E 225 -26.02 -10.01 39.91
CA ASN E 225 -25.09 -11.01 40.41
C ASN E 225 -24.68 -10.73 41.84
N PHE E 226 -24.64 -9.47 42.24
CA PHE E 226 -24.23 -9.13 43.60
C PHE E 226 -25.41 -9.00 44.54
N ILE E 227 -26.54 -8.48 44.05
CA ILE E 227 -27.73 -8.34 44.88
C ILE E 227 -28.33 -9.68 45.25
N ASN E 228 -27.86 -10.77 44.63
CA ASN E 228 -28.39 -12.11 44.91
C ASN E 228 -27.39 -12.97 45.66
N GLU E 229 -26.31 -12.37 46.14
CA GLU E 229 -25.25 -13.07 46.85
C GLU E 229 -25.41 -12.74 48.33
N ALA E 230 -25.96 -13.68 49.11
CA ALA E 230 -26.37 -13.39 50.50
C ALA E 230 -25.20 -12.91 51.35
N SER E 231 -24.00 -13.39 51.06
CA SER E 231 -22.83 -12.98 51.83
C SER E 231 -22.59 -11.48 51.75
N TYR E 232 -22.76 -10.89 50.55
CA TYR E 232 -22.59 -9.45 50.41
C TYR E 232 -23.80 -8.68 50.95
N MET E 233 -25.00 -9.25 50.83
CA MET E 233 -26.19 -8.57 51.32
C MET E 233 -26.29 -8.62 52.84
N SER E 234 -25.65 -9.59 53.49
CA SER E 234 -25.55 -9.58 54.94
C SER E 234 -24.77 -8.37 55.42
N ILE E 235 -23.54 -8.20 54.92
CA ILE E 235 -22.67 -7.10 55.30
C ILE E 235 -23.37 -5.76 55.10
N LEU E 236 -24.28 -5.70 54.13
CA LEU E 236 -25.10 -4.51 53.89
C LEU E 236 -26.33 -4.44 54.78
N GLY E 237 -26.72 -5.53 55.43
CA GLY E 237 -27.99 -5.52 56.13
C GLY E 237 -29.12 -5.29 55.15
N MET E 238 -29.29 -6.23 54.22
CA MET E 238 -30.32 -6.11 53.20
C MET E 238 -30.70 -7.50 52.71
N THR E 239 -31.88 -7.56 52.16
CA THR E 239 -32.55 -8.78 51.69
C THR E 239 -32.20 -9.04 50.22
N PRO E 240 -31.77 -10.25 49.88
CA PRO E 240 -31.49 -10.57 48.47
C PRO E 240 -32.70 -10.36 47.58
N GLY E 241 -32.43 -10.06 46.31
CA GLY E 241 -33.47 -9.91 45.31
C GLY E 241 -33.75 -8.45 44.97
N PHE E 242 -34.54 -8.27 43.92
CA PHE E 242 -34.94 -6.95 43.44
C PHE E 242 -36.32 -6.53 43.91
N GLY E 243 -37.22 -7.49 44.14
CA GLY E 243 -38.64 -7.22 44.29
C GLY E 243 -39.03 -6.14 45.29
N ASP E 244 -38.10 -5.74 46.16
CA ASP E 244 -38.47 -4.83 47.24
C ASP E 244 -37.60 -3.57 47.28
N LYS E 245 -36.86 -3.27 46.22
CA LYS E 245 -35.83 -2.25 46.34
C LYS E 245 -36.12 -1.00 45.53
N THR E 246 -35.49 0.07 45.96
CA THR E 246 -35.58 1.39 45.33
C THR E 246 -34.23 1.79 44.75
N PHE E 247 -34.28 2.61 43.71
CA PHE E 247 -33.04 3.13 43.14
C PHE E 247 -33.27 4.50 42.54
N ALA E 248 -32.18 5.25 42.44
CA ALA E 248 -32.16 6.54 41.80
C ALA E 248 -31.08 6.56 40.73
N VAL E 249 -31.32 7.38 39.72
CA VAL E 249 -30.56 7.38 38.47
C VAL E 249 -30.12 8.80 38.17
N GLN E 250 -28.80 9.03 38.19
CA GLN E 250 -28.25 10.31 37.78
C GLN E 250 -27.87 10.23 36.32
N GLY E 251 -28.62 10.93 35.47
CA GLY E 251 -28.40 10.87 34.04
C GLY E 251 -29.40 9.99 33.34
N PHE E 252 -30.17 10.58 32.42
CA PHE E 252 -31.23 9.88 31.70
C PHE E 252 -30.88 9.73 30.22
N GLY E 253 -29.63 9.37 29.94
CA GLY E 253 -29.18 9.12 28.59
C GLY E 253 -29.27 7.65 28.22
N ASN E 254 -28.35 7.22 27.36
CA ASN E 254 -28.39 5.85 26.88
C ASN E 254 -28.13 4.84 27.99
N VAL E 255 -27.23 5.16 28.92
CA VAL E 255 -26.97 4.26 30.03
C VAL E 255 -28.06 4.36 31.08
N GLY E 256 -28.45 5.58 31.45
CA GLY E 256 -29.39 5.76 32.54
C GLY E 256 -30.78 5.23 32.21
N LEU E 257 -31.28 5.54 31.00
CA LEU E 257 -32.64 5.12 30.68
C LEU E 257 -32.79 3.62 30.64
N HIS E 258 -31.84 2.92 30.06
CA HIS E 258 -32.00 1.47 29.85
C HIS E 258 -31.71 0.71 31.13
N SER E 259 -30.80 1.23 32.00
CA SER E 259 -30.68 0.67 33.36
C SER E 259 -32.02 0.75 34.07
N MET E 260 -32.72 1.88 33.93
CA MET E 260 -34.03 2.03 34.56
C MET E 260 -35.03 1.04 34.00
N ARG E 261 -35.04 0.85 32.68
CA ARG E 261 -36.00 -0.04 32.05
C ARG E 261 -35.87 -1.46 32.60
N TYR E 262 -34.64 -1.97 32.67
CA TYR E 262 -34.45 -3.36 33.05
C TYR E 262 -34.65 -3.59 34.55
N LEU E 263 -34.20 -2.64 35.38
CA LEU E 263 -34.45 -2.75 36.81
C LEU E 263 -35.94 -2.67 37.11
N HIS E 264 -36.64 -1.74 36.47
CA HIS E 264 -38.09 -1.65 36.62
C HIS E 264 -38.75 -2.97 36.22
N ARG E 265 -38.25 -3.61 35.16
CA ARG E 265 -38.88 -4.81 34.65
C ARG E 265 -38.83 -5.96 35.66
N PHE E 266 -37.81 -5.99 36.52
CA PHE E 266 -37.67 -7.07 37.48
C PHE E 266 -38.03 -6.65 38.90
N GLY E 267 -38.86 -5.63 39.05
CA GLY E 267 -39.49 -5.35 40.33
C GLY E 267 -38.87 -4.26 41.17
N ALA E 268 -37.79 -3.63 40.72
CA ALA E 268 -37.28 -2.49 41.46
C ALA E 268 -38.12 -1.24 41.15
N LYS E 269 -37.98 -0.24 42.02
CA LYS E 269 -38.81 0.98 41.98
C LYS E 269 -37.91 2.18 41.80
N CYS E 270 -38.05 2.90 40.69
CA CYS E 270 -37.25 4.09 40.46
C CYS E 270 -37.89 5.29 41.18
N VAL E 271 -37.11 5.93 42.05
CA VAL E 271 -37.68 6.89 42.98
C VAL E 271 -37.32 8.29 42.48
N ALA E 272 -36.14 8.41 41.88
CA ALA E 272 -35.60 9.71 41.52
C ALA E 272 -34.81 9.58 40.23
N VAL E 273 -34.90 10.61 39.40
CA VAL E 273 -34.16 10.71 38.15
C VAL E 273 -33.59 12.11 38.05
N GLY E 274 -32.27 12.20 37.98
CA GLY E 274 -31.57 13.47 37.91
C GLY E 274 -30.97 13.70 36.53
N GLU E 275 -30.92 14.96 36.12
CA GLU E 275 -30.47 15.44 34.83
C GLU E 275 -29.63 16.68 34.93
N SER E 276 -29.19 17.17 33.77
CA SER E 276 -28.34 18.34 33.72
C SER E 276 -29.06 19.61 34.18
N ASP E 277 -30.40 19.65 34.13
CA ASP E 277 -31.13 20.85 34.51
C ASP E 277 -31.82 20.74 35.86
N GLY E 278 -32.02 19.52 36.37
CA GLY E 278 -32.72 19.33 37.62
C GLY E 278 -33.10 17.88 37.80
N SER E 279 -33.80 17.63 38.89
CA SER E 279 -34.13 16.28 39.33
C SER E 279 -35.65 16.19 39.47
N ILE E 280 -36.16 14.96 39.45
CA ILE E 280 -37.57 14.70 39.78
C ILE E 280 -37.64 13.52 40.73
N TRP E 281 -38.71 13.47 41.52
CA TRP E 281 -38.77 12.55 42.64
C TRP E 281 -40.20 12.11 42.88
N ASN E 282 -40.37 10.86 43.30
CA ASN E 282 -41.65 10.26 43.58
C ASN E 282 -41.37 8.98 44.35
N PRO E 283 -41.68 8.90 45.65
CA PRO E 283 -41.39 7.66 46.37
C PRO E 283 -42.28 6.48 46.00
N ASP E 284 -43.26 6.70 45.14
CA ASP E 284 -44.19 5.66 44.75
C ASP E 284 -43.72 4.99 43.46
N GLY E 285 -42.72 5.57 42.79
CA GLY E 285 -42.15 4.99 41.60
C GLY E 285 -42.38 5.81 40.35
N ILE E 286 -41.37 5.82 39.47
CA ILE E 286 -41.45 6.47 38.16
C ILE E 286 -41.45 5.40 37.08
N ASP E 287 -42.32 5.56 36.12
CA ASP E 287 -42.36 4.57 35.04
C ASP E 287 -41.44 5.00 33.90
N PRO E 288 -40.52 4.13 33.49
CA PRO E 288 -39.56 4.54 32.45
C PRO E 288 -40.19 4.82 31.10
N LYS E 289 -41.27 4.13 30.73
CA LYS E 289 -41.91 4.35 29.44
C LYS E 289 -42.55 5.72 29.39
N GLU E 290 -43.19 6.11 30.49
CA GLU E 290 -43.84 7.41 30.55
C GLU E 290 -42.82 8.53 30.57
N LEU E 291 -41.72 8.34 31.33
CA LEU E 291 -40.69 9.38 31.45
C LEU E 291 -39.98 9.58 30.12
N GLU E 292 -39.63 8.49 29.43
CA GLU E 292 -39.03 8.60 28.10
C GLU E 292 -39.93 9.34 27.14
N ASP E 293 -41.20 8.94 27.11
CA ASP E 293 -42.15 9.56 26.20
C ASP E 293 -42.29 11.06 26.49
N PHE E 294 -42.28 11.44 27.77
CA PHE E 294 -42.30 12.85 28.13
C PHE E 294 -41.01 13.54 27.69
N LYS E 295 -39.87 12.89 27.94
CA LYS E 295 -38.58 13.47 27.56
C LYS E 295 -38.46 13.65 26.05
N LEU E 296 -38.94 12.68 25.28
CA LEU E 296 -38.89 12.80 23.82
C LEU E 296 -39.75 13.95 23.34
N GLN E 297 -40.85 14.22 24.04
CA GLN E 297 -41.81 15.24 23.63
C GLN E 297 -41.36 16.65 23.99
N HIS E 298 -40.79 16.84 25.18
CA HIS E 298 -40.48 18.16 25.69
C HIS E 298 -38.99 18.46 25.79
N GLY E 299 -38.12 17.49 25.48
CA GLY E 299 -36.69 17.72 25.56
C GLY E 299 -36.15 17.92 26.96
N THR E 300 -36.92 17.58 28.00
CA THR E 300 -36.50 17.74 29.37
C THR E 300 -37.31 16.76 30.24
N ILE E 301 -36.79 16.44 31.41
CA ILE E 301 -37.56 15.77 32.45
C ILE E 301 -38.30 16.67 33.41
N LEU E 302 -37.99 17.97 33.44
CA LEU E 302 -38.70 18.79 34.39
C LEU E 302 -40.12 18.97 33.96
N GLY E 303 -41.01 19.04 34.93
CA GLY E 303 -42.41 19.16 34.63
C GLY E 303 -43.11 17.86 34.32
N PHE E 304 -42.46 16.73 34.57
CA PHE E 304 -43.08 15.44 34.37
C PHE E 304 -44.30 15.34 35.27
N PRO E 305 -45.49 15.07 34.71
CA PRO E 305 -46.72 15.18 35.51
C PRO E 305 -46.75 14.31 36.76
N LYS E 306 -46.15 13.13 36.72
CA LYS E 306 -46.31 12.14 37.80
C LYS E 306 -45.15 12.09 38.75
N ALA E 307 -44.45 13.20 38.92
CA ALA E 307 -43.44 13.33 39.96
C ALA E 307 -43.29 14.80 40.24
N LYS E 308 -42.48 15.11 41.25
CA LYS E 308 -42.38 16.48 41.74
C LYS E 308 -40.93 16.94 41.68
N ILE E 309 -40.75 18.14 41.13
CA ILE E 309 -39.44 18.78 40.93
C ILE E 309 -38.66 18.76 42.24
N TYR E 310 -37.67 17.89 42.33
CA TYR E 310 -36.91 17.69 43.56
C TYR E 310 -35.71 18.63 43.58
N GLU E 311 -35.55 19.32 44.71
CA GLU E 311 -34.43 20.20 45.03
C GLU E 311 -33.37 19.42 45.78
N GLY E 312 -32.12 19.84 45.65
CA GLY E 312 -31.04 19.15 46.32
C GLY E 312 -30.57 17.94 45.54
N SER E 313 -29.37 17.48 45.90
CA SER E 313 -28.61 16.58 45.04
C SER E 313 -29.32 15.24 44.82
N ILE E 314 -29.40 14.84 43.55
CA ILE E 314 -29.89 13.51 43.22
C ILE E 314 -29.04 12.43 43.87
N LEU E 315 -27.76 12.70 44.07
CA LEU E 315 -26.86 11.70 44.66
C LEU E 315 -27.18 11.44 46.12
N GLU E 316 -27.92 12.32 46.80
CA GLU E 316 -28.23 12.15 48.21
C GLU E 316 -29.67 11.73 48.44
N VAL E 317 -30.44 11.54 47.37
CA VAL E 317 -31.77 10.96 47.49
C VAL E 317 -31.72 9.66 48.28
N ASP E 318 -32.79 9.42 49.03
CA ASP E 318 -32.86 8.23 49.85
C ASP E 318 -33.39 7.06 49.02
N CYS E 319 -32.61 5.98 48.99
CA CYS E 319 -32.86 4.83 48.13
C CYS E 319 -31.91 3.70 48.54
N ASP E 320 -32.12 2.52 47.93
CA ASP E 320 -31.19 1.42 48.18
C ASP E 320 -29.99 1.47 47.23
N ILE E 321 -30.23 1.78 45.96
CA ILE E 321 -29.23 1.67 44.92
C ILE E 321 -29.11 3.02 44.21
N LEU E 322 -27.91 3.59 44.20
CA LEU E 322 -27.64 4.81 43.46
C LEU E 322 -26.88 4.47 42.20
N ILE E 323 -27.42 4.90 41.05
CA ILE E 323 -26.79 4.65 39.75
C ILE E 323 -26.31 5.96 39.14
N PRO E 324 -25.07 6.37 39.39
CA PRO E 324 -24.52 7.52 38.65
C PRO E 324 -24.25 7.13 37.22
N ALA E 325 -24.97 7.77 36.28
CA ALA E 325 -24.89 7.43 34.87
C ALA E 325 -24.71 8.69 34.02
N ALA E 326 -23.97 9.67 34.54
CA ALA E 326 -23.73 10.91 33.82
C ALA E 326 -22.22 11.03 33.62
N SER E 327 -21.59 12.11 34.07
CA SER E 327 -20.17 12.26 33.82
C SER E 327 -19.38 11.74 35.02
N GLU E 328 -18.13 12.14 35.14
CA GLU E 328 -17.22 11.56 36.12
C GLU E 328 -17.03 12.49 37.32
N LYS E 329 -16.47 11.92 38.39
CA LYS E 329 -16.14 12.65 39.61
C LYS E 329 -17.35 13.40 40.17
N GLN E 330 -18.43 12.64 40.38
CA GLN E 330 -19.66 13.15 40.98
C GLN E 330 -19.76 12.88 42.48
N LEU E 331 -19.16 11.79 42.94
CA LEU E 331 -19.10 11.47 44.36
C LEU E 331 -17.70 11.80 44.85
N THR E 332 -17.61 12.70 45.83
CA THR E 332 -16.35 13.27 46.26
C THR E 332 -16.25 13.17 47.78
N LYS E 333 -15.16 13.72 48.31
CA LYS E 333 -14.99 13.81 49.75
C LYS E 333 -16.15 14.57 50.39
N SER E 334 -16.68 15.58 49.69
CA SER E 334 -17.76 16.43 50.20
C SER E 334 -19.06 15.65 50.44
N ASN E 335 -19.71 15.18 49.37
CA ASN E 335 -21.05 14.61 49.48
C ASN E 335 -21.05 13.13 49.87
N ALA E 336 -19.90 12.45 49.84
CA ALA E 336 -19.90 11.03 50.17
C ALA E 336 -20.51 10.71 51.53
N PRO E 337 -20.32 11.52 52.59
CA PRO E 337 -20.95 11.19 53.88
C PRO E 337 -22.48 11.29 53.89
N ARG E 338 -23.12 11.81 52.85
CA ARG E 338 -24.56 12.03 52.87
C ARG E 338 -25.31 11.16 51.86
N VAL E 339 -24.82 9.96 51.53
CA VAL E 339 -25.23 9.42 50.25
C VAL E 339 -26.52 8.62 50.42
N LYS E 340 -26.70 7.98 51.57
CA LYS E 340 -27.92 7.33 52.03
C LYS E 340 -28.22 6.00 51.33
N ALA E 341 -27.57 5.68 50.22
CA ALA E 341 -27.76 4.39 49.56
C ALA E 341 -26.71 3.41 50.04
N LYS E 342 -27.03 2.13 49.91
CA LYS E 342 -26.12 1.10 50.39
C LYS E 342 -25.41 0.38 49.26
N ILE E 343 -25.84 0.56 48.02
CA ILE E 343 -25.16 0.05 46.85
C ILE E 343 -25.01 1.19 45.85
N ILE E 344 -23.78 1.45 45.40
CA ILE E 344 -23.51 2.42 44.35
C ILE E 344 -23.04 1.65 43.13
N ALA E 345 -23.86 1.69 42.08
CA ALA E 345 -23.60 0.97 40.84
C ALA E 345 -23.16 1.98 39.79
N GLU E 346 -21.84 2.04 39.55
CA GLU E 346 -21.29 3.01 38.60
C GLU E 346 -21.61 2.58 37.18
N GLY E 347 -22.63 3.19 36.59
CA GLY E 347 -22.86 3.02 35.17
C GLY E 347 -21.93 3.92 34.36
N ALA E 348 -21.64 5.09 34.89
CA ALA E 348 -20.74 6.02 34.23
C ALA E 348 -19.28 5.63 34.47
N ASN E 349 -18.39 6.26 33.71
CA ASN E 349 -16.96 6.03 33.83
C ASN E 349 -16.38 6.98 34.86
N GLY E 350 -15.77 6.42 35.90
CA GLY E 350 -15.11 7.18 36.95
C GLY E 350 -15.95 8.20 37.71
N PRO E 351 -17.14 7.81 38.18
CA PRO E 351 -17.97 8.77 38.92
C PRO E 351 -17.56 8.97 40.38
N THR E 352 -16.62 8.19 40.91
CA THR E 352 -16.27 8.21 42.33
C THR E 352 -14.78 8.48 42.50
N THR E 353 -14.44 9.52 43.27
CA THR E 353 -13.05 9.81 43.58
C THR E 353 -12.51 8.78 44.55
N PRO E 354 -11.18 8.65 44.63
CA PRO E 354 -10.61 7.76 45.63
C PRO E 354 -10.93 8.14 47.08
N GLU E 355 -11.07 9.43 47.39
CA GLU E 355 -11.46 9.83 48.74
C GLU E 355 -12.85 9.37 49.07
N ALA E 356 -13.77 9.51 48.12
CA ALA E 356 -15.13 9.03 48.32
C ALA E 356 -15.15 7.52 48.47
N ASP E 357 -14.25 6.80 47.81
CA ASP E 357 -14.17 5.36 47.98
C ASP E 357 -13.79 5.00 49.41
N LYS E 358 -12.87 5.75 50.01
CA LYS E 358 -12.49 5.49 51.41
C LYS E 358 -13.69 5.65 52.33
N ILE E 359 -14.43 6.75 52.18
CA ILE E 359 -15.59 6.98 53.03
C ILE E 359 -16.60 5.85 52.87
N PHE E 360 -16.89 5.46 51.62
CA PHE E 360 -17.86 4.40 51.37
C PHE E 360 -17.42 3.10 52.02
N LEU E 361 -16.12 2.81 52.00
CA LEU E 361 -15.61 1.60 52.66
C LEU E 361 -15.90 1.64 54.16
N GLU E 362 -15.60 2.77 54.81
CA GLU E 362 -15.78 2.87 56.26
C GLU E 362 -17.24 2.66 56.67
N ARG E 363 -18.12 2.94 55.77
CA ARG E 363 -19.52 3.20 55.97
C ARG E 363 -20.31 1.95 55.50
N ASN E 364 -19.57 0.89 55.13
CA ASN E 364 -20.09 -0.36 54.59
C ASN E 364 -21.06 -0.10 53.44
N ILE E 365 -20.62 0.72 52.49
CA ILE E 365 -21.34 1.00 51.26
C ILE E 365 -20.64 0.26 50.12
N MET E 366 -21.38 -0.48 49.34
CA MET E 366 -20.76 -1.33 48.33
C MET E 366 -20.79 -0.55 47.02
N VAL E 367 -19.60 -0.30 46.46
CA VAL E 367 -19.44 0.34 45.17
C VAL E 367 -19.14 -0.75 44.14
N ILE E 368 -20.09 -1.02 43.25
CA ILE E 368 -19.85 -1.92 42.14
C ILE E 368 -19.16 -1.11 41.05
N PRO E 369 -17.91 -1.43 40.72
CA PRO E 369 -17.06 -0.48 39.98
C PRO E 369 -17.31 -0.46 38.48
N ASP E 370 -16.92 0.67 37.87
CA ASP E 370 -17.18 0.88 36.45
C ASP E 370 -16.47 -0.15 35.59
N LEU E 371 -15.20 -0.44 35.87
CA LEU E 371 -14.44 -1.49 35.20
C LEU E 371 -15.25 -2.73 34.87
N TYR E 372 -16.13 -3.11 35.78
CA TYR E 372 -16.95 -4.30 35.61
C TYR E 372 -18.35 -3.97 35.13
N LEU E 373 -19.00 -2.97 35.74
CA LEU E 373 -20.45 -2.89 35.66
C LEU E 373 -20.93 -2.31 34.34
N ASN E 374 -20.20 -1.37 33.75
CA ASN E 374 -20.64 -0.79 32.48
C ASN E 374 -20.00 -1.46 31.27
N ALA E 375 -19.34 -2.61 31.46
CA ALA E 375 -18.63 -3.29 30.38
C ALA E 375 -19.55 -4.04 29.44
N GLY E 376 -20.87 -3.96 29.64
CA GLY E 376 -21.79 -4.57 28.68
C GLY E 376 -21.80 -3.85 27.35
N GLY E 377 -21.50 -2.55 27.35
CA GLY E 377 -21.39 -1.82 26.11
C GLY E 377 -20.28 -2.36 25.23
N VAL E 378 -19.07 -2.49 25.80
CA VAL E 378 -17.95 -2.96 24.99
C VAL E 378 -18.09 -4.44 24.66
N THR E 379 -18.79 -5.21 25.50
CA THR E 379 -19.00 -6.62 25.21
C THR E 379 -19.88 -6.81 23.98
N VAL E 380 -20.93 -6.00 23.85
CA VAL E 380 -21.82 -6.14 22.70
C VAL E 380 -21.24 -5.44 21.48
N SER E 381 -20.42 -4.39 21.68
CA SER E 381 -19.63 -3.87 20.57
C SER E 381 -18.73 -4.94 20.00
N TYR E 382 -18.11 -5.74 20.87
CA TYR E 382 -17.30 -6.87 20.44
C TYR E 382 -18.10 -7.84 19.59
N PHE E 383 -19.34 -8.14 20.00
CA PHE E 383 -20.20 -9.00 19.19
C PHE E 383 -20.51 -8.37 17.84
N GLU E 384 -20.75 -7.06 17.81
CA GLU E 384 -20.99 -6.37 16.54
C GLU E 384 -19.79 -6.47 15.62
N TRP E 385 -18.60 -6.25 16.15
CA TRP E 385 -17.36 -6.34 15.38
C TRP E 385 -17.20 -7.73 14.77
N LEU E 386 -17.46 -8.78 15.56
CA LEU E 386 -17.38 -10.14 15.05
C LEU E 386 -18.43 -10.40 13.98
N LYS E 387 -19.64 -9.86 14.16
CA LYS E 387 -20.67 -10.00 13.15
C LYS E 387 -20.20 -9.38 11.83
N ASN E 388 -19.52 -8.24 11.91
CA ASN E 388 -19.02 -7.61 10.70
C ASN E 388 -17.93 -8.46 10.04
N LEU E 389 -17.01 -9.01 10.85
CA LEU E 389 -15.95 -9.81 10.26
C LEU E 389 -16.47 -11.08 9.62
N ASN E 390 -17.60 -11.62 10.11
CA ASN E 390 -18.08 -12.91 9.63
C ASN E 390 -18.99 -12.81 8.41
N HIS E 391 -19.62 -11.66 8.16
CA HIS E 391 -20.36 -11.37 6.94
C HIS E 391 -21.60 -12.24 6.76
N VAL E 392 -22.10 -12.85 7.84
CA VAL E 392 -23.41 -13.46 7.89
C VAL E 392 -24.13 -13.05 9.17
N SER E 393 -25.45 -13.00 9.10
CA SER E 393 -26.26 -12.92 10.30
C SER E 393 -26.27 -14.28 10.97
N TYR E 394 -26.18 -14.28 12.30
CA TYR E 394 -26.09 -15.51 13.05
C TYR E 394 -27.27 -16.43 12.76
N GLY E 395 -26.94 -17.70 12.48
CA GLY E 395 -27.95 -18.73 12.30
C GLY E 395 -28.50 -18.89 10.89
N ARG E 396 -28.24 -17.92 10.01
CA ARG E 396 -28.89 -17.93 8.70
C ARG E 396 -28.51 -19.17 7.88
N LEU E 397 -27.29 -19.69 8.05
CA LEU E 397 -26.88 -20.87 7.33
C LEU E 397 -27.47 -22.15 7.90
N THR E 398 -27.92 -22.13 9.16
CA THR E 398 -28.19 -23.36 9.89
C THR E 398 -29.60 -23.50 10.43
N PHE E 399 -30.45 -22.47 10.31
CA PHE E 399 -31.80 -22.54 10.90
C PHE E 399 -32.54 -23.79 10.44
N LYS E 400 -32.62 -23.99 9.12
CA LYS E 400 -33.39 -25.11 8.59
C LYS E 400 -32.75 -26.45 8.95
N TYR E 401 -31.44 -26.60 8.71
CA TYR E 401 -30.73 -27.81 9.12
C TYR E 401 -30.96 -28.18 10.56
N GLU E 402 -30.80 -27.19 11.45
CA GLU E 402 -30.88 -27.44 12.87
C GLU E 402 -32.31 -27.79 13.29
N ARG E 403 -33.30 -27.11 12.74
CA ARG E 403 -34.70 -27.44 12.97
C ARG E 403 -34.99 -28.90 12.58
N ASP E 404 -34.62 -29.28 11.36
CA ASP E 404 -34.82 -30.65 10.89
C ASP E 404 -34.08 -31.65 11.77
N SER E 405 -32.85 -31.30 12.18
CA SER E 405 -32.05 -32.21 12.99
C SER E 405 -32.73 -32.47 14.33
N ASN E 406 -33.30 -31.44 14.96
CA ASN E 406 -33.91 -31.62 16.27
C ASN E 406 -35.16 -32.50 16.20
N TYR E 407 -35.96 -32.35 15.15
CA TYR E 407 -37.15 -33.17 15.02
C TYR E 407 -36.79 -34.64 14.79
N HIS E 408 -35.75 -34.90 13.99
CA HIS E 408 -35.29 -36.27 13.81
C HIS E 408 -34.69 -36.84 15.08
N LEU E 409 -34.10 -35.98 15.92
CA LEU E 409 -33.59 -36.44 17.20
C LEU E 409 -34.72 -36.89 18.10
N LEU E 410 -35.75 -36.06 18.25
CA LEU E 410 -36.89 -36.42 19.08
C LEU E 410 -37.60 -37.64 18.53
N MET E 411 -37.66 -37.76 17.19
CA MET E 411 -38.26 -38.94 16.58
C MET E 411 -37.44 -40.20 16.85
N SER E 412 -36.13 -40.05 17.08
CA SER E 412 -35.31 -41.20 17.44
C SER E 412 -35.69 -41.76 18.80
N VAL E 413 -36.02 -40.87 19.75
CA VAL E 413 -36.51 -41.30 21.05
C VAL E 413 -37.88 -41.96 20.91
N GLN E 414 -38.77 -41.33 20.15
CA GLN E 414 -40.11 -41.86 19.90
C GLN E 414 -40.06 -43.28 19.36
N GLU E 415 -39.37 -43.46 18.24
CA GLU E 415 -39.36 -44.77 17.58
C GLU E 415 -38.67 -45.81 18.44
N SER E 416 -37.65 -45.42 19.20
CA SER E 416 -37.00 -46.37 20.10
C SER E 416 -37.96 -46.85 21.18
N LEU E 417 -38.82 -45.95 21.69
CA LEU E 417 -39.74 -46.33 22.74
C LEU E 417 -40.88 -47.18 22.20
N GLU E 418 -41.44 -46.82 21.04
CA GLU E 418 -42.48 -47.65 20.43
C GLU E 418 -41.94 -49.04 20.10
N ARG E 419 -40.72 -49.11 19.54
CA ARG E 419 -40.08 -50.38 19.21
C ARG E 419 -40.08 -51.33 20.41
N LYS E 420 -39.99 -50.78 21.60
CA LYS E 420 -39.87 -51.60 22.81
C LYS E 420 -41.20 -51.84 23.50
N PHE E 421 -42.00 -50.78 23.69
CA PHE E 421 -43.34 -50.93 24.25
C PHE E 421 -44.39 -51.08 23.15
N GLY E 422 -44.10 -51.95 22.19
CA GLY E 422 -44.81 -52.10 20.92
C GLY E 422 -46.22 -51.61 20.77
N LYS E 423 -47.11 -52.58 20.66
CA LYS E 423 -48.47 -52.41 20.15
C LYS E 423 -49.35 -51.73 21.17
N HIS E 424 -49.38 -52.30 22.37
CA HIS E 424 -50.27 -51.84 23.46
C HIS E 424 -49.50 -51.05 24.50
N GLY E 425 -48.55 -50.24 24.05
CA GLY E 425 -48.20 -49.00 24.70
C GLY E 425 -48.71 -47.88 23.81
N GLY E 426 -49.01 -48.22 22.56
CA GLY E 426 -49.61 -47.29 21.62
C GLY E 426 -48.61 -46.39 20.92
N THR E 427 -49.03 -45.16 20.60
CA THR E 427 -48.16 -44.15 20.02
C THR E 427 -47.64 -43.26 21.14
N ILE E 428 -46.40 -42.80 21.02
CA ILE E 428 -45.81 -42.30 22.26
C ILE E 428 -45.20 -41.00 21.72
N PRO E 429 -46.00 -39.94 21.55
CA PRO E 429 -45.51 -38.69 20.88
C PRO E 429 -44.52 -37.94 21.75
N ILE E 430 -43.35 -37.67 21.17
CA ILE E 430 -42.32 -36.85 21.78
C ILE E 430 -42.29 -35.53 21.04
N VAL E 431 -42.60 -34.45 21.73
CA VAL E 431 -42.73 -33.13 21.11
C VAL E 431 -42.00 -32.10 21.97
N PRO E 432 -41.58 -30.99 21.36
CA PRO E 432 -40.89 -29.95 22.13
C PRO E 432 -41.83 -29.31 23.15
N THR E 433 -41.26 -28.91 24.29
CA THR E 433 -41.95 -27.97 25.15
C THR E 433 -42.15 -26.65 24.41
N ALA E 434 -42.97 -25.78 25.00
CA ALA E 434 -43.10 -24.43 24.44
C ALA E 434 -41.75 -23.74 24.40
N GLU E 435 -40.96 -23.91 25.44
CA GLU E 435 -39.68 -23.22 25.49
C GLU E 435 -38.70 -23.79 24.48
N PHE E 436 -38.62 -25.13 24.37
CA PHE E 436 -37.74 -25.72 23.35
C PHE E 436 -38.22 -25.44 21.93
N GLN E 437 -39.54 -25.36 21.72
CA GLN E 437 -40.05 -25.06 20.37
C GLN E 437 -39.48 -23.77 19.86
N ASP E 438 -39.06 -22.92 20.77
CA ASP E 438 -38.72 -21.55 20.44
C ASP E 438 -37.24 -21.47 20.22
N ARG E 439 -36.52 -22.54 20.55
CA ARG E 439 -35.11 -22.73 20.25
C ARG E 439 -34.88 -23.83 19.23
N ILE E 440 -35.94 -24.32 18.57
CA ILE E 440 -35.81 -25.52 17.74
C ILE E 440 -34.86 -25.30 16.58
N SER E 441 -34.66 -24.05 16.16
CA SER E 441 -33.81 -23.73 15.02
C SER E 441 -32.42 -23.28 15.41
N GLY E 442 -32.12 -23.19 16.71
CA GLY E 442 -30.84 -22.69 17.17
C GLY E 442 -30.86 -21.19 17.36
N ALA E 443 -29.74 -20.68 17.88
CA ALA E 443 -29.66 -19.28 18.28
C ALA E 443 -29.73 -18.35 17.08
N SER E 444 -30.35 -17.19 17.30
CA SER E 444 -30.30 -16.07 16.39
C SER E 444 -29.41 -14.98 16.99
N GLU E 445 -29.24 -13.90 16.23
CA GLU E 445 -28.42 -12.79 16.68
C GLU E 445 -28.89 -12.27 18.03
N LYS E 446 -30.20 -12.11 18.20
CA LYS E 446 -30.74 -11.63 19.46
C LYS E 446 -30.40 -12.58 20.62
N ASP E 447 -30.53 -13.89 20.39
CA ASP E 447 -30.23 -14.86 21.44
C ASP E 447 -28.76 -14.81 21.84
N ILE E 448 -27.86 -14.69 20.87
CA ILE E 448 -26.43 -14.67 21.17
C ILE E 448 -26.08 -13.42 21.98
N VAL E 449 -26.67 -12.28 21.62
CA VAL E 449 -26.36 -11.05 22.34
C VAL E 449 -26.84 -11.17 23.80
N HIS E 450 -28.09 -11.64 24.00
CA HIS E 450 -28.59 -11.75 25.37
C HIS E 450 -27.83 -12.77 26.20
N SER E 451 -27.67 -13.99 25.70
CA SER E 451 -27.03 -15.02 26.50
C SER E 451 -25.52 -14.84 26.56
N GLY E 452 -24.91 -14.33 25.48
CA GLY E 452 -23.49 -14.04 25.54
C GLY E 452 -23.15 -12.96 26.54
N LEU E 453 -24.02 -11.95 26.65
CA LEU E 453 -23.79 -10.89 27.63
C LEU E 453 -23.98 -11.41 29.04
N ALA E 454 -25.09 -12.12 29.29
CA ALA E 454 -25.33 -12.69 30.61
C ALA E 454 -24.19 -13.61 31.02
N TYR E 455 -23.73 -14.46 30.09
CA TYR E 455 -22.60 -15.34 30.39
C TYR E 455 -21.37 -14.54 30.81
N THR E 456 -21.08 -13.45 30.10
CA THR E 456 -19.86 -12.68 30.39
C THR E 456 -19.96 -11.97 31.74
N MET E 457 -21.08 -11.33 32.02
CA MET E 457 -21.22 -10.59 33.28
C MET E 457 -21.16 -11.52 34.48
N GLU E 458 -21.71 -12.72 34.35
CA GLU E 458 -21.70 -13.66 35.46
C GLU E 458 -20.31 -14.23 35.69
N ARG E 459 -19.65 -14.66 34.63
CA ARG E 459 -18.30 -15.20 34.75
C ARG E 459 -17.35 -14.16 35.32
N SER E 460 -17.54 -12.89 34.96
CA SER E 460 -16.67 -11.83 35.47
C SER E 460 -16.96 -11.50 36.92
N ALA E 461 -18.24 -11.51 37.32
CA ALA E 461 -18.58 -11.26 38.72
C ALA E 461 -17.95 -12.30 39.63
N ARG E 462 -18.00 -13.58 39.24
CA ARG E 462 -17.42 -14.63 40.06
C ARG E 462 -15.91 -14.47 40.19
N GLN E 463 -15.25 -14.05 39.12
CA GLN E 463 -13.81 -13.84 39.20
C GLN E 463 -13.48 -12.68 40.14
N ILE E 464 -14.31 -11.65 40.17
CA ILE E 464 -14.09 -10.54 41.09
C ILE E 464 -14.32 -10.97 42.53
N MET E 465 -15.39 -11.71 42.77
CA MET E 465 -15.69 -12.19 44.12
C MET E 465 -14.59 -13.12 44.62
N ARG E 466 -14.18 -14.09 43.79
CA ARG E 466 -13.07 -14.98 44.15
C ARG E 466 -11.84 -14.21 44.57
N THR E 467 -11.51 -13.16 43.83
CA THR E 467 -10.30 -12.39 44.11
C THR E 467 -10.46 -11.56 45.38
N ALA E 468 -11.66 -11.03 45.63
CA ALA E 468 -11.88 -10.22 46.84
C ALA E 468 -11.79 -11.08 48.10
N MET E 469 -12.32 -12.29 48.06
CA MET E 469 -12.17 -13.18 49.21
C MET E 469 -10.74 -13.59 49.42
N LYS E 470 -10.04 -13.93 48.34
CA LYS E 470 -8.68 -14.43 48.47
C LYS E 470 -7.78 -13.42 49.15
N TYR E 471 -7.99 -12.12 48.90
CA TYR E 471 -7.15 -11.07 49.45
C TYR E 471 -7.80 -10.29 50.58
N ASN E 472 -8.95 -10.74 51.06
CA ASN E 472 -9.65 -10.15 52.20
C ASN E 472 -9.91 -8.66 51.94
N LEU E 473 -10.57 -8.38 50.82
CA LEU E 473 -10.87 -7.02 50.40
C LEU E 473 -12.28 -6.57 50.77
N GLY E 474 -13.11 -7.48 51.29
CA GLY E 474 -14.42 -7.07 51.77
C GLY E 474 -15.28 -6.51 50.65
N LEU E 475 -15.67 -5.24 50.79
CA LEU E 475 -16.48 -4.55 49.82
C LEU E 475 -15.67 -3.65 48.89
N ASP E 476 -14.34 -3.80 48.87
CA ASP E 476 -13.51 -3.07 47.93
C ASP E 476 -13.43 -3.84 46.61
N LEU E 477 -14.55 -3.85 45.91
CA LEU E 477 -14.63 -4.57 44.65
C LEU E 477 -13.76 -3.92 43.58
N ARG E 478 -13.56 -2.60 43.65
CA ARG E 478 -12.73 -1.92 42.67
C ARG E 478 -11.31 -2.48 42.66
N THR E 479 -10.72 -2.64 43.83
CA THR E 479 -9.35 -3.16 43.90
C THR E 479 -9.28 -4.60 43.41
N ALA E 480 -10.33 -5.39 43.64
CA ALA E 480 -10.35 -6.77 43.14
C ALA E 480 -10.40 -6.79 41.62
N ALA E 481 -11.20 -5.89 41.01
CA ALA E 481 -11.27 -5.82 39.56
C ALA E 481 -9.92 -5.45 38.96
N TYR E 482 -9.28 -4.42 39.49
CA TYR E 482 -7.97 -4.02 38.97
C TYR E 482 -6.95 -5.14 39.13
N VAL E 483 -7.06 -5.91 40.23
CA VAL E 483 -6.17 -7.04 40.44
C VAL E 483 -6.32 -8.04 39.30
N ASN E 484 -7.55 -8.34 38.91
CA ASN E 484 -7.76 -9.27 37.80
C ASN E 484 -7.26 -8.67 36.49
N ALA E 485 -7.59 -7.39 36.25
CA ALA E 485 -7.12 -6.73 35.04
C ALA E 485 -5.60 -6.74 34.95
N ILE E 486 -4.93 -6.39 36.05
CA ILE E 486 -3.46 -6.29 36.04
C ILE E 486 -2.83 -7.65 35.78
N GLU E 487 -3.34 -8.69 36.43
CA GLU E 487 -2.79 -10.02 36.22
C GLU E 487 -2.85 -10.43 34.76
N LYS E 488 -3.98 -10.17 34.10
CA LYS E 488 -4.14 -10.55 32.71
C LYS E 488 -3.22 -9.74 31.80
N VAL E 489 -3.17 -8.42 31.98
CA VAL E 489 -2.34 -7.60 31.12
C VAL E 489 -0.86 -7.84 31.39
N PHE E 490 -0.50 -8.10 32.65
CA PHE E 490 0.91 -8.36 32.97
C PHE E 490 1.40 -9.61 32.25
N ARG E 491 0.60 -10.67 32.23
CA ARG E 491 1.03 -11.90 31.59
C ARG E 491 1.34 -11.69 30.11
N VAL E 492 0.56 -10.85 29.44
CA VAL E 492 0.79 -10.59 28.02
C VAL E 492 2.13 -9.88 27.81
N TYR E 493 2.38 -8.81 28.57
CA TYR E 493 3.65 -8.08 28.44
C TYR E 493 4.83 -8.99 28.78
N ASN E 494 4.66 -9.82 29.82
CA ASN E 494 5.78 -10.64 30.29
C ASN E 494 6.20 -11.67 29.25
N GLU E 495 5.24 -12.41 28.71
CA GLU E 495 5.58 -13.48 27.77
C GLU E 495 5.80 -12.99 26.34
N ALA E 496 5.69 -11.68 26.09
CA ALA E 496 5.94 -11.12 24.77
C ALA E 496 7.34 -10.55 24.62
N GLY E 497 8.13 -10.54 25.69
CA GLY E 497 9.39 -9.84 25.68
C GLY E 497 9.26 -8.34 25.82
N VAL E 498 8.10 -7.86 26.25
CA VAL E 498 7.78 -6.43 26.41
C VAL E 498 7.71 -5.77 25.03
N THR E 499 8.84 -5.24 24.52
CA THR E 499 8.80 -4.57 23.23
C THR E 499 10.01 -4.88 22.37
N PHE E 500 9.90 -4.44 21.11
CA PHE E 500 10.85 -4.27 20.04
C PHE E 500 12.13 -3.57 20.41
N THR E 501 12.77 -3.96 21.50
CA THR E 501 13.97 -3.25 21.95
C THR E 501 15.10 -4.23 22.31
N ALA F 1 26.21 -38.56 9.69
CA ALA F 1 26.23 -39.60 10.72
C ALA F 1 26.65 -40.94 10.14
N ASP F 2 26.78 -40.99 8.81
CA ASP F 2 27.15 -42.22 8.10
C ASP F 2 27.55 -41.84 6.68
N ARG F 3 28.78 -42.05 6.26
CA ARG F 3 29.05 -41.63 4.89
C ARG F 3 28.92 -42.74 3.88
N GLU F 4 28.85 -44.00 4.28
CA GLU F 4 28.33 -44.99 3.31
C GLU F 4 27.10 -44.49 2.59
N ASP F 5 26.10 -44.11 3.37
CA ASP F 5 24.75 -43.86 2.86
C ASP F 5 24.33 -42.52 3.44
N ASP F 6 24.61 -41.45 2.70
CA ASP F 6 24.32 -40.09 3.16
C ASP F 6 23.82 -39.27 1.99
N PRO F 7 22.63 -39.58 1.49
CA PRO F 7 22.14 -38.92 0.28
C PRO F 7 21.81 -37.46 0.53
N ASN F 8 21.91 -36.68 -0.54
CA ASN F 8 21.42 -35.31 -0.55
C ASN F 8 19.96 -35.29 -0.09
N PHE F 9 19.66 -34.49 0.94
CA PHE F 9 18.36 -34.55 1.59
C PHE F 9 17.23 -34.17 0.63
N PHE F 10 17.42 -33.12 -0.17
CA PHE F 10 16.38 -32.72 -1.12
C PHE F 10 16.08 -33.83 -2.11
N LYS F 11 17.13 -34.40 -2.71
CA LYS F 11 16.94 -35.44 -3.72
C LYS F 11 16.33 -36.69 -3.10
N MET F 12 16.70 -37.01 -1.86
CA MET F 12 16.10 -38.14 -1.17
C MET F 12 14.59 -38.00 -1.08
N VAL F 13 14.09 -36.80 -0.77
CA VAL F 13 12.65 -36.57 -0.75
C VAL F 13 12.07 -36.64 -2.16
N GLU F 14 12.80 -36.11 -3.14
CA GLU F 14 12.36 -36.23 -4.53
C GLU F 14 12.28 -37.70 -4.94
N GLY F 15 13.19 -38.53 -4.43
CA GLY F 15 13.11 -39.96 -4.70
C GLY F 15 11.83 -40.58 -4.19
N PHE F 16 11.47 -40.29 -2.93
CA PHE F 16 10.19 -40.73 -2.39
C PHE F 16 9.04 -40.29 -3.28
N PHE F 17 9.08 -39.05 -3.75
CA PHE F 17 8.03 -38.51 -4.61
C PHE F 17 7.97 -39.27 -5.94
N ASP F 18 9.14 -39.47 -6.56
CA ASP F 18 9.21 -40.18 -7.85
C ASP F 18 8.56 -41.54 -7.73
N ARG F 19 8.77 -42.16 -6.59
CA ARG F 19 8.28 -43.49 -6.34
C ARG F 19 6.75 -43.53 -6.34
N GLY F 20 6.14 -42.66 -5.55
CA GLY F 20 4.70 -42.55 -5.60
C GLY F 20 4.17 -42.07 -6.94
N ALA F 21 4.92 -41.22 -7.62
CA ALA F 21 4.50 -40.74 -8.94
C ALA F 21 4.40 -41.90 -9.93
N SER F 22 5.41 -42.78 -9.93
CA SER F 22 5.43 -44.02 -10.70
C SER F 22 4.13 -44.80 -10.56
N ILE F 23 3.64 -44.95 -9.33
CA ILE F 23 2.52 -45.84 -9.07
C ILE F 23 1.20 -45.24 -9.57
N VAL F 24 1.04 -43.91 -9.45
CA VAL F 24 -0.24 -43.27 -9.78
C VAL F 24 -0.32 -42.79 -11.20
N GLU F 25 0.81 -42.76 -11.92
CA GLU F 25 0.83 -42.08 -13.21
C GLU F 25 -0.29 -42.57 -14.11
N ASP F 26 -0.59 -43.87 -14.07
CA ASP F 26 -1.68 -44.42 -14.87
C ASP F 26 -3.02 -43.85 -14.43
N LYS F 27 -3.27 -43.85 -13.12
CA LYS F 27 -4.52 -43.34 -12.60
C LYS F 27 -4.76 -41.89 -13.00
N LEU F 28 -3.69 -41.10 -12.99
CA LEU F 28 -3.79 -39.69 -13.35
C LEU F 28 -4.15 -39.53 -14.83
N VAL F 29 -3.55 -40.36 -15.70
CA VAL F 29 -3.76 -40.25 -17.14
C VAL F 29 -5.19 -40.63 -17.51
N GLU F 30 -5.68 -41.70 -16.92
CA GLU F 30 -7.02 -42.23 -17.14
C GLU F 30 -8.12 -41.29 -16.61
N ASP F 31 -7.93 -40.71 -15.41
CA ASP F 31 -8.83 -39.66 -14.90
C ASP F 31 -8.97 -38.51 -15.86
N LEU F 32 -7.83 -38.04 -16.37
CA LEU F 32 -7.74 -36.88 -17.24
C LEU F 32 -8.70 -37.00 -18.40
N LYS F 33 -9.71 -36.13 -18.40
CA LYS F 33 -10.91 -36.19 -19.22
C LYS F 33 -10.79 -35.43 -20.53
N THR F 34 -9.62 -35.39 -21.16
CA THR F 34 -9.35 -34.42 -22.21
C THR F 34 -9.40 -35.03 -23.60
N ARG F 35 -9.68 -34.15 -24.56
CA ARG F 35 -9.45 -34.26 -25.99
C ARG F 35 -8.43 -35.32 -26.40
N GLU F 36 -7.17 -34.90 -26.52
CA GLU F 36 -6.17 -35.64 -27.29
C GLU F 36 -5.57 -36.79 -26.48
N THR F 37 -6.43 -37.79 -26.19
CA THR F 37 -6.12 -38.98 -25.39
C THR F 37 -4.79 -39.66 -25.73
N GLU F 38 -3.80 -38.90 -26.17
CA GLU F 38 -2.54 -39.40 -26.73
C GLU F 38 -1.61 -40.07 -25.72
N GLU F 39 -0.34 -40.18 -26.11
CA GLU F 39 0.77 -40.19 -25.17
C GLU F 39 1.16 -38.78 -24.75
N GLN F 40 0.41 -37.77 -25.22
CA GLN F 40 0.52 -36.41 -24.73
C GLN F 40 -0.20 -36.24 -23.39
N LYS F 41 -1.31 -36.95 -23.18
CA LYS F 41 -1.87 -37.05 -21.84
C LYS F 41 -0.78 -37.42 -20.83
N ARG F 42 -0.07 -38.52 -21.10
CA ARG F 42 1.07 -38.92 -20.26
C ARG F 42 2.09 -37.81 -20.15
N ASN F 43 2.08 -36.89 -21.11
CA ASN F 43 3.25 -36.07 -21.30
C ASN F 43 2.99 -34.82 -20.47
N ARG F 44 1.73 -34.39 -20.42
CA ARG F 44 1.33 -33.30 -19.56
C ARG F 44 1.30 -33.73 -18.08
N VAL F 45 0.91 -34.97 -17.79
CA VAL F 45 0.97 -35.47 -16.43
C VAL F 45 2.40 -35.44 -15.90
N ARG F 46 3.36 -35.88 -16.73
CA ARG F 46 4.76 -35.85 -16.33
C ARG F 46 5.29 -34.41 -16.23
N GLY F 47 4.79 -33.51 -17.06
CA GLY F 47 5.22 -32.13 -17.00
C GLY F 47 4.74 -31.43 -15.74
N ILE F 48 3.49 -31.70 -15.34
CA ILE F 48 2.97 -31.13 -14.11
C ILE F 48 3.74 -31.67 -12.90
N LEU F 49 4.02 -32.98 -12.89
CA LEU F 49 4.75 -33.57 -11.78
C LEU F 49 6.16 -32.97 -11.65
N ARG F 50 6.77 -32.58 -12.77
CA ARG F 50 8.06 -31.92 -12.69
C ARG F 50 7.93 -30.50 -12.16
N ILE F 51 6.77 -29.87 -12.35
CA ILE F 51 6.58 -28.52 -11.81
C ILE F 51 6.41 -28.57 -10.29
N ILE F 52 5.77 -29.63 -9.79
CA ILE F 52 5.45 -29.72 -8.36
C ILE F 52 6.71 -29.90 -7.52
N LYS F 53 7.74 -30.56 -8.05
CA LYS F 53 8.83 -31.01 -7.19
C LYS F 53 9.72 -29.88 -6.70
N PRO F 54 10.22 -28.95 -7.53
CA PRO F 54 11.15 -27.94 -7.02
C PRO F 54 10.45 -26.82 -6.25
N CYS F 55 11.23 -26.20 -5.36
CA CYS F 55 10.75 -25.05 -4.59
C CYS F 55 10.61 -23.84 -5.50
N ASN F 56 9.53 -23.08 -5.30
CA ASN F 56 9.28 -21.91 -6.14
C ASN F 56 10.17 -20.74 -5.74
N HIS F 57 10.27 -20.45 -4.44
CA HIS F 57 11.05 -19.33 -3.93
C HIS F 57 11.91 -19.76 -2.77
N VAL F 58 13.19 -19.39 -2.79
CA VAL F 58 14.08 -19.55 -1.65
C VAL F 58 14.80 -18.24 -1.41
N LEU F 59 14.78 -17.77 -0.17
CA LEU F 59 15.47 -16.55 0.24
C LEU F 59 16.63 -16.92 1.15
N SER F 60 17.81 -16.39 0.85
CA SER F 60 19.01 -16.58 1.67
C SER F 60 19.44 -15.23 2.23
N LEU F 61 19.76 -15.19 3.51
CA LEU F 61 20.00 -13.94 4.24
C LEU F 61 21.37 -13.97 4.92
N SER F 62 22.01 -12.80 4.98
CA SER F 62 23.09 -12.52 5.91
C SER F 62 22.80 -11.19 6.56
N PHE F 63 22.76 -11.17 7.90
CA PHE F 63 22.62 -9.90 8.60
C PHE F 63 23.54 -9.85 9.80
N PRO F 64 24.00 -8.66 10.18
CA PRO F 64 24.83 -8.53 11.37
C PRO F 64 24.05 -8.32 12.66
N ILE F 65 24.57 -8.92 13.73
CA ILE F 65 24.14 -8.60 15.09
C ILE F 65 25.39 -8.26 15.91
N ARG F 66 25.21 -7.35 16.87
CA ARG F 66 26.20 -7.09 17.91
C ARG F 66 26.00 -8.09 19.04
N ARG F 67 27.06 -8.80 19.41
CA ARG F 67 26.91 -9.72 20.51
C ARG F 67 26.99 -8.97 21.84
N ASP F 68 26.67 -9.72 22.91
CA ASP F 68 26.67 -9.12 24.25
C ASP F 68 28.05 -8.60 24.62
N ASP F 69 29.11 -9.25 24.14
CA ASP F 69 30.47 -8.79 24.43
C ASP F 69 30.89 -7.60 23.59
N GLY F 70 30.08 -7.20 22.60
CA GLY F 70 30.38 -6.05 21.78
C GLY F 70 30.91 -6.37 20.39
N SER F 71 31.24 -7.63 20.10
CA SER F 71 31.73 -7.93 18.76
C SER F 71 30.59 -8.07 17.76
N TRP F 72 30.91 -7.79 16.50
CA TRP F 72 29.98 -7.95 15.40
C TRP F 72 30.07 -9.37 14.85
N GLU F 73 28.92 -9.96 14.54
CA GLU F 73 28.84 -11.30 13.99
C GLU F 73 27.81 -11.33 12.86
N VAL F 74 28.12 -12.11 11.83
CA VAL F 74 27.25 -12.24 10.66
C VAL F 74 26.45 -13.53 10.78
N ILE F 75 25.13 -13.39 10.79
CA ILE F 75 24.19 -14.51 10.93
C ILE F 75 23.67 -14.91 9.55
N GLU F 76 23.61 -16.21 9.29
CA GLU F 76 23.11 -16.75 8.04
C GLU F 76 21.74 -17.39 8.23
N GLY F 77 20.83 -17.12 7.28
CA GLY F 77 19.47 -17.61 7.36
C GLY F 77 18.89 -17.91 6.01
N TYR F 78 17.75 -18.63 6.02
CA TYR F 78 17.19 -19.26 4.84
C TYR F 78 15.69 -19.42 5.09
N ARG F 79 14.89 -19.14 4.09
CA ARG F 79 13.50 -19.61 4.10
C ARG F 79 13.10 -20.03 2.70
N ALA F 80 12.58 -21.24 2.59
CA ALA F 80 12.11 -21.79 1.33
C ALA F 80 10.60 -21.87 1.32
N GLN F 81 9.98 -21.44 0.23
CA GLN F 81 8.54 -21.60 0.01
C GLN F 81 8.40 -22.58 -1.15
N HIS F 82 7.94 -23.80 -0.83
CA HIS F 82 7.97 -24.87 -1.83
C HIS F 82 6.85 -24.74 -2.84
N SER F 83 5.61 -24.62 -2.37
CA SER F 83 4.46 -24.59 -3.25
C SER F 83 3.48 -23.51 -2.81
N GLN F 84 2.76 -22.95 -3.77
CA GLN F 84 1.71 -21.99 -3.48
C GLN F 84 0.37 -22.40 -4.09
N HIS F 85 0.18 -23.71 -4.33
CA HIS F 85 -1.11 -24.20 -4.76
C HIS F 85 -2.17 -24.03 -3.67
N ARG F 86 -1.73 -23.94 -2.41
CA ARG F 86 -2.54 -23.43 -1.31
C ARG F 86 -1.77 -22.31 -0.64
N THR F 87 -2.50 -21.31 -0.14
CA THR F 87 -1.86 -20.23 0.59
C THR F 87 -2.58 -20.01 1.90
N PRO F 88 -1.86 -19.60 2.96
CA PRO F 88 -0.43 -19.30 2.98
C PRO F 88 0.47 -20.53 2.98
N CYS F 89 1.78 -20.32 2.87
CA CYS F 89 2.73 -21.37 3.13
C CYS F 89 2.87 -21.58 4.64
N LYS F 90 3.28 -22.79 5.02
CA LYS F 90 3.34 -23.17 6.42
C LYS F 90 4.59 -24.00 6.67
N GLY F 91 5.32 -23.67 7.73
CA GLY F 91 6.48 -24.45 8.11
C GLY F 91 7.32 -23.85 9.21
N GLY F 92 8.10 -24.68 9.88
CA GLY F 92 8.79 -24.28 11.09
C GLY F 92 10.10 -23.57 10.84
N ILE F 93 10.70 -23.12 11.95
CA ILE F 93 11.98 -22.43 11.95
C ILE F 93 12.96 -23.26 12.78
N ARG F 94 14.07 -23.65 12.17
CA ARG F 94 15.08 -24.49 12.80
C ARG F 94 16.33 -23.65 13.08
N TYR F 95 16.77 -23.66 14.34
CA TYR F 95 18.04 -23.05 14.75
C TYR F 95 19.05 -24.17 14.93
N SER F 96 20.03 -24.24 14.02
CA SER F 96 20.99 -25.33 14.08
C SER F 96 22.15 -25.05 13.13
N THR F 97 23.35 -25.51 13.50
CA THR F 97 24.51 -25.33 12.65
C THR F 97 24.51 -26.29 11.45
N ASP F 98 23.64 -27.32 11.43
CA ASP F 98 23.48 -28.12 10.23
C ASP F 98 22.51 -27.50 9.21
N VAL F 99 22.01 -26.29 9.45
CA VAL F 99 21.08 -25.69 8.51
C VAL F 99 21.80 -25.35 7.21
N SER F 100 21.11 -25.57 6.10
CA SER F 100 21.66 -25.31 4.77
C SER F 100 20.51 -25.16 3.80
N VAL F 101 20.82 -24.66 2.60
CA VAL F 101 19.77 -24.39 1.64
C VAL F 101 19.08 -25.70 1.26
N ASP F 102 19.87 -26.79 1.15
CA ASP F 102 19.31 -28.06 0.72
C ASP F 102 18.44 -28.67 1.83
N GLU F 103 18.90 -28.59 3.08
CA GLU F 103 18.08 -29.06 4.19
C GLU F 103 16.74 -28.33 4.25
N VAL F 104 16.78 -27.01 4.08
CA VAL F 104 15.57 -26.20 4.19
C VAL F 104 14.63 -26.49 3.02
N LYS F 105 15.18 -26.61 1.81
CA LYS F 105 14.36 -26.98 0.65
C LYS F 105 13.73 -28.34 0.85
N ALA F 106 14.47 -29.30 1.40
CA ALA F 106 13.94 -30.64 1.60
C ALA F 106 12.77 -30.64 2.58
N LEU F 107 12.93 -29.94 3.70
CA LEU F 107 11.86 -29.89 4.68
C LEU F 107 10.66 -29.09 4.18
N ALA F 108 10.90 -28.07 3.35
CA ALA F 108 9.80 -27.31 2.78
C ALA F 108 8.91 -28.19 1.90
N SER F 109 9.52 -29.06 1.10
CA SER F 109 8.73 -29.96 0.26
C SER F 109 8.00 -31.00 1.10
N LEU F 110 8.63 -31.50 2.16
CA LEU F 110 7.93 -32.40 3.07
C LEU F 110 6.69 -31.73 3.66
N MET F 111 6.75 -30.42 3.94
CA MET F 111 5.60 -29.72 4.48
C MET F 111 4.44 -29.72 3.48
N THR F 112 4.73 -29.50 2.20
CA THR F 112 3.68 -29.53 1.18
C THR F 112 2.95 -30.87 1.17
N TYR F 113 3.70 -31.96 1.07
CA TYR F 113 3.08 -33.28 0.98
C TYR F 113 2.40 -33.67 2.29
N LYS F 114 3.04 -33.36 3.41
CA LYS F 114 2.44 -33.62 4.72
C LYS F 114 1.08 -32.91 4.85
N CYS F 115 1.03 -31.64 4.48
CA CYS F 115 -0.23 -30.89 4.58
C CYS F 115 -1.30 -31.50 3.68
N ALA F 116 -0.91 -31.96 2.50
CA ALA F 116 -1.87 -32.60 1.62
C ALA F 116 -2.38 -33.91 2.21
N VAL F 117 -1.54 -34.63 2.95
CA VAL F 117 -1.94 -35.92 3.50
C VAL F 117 -3.05 -35.75 4.54
N VAL F 118 -2.95 -34.73 5.38
CA VAL F 118 -3.95 -34.50 6.43
C VAL F 118 -4.97 -33.44 6.03
N ASP F 119 -5.04 -33.08 4.75
CA ASP F 119 -6.06 -32.18 4.22
C ASP F 119 -6.02 -30.81 4.92
N VAL F 120 -4.81 -30.32 5.16
CA VAL F 120 -4.61 -29.00 5.75
C VAL F 120 -4.28 -28.03 4.62
N PRO F 121 -5.05 -26.95 4.44
CA PRO F 121 -4.97 -26.13 3.21
C PRO F 121 -3.80 -25.13 3.23
N PHE F 122 -2.57 -25.66 3.35
CA PHE F 122 -1.37 -24.85 3.31
C PHE F 122 -0.40 -25.42 2.28
N GLY F 123 0.33 -24.53 1.61
CA GLY F 123 1.53 -24.93 0.92
C GLY F 123 2.70 -25.05 1.89
N GLY F 124 3.77 -25.70 1.44
CA GLY F 124 4.88 -26.02 2.32
C GLY F 124 5.96 -24.96 2.32
N ALA F 125 6.57 -24.78 3.49
CA ALA F 125 7.69 -23.85 3.65
C ALA F 125 8.53 -24.29 4.85
N LYS F 126 9.74 -23.74 4.92
CA LYS F 126 10.63 -24.03 6.04
C LYS F 126 11.71 -22.96 6.13
N ALA F 127 12.19 -22.73 7.34
CA ALA F 127 13.23 -21.75 7.59
C ALA F 127 14.32 -22.34 8.47
N GLY F 128 15.53 -21.79 8.34
CA GLY F 128 16.65 -22.19 9.16
C GLY F 128 17.60 -21.05 9.42
N VAL F 129 18.10 -20.96 10.66
CA VAL F 129 19.14 -20.01 11.03
C VAL F 129 20.34 -20.80 11.52
N LYS F 130 21.49 -20.55 10.90
CA LYS F 130 22.66 -21.41 11.09
C LYS F 130 23.45 -20.93 12.31
N ILE F 131 22.92 -21.26 13.49
CA ILE F 131 23.57 -21.01 14.77
C ILE F 131 23.31 -22.18 15.70
N ASN F 132 24.18 -22.31 16.71
CA ASN F 132 23.90 -23.21 17.82
C ASN F 132 23.35 -22.37 18.96
N PRO F 133 22.07 -22.51 19.32
CA PRO F 133 21.50 -21.61 20.35
C PRO F 133 22.14 -21.74 21.71
N LYS F 134 22.83 -22.85 22.00
CA LYS F 134 23.46 -23.01 23.31
C LYS F 134 24.71 -22.16 23.47
N ASN F 135 25.16 -21.47 22.41
CA ASN F 135 26.29 -20.56 22.49
C ASN F 135 25.87 -19.10 22.55
N TYR F 136 24.60 -18.80 22.82
CA TYR F 136 24.11 -17.43 22.79
C TYR F 136 23.30 -17.14 24.04
N THR F 137 23.39 -15.89 24.52
CA THR F 137 22.55 -15.49 25.63
C THR F 137 21.10 -15.34 25.14
N ASP F 138 20.18 -15.31 26.10
CA ASP F 138 18.79 -15.05 25.76
C ASP F 138 18.64 -13.72 25.04
N ASN F 139 19.38 -12.71 25.47
CA ASN F 139 19.30 -11.40 24.83
C ASN F 139 19.76 -11.48 23.38
N GLU F 140 20.80 -12.27 23.10
CA GLU F 140 21.27 -12.42 21.73
C GLU F 140 20.27 -13.18 20.88
N LEU F 141 19.66 -14.22 21.43
CA LEU F 141 18.68 -14.99 20.67
C LEU F 141 17.46 -14.14 20.34
N GLU F 142 17.06 -13.23 21.22
CA GLU F 142 15.97 -12.32 20.92
C GLU F 142 16.35 -11.37 19.78
N LYS F 143 17.57 -10.83 19.81
CA LYS F 143 18.02 -9.95 18.73
C LYS F 143 18.01 -10.68 17.40
N ILE F 144 18.54 -11.90 17.38
CA ILE F 144 18.61 -12.66 16.14
C ILE F 144 17.22 -12.96 15.60
N THR F 145 16.31 -13.35 16.49
CA THR F 145 14.95 -13.71 16.06
C THR F 145 14.20 -12.49 15.52
N ARG F 146 14.26 -11.37 16.24
CA ARG F 146 13.54 -10.18 15.82
C ARG F 146 14.09 -9.64 14.50
N ARG F 147 15.41 -9.65 14.33
CA ARG F 147 16.00 -9.16 13.10
C ARG F 147 15.69 -10.09 11.92
N PHE F 148 15.78 -11.40 12.15
CA PHE F 148 15.40 -12.38 11.13
C PHE F 148 13.97 -12.14 10.66
N THR F 149 13.07 -11.83 11.59
CA THR F 149 11.68 -11.58 11.24
C THR F 149 11.55 -10.39 10.30
N MET F 150 12.26 -9.30 10.59
CA MET F 150 12.12 -8.13 9.71
C MET F 150 12.76 -8.36 8.34
N GLU F 151 13.87 -9.10 8.27
CA GLU F 151 14.46 -9.39 6.97
C GLU F 151 13.54 -10.27 6.12
N LEU F 152 12.86 -11.23 6.75
CA LEU F 152 11.88 -12.02 6.02
C LEU F 152 10.68 -11.17 5.61
N ALA F 153 10.20 -10.31 6.51
CA ALA F 153 9.01 -9.51 6.22
C ALA F 153 9.25 -8.54 5.07
N LYS F 154 10.45 -7.95 5.01
CA LYS F 154 10.74 -6.98 3.97
C LYS F 154 10.62 -7.58 2.56
N LYS F 155 10.84 -8.88 2.43
CA LYS F 155 10.87 -9.53 1.12
C LYS F 155 9.69 -10.46 0.89
N GLY F 156 8.67 -10.40 1.76
CA GLY F 156 7.47 -11.20 1.55
C GLY F 156 7.61 -12.66 1.91
N PHE F 157 8.40 -12.99 2.93
CA PHE F 157 8.57 -14.37 3.36
C PHE F 157 8.02 -14.63 4.75
N ILE F 158 7.22 -13.71 5.27
CA ILE F 158 6.37 -13.96 6.44
C ILE F 158 5.18 -13.02 6.38
N GLY F 159 4.03 -13.53 6.78
CA GLY F 159 2.80 -12.76 6.76
C GLY F 159 1.61 -13.68 6.83
N PRO F 160 0.51 -13.21 7.43
CA PRO F 160 -0.66 -14.07 7.61
C PRO F 160 -1.20 -14.62 6.31
N GLY F 161 -0.93 -13.96 5.18
CA GLY F 161 -1.46 -14.40 3.90
C GLY F 161 -0.45 -14.99 2.93
N VAL F 162 0.84 -15.08 3.28
CA VAL F 162 1.83 -15.71 2.41
C VAL F 162 2.53 -16.87 3.11
N ASP F 163 2.91 -16.70 4.37
CA ASP F 163 3.88 -17.63 4.96
C ASP F 163 3.84 -17.48 6.47
N VAL F 164 3.47 -18.56 7.15
CA VAL F 164 3.21 -18.55 8.58
C VAL F 164 4.15 -19.54 9.24
N PRO F 165 5.23 -19.04 9.87
CA PRO F 165 6.18 -19.96 10.52
C PRO F 165 5.65 -20.61 11.78
N ALA F 166 6.53 -21.34 12.47
CA ALA F 166 6.19 -22.18 13.60
C ALA F 166 7.48 -22.74 14.20
N PRO F 167 7.44 -23.38 15.38
CA PRO F 167 8.68 -23.92 15.97
C PRO F 167 9.15 -25.20 15.29
N ASP F 168 10.45 -25.46 15.46
CA ASP F 168 11.09 -26.69 15.04
C ASP F 168 12.25 -26.98 16.00
N MET F 169 13.35 -27.53 15.51
CA MET F 169 14.48 -27.86 16.38
C MET F 169 15.07 -26.60 16.98
N SER F 170 15.10 -26.54 18.33
CA SER F 170 15.74 -25.49 19.11
C SER F 170 14.99 -24.17 19.08
N THR F 171 13.73 -24.18 18.67
CA THR F 171 12.85 -23.02 18.84
C THR F 171 11.53 -23.49 19.44
N GLY F 172 10.88 -22.59 20.17
CA GLY F 172 9.58 -22.89 20.74
C GLY F 172 8.75 -21.63 20.96
N GLU F 173 7.73 -21.74 21.82
CA GLU F 173 6.93 -20.61 22.31
C GLU F 173 7.67 -19.30 22.36
N ARG F 174 8.88 -19.32 22.93
CA ARG F 174 9.57 -18.09 23.23
C ARG F 174 9.94 -17.35 21.94
N GLU F 175 10.56 -18.06 20.99
CA GLU F 175 10.91 -17.45 19.71
C GLU F 175 9.66 -17.01 18.94
N MET F 176 8.63 -17.85 18.94
CA MET F 176 7.40 -17.49 18.24
C MET F 176 6.79 -16.22 18.81
N SER F 177 6.85 -16.04 20.14
CA SER F 177 6.39 -14.80 20.74
C SER F 177 7.17 -13.61 20.23
N TRP F 178 8.49 -13.75 20.12
CA TRP F 178 9.30 -12.66 19.57
C TRP F 178 8.91 -12.36 18.12
N ILE F 179 8.75 -13.40 17.30
CA ILE F 179 8.38 -13.20 15.90
C ILE F 179 7.07 -12.44 15.79
N ALA F 180 6.04 -12.92 16.50
CA ALA F 180 4.72 -12.30 16.41
C ALA F 180 4.75 -10.85 16.88
N ASP F 181 5.56 -10.56 17.91
CA ASP F 181 5.56 -9.21 18.47
C ASP F 181 6.20 -8.20 17.51
N THR F 182 7.33 -8.55 16.88
CA THR F 182 7.92 -7.57 15.98
C THR F 182 7.17 -7.48 14.66
N TYR F 183 6.53 -8.56 14.22
CA TYR F 183 5.70 -8.43 13.03
C TYR F 183 4.52 -7.50 13.28
N ALA F 184 3.80 -7.73 14.39
CA ALA F 184 2.58 -6.97 14.66
C ALA F 184 2.89 -5.51 15.00
N SER F 185 4.07 -5.24 15.55
CA SER F 185 4.43 -3.87 15.94
C SER F 185 4.99 -3.05 14.80
N THR F 186 5.32 -3.66 13.65
CA THR F 186 5.90 -2.90 12.56
C THR F 186 5.03 -3.08 11.35
N ILE F 187 5.37 -3.97 10.44
CA ILE F 187 4.70 -4.09 9.17
C ILE F 187 3.23 -4.47 9.33
N GLY F 188 2.88 -5.19 10.39
CA GLY F 188 1.49 -5.62 10.55
C GLY F 188 0.62 -4.73 11.43
N HIS F 189 1.06 -3.48 11.67
CA HIS F 189 0.39 -2.62 12.64
C HIS F 189 -1.05 -2.31 12.25
N TYR F 190 -1.37 -2.35 10.96
CA TYR F 190 -2.72 -2.05 10.49
C TYR F 190 -3.48 -3.29 10.04
N ASP F 191 -2.87 -4.47 10.13
CA ASP F 191 -3.45 -5.71 9.65
C ASP F 191 -4.28 -6.34 10.76
N ILE F 192 -5.57 -6.55 10.48
CA ILE F 192 -6.47 -7.15 11.46
C ILE F 192 -6.03 -8.56 11.84
N ASN F 193 -5.24 -9.22 11.00
CA ASN F 193 -4.81 -10.59 11.24
C ASN F 193 -3.32 -10.69 11.57
N ALA F 194 -2.73 -9.62 12.10
CA ALA F 194 -1.29 -9.56 12.26
C ALA F 194 -0.76 -10.70 13.14
N HIS F 195 -1.50 -11.07 14.18
CA HIS F 195 -1.02 -12.10 15.10
CA HIS F 195 -1.05 -12.10 15.11
C HIS F 195 -1.24 -13.51 14.58
N ALA F 196 -1.79 -13.67 13.38
CA ALA F 196 -1.82 -14.96 12.69
C ALA F 196 -0.61 -15.15 11.80
N CYS F 197 0.40 -14.28 11.92
CA CYS F 197 1.60 -14.38 11.11
C CYS F 197 2.49 -15.56 11.50
N VAL F 198 2.25 -16.17 12.67
CA VAL F 198 3.08 -17.25 13.16
C VAL F 198 2.21 -18.08 14.10
N THR F 199 2.51 -19.37 14.20
CA THR F 199 1.82 -20.24 15.15
C THR F 199 2.81 -20.83 16.15
N GLY F 200 2.29 -21.59 17.10
CA GLY F 200 3.08 -22.01 18.24
C GLY F 200 3.32 -20.90 19.25
N LYS F 201 2.47 -19.87 19.25
CA LYS F 201 2.60 -18.77 20.18
C LYS F 201 2.23 -19.23 21.59
N PRO F 202 2.67 -18.52 22.62
CA PRO F 202 2.14 -18.76 23.96
C PRO F 202 0.66 -18.43 23.99
N ILE F 203 -0.06 -19.03 24.96
CA ILE F 203 -1.50 -18.82 25.05
C ILE F 203 -1.82 -17.34 25.22
N SER F 204 -1.05 -16.64 26.05
CA SER F 204 -1.31 -15.23 26.31
C SER F 204 -1.20 -14.35 25.08
N GLN F 205 -0.66 -14.86 23.97
CA GLN F 205 -0.39 -14.07 22.78
C GLN F 205 -1.10 -14.64 21.56
N GLY F 206 -2.14 -15.43 21.76
CA GLY F 206 -2.88 -16.02 20.67
C GLY F 206 -2.60 -17.48 20.40
N GLY F 207 -1.78 -18.13 21.22
CA GLY F 207 -1.56 -19.55 21.06
C GLY F 207 -2.81 -20.34 21.38
N ILE F 208 -2.74 -21.63 21.08
CA ILE F 208 -3.88 -22.51 21.26
C ILE F 208 -3.51 -23.61 22.24
N HIS F 209 -4.52 -24.08 22.97
CA HIS F 209 -4.34 -25.16 23.93
C HIS F 209 -3.71 -26.37 23.26
N GLY F 210 -2.60 -26.84 23.83
CA GLY F 210 -2.01 -28.10 23.45
C GLY F 210 -1.10 -28.07 22.24
N ARG F 211 -0.68 -26.90 21.77
CA ARG F 211 0.16 -26.87 20.58
C ARG F 211 1.54 -27.47 20.86
N ILE F 212 2.10 -27.23 22.06
CA ILE F 212 3.43 -27.74 22.37
C ILE F 212 3.43 -29.26 22.30
N SER F 213 2.40 -29.90 22.84
CA SER F 213 2.33 -31.35 22.88
C SER F 213 1.59 -31.95 21.68
N ALA F 214 1.15 -31.11 20.74
CA ALA F 214 0.26 -31.56 19.68
C ALA F 214 0.91 -32.63 18.81
N THR F 215 2.17 -32.43 18.43
CA THR F 215 2.79 -33.39 17.52
C THR F 215 3.10 -34.70 18.22
N GLY F 216 3.40 -34.66 19.52
CA GLY F 216 3.45 -35.89 20.29
C GLY F 216 2.09 -36.58 20.38
N ARG F 217 1.04 -35.80 20.62
CA ARG F 217 -0.31 -36.38 20.69
C ARG F 217 -0.68 -37.03 19.37
N GLY F 218 -0.27 -36.43 18.25
CA GLY F 218 -0.56 -37.02 16.96
C GLY F 218 0.26 -38.28 16.68
N VAL F 219 1.49 -38.34 17.20
CA VAL F 219 2.29 -39.55 17.08
C VAL F 219 1.58 -40.72 17.75
N PHE F 220 1.00 -40.48 18.93
CA PHE F 220 0.22 -41.52 19.59
C PHE F 220 -0.95 -41.96 18.73
N HIS F 221 -1.74 -41.01 18.23
CA HIS F 221 -2.91 -41.36 17.43
C HIS F 221 -2.53 -42.10 16.16
N GLY F 222 -1.40 -41.73 15.55
CA GLY F 222 -0.97 -42.40 14.34
C GLY F 222 -0.58 -43.84 14.59
N ILE F 223 0.22 -44.07 15.64
CA ILE F 223 0.56 -45.43 16.04
C ILE F 223 -0.71 -46.22 16.37
N GLU F 224 -1.60 -45.62 17.16
CA GLU F 224 -2.77 -46.35 17.62
C GLU F 224 -3.62 -46.84 16.46
N ASN F 225 -3.78 -46.02 15.42
CA ASN F 225 -4.60 -46.45 14.30
C ASN F 225 -4.04 -47.68 13.60
N PHE F 226 -2.72 -47.83 13.59
CA PHE F 226 -2.11 -48.98 12.95
C PHE F 226 -1.86 -50.14 13.90
N ILE F 227 -1.50 -49.84 15.15
CA ILE F 227 -1.29 -50.89 16.14
C ILE F 227 -2.59 -51.62 16.51
N ASN F 228 -3.74 -51.10 16.10
CA ASN F 228 -5.04 -51.72 16.34
C ASN F 228 -5.66 -52.32 15.10
N GLU F 229 -4.93 -52.33 13.97
CA GLU F 229 -5.38 -53.07 12.79
C GLU F 229 -4.77 -54.44 12.76
N ALA F 230 -5.60 -55.46 12.96
CA ALA F 230 -5.10 -56.83 13.08
C ALA F 230 -4.41 -57.29 11.80
N SER F 231 -4.86 -56.79 10.65
CA SER F 231 -4.24 -57.19 9.38
C SER F 231 -2.76 -56.79 9.32
N TYR F 232 -2.43 -55.59 9.80
CA TYR F 232 -1.02 -55.17 9.82
C TYR F 232 -0.25 -55.83 10.95
N MET F 233 -0.90 -56.10 12.08
CA MET F 233 -0.20 -56.73 13.20
C MET F 233 0.04 -58.22 12.95
N SER F 234 -0.76 -58.84 12.09
CA SER F 234 -0.48 -60.21 11.66
C SER F 234 0.85 -60.29 10.93
N ILE F 235 1.01 -59.48 9.88
CA ILE F 235 2.20 -59.46 9.06
C ILE F 235 3.44 -59.21 9.93
N LEU F 236 3.26 -58.51 11.03
CA LEU F 236 4.34 -58.23 11.99
C LEU F 236 4.52 -59.35 13.00
N GLY F 237 3.56 -60.26 13.13
CA GLY F 237 3.59 -61.18 14.23
C GLY F 237 3.61 -60.45 15.57
N MET F 238 2.62 -59.58 15.83
CA MET F 238 2.44 -58.98 17.15
C MET F 238 0.96 -58.95 17.49
N THR F 239 0.65 -58.54 18.74
CA THR F 239 -0.70 -58.62 19.25
C THR F 239 -1.25 -57.20 19.24
N PRO F 240 -2.46 -56.97 18.77
CA PRO F 240 -3.01 -55.62 18.77
C PRO F 240 -3.04 -54.99 20.15
N GLY F 241 -2.98 -53.66 20.21
CA GLY F 241 -3.08 -52.92 21.45
C GLY F 241 -1.74 -52.41 21.94
N PHE F 242 -1.81 -51.56 22.96
CA PHE F 242 -0.63 -50.98 23.59
C PHE F 242 -0.21 -51.68 24.87
N GLY F 243 -1.15 -52.27 25.60
CA GLY F 243 -0.95 -52.70 26.96
C GLY F 243 0.29 -53.56 27.23
N ASP F 244 0.90 -54.10 26.19
CA ASP F 244 1.97 -55.08 26.39
C ASP F 244 3.26 -54.69 25.67
N LYS F 245 3.40 -53.46 25.21
CA LYS F 245 4.47 -53.15 24.28
C LYS F 245 5.52 -52.22 24.87
N THR F 246 6.70 -52.31 24.28
CA THR F 246 7.86 -51.51 24.63
C THR F 246 8.23 -50.57 23.48
N PHE F 247 8.84 -49.44 23.84
CA PHE F 247 9.30 -48.52 22.82
C PHE F 247 10.53 -47.76 23.33
N ALA F 248 11.32 -47.27 22.37
CA ALA F 248 12.48 -46.44 22.64
C ALA F 248 12.37 -45.16 21.83
N VAL F 249 12.96 -44.08 22.36
CA VAL F 249 12.70 -42.77 21.79
C VAL F 249 14.05 -42.12 21.59
N GLN F 250 14.37 -41.76 20.36
CA GLN F 250 15.59 -41.04 20.08
C GLN F 250 15.28 -39.55 20.03
N GLY F 251 15.76 -38.79 21.01
CA GLY F 251 15.44 -37.38 21.09
C GLY F 251 14.39 -37.10 22.15
N PHE F 252 14.75 -36.30 23.15
CA PHE F 252 13.87 -35.99 24.26
C PHE F 252 13.46 -34.52 24.24
N GLY F 253 13.12 -34.01 23.06
CA GLY F 253 12.65 -32.67 22.89
C GLY F 253 11.14 -32.58 22.91
N ASN F 254 10.60 -31.62 22.16
CA ASN F 254 9.16 -31.39 22.17
C ASN F 254 8.40 -32.58 21.57
N VAL F 255 8.95 -33.20 20.53
CA VAL F 255 8.29 -34.36 19.94
C VAL F 255 8.52 -35.60 20.77
N GLY F 256 9.77 -35.83 21.19
CA GLY F 256 10.09 -37.07 21.89
C GLY F 256 9.42 -37.18 23.25
N LEU F 257 9.50 -36.11 24.05
CA LEU F 257 8.95 -36.14 25.41
C LEU F 257 7.45 -36.43 25.39
N HIS F 258 6.71 -35.74 24.52
CA HIS F 258 5.26 -35.87 24.56
C HIS F 258 4.77 -37.14 23.92
N SER F 259 5.47 -37.65 22.92
CA SER F 259 5.21 -39.01 22.44
C SER F 259 5.33 -40.01 23.59
N MET F 260 6.36 -39.84 24.42
CA MET F 260 6.55 -40.72 25.56
C MET F 260 5.41 -40.60 26.56
N ARG F 261 4.98 -39.36 26.84
CA ARG F 261 3.93 -39.15 27.83
C ARG F 261 2.64 -39.88 27.44
N TYR F 262 2.24 -39.74 26.17
CA TYR F 262 0.95 -40.30 25.76
C TYR F 262 1.01 -41.81 25.60
N LEU F 263 2.12 -42.34 25.08
CA LEU F 263 2.27 -43.79 25.00
C LEU F 263 2.31 -44.42 26.38
N HIS F 264 3.07 -43.81 27.30
CA HIS F 264 3.08 -44.29 28.68
C HIS F 264 1.69 -44.27 29.28
N ARG F 265 0.90 -43.26 28.95
CA ARG F 265 -0.43 -43.11 29.55
C ARG F 265 -1.36 -44.26 29.17
N PHE F 266 -1.16 -44.85 27.99
CA PHE F 266 -2.04 -45.92 27.54
C PHE F 266 -1.38 -47.30 27.62
N GLY F 267 -0.39 -47.46 28.50
CA GLY F 267 0.09 -48.78 28.85
C GLY F 267 1.35 -49.27 28.16
N ALA F 268 1.93 -48.47 27.28
CA ALA F 268 3.22 -48.86 26.74
C ALA F 268 4.32 -48.54 27.74
N LYS F 269 5.47 -49.18 27.56
CA LYS F 269 6.59 -49.06 28.49
C LYS F 269 7.79 -48.51 27.73
N CYS F 270 8.34 -47.40 28.21
CA CYS F 270 9.52 -46.80 27.59
C CYS F 270 10.77 -47.46 28.19
N VAL F 271 11.53 -48.19 27.36
CA VAL F 271 12.77 -48.84 27.78
C VAL F 271 14.01 -47.95 27.63
N ALA F 272 14.05 -47.09 26.64
CA ALA F 272 15.32 -46.43 26.31
C ALA F 272 14.99 -45.03 25.81
N VAL F 273 15.81 -44.08 26.20
CA VAL F 273 15.73 -42.69 25.78
C VAL F 273 17.13 -42.24 25.38
N GLY F 274 17.30 -41.86 24.13
CA GLY F 274 18.57 -41.42 23.59
C GLY F 274 18.56 -39.94 23.31
N GLU F 275 19.76 -39.35 23.33
CA GLU F 275 19.85 -37.91 23.32
C GLU F 275 21.24 -37.53 22.81
N SER F 276 21.49 -36.23 22.64
CA SER F 276 22.68 -35.80 21.90
C SER F 276 23.99 -36.19 22.58
N ASP F 277 23.95 -36.53 23.87
CA ASP F 277 25.15 -36.78 24.64
C ASP F 277 25.26 -38.24 25.05
N GLY F 278 24.17 -38.98 25.01
CA GLY F 278 24.17 -40.39 25.34
C GLY F 278 22.75 -40.89 25.51
N SER F 279 22.66 -42.16 25.87
CA SER F 279 21.38 -42.82 26.07
C SER F 279 21.27 -43.39 27.49
N ILE F 280 20.04 -43.71 27.88
CA ILE F 280 19.75 -44.39 29.14
C ILE F 280 18.78 -45.51 28.86
N TRP F 281 18.80 -46.53 29.72
CA TRP F 281 18.10 -47.77 29.44
C TRP F 281 17.65 -48.42 30.74
N ASN F 282 16.48 -49.07 30.67
CA ASN F 282 15.84 -49.74 31.78
C ASN F 282 14.71 -50.62 31.25
N PRO F 283 14.88 -51.95 31.23
CA PRO F 283 13.85 -52.82 30.67
C PRO F 283 12.58 -52.87 31.51
N ASP F 284 12.60 -52.30 32.72
CA ASP F 284 11.42 -52.22 33.55
C ASP F 284 10.56 -51.00 33.28
N GLY F 285 11.08 -50.03 32.53
CA GLY F 285 10.31 -48.85 32.19
C GLY F 285 10.88 -47.58 32.77
N ILE F 286 10.78 -46.49 31.99
CA ILE F 286 11.16 -45.16 32.42
C ILE F 286 9.92 -44.30 32.54
N ASP F 287 9.83 -43.52 33.60
CA ASP F 287 8.62 -42.74 33.76
C ASP F 287 8.86 -41.35 33.23
N PRO F 288 8.01 -40.86 32.33
CA PRO F 288 8.28 -39.57 31.65
C PRO F 288 8.29 -38.37 32.57
N LYS F 289 7.49 -38.38 33.64
CA LYS F 289 7.47 -37.22 34.53
C LYS F 289 8.76 -37.12 35.34
N GLU F 290 9.27 -38.24 35.83
CA GLU F 290 10.55 -38.23 36.54
C GLU F 290 11.69 -37.84 35.63
N LEU F 291 11.68 -38.36 34.40
CA LEU F 291 12.75 -38.06 33.46
C LEU F 291 12.76 -36.59 33.08
N GLU F 292 11.58 -36.03 32.78
CA GLU F 292 11.52 -34.61 32.44
C GLU F 292 11.94 -33.75 33.63
N ASP F 293 11.49 -34.11 34.84
CA ASP F 293 11.86 -33.35 36.02
C ASP F 293 13.37 -33.41 36.24
N PHE F 294 13.98 -34.57 36.02
CA PHE F 294 15.44 -34.67 36.10
C PHE F 294 16.11 -33.82 35.02
N LYS F 295 15.58 -33.89 33.79
CA LYS F 295 16.17 -33.15 32.69
C LYS F 295 16.06 -31.64 32.90
N LEU F 296 14.91 -31.17 33.42
CA LEU F 296 14.79 -29.75 33.73
C LEU F 296 15.78 -29.33 34.79
N GLN F 297 16.08 -30.23 35.75
CA GLN F 297 16.98 -29.91 36.84
C GLN F 297 18.44 -29.85 36.43
N HIS F 298 18.89 -30.83 35.65
CA HIS F 298 20.31 -31.00 35.38
C HIS F 298 20.70 -30.69 33.95
N GLY F 299 19.75 -30.35 33.09
CA GLY F 299 20.07 -30.06 31.70
C GLY F 299 20.56 -31.24 30.90
N THR F 300 20.38 -32.45 31.41
CA THR F 300 20.84 -33.64 30.69
C THR F 300 20.03 -34.83 31.14
N ILE F 301 20.13 -35.90 30.35
CA ILE F 301 19.49 -37.18 30.64
C ILE F 301 20.41 -38.09 31.42
N LEU F 302 21.71 -37.97 31.22
CA LEU F 302 22.69 -38.84 31.82
C LEU F 302 22.67 -38.71 33.33
N GLY F 303 22.90 -39.83 34.00
CA GLY F 303 22.87 -39.84 35.43
C GLY F 303 21.49 -39.94 36.03
N PHE F 304 20.47 -40.19 35.22
CA PHE F 304 19.12 -40.39 35.73
C PHE F 304 19.12 -41.53 36.72
N PRO F 305 18.69 -41.33 37.97
CA PRO F 305 18.88 -42.37 39.00
C PRO F 305 18.25 -43.70 38.67
N LYS F 306 17.07 -43.71 38.03
CA LYS F 306 16.35 -44.95 37.76
C LYS F 306 16.56 -45.55 36.40
N ALA F 307 17.75 -45.43 35.84
CA ALA F 307 18.08 -46.18 34.64
C ALA F 307 19.60 -46.23 34.55
N LYS F 308 20.08 -47.05 33.61
CA LYS F 308 21.49 -47.28 33.32
C LYS F 308 21.97 -46.42 32.17
N ILE F 309 23.22 -45.98 32.25
CA ILE F 309 23.81 -45.28 31.12
C ILE F 309 24.15 -46.32 30.07
N TYR F 310 23.37 -46.31 28.99
CA TYR F 310 23.46 -47.34 27.96
C TYR F 310 24.42 -46.91 26.85
N GLU F 311 25.30 -47.82 26.46
CA GLU F 311 26.29 -47.60 25.45
C GLU F 311 25.92 -48.40 24.21
N GLY F 312 26.23 -47.84 23.03
CA GLY F 312 25.71 -48.39 21.79
C GLY F 312 24.42 -47.71 21.39
N SER F 313 24.10 -47.85 20.10
CA SER F 313 23.11 -46.99 19.46
C SER F 313 21.71 -47.17 20.06
N ILE F 314 21.07 -46.05 20.40
CA ILE F 314 19.66 -46.05 20.80
C ILE F 314 18.79 -46.69 19.74
N LEU F 315 19.18 -46.53 18.47
CA LEU F 315 18.36 -47.04 17.38
C LEU F 315 18.36 -48.57 17.33
N GLU F 316 19.30 -49.20 18.02
CA GLU F 316 19.43 -50.65 17.97
C GLU F 316 18.93 -51.31 19.24
N VAL F 317 18.41 -50.50 20.18
CA VAL F 317 17.90 -51.07 21.41
C VAL F 317 16.79 -52.02 21.05
N ASP F 318 16.59 -53.00 21.91
CA ASP F 318 15.59 -54.05 21.72
C ASP F 318 14.25 -53.53 22.24
N CYS F 319 13.24 -53.52 21.37
CA CYS F 319 11.93 -52.96 21.71
C CYS F 319 10.96 -53.31 20.59
N ASP F 320 9.68 -52.98 20.81
CA ASP F 320 8.70 -53.19 19.75
C ASP F 320 8.63 -52.00 18.80
N ILE F 321 8.68 -50.78 19.35
CA ILE F 321 8.45 -49.56 18.59
C ILE F 321 9.64 -48.63 18.77
N LEU F 322 10.26 -48.24 17.66
CA LEU F 322 11.34 -47.27 17.68
C LEU F 322 10.81 -45.93 17.19
N ILE F 323 10.98 -44.89 18.01
CA ILE F 323 10.52 -43.55 17.66
C ILE F 323 11.72 -42.62 17.47
N PRO F 324 12.25 -42.50 16.25
CA PRO F 324 13.26 -41.47 15.98
C PRO F 324 12.62 -40.09 16.00
N ALA F 325 13.02 -39.27 16.97
CA ALA F 325 12.45 -37.95 17.17
C ALA F 325 13.52 -36.88 17.31
N ALA F 326 14.63 -37.03 16.57
CA ALA F 326 15.72 -36.06 16.62
C ALA F 326 15.87 -35.50 15.22
N SER F 327 17.05 -35.60 14.63
CA SER F 327 17.25 -35.02 13.32
C SER F 327 17.04 -36.08 12.23
N GLU F 328 17.50 -35.82 11.02
CA GLU F 328 17.17 -36.65 9.87
C GLU F 328 18.32 -37.57 9.51
N LYS F 329 18.00 -38.57 8.68
CA LYS F 329 18.96 -39.54 8.16
C LYS F 329 19.73 -40.22 9.29
N GLN F 330 18.97 -40.81 10.22
CA GLN F 330 19.51 -41.59 11.33
C GLN F 330 19.51 -43.09 11.07
N LEU F 331 18.58 -43.59 10.27
CA LEU F 331 18.52 -44.98 9.86
C LEU F 331 19.02 -45.07 8.42
N THR F 332 20.10 -45.82 8.21
CA THR F 332 20.82 -45.86 6.95
C THR F 332 21.01 -47.30 6.52
N LYS F 333 21.67 -47.48 5.37
CA LYS F 333 22.12 -48.79 4.93
C LYS F 333 22.83 -49.54 6.06
N SER F 334 23.70 -48.82 6.77
CA SER F 334 24.58 -49.40 7.78
C SER F 334 23.79 -50.07 8.91
N ASN F 335 23.07 -49.30 9.70
CA ASN F 335 22.47 -49.86 10.91
C ASN F 335 21.06 -50.39 10.72
N ALA F 336 20.46 -50.23 9.54
CA ALA F 336 19.14 -50.81 9.31
C ALA F 336 19.06 -52.31 9.58
N PRO F 337 20.07 -53.13 9.25
CA PRO F 337 19.95 -54.57 9.55
C PRO F 337 19.96 -54.92 11.03
N ARG F 338 20.24 -53.99 11.94
CA ARG F 338 20.38 -54.30 13.36
C ARG F 338 19.31 -53.63 14.23
N VAL F 339 18.15 -53.36 13.65
CA VAL F 339 17.22 -52.42 14.28
C VAL F 339 16.45 -53.03 15.46
N LYS F 340 16.09 -54.31 15.41
CA LYS F 340 15.47 -55.03 16.52
C LYS F 340 14.04 -54.60 16.85
N ALA F 341 13.49 -53.59 16.19
CA ALA F 341 12.11 -53.21 16.42
C ALA F 341 11.25 -53.60 15.22
N LYS F 342 9.96 -53.78 15.50
CA LYS F 342 8.99 -54.19 14.48
C LYS F 342 8.34 -52.99 13.80
N ILE F 343 8.12 -51.92 14.54
CA ILE F 343 7.46 -50.72 14.06
C ILE F 343 8.40 -49.54 14.24
N ILE F 344 8.63 -48.79 13.17
CA ILE F 344 9.39 -47.55 13.23
C ILE F 344 8.44 -46.41 12.98
N ALA F 345 8.23 -45.59 14.00
CA ALA F 345 7.30 -44.47 13.95
C ALA F 345 8.13 -43.18 13.85
N GLU F 346 8.22 -42.63 12.65
CA GLU F 346 9.01 -41.43 12.40
C GLU F 346 8.31 -40.22 13.00
N GLY F 347 8.74 -39.78 14.16
CA GLY F 347 8.30 -38.51 14.70
C GLY F 347 9.05 -37.36 14.06
N ALA F 348 10.34 -37.60 13.78
CA ALA F 348 11.18 -36.59 13.15
C ALA F 348 10.92 -36.56 11.64
N ASN F 349 11.45 -35.51 11.01
CA ASN F 349 11.32 -35.32 9.57
C ASN F 349 12.49 -36.02 8.87
N GLY F 350 12.18 -36.96 7.98
CA GLY F 350 13.16 -37.67 7.19
C GLY F 350 14.24 -38.43 7.94
N PRO F 351 13.88 -39.23 8.96
CA PRO F 351 14.92 -39.97 9.70
C PRO F 351 15.42 -41.23 9.00
N THR F 352 14.80 -41.65 7.89
CA THR F 352 15.11 -42.92 7.25
C THR F 352 15.51 -42.68 5.80
N THR F 353 16.70 -43.16 5.41
CA THR F 353 17.12 -43.08 4.01
C THR F 353 16.32 -44.08 3.16
N PRO F 354 16.29 -43.86 1.85
CA PRO F 354 15.63 -44.85 0.96
C PRO F 354 16.26 -46.23 1.00
N GLU F 355 17.58 -46.33 1.21
CA GLU F 355 18.20 -47.66 1.32
C GLU F 355 17.73 -48.38 2.56
N ALA F 356 17.63 -47.65 3.67
CA ALA F 356 17.12 -48.25 4.90
C ALA F 356 15.66 -48.66 4.74
N ASP F 357 14.89 -47.92 3.95
CA ASP F 357 13.51 -48.33 3.67
C ASP F 357 13.48 -49.67 2.95
N LYS F 358 14.39 -49.86 1.98
CA LYS F 358 14.46 -51.12 1.25
C LYS F 358 14.74 -52.29 2.18
N ILE F 359 15.65 -52.13 3.14
CA ILE F 359 15.97 -53.19 4.08
C ILE F 359 14.78 -53.49 4.98
N PHE F 360 14.15 -52.42 5.51
CA PHE F 360 13.01 -52.60 6.40
C PHE F 360 11.87 -53.35 5.71
N LEU F 361 11.65 -53.07 4.43
CA LEU F 361 10.63 -53.79 3.67
C LEU F 361 10.94 -55.27 3.62
N GLU F 362 12.20 -55.62 3.32
CA GLU F 362 12.57 -57.03 3.20
C GLU F 362 12.39 -57.77 4.51
N ARG F 363 12.61 -57.10 5.64
CA ARG F 363 12.52 -57.73 6.97
C ARG F 363 11.16 -57.59 7.62
N ASN F 364 10.13 -57.29 6.85
CA ASN F 364 8.80 -56.96 7.33
C ASN F 364 8.83 -56.09 8.58
N ILE F 365 9.46 -54.94 8.46
CA ILE F 365 9.45 -53.89 9.47
C ILE F 365 8.55 -52.79 8.95
N MET F 366 7.58 -52.38 9.77
CA MET F 366 6.62 -51.34 9.36
C MET F 366 7.16 -49.96 9.73
N VAL F 367 7.36 -49.11 8.72
CA VAL F 367 7.76 -47.72 8.92
C VAL F 367 6.52 -46.87 8.73
N ILE F 368 6.01 -46.29 9.82
CA ILE F 368 4.94 -45.31 9.73
C ILE F 368 5.56 -43.97 9.39
N PRO F 369 5.26 -43.41 8.22
CA PRO F 369 6.11 -42.35 7.66
C PRO F 369 5.83 -40.97 8.23
N ASP F 370 6.83 -40.10 8.09
CA ASP F 370 6.77 -38.76 8.68
C ASP F 370 5.62 -37.94 8.09
N LEU F 371 5.48 -37.96 6.77
CA LEU F 371 4.37 -37.35 6.04
C LEU F 371 3.04 -37.41 6.79
N TYR F 372 2.78 -38.56 7.41
CA TYR F 372 1.54 -38.78 8.12
C TYR F 372 1.69 -38.61 9.63
N LEU F 373 2.73 -39.20 10.21
CA LEU F 373 2.75 -39.44 11.65
C LEU F 373 3.01 -38.17 12.46
N ASN F 374 3.87 -37.27 11.99
CA ASN F 374 4.16 -36.07 12.75
C ASN F 374 3.31 -34.88 12.32
N ALA F 375 2.28 -35.11 11.53
CA ALA F 375 1.45 -34.02 11.01
C ALA F 375 0.47 -33.46 12.04
N GLY F 376 0.51 -33.95 13.28
CA GLY F 376 -0.32 -33.35 14.31
C GLY F 376 0.14 -31.96 14.69
N GLY F 377 1.43 -31.67 14.54
CA GLY F 377 1.91 -30.32 14.78
C GLY F 377 1.28 -29.31 13.83
N VAL F 378 1.32 -29.59 12.53
CA VAL F 378 0.78 -28.64 11.57
C VAL F 378 -0.74 -28.62 11.63
N THR F 379 -1.37 -29.72 12.05
CA THR F 379 -2.83 -29.72 12.18
C THR F 379 -3.29 -28.79 13.29
N VAL F 380 -2.58 -28.77 14.41
CA VAL F 380 -3.00 -27.90 15.50
C VAL F 380 -2.50 -26.47 15.28
N SER F 381 -1.39 -26.30 14.56
CA SER F 381 -1.04 -24.96 14.08
C SER F 381 -2.15 -24.38 13.22
N TYR F 382 -2.74 -25.22 12.36
CA TYR F 382 -3.87 -24.79 11.55
C TYR F 382 -5.04 -24.34 12.42
N PHE F 383 -5.31 -25.08 13.50
CA PHE F 383 -6.37 -24.65 14.43
C PHE F 383 -6.02 -23.32 15.07
N GLU F 384 -4.75 -23.12 15.45
CA GLU F 384 -4.33 -21.85 16.04
C GLU F 384 -4.54 -20.70 15.07
N TRP F 385 -4.15 -20.90 13.81
CA TRP F 385 -4.31 -19.88 12.78
C TRP F 385 -5.78 -19.51 12.62
N LEU F 386 -6.67 -20.50 12.59
CA LEU F 386 -8.10 -20.22 12.48
C LEU F 386 -8.62 -19.49 13.71
N LYS F 387 -8.14 -19.87 14.89
CA LYS F 387 -8.52 -19.16 16.10
C LYS F 387 -8.15 -17.69 15.98
N ASN F 388 -6.97 -17.40 15.44
CA ASN F 388 -6.54 -16.00 15.29
C ASN F 388 -7.42 -15.26 14.29
N LEU F 389 -7.76 -15.90 13.17
CA LEU F 389 -8.60 -15.25 12.17
C LEU F 389 -10.00 -14.97 12.70
N ASN F 390 -10.50 -15.79 13.64
CA ASN F 390 -11.88 -15.68 14.08
C ASN F 390 -12.08 -14.69 15.24
N HIS F 391 -11.03 -14.42 16.02
CA HIS F 391 -11.02 -13.38 17.04
C HIS F 391 -11.99 -13.65 18.19
N VAL F 392 -12.39 -14.90 18.37
CA VAL F 392 -13.08 -15.35 19.58
C VAL F 392 -12.46 -16.67 20.03
N SER F 393 -12.51 -16.90 21.34
CA SER F 393 -12.26 -18.23 21.87
C SER F 393 -13.46 -19.12 21.59
N TYR F 394 -13.19 -20.37 21.23
CA TYR F 394 -14.25 -21.28 20.84
C TYR F 394 -15.28 -21.43 21.94
N GLY F 395 -16.55 -21.30 21.58
CA GLY F 395 -17.66 -21.54 22.48
C GLY F 395 -18.11 -20.36 23.30
N ARG F 396 -17.32 -19.28 23.36
CA ARG F 396 -17.62 -18.18 24.26
C ARG F 396 -18.95 -17.52 23.96
N LEU F 397 -19.36 -17.49 22.69
CA LEU F 397 -20.64 -16.89 22.33
C LEU F 397 -21.83 -17.81 22.63
N THR F 398 -21.59 -19.11 22.81
CA THR F 398 -22.67 -20.09 22.78
C THR F 398 -22.79 -20.95 24.02
N PHE F 399 -21.85 -20.88 24.97
CA PHE F 399 -21.89 -21.75 26.13
C PHE F 399 -23.23 -21.70 26.83
N LYS F 400 -23.69 -20.50 27.20
CA LYS F 400 -24.94 -20.37 27.94
C LYS F 400 -26.14 -20.80 27.10
N TYR F 401 -26.22 -20.31 25.85
CA TYR F 401 -27.34 -20.69 24.99
C TYR F 401 -27.43 -22.21 24.84
N GLU F 402 -26.30 -22.86 24.58
CA GLU F 402 -26.31 -24.31 24.34
C GLU F 402 -26.65 -25.08 25.60
N ARG F 403 -26.13 -24.64 26.74
CA ARG F 403 -26.51 -25.26 28.01
C ARG F 403 -28.01 -25.21 28.21
N ASP F 404 -28.59 -24.00 28.12
CA ASP F 404 -30.03 -23.85 28.27
C ASP F 404 -30.79 -24.68 27.24
N SER F 405 -30.30 -24.72 26.00
CA SER F 405 -30.98 -25.48 24.97
C SER F 405 -31.04 -26.97 25.30
N ASN F 406 -29.94 -27.51 25.81
CA ASN F 406 -29.88 -28.94 26.11
C ASN F 406 -30.83 -29.32 27.23
N TYR F 407 -30.94 -28.47 28.26
CA TYR F 407 -31.84 -28.79 29.36
C TYR F 407 -33.30 -28.72 28.91
N HIS F 408 -33.64 -27.76 28.07
CA HIS F 408 -35.00 -27.71 27.51
C HIS F 408 -35.28 -28.88 26.59
N LEU F 409 -34.25 -29.39 25.91
CA LEU F 409 -34.43 -30.59 25.09
C LEU F 409 -34.76 -31.80 25.96
N LEU F 410 -33.97 -32.04 27.00
CA LEU F 410 -34.24 -33.16 27.89
C LEU F 410 -35.59 -33.00 28.58
N MET F 411 -35.96 -31.77 28.92
CA MET F 411 -37.26 -31.51 29.51
C MET F 411 -38.40 -31.79 28.53
N SER F 412 -38.14 -31.69 27.22
CA SER F 412 -39.16 -32.03 26.23
C SER F 412 -39.45 -33.53 26.25
N VAL F 413 -38.42 -34.35 26.43
CA VAL F 413 -38.63 -35.78 26.58
C VAL F 413 -39.38 -36.07 27.88
N GLN F 414 -38.99 -35.41 28.96
CA GLN F 414 -39.60 -35.68 30.26
C GLN F 414 -41.08 -35.34 30.25
N GLU F 415 -41.44 -34.14 29.77
CA GLU F 415 -42.83 -33.72 29.78
C GLU F 415 -43.66 -34.57 28.81
N SER F 416 -43.08 -34.99 27.69
CA SER F 416 -43.80 -35.85 26.77
C SER F 416 -44.12 -37.21 27.41
N LEU F 417 -43.19 -37.72 28.23
CA LEU F 417 -43.43 -39.02 28.85
C LEU F 417 -44.43 -38.92 29.99
N GLU F 418 -44.33 -37.87 30.81
CA GLU F 418 -45.31 -37.67 31.88
C GLU F 418 -46.71 -37.47 31.32
N ARG F 419 -46.83 -36.64 30.28
CA ARG F 419 -48.13 -36.42 29.66
C ARG F 419 -48.81 -37.73 29.30
N LYS F 420 -48.03 -38.72 28.89
CA LYS F 420 -48.54 -40.00 28.41
C LYS F 420 -48.76 -41.01 29.52
N PHE F 421 -47.77 -41.20 30.39
CA PHE F 421 -47.86 -42.09 31.55
C PHE F 421 -48.29 -41.33 32.80
N GLY F 422 -49.30 -40.47 32.65
CA GLY F 422 -49.79 -39.49 33.62
C GLY F 422 -49.32 -39.48 35.07
N LYS F 423 -50.29 -39.42 35.97
CA LYS F 423 -50.01 -39.45 37.40
C LYS F 423 -49.66 -40.86 37.87
N HIS F 424 -50.01 -41.87 37.07
CA HIS F 424 -49.86 -43.28 37.44
C HIS F 424 -48.48 -43.83 37.10
N GLY F 425 -47.56 -42.99 36.65
CA GLY F 425 -46.18 -43.35 36.40
C GLY F 425 -45.27 -42.42 37.17
N GLY F 426 -45.86 -41.34 37.71
CA GLY F 426 -45.15 -40.42 38.57
C GLY F 426 -44.36 -39.34 37.83
N THR F 427 -43.33 -38.85 38.50
CA THR F 427 -42.28 -38.08 37.86
C THR F 427 -41.21 -38.94 37.19
N ILE F 428 -40.82 -38.52 35.98
CA ILE F 428 -39.85 -39.24 35.17
C ILE F 428 -38.66 -38.33 34.89
N PRO F 429 -37.72 -38.22 35.83
CA PRO F 429 -36.61 -37.28 35.64
C PRO F 429 -35.66 -37.74 34.55
N ILE F 430 -35.45 -36.89 33.55
CA ILE F 430 -34.47 -37.10 32.50
C ILE F 430 -33.30 -36.14 32.78
N VAL F 431 -32.13 -36.71 33.03
CA VAL F 431 -30.97 -35.90 33.43
C VAL F 431 -29.76 -36.38 32.63
N PRO F 432 -28.75 -35.51 32.48
CA PRO F 432 -27.55 -35.92 31.76
C PRO F 432 -26.78 -37.00 32.50
N THR F 433 -26.16 -37.89 31.74
CA THR F 433 -25.11 -38.71 32.30
C THR F 433 -23.96 -37.82 32.79
N ALA F 434 -23.04 -38.43 33.54
CA ALA F 434 -21.82 -37.71 33.91
C ALA F 434 -21.07 -37.26 32.67
N GLU F 435 -20.98 -38.14 31.66
CA GLU F 435 -20.31 -37.80 30.42
C GLU F 435 -20.97 -36.61 29.74
N PHE F 436 -22.30 -36.69 29.53
CA PHE F 436 -23.00 -35.62 28.83
C PHE F 436 -23.01 -34.32 29.65
N GLN F 437 -23.02 -34.41 30.99
CA GLN F 437 -23.02 -33.21 31.79
C GLN F 437 -21.76 -32.39 31.53
N ASP F 438 -20.64 -33.07 31.23
CA ASP F 438 -19.40 -32.42 30.81
C ASP F 438 -19.48 -31.71 29.47
N ARG F 439 -20.42 -32.09 28.59
CA ARG F 439 -20.52 -31.52 27.27
C ARG F 439 -21.78 -30.67 27.15
N ILE F 440 -22.44 -30.39 28.28
CA ILE F 440 -23.76 -29.76 28.23
C ILE F 440 -23.70 -28.38 27.58
N SER F 441 -22.54 -27.72 27.61
CA SER F 441 -22.39 -26.38 27.07
C SER F 441 -21.80 -26.35 25.67
N GLY F 442 -21.45 -27.51 25.11
CA GLY F 442 -20.79 -27.55 23.82
C GLY F 442 -19.28 -27.49 23.94
N ALA F 443 -18.62 -27.63 22.80
CA ALA F 443 -17.17 -27.76 22.77
C ALA F 443 -16.48 -26.47 23.19
N SER F 444 -15.34 -26.62 23.85
CA SER F 444 -14.41 -25.55 24.12
C SER F 444 -13.18 -25.73 23.24
N GLU F 445 -12.26 -24.78 23.35
CA GLU F 445 -11.02 -24.82 22.57
C GLU F 445 -10.30 -26.14 22.77
N LYS F 446 -10.19 -26.58 24.03
CA LYS F 446 -9.51 -27.84 24.33
C LYS F 446 -10.20 -29.02 23.65
N ASP F 447 -11.53 -29.06 23.69
CA ASP F 447 -12.27 -30.17 23.08
C ASP F 447 -12.07 -30.19 21.56
N ILE F 448 -12.08 -29.03 20.93
CA ILE F 448 -11.91 -28.98 19.46
C ILE F 448 -10.52 -29.47 19.07
N VAL F 449 -9.50 -29.05 19.82
CA VAL F 449 -8.14 -29.49 19.50
C VAL F 449 -8.01 -30.99 19.63
N HIS F 450 -8.52 -31.56 20.73
CA HIS F 450 -8.38 -33.00 20.95
C HIS F 450 -9.17 -33.80 19.92
N SER F 451 -10.46 -33.49 19.74
CA SER F 451 -11.27 -34.28 18.85
C SER F 451 -10.99 -33.95 17.38
N GLY F 452 -10.68 -32.70 17.07
CA GLY F 452 -10.30 -32.35 15.71
C GLY F 452 -9.02 -33.05 15.27
N LEU F 453 -8.06 -33.18 16.18
CA LEU F 453 -6.83 -33.89 15.86
C LEU F 453 -7.08 -35.38 15.68
N ALA F 454 -7.79 -36.00 16.63
CA ALA F 454 -8.12 -37.41 16.51
C ALA F 454 -8.88 -37.70 15.22
N TYR F 455 -9.85 -36.84 14.88
CA TYR F 455 -10.59 -37.02 13.64
C TYR F 455 -9.65 -37.00 12.44
N THR F 456 -8.70 -36.07 12.43
CA THR F 456 -7.83 -35.93 11.26
C THR F 456 -6.88 -37.11 11.12
N MET F 457 -6.26 -37.53 12.22
CA MET F 457 -5.30 -38.64 12.15
C MET F 457 -5.99 -39.93 11.75
N GLU F 458 -7.21 -40.15 12.26
CA GLU F 458 -7.98 -41.33 11.91
C GLU F 458 -8.34 -41.34 10.42
N ARG F 459 -8.95 -40.25 9.95
CA ARG F 459 -9.37 -40.16 8.55
C ARG F 459 -8.20 -40.30 7.60
N SER F 460 -7.02 -39.79 7.99
CA SER F 460 -5.85 -39.87 7.13
C SER F 460 -5.26 -41.28 7.12
N ALA F 461 -5.29 -41.96 8.27
CA ALA F 461 -4.77 -43.33 8.33
C ALA F 461 -5.56 -44.26 7.41
N ARG F 462 -6.90 -44.14 7.42
CA ARG F 462 -7.71 -45.01 6.59
C ARG F 462 -7.51 -44.72 5.10
N GLN F 463 -7.27 -43.46 4.75
CA GLN F 463 -6.95 -43.14 3.35
C GLN F 463 -5.62 -43.76 2.92
N ILE F 464 -4.64 -43.80 3.83
CA ILE F 464 -3.37 -44.42 3.52
C ILE F 464 -3.52 -45.93 3.38
N MET F 465 -4.26 -46.55 4.32
CA MET F 465 -4.47 -47.99 4.23
C MET F 465 -5.25 -48.36 2.97
N ARG F 466 -6.30 -47.60 2.65
CA ARG F 466 -7.08 -47.88 1.44
C ARG F 466 -6.21 -47.84 0.20
N THR F 467 -5.28 -46.89 0.16
CA THR F 467 -4.39 -46.76 -1.01
C THR F 467 -3.33 -47.86 -1.05
N ALA F 468 -2.80 -48.26 0.10
CA ALA F 468 -1.79 -49.32 0.11
C ALA F 468 -2.37 -50.63 -0.37
N MET F 469 -3.65 -50.82 -0.10
CA MET F 469 -4.25 -52.12 -0.33
C MET F 469 -4.60 -52.18 -1.80
N LYS F 470 -5.05 -51.02 -2.34
CA LYS F 470 -5.48 -50.93 -3.72
C LYS F 470 -4.30 -51.09 -4.69
N TYR F 471 -3.08 -50.74 -4.26
CA TYR F 471 -1.91 -50.89 -5.11
C TYR F 471 -0.96 -51.99 -4.65
N ASN F 472 -1.40 -52.82 -3.70
CA ASN F 472 -0.59 -53.96 -3.22
C ASN F 472 0.78 -53.51 -2.72
N LEU F 473 0.78 -52.53 -1.82
CA LEU F 473 2.02 -51.98 -1.31
C LEU F 473 2.45 -52.59 0.02
N GLY F 474 1.63 -53.43 0.62
CA GLY F 474 2.03 -54.14 1.83
C GLY F 474 2.33 -53.19 2.97
N LEU F 475 3.58 -53.19 3.44
CA LEU F 475 4.01 -52.31 4.52
C LEU F 475 4.77 -51.10 4.01
N ASP F 476 4.69 -50.78 2.72
CA ASP F 476 5.29 -49.56 2.20
C ASP F 476 4.28 -48.42 2.33
N LEU F 477 4.07 -48.01 3.58
CA LEU F 477 3.12 -46.94 3.86
C LEU F 477 3.62 -45.60 3.31
N ARG F 478 4.93 -45.40 3.23
CA ARG F 478 5.46 -44.15 2.71
C ARG F 478 5.00 -43.90 1.29
N THR F 479 5.09 -44.92 0.42
CA THR F 479 4.67 -44.75 -0.96
C THR F 479 3.17 -44.50 -1.06
N ALA F 480 2.38 -45.11 -0.17
CA ALA F 480 0.94 -44.87 -0.19
C ALA F 480 0.63 -43.43 0.20
N ALA F 481 1.34 -42.89 1.19
CA ALA F 481 1.13 -41.50 1.60
C ALA F 481 1.45 -40.54 0.45
N TYR F 482 2.62 -40.71 -0.18
CA TYR F 482 2.98 -39.86 -1.30
C TYR F 482 1.97 -39.97 -2.43
N VAL F 483 1.42 -41.17 -2.65
CA VAL F 483 0.41 -41.34 -3.69
C VAL F 483 -0.81 -40.46 -3.39
N ASN F 484 -1.26 -40.44 -2.14
CA ASN F 484 -2.38 -39.58 -1.76
C ASN F 484 -2.01 -38.12 -1.91
N ALA F 485 -0.82 -37.73 -1.41
CA ALA F 485 -0.36 -36.35 -1.53
C ALA F 485 -0.31 -35.91 -2.99
N ILE F 486 0.28 -36.74 -3.86
CA ILE F 486 0.46 -36.37 -5.25
C ILE F 486 -0.88 -36.21 -5.95
N GLU F 487 -1.81 -37.13 -5.71
CA GLU F 487 -3.11 -37.03 -6.33
C GLU F 487 -3.81 -35.72 -5.98
N LYS F 488 -3.73 -35.31 -4.72
CA LYS F 488 -4.39 -34.07 -4.29
C LYS F 488 -3.71 -32.86 -4.91
N VAL F 489 -2.38 -32.80 -4.86
CA VAL F 489 -1.67 -31.63 -5.39
C VAL F 489 -1.78 -31.59 -6.91
N PHE F 490 -1.77 -32.75 -7.57
CA PHE F 490 -1.89 -32.77 -9.02
C PHE F 490 -3.22 -32.17 -9.47
N ARG F 491 -4.30 -32.52 -8.78
CA ARG F 491 -5.62 -32.07 -9.19
C ARG F 491 -5.72 -30.54 -9.13
N VAL F 492 -5.00 -29.92 -8.18
CA VAL F 492 -5.03 -28.46 -8.07
C VAL F 492 -4.30 -27.81 -9.23
N TYR F 493 -3.08 -28.28 -9.53
CA TYR F 493 -2.33 -27.74 -10.66
C TYR F 493 -3.08 -27.95 -11.96
N ASN F 494 -3.70 -29.12 -12.12
CA ASN F 494 -4.35 -29.45 -13.38
C ASN F 494 -5.53 -28.53 -13.67
N GLU F 495 -6.41 -28.36 -12.70
CA GLU F 495 -7.62 -27.57 -12.93
C GLU F 495 -7.40 -26.07 -12.77
N ALA F 496 -6.18 -25.62 -12.48
CA ALA F 496 -5.86 -24.21 -12.38
C ALA F 496 -5.23 -23.64 -13.64
N GLY F 497 -4.99 -24.48 -14.66
CA GLY F 497 -4.22 -24.04 -15.80
C GLY F 497 -2.73 -23.95 -15.56
N VAL F 498 -2.24 -24.55 -14.48
CA VAL F 498 -0.84 -24.53 -14.06
C VAL F 498 -0.45 -23.13 -13.61
N THR F 499 0.05 -22.27 -14.52
CA THR F 499 0.44 -20.91 -14.14
C THR F 499 -0.02 -19.91 -15.19
N PHE F 500 0.02 -18.63 -14.81
CA PHE F 500 -0.33 -17.57 -15.77
C PHE F 500 0.86 -17.41 -16.72
N THR F 501 0.90 -18.32 -17.68
CA THR F 501 1.82 -18.28 -18.78
C THR F 501 1.00 -18.51 -20.04
N GLU G . -7.10 20.55 -22.23
CA GLU G . -6.07 21.06 -23.14
C GLU G . -6.12 20.40 -24.52
O GLU G . -5.09 20.17 -25.16
CB GLU G . -4.69 20.87 -22.50
CG GLU G . -4.60 19.75 -21.49
CD GLU G . -3.33 19.80 -20.68
OE1 GLU G . -2.84 18.71 -20.30
OE2 GLU G . -2.82 20.91 -20.41
OXT GLU G . -7.21 20.14 -25.05
PA NAI H . -13.43 28.76 -22.44
O1A NAI H . -14.22 27.47 -22.37
O2A NAI H . -13.13 29.50 -21.15
O5B NAI H . -14.27 29.73 -23.38
C5B NAI H . -15.04 29.17 -24.44
C4B NAI H . -15.71 30.34 -25.14
O4B NAI H . -16.40 29.86 -26.29
C3B NAI H . -16.74 30.98 -24.23
O3B NAI H . -16.61 32.39 -24.38
C2B NAI H . -18.08 30.50 -24.75
O2B NAI H . -19.10 31.48 -24.53
C1B NAI H . -17.75 30.33 -26.22
N9A NAI H . -18.62 29.38 -26.95
C8A NAI H . -19.05 28.16 -26.59
N7A NAI H . -19.82 27.61 -27.58
C5A NAI H . -19.85 28.50 -28.59
C6A NAI H . -20.47 28.60 -29.93
N6A NAI H . -21.23 27.59 -30.44
N1A NAI H . -20.26 29.73 -30.66
C2A NAI H . -19.52 30.75 -30.18
N3A NAI H . -18.94 30.73 -28.97
C4A NAI H . -19.07 29.66 -28.17
O3 NAI H . -12.08 28.60 -23.32
PN NAI H . -11.43 27.16 -23.67
O1N NAI H . -12.50 26.11 -23.60
O2N NAI H . -10.18 27.00 -22.84
O5D NAI H . -11.05 27.16 -25.23
C5D NAI H . -12.03 26.53 -26.09
C4D NAI H . -11.55 25.37 -26.97
O4D NAI H . -10.13 25.20 -26.96
C3D NAI H . -12.12 24.04 -26.51
O3D NAI H . -12.42 23.28 -27.69
C2D NAI H . -10.97 23.35 -25.81
O2D NAI H . -11.12 21.93 -25.88
C1D NAI H . -9.81 23.84 -26.65
N1N NAI H . -8.50 23.87 -26.00
C2N NAI H . -8.34 24.40 -24.79
C3N NAI H . -7.08 24.44 -24.19
C7N NAI H . -6.92 25.02 -22.82
O7N NAI H . -5.80 25.07 -22.32
N7N NAI H . -7.98 25.48 -22.18
C4N NAI H . -5.85 23.92 -24.90
C5N NAI H . -6.18 23.38 -26.21
C6N NAI H . -7.47 23.39 -26.70
PA NAI I . 8.19 30.70 -6.35
O1A NAI I . 8.10 31.58 -7.58
O2A NAI I . 9.52 30.55 -5.64
O5B NAI I . 7.14 31.18 -5.25
C5B NAI I . 5.76 31.41 -5.55
C4B NAI I . 5.12 32.01 -4.30
O4B NAI I . 5.08 31.07 -3.21
C3B NAI I . 5.92 33.21 -3.83
O3B NAI I . 5.06 34.35 -3.74
C2B NAI I . 6.39 32.85 -2.43
O2B NAI I . 6.33 33.99 -1.58
C1B NAI I . 5.40 31.77 -2.00
N9A NAI I . 5.93 30.90 -0.92
C8A NAI I . 7.18 30.39 -0.84
N7A NAI I . 7.34 29.65 0.28
C5A NAI I . 6.19 29.68 0.97
C6A NAI I . 5.68 29.12 2.24
N6A NAI I . 6.46 28.34 3.03
N1A NAI I . 4.40 29.40 2.58
C2A NAI I . 3.62 30.17 1.81
N3A NAI I . 4.02 30.71 0.65
C4A NAI I . 5.27 30.51 0.17
O3 NAI I . 7.62 29.24 -6.72
PN NAI I . 7.76 28.06 -5.63
O1N NAI I . 6.68 28.28 -4.60
O2N NAI I . 9.20 27.93 -5.20
O5D NAI I . 7.41 26.72 -6.44
C5D NAI I . 8.44 25.76 -6.58
C4D NAI I . 8.01 24.40 -6.03
O4D NAI I . 7.47 24.54 -4.71
C3D NAI I . 6.90 23.75 -6.83
O3D NAI I . 7.36 23.07 -7.98
C2D NAI I . 6.38 22.75 -5.83
O2D NAI I . 7.15 21.56 -5.89
C1D NAI I . 6.60 23.43 -4.50
N1N NAI I . 5.24 23.81 -4.13
C2N NAI I . 4.59 22.91 -3.39
C3N NAI I . 3.30 23.11 -2.99
C7N NAI I . 2.74 22.02 -2.14
O7N NAI I . 1.57 22.05 -1.80
N7N NAI I . 3.56 21.03 -1.79
C4N NAI I . 2.52 24.34 -3.38
C5N NAI I . 3.33 25.23 -4.21
C6N NAI I . 4.64 24.93 -4.56
PG GTP J . 2.58 38.64 -21.46
O1G GTP J . 3.84 38.65 -22.29
O2G GTP J . 1.90 39.98 -21.53
O3G GTP J . 1.64 37.60 -21.99
O3B GTP J . 2.90 38.28 -19.92
PB GTP J . 4.38 38.33 -19.29
O1B GTP J . 5.07 36.99 -19.49
O2B GTP J . 5.18 39.43 -19.89
O3A GTP J . 4.16 38.58 -17.71
PA GTP J . 3.13 39.66 -17.09
O1A GTP J . 3.55 39.95 -15.67
O2A GTP J . 3.12 40.92 -17.91
O5' GTP J . 1.66 38.99 -17.07
C5' GTP J . 1.20 38.13 -16.05
C4' GTP J . 0.33 37.03 -16.65
O4' GTP J . -0.94 37.55 -16.92
C3' GTP J . 0.88 36.52 -17.97
O3' GTP J . 0.57 35.16 -18.07
C2' GTP J . 0.11 37.28 -19.02
O2' GTP J . -0.05 36.54 -20.19
C1' GTP J . -1.21 37.55 -18.32
N9 GTP J . -1.72 38.87 -18.65
C8 GTP J . -1.01 40.04 -18.79
N7 GTP J . -1.88 41.04 -19.08
C5 GTP J . -3.14 40.51 -19.13
C6 GTP J . -4.39 41.06 -19.40
O6 GTP J . -4.50 42.25 -19.64
N1 GTP J . -5.50 40.24 -19.37
C2 GTP J . -5.38 38.89 -19.08
N2 GTP J . -6.44 38.10 -19.06
N3 GTP J . -4.13 38.37 -18.83
C4 GTP J . -3.03 39.15 -18.86
N GLU K . 15.68 22.91 13.78
CA GLU K . 16.07 24.10 13.05
C GLU K . 15.17 25.31 13.34
O GLU K . 14.75 25.50 14.48
CB GLU K . 16.09 23.80 11.54
CG GLU K . 15.18 22.68 11.10
CD GLU K . 15.44 22.25 9.67
OE1 GLU K . 16.57 22.42 9.18
OE2 GLU K . 14.50 21.69 9.07
OXT GLU K . 14.88 26.13 12.47
PA NAI L . 23.40 22.82 20.80
O1A NAI L . 22.22 22.09 21.40
O2A NAI L . 24.42 22.08 19.97
O5B NAI L . 24.11 23.55 22.02
C5B NAI L . 23.32 24.38 22.86
C4B NAI L . 24.31 25.09 23.75
O4B NAI L . 23.67 26.01 24.63
C3B NAI L . 25.03 24.08 24.60
O3B NAI L . 26.39 24.52 24.68
C2B NAI L . 24.37 24.22 25.95
O2B NAI L . 25.22 23.81 27.03
C1B NAI L . 24.10 25.71 25.96
N9A NAI L . 23.02 26.08 26.89
C8A NAI L . 21.91 25.39 27.15
N7A NAI L . 21.14 26.04 28.05
C5A NAI L . 21.78 27.18 28.38
C6A NAI L . 21.53 28.33 29.27
N6A NAI L . 20.41 28.39 30.02
N1A NAI L . 22.46 29.32 29.31
C2A NAI L . 23.59 29.26 28.57
N3A NAI L . 23.88 28.25 27.74
C4A NAI L . 23.03 27.20 27.61
O3 NAI L . 22.96 24.14 19.99
PN NAI L . 21.64 24.17 19.08
O1N NAI L . 20.56 23.46 19.83
O2N NAI L . 22.04 23.71 17.70
O5D NAI L . 21.27 25.72 19.04
C5D NAI L . 20.48 26.26 20.10
C4D NAI L . 19.33 27.14 19.61
O4D NAI L . 19.38 27.37 18.21
C3D NAI L . 18.01 26.45 19.89
O3D NAI L . 17.07 27.45 20.27
C2D NAI L . 17.61 25.90 18.53
O2D NAI L . 16.20 25.71 18.45
C1D NAI L . 18.11 27.02 17.63
N1N NAI L . 18.30 26.69 16.21
C2N NAI L . 19.02 25.64 15.84
C3N NAI L . 19.23 25.33 14.50
C7N NAI L . 20.04 24.12 14.16
O7N NAI L . 20.08 23.71 13.02
N7N NAI L . 20.70 23.52 15.14
C4N NAI L . 18.66 26.19 13.40
C5N NAI L . 17.90 27.32 13.94
C6N NAI L . 17.77 27.51 15.31
PG GTP M . 33.77 27.50 6.10
O1G GTP M . 34.57 27.87 7.33
O2G GTP M . 32.33 27.21 6.50
O3G GTP M . 33.79 28.64 5.11
O3B GTP M . 34.40 26.17 5.46
PB GTP M . 34.31 25.84 3.89
O1B GTP M . 35.35 26.63 3.13
O2B GTP M . 32.92 26.15 3.37
O3A GTP M . 34.61 24.26 3.79
PA GTP M . 35.82 23.53 4.58
O1A GTP M . 36.36 22.42 3.70
O2A GTP M . 36.91 24.52 4.91
O5' GTP M . 35.22 22.89 5.92
C5' GTP M . 34.37 21.76 5.92
C4' GTP M . 33.18 22.01 6.84
O4' GTP M . 33.65 22.03 8.18
C3' GTP M . 32.54 23.36 6.58
O3' GTP M . 31.15 23.23 6.78
C2' GTP M . 33.08 24.24 7.67
O2' GTP M . 32.15 25.22 8.06
C1' GTP M . 33.35 23.26 8.80
N9 GTP M . 34.52 23.70 9.56
C8 GTP M . 35.66 24.29 9.07
N7 GTP M . 36.48 24.55 10.11
C5 GTP M . 35.86 24.16 11.26
C6 GTP M . 36.25 24.21 12.59
O6 GTP M . 37.34 24.67 12.92
N1 GTP M . 35.39 23.72 13.56
C2 GTP M . 34.16 23.19 13.20
N2 GTP M . 33.34 22.72 14.13
N3 GTP M . 33.79 23.15 11.88
C4 GTP M . 34.63 23.63 10.92
PA NAI N . 29.33 13.27 -3.21
O1A NAI N . 29.84 14.47 -2.46
O2A NAI N . 29.62 13.11 -4.68
O5B NAI N . 29.83 11.94 -2.45
C5B NAI N . 29.93 11.91 -1.03
C4B NAI N . 30.77 10.70 -0.68
O4B NAI N . 30.12 9.48 -1.05
C3B NAI N . 32.09 10.75 -1.44
O3B NAI N . 33.17 10.58 -0.52
C2B NAI N . 32.06 9.56 -2.37
O2B NAI N . 33.35 8.98 -2.51
C1B NAI N . 31.10 8.63 -1.65
N9A NAI N . 30.50 7.61 -2.55
C8A NAI N . 30.14 7.77 -3.83
N7A NAI N . 29.65 6.61 -4.35
C5A NAI N . 29.71 5.68 -3.38
C6A NAI N . 29.35 4.25 -3.23
N6A NAI N . 28.82 3.55 -4.25
N1A NAI N . 29.57 3.66 -2.04
C2A NAI N . 30.10 4.34 -0.99
N3A NAI N . 30.44 5.64 -1.06
C4A NAI N . 30.27 6.34 -2.19
O3 NAI N . 27.74 13.15 -2.94
PN NAI N . 26.95 11.90 -3.61
O1N NAI N . 27.27 10.66 -2.80
O2N NAI N . 27.20 11.92 -5.10
O5D NAI N . 25.39 12.24 -3.43
C5D NAI N . 24.64 12.20 -4.64
C4D NAI N . 23.31 11.48 -4.46
O4D NAI N . 23.50 10.21 -3.83
C3D NAI N . 22.35 12.27 -3.59
O3D NAI N . 21.45 13.01 -4.41
C2D NAI N . 21.62 11.23 -2.78
O2D NAI N . 20.27 11.12 -3.24
C1D NAI N . 22.34 9.92 -3.06
N1N NAI N . 22.79 9.31 -1.83
C2N NAI N . 22.13 8.23 -1.40
C3N NAI N . 22.49 7.59 -0.23
C7N NAI N . 21.68 6.40 0.13
O7N NAI N . 21.68 5.99 1.28
N7N NAI N . 20.98 5.81 -0.83
C4N NAI N . 23.66 8.06 0.61
C5N NAI N . 24.29 9.24 0.03
C6N NAI N . 23.83 9.81 -1.16
N GLU O . 26.04 -5.59 -15.98
CA GLU O . 27.05 -4.54 -16.08
C GLU O . 28.26 -4.88 -15.22
O GLU O . 28.63 -6.04 -15.04
CB GLU O . 26.50 -3.20 -15.65
CG GLU O . 25.01 -3.07 -15.83
CD GLU O . 24.51 -1.68 -15.58
OE1 GLU O . 23.90 -1.42 -14.51
OE2 GLU O . 24.72 -0.83 -16.46
OXT GLU O . 28.87 -3.98 -14.65
PG GTP P . 30.05 6.96 -31.41
O1G GTP P . 29.88 6.35 -30.04
O2G GTP P . 30.46 5.88 -32.38
O3G GTP P . 31.09 8.04 -31.37
O3B GTP P . 28.62 7.54 -31.89
PB GTP P . 28.15 9.06 -31.59
O1B GTP P . 28.02 9.29 -30.10
O2B GTP P . 29.12 10.05 -32.19
O3A GTP P . 26.69 9.20 -32.28
PA GTP P . 26.13 8.33 -33.52
O1A GTP P . 26.96 8.50 -34.77
O2A GTP P . 24.70 8.76 -33.78
O5' GTP P . 26.08 6.77 -33.09
C5' GTP P . 24.85 6.14 -32.78
C4' GTP P . 25.04 5.09 -31.69
O4' GTP P . 25.28 3.83 -32.30
C3' GTP P . 26.26 5.38 -30.83
O3' GTP P . 26.05 4.83 -29.56
C2' GTP P . 27.35 4.57 -31.48
O2' GTP P . 28.35 4.22 -30.57
C1' GTP P . 26.59 3.37 -32.01
N9 GTP P . 27.20 2.96 -33.28
C8 GTP P . 27.72 3.81 -34.21
N7 GTP P . 28.20 3.07 -35.23
C5 GTP P . 27.99 1.77 -34.95
C6 GTP P . 28.29 0.61 -35.65
O6 GTP P . 28.85 0.67 -36.74
N1 GTP P . 27.96 -0.62 -35.11
C2 GTP P . 27.33 -0.69 -33.88
N2 GTP P . 27.01 -1.86 -33.35
N3 GTP P . 27.04 0.48 -33.18
C4 GTP P . 27.37 1.68 -33.72
PA NAI Q . 27.66 -10.56 -24.96
O1A NAI Q . 26.74 -11.74 -24.83
O2A NAI Q . 27.25 -9.38 -25.81
O5B NAI Q . 29.10 -11.04 -25.47
C5B NAI Q . 29.68 -12.29 -25.09
C4B NAI Q . 30.44 -12.82 -26.29
O4B NAI Q . 31.55 -13.62 -25.87
C3B NAI Q . 29.55 -13.73 -27.11
O3B NAI Q . 29.88 -13.57 -28.48
C2B NAI Q . 29.94 -15.12 -26.67
O2B NAI Q . 29.67 -16.10 -27.67
C1B NAI Q . 31.43 -14.92 -26.45
N9A NAI Q . 32.02 -15.95 -25.57
C8A NAI Q . 31.40 -16.64 -24.59
N7A NAI Q . 32.27 -17.51 -24.01
C5A NAI Q . 33.46 -17.37 -24.63
C6A NAI Q . 34.81 -17.98 -24.52
N6A NAI Q . 35.08 -18.93 -23.61
N1A NAI Q . 35.76 -17.54 -25.37
C2A NAI Q . 35.52 -16.60 -26.30
N3A NAI Q . 34.32 -16.00 -26.45
C4A NAI Q . 33.28 -16.36 -25.66
O3 NAI Q . 27.98 -10.06 -23.45
PN NAI Q . 28.80 -8.72 -23.10
O1N NAI Q . 27.81 -7.70 -22.58
O2N NAI Q . 29.73 -8.37 -24.23
O5D NAI Q . 29.65 -9.26 -21.84
C5D NAI Q . 31.07 -9.30 -21.82
C4D NAI Q . 31.59 -9.33 -20.38
O4D NAI Q . 31.60 -8.02 -19.84
C3D NAI Q . 30.73 -10.17 -19.44
O3D NAI Q . 31.62 -10.82 -18.53
C2D NAI Q . 29.90 -9.16 -18.66
O2D NAI Q . 29.66 -9.66 -17.34
C1D NAI Q . 30.81 -7.94 -18.64
N1N NAI Q . 30.17 -6.62 -18.69
C2N NAI Q . 29.10 -6.35 -19.44
C3N NAI Q . 28.56 -5.06 -19.48
C7N NAI Q . 27.34 -4.78 -20.31
O7N NAI Q . 26.67 -3.79 -20.06
N7N NAI Q . 27.03 -5.60 -21.32
C4N NAI Q . 29.16 -3.93 -18.70
C5N NAI Q . 30.32 -4.35 -17.94
C6N NAI Q . 30.77 -5.66 -17.97
PA NAI R . 13.81 12.26 -26.45
O1A NAI R . 15.11 12.00 -27.16
O2A NAI R . 13.21 13.65 -26.46
O5B NAI R . 12.70 11.27 -27.05
C5B NAI R . 13.09 10.07 -27.72
C4B NAI R . 12.05 9.88 -28.80
O4B NAI R . 10.74 9.80 -28.23
C3B NAI R . 12.05 11.11 -29.69
O3B NAI R . 12.51 10.77 -31.01
C2B NAI R . 10.61 11.58 -29.77
O2B NAI R . 10.23 11.69 -31.13
C1B NAI R . 9.83 10.46 -29.09
N9A NAI R . 8.65 11.02 -28.36
C8A NAI R . 8.62 12.15 -27.63
N7A NAI R . 7.38 12.36 -27.12
C5A NAI R . 6.59 11.35 -27.52
C6A NAI R . 5.17 10.96 -27.35
N6A NAI R . 4.33 11.71 -26.60
N1A NAI R . 4.76 9.82 -27.95
C2A NAI R . 5.60 9.06 -28.68
N3A NAI R . 6.89 9.35 -28.89
C4A NAI R . 7.44 10.47 -28.35
O3 NAI R . 13.88 11.70 -24.95
PN NAI R . 12.52 11.75 -24.09
O1N NAI R . 11.56 10.74 -24.67
O2N NAI R . 12.12 13.20 -23.95
O5D NAI R . 12.93 11.23 -22.61
C5D NAI R . 12.60 12.06 -21.49
C4D NAI R . 11.80 11.32 -20.41
O4D NAI R . 10.60 10.76 -20.98
C3D NAI R . 12.53 10.18 -19.72
O3D NAI R . 13.08 10.63 -18.48
C2D NAI R . 11.50 9.08 -19.53
O2D NAI R . 11.18 8.52 -18.21
C1D NAI R . 10.25 9.62 -20.20
N1N NAI R . 9.95 8.51 -21.06
C2N NAI R . 8.98 7.73 -20.65
C3N NAI R . 8.62 6.62 -21.35
C7N NAI R . 7.47 5.88 -20.76
O7N NAI R . 7.26 4.72 -21.05
N7N NAI R . 6.72 6.57 -19.89
C4N NAI R . 9.34 6.20 -22.61
C5N NAI R . 10.42 7.15 -22.93
C6N NAI R . 10.70 8.25 -22.14
N GLU S . -24.56 -14.18 -12.69
CA GLU S . -25.61 -14.68 -11.83
C GLU S . -26.85 -13.82 -11.93
O GLU S . -27.55 -13.64 -10.93
CB GLU S . -25.14 -14.71 -10.38
CG GLU S . -23.66 -14.82 -10.22
CD GLU S . -23.23 -15.07 -8.80
OE1 GLU S . -23.46 -16.20 -8.35
OE2 GLU S . -22.72 -14.16 -8.12
OXT GLU S . -27.18 -13.27 -12.97
PA NAI T . -25.39 -21.04 -20.42
O1A NAI T . -24.87 -19.74 -20.97
O2A NAI T . -24.40 -22.09 -19.99
O5B NAI T . -26.32 -21.66 -21.58
C5B NAI T . -27.23 -20.84 -22.32
C4B NAI T . -27.85 -21.68 -23.43
O4B NAI T . -28.85 -20.93 -24.14
C3B NAI T . -26.81 -22.12 -24.45
O3B NAI T . -27.01 -23.50 -24.73
C2B NAI T . -27.13 -21.31 -25.70
O2B NAI T . -26.81 -22.06 -26.88
C1B NAI T . -28.62 -21.09 -25.55
N9A NAI T . -29.11 -19.88 -26.24
C8A NAI T . -28.40 -18.78 -26.55
N7A NAI T . -29.18 -17.87 -27.20
C5A NAI T . -30.42 -18.39 -27.30
C6A NAI T . -31.71 -17.95 -27.87
N6A NAI T . -31.85 -16.75 -28.47
N1A NAI T . -32.76 -18.81 -27.78
C2A NAI T . -32.64 -20.01 -27.18
N3A NAI T . -31.49 -20.47 -26.66
C4A NAI T . -30.36 -19.71 -26.69
O3 NAI T . -26.46 -20.81 -19.23
PN NAI T . -26.45 -19.47 -18.34
O1N NAI T . -26.00 -18.32 -19.18
O2N NAI T . -25.77 -19.72 -17.02
O5D NAI T . -28.01 -19.16 -18.12
C5D NAI T . -28.60 -18.32 -19.12
C4D NAI T . -29.39 -17.16 -18.52
O4D NAI T . -29.56 -17.32 -17.12
C3D NAI T . -28.66 -15.84 -18.72
O3D NAI T . -29.65 -14.82 -18.96
C2D NAI T . -28.03 -15.57 -17.38
O2D NAI T . -27.81 -14.18 -17.14
C1D NAI T . -29.09 -16.14 -16.47
N1N NAI T . -28.62 -16.47 -15.14
C2N NAI T . -27.53 -17.25 -14.98
C3N NAI T . -27.09 -17.58 -13.71
C7N NAI T . -25.87 -18.44 -13.53
O7N NAI T . -25.64 -18.92 -12.44
N7N NAI T . -25.06 -18.63 -14.57
C4N NAI T . -27.82 -17.10 -12.47
C5N NAI T . -28.97 -16.28 -12.80
C6N NAI T . -29.32 -16.01 -14.12
PA NAI U . -12.52 -29.74 1.41
O1A NAI U . -13.89 -30.28 1.09
O2A NAI U . -11.88 -30.07 2.75
O5B NAI U . -11.47 -30.20 0.28
C5B NAI U . -11.69 -30.01 -1.12
C4B NAI U . -10.58 -30.75 -1.87
O4B NAI U . -9.29 -30.19 -1.60
C3B NAI U . -10.53 -32.20 -1.42
O3B NAI U . -10.42 -33.01 -2.58
C2B NAI U . -9.26 -32.30 -0.62
O2B NAI U . -8.72 -33.63 -0.71
C1B NAI U . -8.38 -31.24 -1.27
N9A NAI U . -7.27 -30.74 -0.41
C8A NAI U . -7.34 -30.45 0.90
N7A NAI U . -6.15 -30.01 1.38
C5A NAI U . -5.27 -30.01 0.35
C6A NAI U . -3.84 -29.66 0.17
N6A NAI U . -3.09 -29.21 1.22
N1A NAI U . -3.30 -29.80 -1.05
C2A NAI U . -4.04 -30.26 -2.09
N3A NAI U . -5.34 -30.59 -2.00
C4A NAI U . -6.01 -30.50 -0.82
O3 NAI U . -12.53 -28.15 1.20
PN NAI U . -11.22 -27.28 1.54
O1N NAI U . -10.29 -27.41 0.35
O2N NAI U . -10.72 -27.63 2.92
O5D NAI U . -11.76 -25.76 1.59
C5D NAI U . -11.60 -25.03 2.80
C4D NAI U . -10.94 -23.69 2.51
O4D NAI U . -9.72 -23.89 1.82
C3D NAI U . -11.80 -22.75 1.66
O3D NAI U . -12.39 -21.74 2.47
C2D NAI U . -10.85 -22.15 0.63
O2D NAI U . -10.75 -20.70 0.61
C1D NAI U . -9.51 -22.74 1.01
N1N NAI U . -8.88 -23.03 -0.25
C2N NAI U . -7.86 -22.25 -0.52
C3N NAI U . -7.16 -22.38 -1.68
C7N NAI U . -6.02 -21.43 -1.79
O7N NAI U . -5.53 -21.19 -2.87
N7N NAI U . -5.59 -20.85 -0.66
C4N NAI U . -7.53 -23.38 -2.73
C5N NAI U . -8.69 -24.17 -2.32
C6N NAI U . -9.33 -23.97 -1.10
PG GTP V . -28.07 -33.26 -6.73
O1G GTP V . -29.08 -33.62 -5.66
O2G GTP V . -28.40 -33.97 -8.01
O3G GTP V . -28.10 -31.77 -6.97
O3B GTP V . -26.57 -33.67 -6.28
PB GTP V . -26.12 -33.78 -4.75
O1B GTP V . -27.04 -34.70 -3.97
O2B GTP V . -26.09 -32.40 -4.12
O3A GTP V . -24.63 -34.39 -4.82
PA GTP V . -24.16 -35.42 -5.97
O1A GTP V . -22.89 -36.11 -5.55
O2A GTP V . -25.25 -36.43 -6.23
O5' GTP V . -23.87 -34.55 -7.31
C5' GTP V . -22.65 -33.88 -7.54
C4' GTP V . -22.87 -32.54 -8.25
O4' GTP V . -23.02 -32.75 -9.63
C3' GTP V . -24.12 -31.81 -7.80
O3' GTP V . -23.92 -30.44 -8.01
C2' GTP V . -25.15 -32.25 -8.79
O2' GTP V . -26.18 -31.31 -8.94
C1' GTP V . -24.32 -32.39 -10.05
N9 GTP V . -24.86 -33.49 -10.85
C8 GTP V . -25.39 -34.65 -10.35
N7 GTP V . -25.76 -35.43 -11.40
C5 GTP V . -25.47 -34.77 -12.54
C6 GTP V . -25.65 -35.11 -13.88
O6 GTP V . -26.16 -36.19 -14.18
N1 GTP V . -25.23 -34.23 -14.86
C2 GTP V . -24.66 -33.02 -14.51
N2 GTP V . -24.28 -32.17 -15.45
N3 GTP V . -24.50 -32.69 -13.18
C4 GTP V . -24.89 -33.56 -12.21
N GLU W . -17.68 3.95 25.22
CA GLU W . -18.07 2.80 26.03
C GLU W . -17.25 2.69 27.32
O GLU W . -16.94 1.58 27.79
CB GLU W . -18.00 1.52 25.20
CG GLU W . -16.92 1.49 24.17
CD GLU W . -17.14 0.42 23.12
OE1 GLU W . -16.16 0.09 22.43
OE2 GLU W . -18.29 -0.05 22.94
OXT GLU W . -16.92 3.70 27.94
PA NAI X . -25.87 10.11 27.13
O1A NAI X . -24.67 10.92 26.70
O2A NAI X . -26.85 9.59 26.10
O5B NAI X . -26.66 11.01 28.19
C5B NAI X . -25.95 11.54 29.30
C4B NAI X . -26.98 12.18 30.21
O4B NAI X . -26.38 12.71 31.38
C3B NAI X . -27.67 13.33 29.50
O3B NAI X . -29.07 13.21 29.76
C2B NAI X . -27.13 14.57 30.18
O2B NAI X . -28.11 15.62 30.17
C1B NAI X . -26.88 14.02 31.57
N9A NAI X . -25.92 14.78 32.40
C8A NAI X . -24.75 15.35 32.04
N7A NAI X . -24.16 15.94 33.12
C5A NAI X . -24.97 15.73 34.19
C6A NAI X . -24.95 16.07 35.63
N6A NAI X . -23.93 16.77 36.18
N1A NAI X . -26.00 15.66 36.38
C2A NAI X . -27.02 14.96 35.86
N3A NAI X . -27.10 14.61 34.56
C4A NAI X . -26.11 14.97 33.70
O3 NAI X . -25.45 8.90 28.11
PN NAI X . -24.07 8.09 27.94
O1N NAI X . -22.95 9.08 27.72
O2N NAI X . -24.31 6.98 26.94
O5D NAI X . -23.81 7.46 29.39
C5D NAI X . -23.19 8.29 30.37
C4D NAI X . -21.91 7.69 30.97
O4D NAI X . -21.84 6.28 30.74
C3D NAI X . -20.68 8.29 30.33
O3D NAI X . -19.72 8.58 31.36
C2D NAI X . -20.12 7.20 29.45
O2D NAI X . -18.70 7.30 29.33
C1D NAI X . -20.55 5.96 30.21
N1N NAI X . -20.67 4.76 29.39
C2N NAI X . -21.22 4.82 28.18
C3N NAI X . -21.36 3.68 27.39
C7N NAI X . -21.98 3.81 26.03
O7N NAI X . -22.33 2.81 25.43
N7N NAI X . -22.16 5.03 25.52
C4N NAI X . -20.89 2.34 27.87
C5N NAI X . -20.30 2.41 29.20
C6N NAI X . -20.22 3.60 29.90
PA NAI Y . -29.91 -9.02 9.04
O1A NAI Y . -30.71 -9.03 10.32
O2A NAI Y . -30.01 -10.20 8.11
O5B NAI Y . -30.35 -7.72 8.20
C5B NAI Y . -31.08 -6.67 8.82
C4B NAI Y . -31.55 -5.78 7.69
O4B NAI Y . -30.61 -5.81 6.61
C3B NAI Y . -32.86 -6.32 7.15
O3B NAI Y . -33.77 -5.24 6.94
C2B NAI Y . -32.48 -6.92 5.82
O2B NAI Y . -33.57 -6.89 4.90
C1B NAI Y . -31.37 -5.97 5.41
N9A NAI Y . -30.67 -6.44 4.19
C8A NAI Y . -30.25 -7.69 3.91
N7A NAI Y . -29.69 -7.76 2.67
C5A NAI Y . -29.77 -6.52 2.13
C6A NAI Y . -29.36 -5.89 0.85
N6A NAI Y . -28.74 -6.60 -0.13
N1A NAI Y . -29.63 -4.57 0.68
C2A NAI Y . -30.24 -3.84 1.65
N3A NAI Y . -30.63 -4.35 2.83
C4A NAI Y . -30.43 -5.66 3.12
O3 NAI Y . -28.36 -8.67 9.33
PN NAI Y . -27.36 -8.93 8.09
O1N NAI Y . -27.61 -7.87 7.06
O2N NAI Y . -27.46 -10.39 7.71
O5D NAI Y . -25.84 -8.79 8.57
C5D NAI Y . -25.04 -9.79 7.93
C4D NAI Y . -23.67 -9.31 7.49
O4D NAI Y . -23.75 -8.28 6.51
C3D NAI Y . -22.87 -8.75 8.66
O3D NAI Y . -21.98 -9.77 9.15
C2D NAI Y . -22.09 -7.60 8.09
O2D NAI Y . -20.71 -7.94 8.01
C1D NAI Y . -22.63 -7.42 6.68
N1N NAI Y . -23.09 -6.05 6.51
C2N NAI Y . -22.43 -5.33 5.61
C3N NAI Y . -22.77 -4.03 5.35
C7N NAI Y . -21.92 -3.37 4.32
O7N NAI Y . -21.95 -2.16 4.19
N7N NAI Y . -21.17 -4.16 3.57
C4N NAI Y . -23.93 -3.35 6.05
C5N NAI Y . -24.56 -4.26 7.00
C6N NAI Y . -24.12 -5.56 7.18
PG GTP Z . -35.46 -5.71 25.48
O1G GTP Z . -35.56 -7.02 26.21
O2G GTP Z . -36.27 -4.65 26.20
O3G GTP Z . -34.01 -5.28 25.41
O3B GTP Z . -36.01 -5.87 23.98
PB GTP Z . -35.73 -7.21 23.14
O1B GTP Z . -34.24 -7.44 23.03
O2B GTP Z . -36.38 -8.40 23.82
O3A GTP Z . -36.37 -7.00 21.67
PA GTP Z . -37.25 -5.74 21.19
O1A GTP Z . -38.48 -5.51 22.04
O2A GTP Z . -37.65 -6.01 19.75
O5' GTP Z . -36.33 -4.43 21.18
C5' GTP Z . -35.30 -4.22 20.24
C4' GTP Z . -34.38 -3.14 20.81
O4' GTP Z . -35.18 -2.00 21.10
C3' GTP Z . -33.75 -3.56 22.12
O3' GTP Z . -32.45 -3.03 22.17
C2' GTP Z . -34.62 -2.88 23.16
O2' GTP Z . -33.95 -2.63 24.37
C1' GTP Z . -35.01 -1.61 22.43
N9 GTP Z . -36.27 -1.14 23.01
C8 GTP Z . -37.42 -1.87 23.15
N7 GTP Z . -38.37 -1.08 23.72
C5 GTP Z . -37.83 0.14 23.94
C6 GTP Z . -38.35 1.30 24.49
O6 GTP Z . -39.52 1.32 24.88
N1 GTP Z . -37.56 2.42 24.58
C2 GTP Z . -36.26 2.39 24.13
N2 GTP Z . -35.49 3.47 24.23
N3 GTP Z . -35.74 1.23 23.59
C4 GTP Z . -36.52 0.12 23.49
N GLU AA . 7.61 -27.64 11.90
CA GLU AA . 6.58 -28.67 11.99
C GLU AA . 6.82 -29.76 10.97
O GLU AA . 7.95 -30.09 10.61
CB GLU AA . 5.19 -28.08 11.78
CG GLU AA . 5.10 -26.62 12.15
CD GLU AA . 3.70 -26.09 12.02
OE1 GLU AA . 2.92 -26.35 12.94
OE2 GLU AA . 3.37 -25.44 10.99
OXT GLU AA . 5.84 -30.32 10.45
PA NAI BA . -8.83 -17.10 25.49
O1A NAI BA . -9.31 -18.53 25.57
O2A NAI BA . -9.70 -15.98 26.02
O5B NAI BA . -7.38 -16.95 26.19
C5B NAI BA . -7.36 -16.88 27.61
C4B NAI BA . -6.46 -15.81 28.19
O4B NAI BA . -6.50 -14.52 27.53
C3B NAI BA . -7.01 -15.56 29.57
O3B NAI BA . -5.93 -15.26 30.47
C2B NAI BA . -7.83 -14.32 29.35
O2B NAI BA . -8.25 -13.67 30.55
C1B NAI BA . -6.81 -13.54 28.53
N9A NAI BA . -7.38 -12.24 28.10
C8A NAI BA . -8.62 -12.03 27.64
N7A NAI BA . -8.84 -10.72 27.36
C5A NAI BA . -7.72 -10.05 27.67
C6A NAI BA . -7.29 -8.63 27.63
N6A NAI BA . -8.12 -7.66 27.17
N1A NAI BA . -6.03 -8.34 28.04
C2A NAI BA . -5.20 -9.31 28.49
N3A NAI BA . -5.54 -10.60 28.56
C4A NAI BA . -6.76 -11.04 28.18
O3 NAI BA . -8.45 -16.78 23.98
PN NAI BA . -8.76 -15.27 23.52
O1N NAI BA . -7.90 -14.37 24.38
O2N NAI BA . -10.25 -15.07 23.46
O5D NAI BA . -8.20 -15.30 22.03
C5D NAI BA . -9.11 -15.53 20.97
C4D NAI BA . -8.68 -14.69 19.80
O4D NAI BA . -8.33 -13.38 20.28
C3D NAI BA . -7.39 -15.20 19.18
O3D NAI BA . -7.58 -16.18 18.19
C2D NAI BA . -6.85 -13.96 18.53
O2D NAI BA . -7.51 -13.74 17.28
C1D NAI BA . -7.26 -12.87 19.48
N1N NAI BA . -6.05 -12.60 20.25
C2N NAI BA . -5.36 -11.53 19.88
C3N NAI BA . -4.19 -11.18 20.51
C7N NAI BA . -3.53 -9.93 20.01
O7N NAI BA . -2.37 -9.70 20.27
N7N NAI BA . -4.28 -9.10 19.28
C4N NAI BA . -3.59 -12.00 21.63
C5N NAI BA . -4.43 -13.16 21.93
C6N NAI BA . -5.61 -13.41 21.22
PA NAI CA . 13.62 -30.32 20.09
O1A NAI CA . 14.45 -29.65 19.03
O2A NAI CA . 13.14 -29.51 21.26
O5B NAI CA . 14.51 -31.52 20.69
C5B NAI CA . 15.23 -32.41 19.85
C4B NAI CA . 16.02 -33.30 20.79
O4B NAI CA . 16.79 -34.26 20.08
C3B NAI CA . 16.98 -32.47 21.62
O3B NAI CA . 16.83 -32.86 22.99
C2B NAI CA . 18.36 -32.84 21.13
O2B NAI CA . 19.30 -32.84 22.20
C1B NAI CA . 18.13 -34.24 20.57
N9A NAI CA . 19.02 -34.58 19.44
C8A NAI CA . 19.36 -33.79 18.40
N7A NAI CA . 20.18 -34.45 17.54
C5A NAI CA . 20.35 -35.69 18.03
C6A NAI CA . 21.08 -36.91 17.63
N6A NAI CA . 21.82 -36.93 16.49
N1A NAI CA . 21.00 -38.00 18.42
C2A NAI CA . 20.27 -38.00 19.56
N3A NAI CA . 19.58 -36.92 19.99
C4A NAI CA . 19.58 -35.77 19.28
O3 NAI CA . 12.37 -31.17 19.49
PN NAI CA . 11.83 -30.98 17.97
O1N NAI CA . 12.93 -30.45 17.12
O2N NAI CA . 10.51 -30.25 18.00
O5D NAI CA . 11.57 -32.46 17.41
C5D NAI CA . 12.62 -33.03 16.61
C4D NAI CA . 12.21 -33.48 15.21
O4D NAI CA . 10.80 -33.51 15.02
C3D NAI CA . 12.76 -32.52 14.15
O3D NAI CA . 13.25 -33.28 13.05
C2D NAI CA . 11.55 -31.72 13.71
O2D NAI CA . 11.70 -31.26 12.37
C1D NAI CA . 10.46 -32.76 13.84
N1N NAI CA . 9.12 -32.21 13.97
C2N NAI CA . 8.86 -31.22 14.84
C3N NAI CA . 7.57 -30.70 14.97
C7N NAI CA . 7.31 -29.59 15.95
O7N NAI CA . 6.27 -28.95 15.85
N7N NAI CA . 8.21 -29.33 16.89
C4N NAI CA . 6.41 -31.24 14.16
C5N NAI CA . 6.84 -32.30 13.25
C6N NAI CA . 8.16 -32.74 13.21
PG GTP DA . -2.73 -33.75 28.26
O1G GTP DA . -1.67 -34.39 29.14
O2G GTP DA . -2.09 -33.41 26.93
O3G GTP DA . -3.86 -34.70 28.04
O3B GTP DA . -3.21 -32.38 28.96
PB GTP DA . -4.70 -31.78 28.81
O1B GTP DA . -5.70 -32.64 29.53
O2B GTP DA . -5.07 -31.63 27.36
O3A GTP DA . -4.64 -30.32 29.50
PA GTP DA . -3.73 -29.97 30.80
O1A GTP DA . -3.61 -31.17 31.70
O2A GTP DA . -4.35 -28.82 31.54
O5' GTP DA . -2.27 -29.52 30.26
C5' GTP DA . -2.06 -28.35 29.50
C4' GTP DA . -0.91 -28.58 28.53
O4' GTP DA . 0.23 -28.92 29.30
C3' GTP DA . -1.18 -29.76 27.59
O3' GTP DA . -0.59 -29.48 26.35
C2' GTP DA . -0.41 -30.90 28.22
O2' GTP DA . 0.06 -31.82 27.26
C1' GTP DA . 0.73 -30.18 28.91
N9 GTP DA . 1.18 -30.96 30.06
C8 GTP DA . 0.43 -31.58 31.03
N7 GTP DA . 1.28 -32.18 31.89
C5 GTP DA . 2.55 -31.96 31.48
C6 GTP DA . 3.80 -32.33 31.97
O6 GTP DA . 3.88 -33.01 32.99
N1 GTP DA . 4.94 -31.94 31.30
C2 GTP DA . 4.85 -31.17 30.15
N2 GTP DA . 5.93 -30.79 29.50
N3 GTP DA . 3.60 -30.80 29.68
C4 GTP DA . 2.49 -31.19 30.33
#